data_8D9W
#
_entry.id   8D9W
#
_cell.length_a   1.00
_cell.length_b   1.00
_cell.length_c   1.00
_cell.angle_alpha   90.00
_cell.angle_beta   90.00
_cell.angle_gamma   90.00
#
_symmetry.space_group_name_H-M   'P 1'
#
loop_
_entity.id
_entity.type
_entity.pdbx_description
1 polymer 'Protein Nef'
2 polymer 'HLA class I histocompatibility antigen, A alpha chain'
3 polymer 'AP-1 complex subunit beta-1'
4 polymer 'AP-1 complex subunit mu-1'
5 polymer 'ADP-ribosylation factor 1'
6 polymer 'AP-1 complex subunit gamma-1'
7 polymer 'AP-1 complex subunit sigma-3'
8 non-polymer 'MAGNESIUM ION'
9 non-polymer "GUANOSINE-5'-TRIPHOSPHATE"
#
loop_
_entity_poly.entity_id
_entity_poly.type
_entity_poly.pdbx_seq_one_letter_code
_entity_poly.pdbx_strand_id
1 'polypeptide(L)'
;MGGKWSKSSVIGWPAVRERMRRAEPAADGVGAVSRDLEKHGAITSSNTAANNAACAWLEAQEEEEVGFPVTPQVPLRPMT
YKAAVDLSHFLKEKGGLEGLIHSQRRQDILDLWIYHTQGYFPDWQNYTPGPGVRYPLTFGWCYKLVPVEPDKVEEANKGE
NTSLLHPVSLHGMDDPEREVLEWRFDSRLAFHHVARELHPEYFKNCGHHHHHH
;
N,U,V,d
2 'polypeptide(L)' GAMGSCRKSSDRKGGSYSQAAGSDSAQSSDVSLTAAKVHHHHHH Y,j
3 'polypeptide(L)'
;MTDSKYFTTTKKGEIFELKAELNSDKKEKKKEAVKKVIASMTVGKDVSALFPDVVNCMQTDNLELKKLVYLYLMNYAKSQ
PDMAIMAVNTFVKDCEDPNPLIRALAVRTMGCIRVDKITEYLCEPLRKCLKDEDPYVRKTAAVCVAKLHDINAQLVEDQG
FLDTLKDLISDSNPMVVANAVAALSEIAESHPSSNLLDLNPQSINKLLTALNECTEWGQIFILDCLANYMPKDDREAQSI
CERVTPRLSHANSAVVLSAVKVLMKFMEMLSKDLDYYGTLLKKLAPPLVTLLSAEPELQYVALRNINLIVQKRPEILKHE
MKVFFVKYNDPIYVKLEKLDIMIRLASQANIAQVLAELREYATEVDVDFVRKAVRAIGRCAIKVEQSAERCVSTLLDLIQ
TKVNYVVQEAIVVIKDIFRKYPNKYESVIATLCENLDSLDEPEARAAMIWIVGEYAERIDNADELLESFLEGFHDKSTQV
QLQLLTAIVKLFLKKPTETQELVQQVLSLATQDSDNPDLRDRGYIYWRLLSTDPVAAKEVVLAEKPLISEETDLIEPTLL
DELICYIGTLASVYHKPPSAFVEGGRGVVHKSLPPRTASSESAESPETAPTGAPPGEQPDVIPAQGDLLGDLLNLDLGPP
VSGPPLATSSVQMGAVDLLGGGLDSLMGDEPEGIGGTNFVAPPTAAVPANLGAPIGSGLSDLFDLTSGVGTLSGSYVAPK
AVWLPAMKAKGLEISGTFTRQVGSISMDLQLTNKALQVMTDFAIQFNRNSFGLAPAAPLQVHAPLSPNQTVEISLPLSTV
GSVMKMEPLNNLQVAVKNNIDVFYFSTLYPLHILFVEDGKMDRQMFLATWKDIPNENEAQFQIRDCPLNAEAASSKLQSS
NIFTVAKRNVEGQDMLYQSLKLTNGIWVLAELRIQPGNPSCTDLELSLKCRAPEVSQHVYQAYETILKN
;
B,A,D,E
4 'polypeptide(L)'
;MSASAVYVLDLKGKVLICRNYRGDVDMSEVEHFMPILMEKEEEGMLSPILAHGGVRFMWIKHNNLYLVATSKKNACVSLV
FSFLYKVVQVFSEYFKELEEESIRDNFVIIYELLDELMDFGYPQTTDSKILQEYITQEGHKLETGAPRPPATVTNAVSWR
SEGIKYRKNEVFLDVIEAVNLLVSANGNVLRSEIVGSIKMRVFLSGMPELRLGLNDKVLFDNTGRGKSKSVELEDVKFHQ
CVRLSRFENDRTISFIPPDGEFELMSYRLNTHVKPLIWIESVIEKHSHSRIEYMVKAKSQFKRRSTANNVEIHIPVPNDA
DSPKFKTTVGSVKWVPENSEIVWSVKSFPGGKEYLMRAHFGLPSVEAEDKEGKPPISVKFEIPYFTTSGIQVRYLKIIEK
SGYQALPWVRYITQNGDYQLRTQ
;
M,X,Z,a
5 'polypeptide(L)'
;GNIFANLFKGLFGKKEMRILMVGLDAAGKTTILYKLKLGEIVTTIPTIGFNVETVEYKNISFTVWDVGGQDKIRPLWRHY
FQNTQGLIFVVDSNDRERVNEAREELMRMLAEDELRDAVLLVFANKQDLPNAMNAAEITDKLGLHSLRHRNWYIQATCAT
SGDGLYEGLDWLSNQLRNQK
;
F,I
6 'polypeptide(L)'
;MPAPIRLRELIRTIRTARTQAEEREMIQKECAAIRSSFREEDNTYRCRNVAKLLYMHMLGYPAHFGQLECLKLIASQKFT
DKRIGYLGAMLLLDERQDVHLLMTNCIKNDLNHSTQFVQGLALCTLGCMGSSEMCRDLAGEVEKLLKTSNSYLRKKAALC
AVHVIRKVPELMEMFLPATKNLLNEKNHGVLHTSVVLLTEMCERSPDMLAHFRKLVPQLVRILKNLIMSGYSPEHDVSGI
SDPFLQVRILRLLRILGRNDDDSSEAMNDILAQVATNTETSKNVGNAILYETVLTIMDIKSESGLRVLAINILGRFLLNN
DKNIRYVALTSLLKTVQTDHNAVQRHRSTIVDCLKDLDVSIKRRAMELSFALVNGNNIRGMMKELLYFLDSCEPEFKADC
ASGIFLAAEKYAPSKRWHIDTIMRVLTTAGSYVRDDAVPNLIQLITNSVEMHAYTVQRLYKAILGDYSQQPLVQVAAWCI
GEYGDLLVSGQCEEEEPIQVTEDEVLDILESVLISNMSTSVTRGYALTAIMKLSTRFTCTVNRIKKVVSIYGSSIDVELQ
QRAVEYNALFKKYDHMRSALLERMPVMEKVTTNGPENLYFQ
;
K,O
7 'polypeptide(L)'
;MIHFILLFSRQGKLRLQKWYITLPDKERKKITREIVQIILSRGHRTSSFVDWKELKLVYKRYASLYFCCAIENQDNELLT
LEIVHRYVELLDKYFGNVCELDIIFNFEKAYFILDEFIIGGEIQETSKKIAVKAIEDSDMLQEVSTVSQTMGER
;
e,f
#
loop_
_chem_comp.id
_chem_comp.type
_chem_comp.name
_chem_comp.formula
GTP non-polymer GUANOSINE-5'-TRIPHOSPHATE 'C10 H16 N5 O14 P3'
MG non-polymer 'MAGNESIUM ION' 'Mg 2'
#
# COMPACT_ATOMS: atom_id res chain seq x y z
N SER A 6 -34.06 -22.77 -13.59
CA SER A 6 -35.42 -22.35 -13.93
C SER A 6 -35.88 -22.99 -15.24
N LYS A 7 -36.66 -24.07 -15.12
CA LYS A 7 -37.15 -24.75 -16.31
C LYS A 7 -38.11 -23.86 -17.10
N SER A 8 -38.96 -23.11 -16.41
CA SER A 8 -39.90 -22.22 -17.10
C SER A 8 -39.16 -21.13 -17.86
N SER A 9 -38.13 -20.55 -17.24
CA SER A 9 -37.35 -19.51 -17.92
C SER A 9 -36.63 -20.08 -19.14
N VAL A 10 -36.07 -21.29 -19.01
CA VAL A 10 -35.39 -21.92 -20.15
C VAL A 10 -36.38 -22.18 -21.28
N ILE A 11 -37.58 -22.66 -20.95
CA ILE A 11 -38.59 -22.92 -21.97
C ILE A 11 -39.01 -21.63 -22.66
N GLY A 12 -39.22 -20.56 -21.88
CA GLY A 12 -39.66 -19.30 -22.45
C GLY A 12 -38.57 -18.56 -23.21
N TRP A 13 -37.31 -18.85 -22.94
CA TRP A 13 -36.22 -18.20 -23.67
C TRP A 13 -36.27 -18.46 -25.17
N PRO A 14 -36.45 -19.69 -25.64
CA PRO A 14 -36.49 -19.91 -27.09
C PRO A 14 -37.67 -19.24 -27.76
N ALA A 15 -38.86 -19.35 -27.16
CA ALA A 15 -40.03 -18.69 -27.73
C ALA A 15 -39.88 -17.18 -27.73
N VAL A 16 -39.34 -16.62 -26.65
CA VAL A 16 -39.12 -15.18 -26.57
C VAL A 16 -38.13 -14.73 -27.64
N ARG A 17 -37.04 -15.49 -27.82
CA ARG A 17 -36.06 -15.15 -28.84
C ARG A 17 -36.67 -15.22 -30.23
N GLU A 18 -37.48 -16.25 -30.49
CA GLU A 18 -38.12 -16.38 -31.79
C GLU A 18 -39.08 -15.21 -32.04
N ARG A 19 -39.84 -14.83 -31.02
CA ARG A 19 -40.75 -13.69 -31.18
C ARG A 19 -39.99 -12.40 -31.42
N MET A 20 -38.88 -12.20 -30.72
CA MET A 20 -38.08 -11.00 -30.92
C MET A 20 -37.48 -10.98 -32.32
N ARG A 21 -37.01 -12.12 -32.79
CA ARG A 21 -36.45 -12.18 -34.14
C ARG A 21 -37.53 -11.93 -35.20
N ARG A 22 -38.73 -12.46 -34.98
CA ARG A 22 -39.82 -12.25 -35.93
C ARG A 22 -40.19 -10.78 -36.04
N ALA A 23 -40.25 -10.09 -34.90
CA ALA A 23 -40.59 -8.67 -34.92
C ALA A 23 -39.48 -7.87 -35.60
N GLU A 24 -39.89 -6.92 -36.44
CA GLU A 24 -38.92 -6.11 -37.15
C GLU A 24 -38.18 -5.18 -36.20
N PRO A 25 -36.91 -4.88 -36.47
CA PRO A 25 -36.18 -3.96 -35.60
C PRO A 25 -36.79 -2.57 -35.51
N ALA A 26 -37.39 -2.08 -36.59
CA ALA A 26 -38.00 -0.75 -36.59
C ALA A 26 -39.49 -0.83 -36.90
N GLU A 64 -55.51 -4.30 -28.48
CA GLU A 64 -56.85 -4.76 -28.84
C GLU A 64 -57.68 -5.09 -27.62
N GLU A 65 -56.99 -5.49 -26.54
CA GLU A 65 -57.63 -5.84 -25.28
C GLU A 65 -57.33 -4.76 -24.24
N VAL A 66 -58.35 -4.29 -23.55
CA VAL A 66 -58.21 -3.27 -22.52
C VAL A 66 -58.20 -3.93 -21.15
N GLY A 67 -57.70 -3.21 -20.17
CA GLY A 67 -57.62 -3.70 -18.81
C GLY A 67 -56.21 -4.09 -18.43
N PHE A 68 -55.99 -4.21 -17.11
CA PHE A 68 -54.70 -4.57 -16.55
C PHE A 68 -54.90 -5.73 -15.59
N PRO A 69 -55.13 -6.93 -16.11
CA PRO A 69 -55.33 -8.09 -15.23
C PRO A 69 -54.07 -8.40 -14.45
N VAL A 70 -54.26 -8.89 -13.23
CA VAL A 70 -53.18 -9.24 -12.32
C VAL A 70 -53.38 -10.67 -11.86
N THR A 71 -52.31 -11.47 -11.91
CA THR A 71 -52.40 -12.85 -11.48
C THR A 71 -52.69 -12.90 -9.98
N PRO A 72 -53.66 -13.68 -9.55
CA PRO A 72 -53.98 -13.74 -8.11
C PRO A 72 -52.85 -14.42 -7.34
N GLN A 73 -52.31 -13.72 -6.35
CA GLN A 73 -51.23 -14.16 -5.48
C GLN A 73 -49.86 -14.08 -6.14
N VAL A 74 -49.77 -13.67 -7.40
CA VAL A 74 -48.49 -13.56 -8.09
C VAL A 74 -47.72 -12.37 -7.52
N PRO A 75 -46.51 -12.56 -7.02
CA PRO A 75 -45.76 -11.44 -6.45
C PRO A 75 -45.29 -10.49 -7.55
N LEU A 76 -45.42 -9.19 -7.27
CA LEU A 76 -44.97 -8.15 -8.19
C LEU A 76 -44.02 -7.23 -7.45
N ARG A 77 -42.80 -7.09 -7.96
CA ARG A 77 -41.80 -6.24 -7.34
C ARG A 77 -40.76 -5.91 -8.39
N PRO A 78 -39.99 -4.84 -8.19
CA PRO A 78 -38.94 -4.51 -9.16
C PRO A 78 -37.84 -5.55 -9.17
N MET A 79 -37.20 -5.69 -10.32
CA MET A 79 -36.10 -6.65 -10.46
C MET A 79 -34.91 -6.22 -9.63
N THR A 80 -34.28 -7.19 -8.98
CA THR A 80 -33.13 -6.93 -8.12
C THR A 80 -31.84 -7.02 -8.93
N TYR A 81 -30.76 -6.50 -8.33
CA TYR A 81 -29.45 -6.53 -8.98
C TYR A 81 -28.98 -7.96 -9.20
N LYS A 82 -29.13 -8.82 -8.19
CA LYS A 82 -28.75 -10.22 -8.36
C LYS A 82 -29.63 -10.92 -9.39
N ALA A 83 -30.93 -10.67 -9.36
CA ALA A 83 -31.83 -11.24 -10.35
C ALA A 83 -31.50 -10.75 -11.75
N ALA A 84 -31.21 -9.45 -11.88
CA ALA A 84 -30.84 -8.90 -13.18
C ALA A 84 -29.54 -9.52 -13.69
N VAL A 85 -28.56 -9.70 -12.80
CA VAL A 85 -27.30 -10.32 -13.20
C VAL A 85 -27.52 -11.76 -13.63
N ASP A 86 -28.35 -12.51 -12.89
CA ASP A 86 -28.63 -13.89 -13.26
C ASP A 86 -29.34 -13.96 -14.60
N LEU A 87 -30.30 -13.06 -14.84
CA LEU A 87 -31.00 -13.05 -16.11
C LEU A 87 -30.06 -12.71 -17.26
N SER A 88 -29.16 -11.74 -17.05
CA SER A 88 -28.19 -11.39 -18.09
C SER A 88 -27.26 -12.56 -18.38
N HIS A 89 -26.79 -13.26 -17.35
CA HIS A 89 -25.93 -14.41 -17.56
C HIS A 89 -26.66 -15.52 -18.31
N PHE A 90 -27.92 -15.77 -17.95
CA PHE A 90 -28.70 -16.78 -18.65
C PHE A 90 -28.91 -16.42 -20.11
N LEU A 91 -29.19 -15.15 -20.38
CA LEU A 91 -29.38 -14.71 -21.76
C LEU A 91 -28.09 -14.83 -22.55
N LYS A 92 -26.95 -14.47 -21.94
CA LYS A 92 -25.67 -14.60 -22.63
C LYS A 92 -25.36 -16.06 -22.92
N GLU A 93 -25.62 -16.95 -21.96
CA GLU A 93 -25.35 -18.36 -22.16
C GLU A 93 -26.26 -18.94 -23.25
N LYS A 94 -27.55 -18.63 -23.19
CA LYS A 94 -28.49 -19.14 -24.18
C LYS A 94 -28.36 -18.43 -25.52
N GLY A 95 -27.95 -17.16 -25.52
CA GLY A 95 -27.82 -16.42 -26.75
C GLY A 95 -29.15 -15.86 -27.22
N GLY A 96 -29.09 -15.12 -28.32
CA GLY A 96 -30.23 -14.48 -28.91
C GLY A 96 -30.41 -13.03 -28.51
N LEU A 97 -29.78 -12.60 -27.42
CA LEU A 97 -29.87 -11.23 -26.96
C LEU A 97 -28.63 -10.41 -27.27
N GLU A 98 -27.45 -11.02 -27.26
CA GLU A 98 -26.21 -10.30 -27.57
C GLU A 98 -26.11 -10.09 -29.08
N GLY A 99 -26.02 -8.84 -29.49
CA GLY A 99 -25.93 -8.49 -30.90
C GLY A 99 -27.25 -8.32 -31.60
N LEU A 100 -28.37 -8.65 -30.96
CA LEU A 100 -29.67 -8.45 -31.56
C LEU A 100 -29.97 -6.96 -31.69
N ILE A 101 -30.55 -6.57 -32.82
CA ILE A 101 -30.85 -5.17 -33.06
C ILE A 101 -31.88 -4.71 -32.05
N HIS A 102 -31.59 -3.60 -31.39
CA HIS A 102 -32.49 -3.08 -30.37
C HIS A 102 -33.72 -2.47 -31.03
N SER A 103 -34.89 -2.88 -30.56
CA SER A 103 -36.16 -2.37 -31.05
C SER A 103 -37.12 -2.19 -29.89
N GLN A 104 -38.02 -1.22 -30.03
CA GLN A 104 -38.99 -0.97 -28.97
C GLN A 104 -39.93 -2.15 -28.79
N ARG A 105 -40.41 -2.72 -29.90
CA ARG A 105 -41.32 -3.85 -29.81
C ARG A 105 -40.64 -5.07 -29.19
N ARG A 106 -39.40 -5.35 -29.60
CA ARG A 106 -38.68 -6.49 -29.04
C ARG A 106 -38.41 -6.30 -27.56
N GLN A 107 -38.02 -5.08 -27.16
CA GLN A 107 -37.77 -4.81 -25.75
C GLN A 107 -39.04 -4.94 -24.93
N ASP A 108 -40.16 -4.44 -25.46
CA ASP A 108 -41.43 -4.55 -24.76
C ASP A 108 -41.84 -6.01 -24.61
N ILE A 109 -41.67 -6.81 -25.67
CA ILE A 109 -42.02 -8.23 -25.60
C ILE A 109 -41.15 -8.94 -24.58
N LEU A 110 -39.86 -8.64 -24.56
CA LEU A 110 -38.97 -9.27 -23.59
C LEU A 110 -39.34 -8.89 -22.16
N ASP A 111 -39.66 -7.61 -21.95
CA ASP A 111 -40.06 -7.17 -20.61
C ASP A 111 -41.36 -7.85 -20.18
N LEU A 112 -42.32 -7.97 -21.09
CA LEU A 112 -43.57 -8.63 -20.76
C LEU A 112 -43.35 -10.10 -20.43
N TRP A 113 -42.50 -10.78 -21.20
CA TRP A 113 -42.20 -12.18 -20.92
C TRP A 113 -41.51 -12.33 -19.58
N ILE A 114 -40.57 -11.44 -19.27
CA ILE A 114 -39.88 -11.50 -17.99
C ILE A 114 -40.85 -11.27 -16.84
N TYR A 115 -41.75 -10.31 -16.99
CA TYR A 115 -42.73 -10.05 -15.94
C TYR A 115 -43.67 -11.23 -15.76
N HIS A 116 -44.09 -11.85 -16.86
CA HIS A 116 -44.97 -13.01 -16.76
C HIS A 116 -44.27 -14.19 -16.09
N THR A 117 -43.01 -14.42 -16.43
CA THR A 117 -42.29 -15.58 -15.92
C THR A 117 -41.66 -15.35 -14.55
N GLN A 118 -41.57 -14.12 -14.08
CA GLN A 118 -40.91 -13.83 -12.80
C GLN A 118 -41.64 -12.84 -11.91
N GLY A 119 -42.62 -12.11 -12.41
CA GLY A 119 -43.30 -11.13 -11.59
C GLY A 119 -42.55 -9.83 -11.41
N TYR A 120 -41.55 -9.57 -12.24
CA TYR A 120 -40.76 -8.35 -12.15
C TYR A 120 -41.40 -7.27 -13.00
N PHE A 121 -41.48 -6.06 -12.46
CA PHE A 121 -42.07 -4.95 -13.19
C PHE A 121 -41.21 -4.63 -14.42
N PRO A 122 -41.83 -4.29 -15.55
CA PRO A 122 -41.08 -3.97 -16.78
C PRO A 122 -40.54 -2.54 -16.81
N ASP A 123 -39.85 -2.15 -15.74
CA ASP A 123 -39.25 -0.82 -15.64
C ASP A 123 -37.75 -0.83 -15.44
N TRP A 124 -37.16 -1.95 -15.05
CA TRP A 124 -35.73 -2.04 -14.84
C TRP A 124 -34.93 -2.20 -16.12
N GLN A 125 -35.59 -2.52 -17.23
CA GLN A 125 -34.93 -2.66 -18.52
C GLN A 125 -34.86 -1.33 -19.27
N ASN A 126 -34.31 -0.32 -18.62
CA ASN A 126 -34.18 1.01 -19.19
C ASN A 126 -32.75 1.26 -19.64
N TYR A 127 -32.58 2.06 -20.69
CA TYR A 127 -31.28 2.38 -21.25
C TYR A 127 -31.01 3.86 -21.10
N THR A 128 -29.73 4.20 -20.95
CA THR A 128 -29.34 5.58 -20.78
C THR A 128 -29.61 6.37 -22.07
N PRO A 129 -29.94 7.64 -21.96
CA PRO A 129 -30.22 8.45 -23.15
C PRO A 129 -28.99 8.60 -24.03
N GLY A 130 -29.24 8.70 -25.33
CA GLY A 130 -28.17 8.84 -26.30
C GLY A 130 -27.75 10.28 -26.49
N PRO A 131 -26.96 10.55 -27.54
CA PRO A 131 -26.44 9.59 -28.54
C PRO A 131 -25.26 8.80 -28.01
N GLY A 132 -25.01 7.62 -28.56
CA GLY A 132 -23.91 6.78 -28.15
C GLY A 132 -24.35 5.51 -27.46
N VAL A 133 -23.49 4.97 -26.61
CA VAL A 133 -23.79 3.74 -25.88
C VAL A 133 -24.73 4.07 -24.73
N ARG A 134 -25.83 3.34 -24.64
CA ARG A 134 -26.80 3.53 -23.57
C ARG A 134 -26.59 2.47 -22.52
N TYR A 135 -26.35 2.90 -21.28
CA TYR A 135 -26.10 1.97 -20.20
C TYR A 135 -27.42 1.58 -19.55
N PRO A 136 -27.49 0.38 -18.97
CA PRO A 136 -28.73 -0.05 -18.29
C PRO A 136 -29.04 0.86 -17.11
N LEU A 137 -30.33 1.12 -16.92
CA LEU A 137 -30.76 1.97 -15.81
C LEU A 137 -30.66 1.22 -14.49
N THR A 138 -31.02 -0.06 -14.48
CA THR A 138 -30.99 -0.86 -13.26
C THR A 138 -29.58 -1.42 -13.06
N PHE A 139 -29.03 -1.21 -11.87
CA PHE A 139 -27.71 -1.76 -11.55
C PHE A 139 -27.78 -3.27 -11.50
N GLY A 140 -26.72 -3.92 -11.99
CA GLY A 140 -26.64 -5.36 -12.07
C GLY A 140 -26.96 -5.93 -13.44
N TRP A 141 -27.60 -5.15 -14.31
CA TRP A 141 -27.91 -5.61 -15.64
C TRP A 141 -26.66 -5.63 -16.51
N CYS A 142 -26.43 -6.75 -17.20
CA CYS A 142 -25.27 -6.91 -18.06
C CYS A 142 -25.55 -6.57 -19.51
N TYR A 143 -26.76 -6.13 -19.83
CA TYR A 143 -27.15 -5.80 -21.20
C TYR A 143 -27.08 -4.30 -21.42
N LYS A 144 -26.58 -3.90 -22.59
CA LYS A 144 -26.45 -2.49 -22.94
C LYS A 144 -26.60 -2.33 -24.44
N LEU A 145 -26.95 -1.12 -24.85
CA LEU A 145 -27.17 -0.79 -26.24
C LEU A 145 -25.99 0.02 -26.75
N VAL A 146 -25.44 -0.40 -27.90
CA VAL A 146 -24.30 0.27 -28.51
C VAL A 146 -24.62 0.55 -29.97
N PRO A 147 -24.03 1.59 -30.57
CA PRO A 147 -24.33 1.88 -31.98
C PRO A 147 -23.84 0.78 -32.90
N VAL A 148 -24.56 0.59 -33.99
CA VAL A 148 -24.22 -0.43 -34.98
C VAL A 148 -23.79 0.14 -36.32
N GLU A 149 -23.90 1.45 -36.52
CA GLU A 149 -23.50 2.06 -37.78
C GLU A 149 -21.99 2.24 -37.87
N ASP A 175 -29.45 12.54 -34.32
CA ASP A 175 -30.49 12.19 -33.36
C ASP A 175 -30.31 10.77 -32.85
N PRO A 176 -30.22 10.61 -31.53
CA PRO A 176 -30.07 9.26 -30.97
C PRO A 176 -31.23 8.34 -31.27
N GLU A 177 -32.42 8.88 -31.55
CA GLU A 177 -33.57 8.04 -31.85
C GLU A 177 -33.40 7.26 -33.14
N ARG A 178 -32.79 7.88 -34.16
CA ARG A 178 -32.58 7.22 -35.43
C ARG A 178 -31.32 6.38 -35.48
N GLU A 179 -30.49 6.44 -34.45
CA GLU A 179 -29.27 5.64 -34.42
C GLU A 179 -29.62 4.18 -34.18
N VAL A 180 -28.99 3.30 -34.95
CA VAL A 180 -29.21 1.86 -34.83
C VAL A 180 -28.45 1.35 -33.61
N LEU A 181 -29.15 0.63 -32.75
CA LEU A 181 -28.57 0.10 -31.52
C LEU A 181 -28.78 -1.40 -31.46
N GLU A 182 -27.83 -2.09 -30.84
CA GLU A 182 -27.89 -3.54 -30.67
C GLU A 182 -27.53 -3.88 -29.23
N TRP A 183 -28.16 -4.93 -28.72
CA TRP A 183 -27.89 -5.36 -27.36
C TRP A 183 -26.52 -6.01 -27.28
N ARG A 184 -25.71 -5.58 -26.31
CA ARG A 184 -24.36 -6.10 -26.13
C ARG A 184 -24.16 -6.43 -24.65
N PHE A 185 -23.54 -7.58 -24.39
CA PHE A 185 -23.26 -7.97 -23.02
C PHE A 185 -22.14 -7.11 -22.45
N ASP A 186 -22.24 -6.78 -21.16
CA ASP A 186 -21.25 -5.95 -20.49
C ASP A 186 -21.15 -6.43 -19.05
N SER A 187 -20.07 -7.16 -18.74
CA SER A 187 -19.87 -7.67 -17.39
C SER A 187 -19.58 -6.56 -16.39
N ARG A 188 -18.97 -5.46 -16.84
CA ARG A 188 -18.66 -4.35 -15.93
C ARG A 188 -19.91 -3.61 -15.47
N LEU A 189 -21.03 -3.79 -16.16
CA LEU A 189 -22.26 -3.11 -15.76
C LEU A 189 -22.74 -3.57 -14.39
N ALA A 190 -22.63 -4.87 -14.11
CA ALA A 190 -23.07 -5.41 -12.82
C ALA A 190 -22.20 -4.94 -11.67
N PHE A 191 -21.01 -4.43 -11.94
CA PHE A 191 -20.10 -3.95 -10.90
C PHE A 191 -19.94 -2.44 -10.86
N HIS A 192 -20.05 -1.77 -12.01
CA HIS A 192 -19.92 -0.32 -12.07
C HIS A 192 -21.27 0.26 -12.46
N HIS A 193 -21.75 1.23 -11.67
CA HIS A 193 -23.02 1.90 -11.93
C HIS A 193 -22.79 3.01 -12.95
N VAL A 194 -22.64 2.60 -14.21
CA VAL A 194 -22.41 3.56 -15.28
C VAL A 194 -23.61 4.48 -15.45
N ALA A 195 -24.82 3.90 -15.43
CA ALA A 195 -26.02 4.72 -15.58
C ALA A 195 -26.18 5.68 -14.41
N ARG A 196 -25.91 5.20 -13.19
CA ARG A 196 -26.00 6.07 -12.03
C ARG A 196 -24.98 7.18 -12.08
N GLU A 197 -23.75 6.86 -12.47
CA GLU A 197 -22.71 7.88 -12.56
C GLU A 197 -23.04 8.92 -13.61
N LEU A 198 -23.53 8.47 -14.77
CA LEU A 198 -23.87 9.40 -15.83
C LEU A 198 -25.04 10.29 -15.44
N HIS A 199 -26.03 9.74 -14.75
CA HIS A 199 -27.24 10.47 -14.37
C HIS A 199 -27.47 10.30 -12.88
N PRO A 200 -26.69 11.01 -12.05
CA PRO A 200 -26.93 10.93 -10.61
C PRO A 200 -28.30 11.42 -10.20
N GLU A 201 -28.85 12.40 -10.91
CA GLU A 201 -30.20 12.88 -10.59
C GLU A 201 -31.24 11.79 -10.82
N TYR A 202 -31.10 11.03 -11.90
CA TYR A 202 -32.02 9.95 -12.18
C TYR A 202 -31.94 8.85 -11.13
N PHE A 203 -30.78 8.66 -10.50
CA PHE A 203 -30.61 7.65 -9.47
C PHE A 203 -30.96 8.14 -8.07
N LYS A 204 -31.25 9.43 -7.92
CA LYS A 204 -31.61 9.98 -6.62
C LYS A 204 -30.39 10.06 -5.71
N ASP B 11 -59.41 -17.55 0.73
CA ASP B 11 -59.90 -16.65 -0.30
C ASP B 11 -60.62 -15.45 0.32
N ARG B 12 -60.90 -14.44 -0.51
CA ARG B 12 -61.57 -13.23 -0.04
C ARG B 12 -62.16 -12.51 -1.24
N LYS B 13 -63.38 -12.02 -1.09
CA LYS B 13 -64.04 -11.29 -2.16
C LYS B 13 -63.34 -9.94 -2.38
N GLY B 14 -63.32 -9.50 -3.63
CA GLY B 14 -62.69 -8.24 -3.99
C GLY B 14 -61.25 -8.34 -4.41
N GLY B 15 -60.74 -9.55 -4.63
CA GLY B 15 -59.36 -9.73 -5.03
C GLY B 15 -58.51 -10.30 -3.91
N SER B 16 -57.76 -11.35 -4.20
CA SER B 16 -56.91 -11.97 -3.20
C SER B 16 -55.76 -11.04 -2.84
N TYR B 17 -55.41 -11.02 -1.56
CA TYR B 17 -54.31 -10.18 -1.10
C TYR B 17 -52.99 -10.70 -1.65
N SER B 18 -52.13 -9.77 -2.08
CA SER B 18 -50.84 -10.09 -2.65
C SER B 18 -49.74 -9.45 -1.82
N GLN B 19 -48.61 -10.14 -1.73
CA GLN B 19 -47.48 -9.62 -0.97
C GLN B 19 -46.91 -8.38 -1.66
N ALA B 20 -46.40 -7.46 -0.84
CA ALA B 20 -45.83 -6.22 -1.33
C ALA B 20 -44.32 -6.25 -1.21
N ALA B 21 -43.65 -5.52 -2.10
CA ALA B 21 -42.20 -5.45 -2.11
C ALA B 21 -41.70 -4.51 -1.02
N GLY B 22 -40.38 -4.34 -0.97
CA GLY B 22 -39.77 -3.47 0.03
C GLY B 22 -39.39 -2.11 -0.52
N SER B 23 -38.95 -2.07 -1.78
CA SER B 23 -38.54 -0.81 -2.40
C SER B 23 -38.23 -1.10 -3.86
N ASP B 24 -37.87 -0.04 -4.60
CA ASP B 24 -37.53 -0.16 -6.01
C ASP B 24 -36.13 -0.74 -6.10
N SER B 25 -36.06 -2.07 -6.21
CA SER B 25 -34.76 -2.73 -6.31
C SER B 25 -34.03 -2.37 -7.59
N ALA B 26 -34.76 -2.03 -8.65
CA ALA B 26 -34.15 -1.66 -9.91
C ALA B 26 -33.68 -0.20 -9.93
N GLN B 27 -34.01 0.59 -8.92
CA GLN B 27 -33.60 1.98 -8.84
C GLN B 27 -32.52 2.23 -7.80
N SER B 28 -31.96 1.17 -7.21
CA SER B 28 -30.90 1.32 -6.22
C SER B 28 -31.43 1.85 -4.88
N ALA C 87 -65.54 25.23 46.91
CA ALA C 87 -64.76 24.37 46.02
C ALA C 87 -63.36 24.89 45.72
N VAL C 88 -63.01 26.08 46.21
CA VAL C 88 -61.68 26.63 45.94
C VAL C 88 -60.61 25.76 46.58
N ASN C 89 -60.84 25.34 47.82
CA ASN C 89 -59.86 24.49 48.51
C ASN C 89 -59.70 23.16 47.79
N THR C 90 -60.80 22.56 47.34
CA THR C 90 -60.72 21.29 46.62
C THR C 90 -59.94 21.45 45.31
N PHE C 91 -60.20 22.53 44.58
CA PHE C 91 -59.46 22.78 43.35
C PHE C 91 -57.98 22.99 43.62
N VAL C 92 -57.65 23.72 44.68
CA VAL C 92 -56.25 23.95 45.03
C VAL C 92 -55.57 22.64 45.37
N LYS C 93 -56.25 21.78 46.14
CA LYS C 93 -55.68 20.49 46.50
C LYS C 93 -55.47 19.63 45.27
N ASP C 94 -56.44 19.63 44.35
CA ASP C 94 -56.34 18.82 43.14
C ASP C 94 -55.32 19.36 42.14
N CYS C 95 -54.96 20.64 42.25
CA CYS C 95 -53.98 21.24 41.34
C CYS C 95 -52.56 20.74 41.59
N GLU C 96 -52.32 19.99 42.67
CA GLU C 96 -51.00 19.48 42.98
C GLU C 96 -50.93 17.96 42.97
N ASP C 97 -51.94 17.30 42.42
CA ASP C 97 -51.93 15.85 42.38
C ASP C 97 -50.82 15.36 41.45
N PRO C 98 -50.11 14.30 41.82
CA PRO C 98 -49.07 13.78 40.92
C PRO C 98 -49.58 13.30 39.58
N ASN C 99 -50.80 12.79 39.51
CA ASN C 99 -51.33 12.26 38.26
C ASN C 99 -51.61 13.40 37.29
N PRO C 100 -51.01 13.39 36.10
CA PRO C 100 -51.30 14.48 35.15
C PRO C 100 -52.74 14.58 34.74
N LEU C 101 -53.46 13.45 34.66
CA LEU C 101 -54.86 13.49 34.27
C LEU C 101 -55.69 14.24 35.29
N ILE C 102 -55.44 13.99 36.58
CA ILE C 102 -56.19 14.67 37.63
C ILE C 102 -55.92 16.17 37.60
N ARG C 103 -54.65 16.56 37.43
CA ARG C 103 -54.32 17.97 37.36
C ARG C 103 -54.97 18.64 36.16
N ALA C 104 -54.96 17.97 35.01
CA ALA C 104 -55.60 18.52 33.82
C ALA C 104 -57.10 18.67 34.02
N LEU C 105 -57.74 17.67 34.64
CA LEU C 105 -59.17 17.76 34.90
C LEU C 105 -59.49 18.91 35.85
N ALA C 106 -58.67 19.08 36.90
CA ALA C 106 -58.89 20.17 37.83
C ALA C 106 -58.72 21.51 37.14
N VAL C 107 -57.70 21.64 36.28
CA VAL C 107 -57.48 22.89 35.56
C VAL C 107 -58.65 23.19 34.64
N ARG C 108 -59.15 22.18 33.94
CA ARG C 108 -60.29 22.39 33.05
C ARG C 108 -61.53 22.78 33.83
N THR C 109 -61.78 22.13 34.97
CA THR C 109 -62.95 22.44 35.76
C THR C 109 -62.87 23.84 36.36
N MET C 110 -61.68 24.26 36.78
CA MET C 110 -61.53 25.59 37.36
C MET C 110 -61.86 26.68 36.35
N GLY C 111 -61.39 26.52 35.12
CA GLY C 111 -61.72 27.49 34.08
C GLY C 111 -63.15 27.38 33.59
N CYS C 112 -63.77 26.22 33.75
CA CYS C 112 -65.15 26.05 33.31
C CYS C 112 -66.15 26.71 34.23
N ILE C 113 -65.76 27.01 35.47
CA ILE C 113 -66.67 27.65 36.42
C ILE C 113 -66.78 29.12 36.07
N ARG C 114 -68.00 29.57 35.75
CA ARG C 114 -68.24 30.97 35.42
C ARG C 114 -68.64 31.74 36.68
N VAL C 115 -67.65 31.89 37.57
CA VAL C 115 -67.84 32.59 38.84
C VAL C 115 -66.83 33.73 38.91
N ASP C 116 -67.31 34.93 39.20
CA ASP C 116 -66.43 36.08 39.29
C ASP C 116 -65.61 36.08 40.57
N LYS C 117 -66.16 35.55 41.66
CA LYS C 117 -65.48 35.54 42.94
C LYS C 117 -64.56 34.33 43.13
N ILE C 118 -64.53 33.42 42.16
CA ILE C 118 -63.68 32.23 42.26
C ILE C 118 -62.41 32.33 41.43
N THR C 119 -62.47 33.05 40.29
CA THR C 119 -61.29 33.19 39.44
C THR C 119 -60.17 33.98 40.11
N GLU C 120 -60.50 34.82 41.09
CA GLU C 120 -59.49 35.60 41.78
C GLU C 120 -58.52 34.71 42.53
N TYR C 121 -59.02 33.67 43.19
CA TYR C 121 -58.17 32.76 43.94
C TYR C 121 -57.56 31.65 43.08
N LEU C 122 -57.96 31.54 41.82
CA LEU C 122 -57.43 30.53 40.93
C LEU C 122 -56.17 30.96 40.20
N CYS C 123 -55.73 32.21 40.40
CA CYS C 123 -54.53 32.68 39.71
C CYS C 123 -53.29 31.91 40.15
N GLU C 124 -53.17 31.64 41.44
CA GLU C 124 -52.01 30.90 41.93
C GLU C 124 -51.91 29.50 41.36
N PRO C 125 -52.97 28.69 41.36
CA PRO C 125 -52.88 27.39 40.68
C PRO C 125 -52.61 27.52 39.20
N LEU C 126 -53.18 28.53 38.55
CA LEU C 126 -52.91 28.74 37.13
C LEU C 126 -51.45 29.10 36.90
N ARG C 127 -50.90 29.95 37.76
CA ARG C 127 -49.47 30.29 37.64
C ARG C 127 -48.60 29.07 37.88
N LYS C 128 -48.98 28.24 38.85
CA LYS C 128 -48.20 27.04 39.13
C LYS C 128 -48.25 26.06 37.95
N CYS C 129 -49.42 25.90 37.34
CA CYS C 129 -49.57 24.94 36.24
C CYS C 129 -49.14 25.50 34.89
N LEU C 130 -48.87 26.80 34.80
CA LEU C 130 -48.44 27.38 33.52
C LEU C 130 -47.11 26.78 33.07
N LYS C 131 -46.17 26.61 34.01
CA LYS C 131 -44.86 26.04 33.71
C LYS C 131 -44.80 24.55 34.02
N ASP C 132 -45.93 23.86 33.95
CA ASP C 132 -45.95 22.44 34.26
C ASP C 132 -45.17 21.66 33.22
N GLU C 133 -44.34 20.73 33.68
CA GLU C 133 -43.54 19.93 32.77
C GLU C 133 -44.40 18.99 31.96
N ASP C 134 -45.57 18.62 32.45
CA ASP C 134 -46.44 17.71 31.72
C ASP C 134 -47.00 18.44 30.50
N PRO C 135 -46.81 17.91 29.29
CA PRO C 135 -47.40 18.57 28.11
C PRO C 135 -48.91 18.65 28.17
N TYR C 136 -49.58 17.62 28.70
CA TYR C 136 -51.01 17.73 28.95
C TYR C 136 -51.30 18.79 29.98
N VAL C 137 -50.48 18.86 31.03
CA VAL C 137 -50.64 19.90 32.04
C VAL C 137 -50.39 21.28 31.43
N ARG C 138 -49.38 21.38 30.56
CA ARG C 138 -49.12 22.65 29.91
C ARG C 138 -50.29 23.08 29.03
N LYS C 139 -50.87 22.14 28.27
CA LYS C 139 -52.01 22.46 27.45
C LYS C 139 -53.21 22.87 28.29
N THR C 140 -53.44 22.16 29.40
CA THR C 140 -54.55 22.51 30.27
C THR C 140 -54.37 23.89 30.87
N ALA C 141 -53.14 24.22 31.27
CA ALA C 141 -52.86 25.54 31.80
C ALA C 141 -53.05 26.62 30.73
N ALA C 142 -52.63 26.33 29.50
CA ALA C 142 -52.84 27.29 28.42
C ALA C 142 -54.33 27.52 28.17
N VAL C 143 -55.12 26.44 28.19
CA VAL C 143 -56.56 26.59 28.01
C VAL C 143 -57.17 27.37 29.16
N CYS C 144 -56.73 27.11 30.39
CA CYS C 144 -57.28 27.80 31.55
C CYS C 144 -56.93 29.28 31.53
N VAL C 145 -55.71 29.62 31.09
CA VAL C 145 -55.31 31.02 31.01
C VAL C 145 -56.18 31.77 30.01
N ALA C 146 -56.43 31.16 28.85
CA ALA C 146 -57.29 31.78 27.86
C ALA C 146 -58.71 31.92 28.38
N LYS C 147 -59.21 30.90 29.08
CA LYS C 147 -60.56 30.98 29.64
C LYS C 147 -60.65 32.11 30.68
N LEU C 148 -59.63 32.24 31.52
CA LEU C 148 -59.63 33.32 32.51
C LEU C 148 -59.56 34.68 31.84
N HIS C 149 -58.74 34.80 30.79
CA HIS C 149 -58.65 36.07 30.06
C HIS C 149 -59.98 36.43 29.41
N ASP C 150 -60.67 35.44 28.83
CA ASP C 150 -61.98 35.71 28.27
C ASP C 150 -62.98 36.10 29.35
N ILE C 151 -62.94 35.41 30.49
CA ILE C 151 -63.82 35.76 31.60
C ILE C 151 -63.43 37.10 32.21
N ASN C 152 -62.14 37.30 32.45
CA ASN C 152 -61.63 38.54 33.03
C ASN C 152 -60.31 38.87 32.36
N ALA C 153 -60.35 39.79 31.39
CA ALA C 153 -59.11 40.24 30.74
C ALA C 153 -58.22 40.99 31.72
N GLN C 154 -58.81 41.83 32.57
CA GLN C 154 -58.02 42.59 33.54
C GLN C 154 -57.30 41.68 34.51
N LEU C 155 -57.97 40.63 34.99
CA LEU C 155 -57.33 39.69 35.91
C LEU C 155 -56.18 38.98 35.23
N VAL C 156 -56.37 38.57 33.97
CA VAL C 156 -55.30 37.90 33.25
C VAL C 156 -54.11 38.83 33.04
N GLU C 157 -54.37 40.08 32.70
CA GLU C 157 -53.29 41.05 32.52
C GLU C 157 -52.56 41.29 33.83
N ASP C 158 -53.30 41.39 34.94
CA ASP C 158 -52.66 41.57 36.23
C ASP C 158 -51.80 40.37 36.60
N GLN C 159 -52.30 39.16 36.33
CA GLN C 159 -51.53 37.96 36.61
C GLN C 159 -50.29 37.84 35.74
N GLY C 160 -50.20 38.61 34.66
CA GLY C 160 -49.05 38.56 33.78
C GLY C 160 -48.91 37.24 33.03
N PHE C 161 -50.02 36.68 32.55
CA PHE C 161 -50.00 35.43 31.81
C PHE C 161 -49.60 35.60 30.36
N LEU C 162 -49.56 36.84 29.86
CA LEU C 162 -49.17 37.07 28.47
C LEU C 162 -47.72 36.67 28.24
N ASP C 163 -46.84 37.00 29.19
CA ASP C 163 -45.44 36.62 29.06
C ASP C 163 -45.27 35.10 29.06
N THR C 164 -45.99 34.42 29.95
CA THR C 164 -45.93 32.96 29.98
C THR C 164 -46.48 32.35 28.70
N LEU C 165 -47.58 32.92 28.18
CA LEU C 165 -48.14 32.41 26.94
C LEU C 165 -47.19 32.61 25.77
N LYS C 166 -46.51 33.76 25.73
CA LYS C 166 -45.56 34.01 24.64
C LYS C 166 -44.41 33.01 24.66
N ASP C 167 -43.89 32.71 25.84
CA ASP C 167 -42.83 31.73 25.95
C ASP C 167 -43.30 30.32 25.65
N LEU C 168 -44.61 30.09 25.71
CA LEU C 168 -45.14 28.75 25.43
C LEU C 168 -44.88 28.35 23.99
N ILE C 169 -45.01 29.30 23.06
CA ILE C 169 -44.72 29.00 21.67
C ILE C 169 -43.23 28.69 21.49
N SER C 170 -42.37 29.26 22.32
CA SER C 170 -40.93 29.03 22.24
C SER C 170 -40.46 27.88 23.11
N ASP C 171 -41.33 26.93 23.44
CA ASP C 171 -40.99 25.80 24.27
C ASP C 171 -41.24 24.49 23.51
N SER C 172 -40.84 23.38 24.13
CA SER C 172 -40.99 22.07 23.52
C SER C 172 -42.43 21.61 23.63
N ASN C 173 -42.68 20.34 23.33
CA ASN C 173 -44.05 19.84 23.33
C ASN C 173 -44.86 20.56 22.25
N PRO C 174 -44.68 20.19 20.99
CA PRO C 174 -45.34 20.93 19.90
C PRO C 174 -46.84 21.04 20.06
N MET C 175 -47.50 20.05 20.66
CA MET C 175 -48.92 20.20 20.97
C MET C 175 -49.15 21.34 21.94
N VAL C 176 -48.31 21.44 22.98
CA VAL C 176 -48.42 22.53 23.93
C VAL C 176 -48.12 23.86 23.26
N VAL C 177 -47.14 23.87 22.36
CA VAL C 177 -46.83 25.12 21.65
C VAL C 177 -48.01 25.56 20.81
N ALA C 178 -48.64 24.61 20.10
CA ALA C 178 -49.80 24.94 19.29
C ALA C 178 -50.95 25.44 20.15
N ASN C 179 -51.17 24.82 21.30
CA ASN C 179 -52.22 25.27 22.20
C ASN C 179 -51.93 26.68 22.69
N ALA C 180 -50.68 26.97 23.03
CA ALA C 180 -50.32 28.32 23.47
C ALA C 180 -50.52 29.34 22.35
N VAL C 181 -50.18 28.95 21.12
CA VAL C 181 -50.38 29.86 19.99
C VAL C 181 -51.87 30.13 19.79
N ALA C 182 -52.70 29.09 19.88
CA ALA C 182 -54.13 29.28 19.72
C ALA C 182 -54.71 30.17 20.82
N ALA C 183 -54.24 29.97 22.05
CA ALA C 183 -54.70 30.82 23.15
C ALA C 183 -54.28 32.26 22.95
N LEU C 184 -53.05 32.48 22.48
CA LEU C 184 -52.58 33.84 22.22
C LEU C 184 -53.39 34.49 21.11
N SER C 185 -53.72 33.72 20.07
CA SER C 185 -54.54 34.25 18.99
C SER C 185 -55.94 34.60 19.49
N GLU C 186 -56.52 33.75 20.34
CA GLU C 186 -57.83 34.04 20.89
C GLU C 186 -57.79 35.30 21.77
N ILE C 187 -56.75 35.43 22.59
CA ILE C 187 -56.64 36.61 23.44
C ILE C 187 -56.46 37.87 22.62
N ALA C 188 -55.61 37.81 21.60
CA ALA C 188 -55.39 38.97 20.74
C ALA C 188 -56.62 39.27 19.90
N GLU C 189 -57.44 38.26 19.59
CA GLU C 189 -58.66 38.49 18.82
C GLU C 189 -59.61 39.39 19.59
N SER C 190 -59.77 39.15 20.90
CA SER C 190 -60.60 40.01 21.73
C SER C 190 -59.88 41.27 22.18
N HIS C 191 -58.55 41.31 22.05
CA HIS C 191 -57.79 42.48 22.45
C HIS C 191 -58.01 43.61 21.46
N PRO C 192 -57.78 44.86 21.89
CA PRO C 192 -58.00 46.00 21.01
C PRO C 192 -56.86 46.29 20.04
N SER C 193 -56.01 45.30 19.77
CA SER C 193 -54.85 45.39 18.91
C SER C 193 -53.68 46.07 19.62
N SER C 194 -53.86 46.52 20.85
CA SER C 194 -52.80 47.16 21.59
C SER C 194 -51.91 46.09 22.22
N ASN C 195 -50.59 46.26 22.09
CA ASN C 195 -49.62 45.29 22.56
C ASN C 195 -49.82 43.93 21.90
N LEU C 196 -49.78 43.94 20.57
CA LEU C 196 -50.01 42.73 19.79
C LEU C 196 -48.90 41.72 20.05
N LEU C 197 -49.27 40.44 19.94
CA LEU C 197 -48.33 39.35 20.15
C LEU C 197 -47.62 38.94 18.87
N ASP C 198 -47.47 39.84 17.92
CA ASP C 198 -46.80 39.53 16.67
C ASP C 198 -45.31 39.24 16.91
N LEU C 199 -44.75 38.39 16.06
CA LEU C 199 -43.36 37.96 16.18
C LEU C 199 -42.66 38.16 14.84
N ASN C 200 -41.33 38.20 14.91
CA ASN C 200 -40.50 38.40 13.73
C ASN C 200 -40.45 37.13 12.89
N PRO C 201 -39.70 37.13 11.78
CA PRO C 201 -39.63 35.92 10.95
C PRO C 201 -39.10 34.71 11.69
N GLN C 202 -38.31 34.91 12.74
CA GLN C 202 -37.82 33.78 13.52
C GLN C 202 -38.96 33.02 14.17
N SER C 203 -39.93 33.74 14.71
CA SER C 203 -41.09 33.08 15.31
C SER C 203 -41.88 32.30 14.28
N ILE C 204 -42.05 32.87 13.09
CA ILE C 204 -42.78 32.17 12.04
C ILE C 204 -42.03 30.92 11.63
N ASN C 205 -40.70 31.01 11.52
CA ASN C 205 -39.93 29.83 11.17
C ASN C 205 -40.03 28.76 12.23
N LYS C 206 -39.99 29.17 13.51
CA LYS C 206 -40.11 28.20 14.57
C LYS C 206 -41.48 27.53 14.55
N LEU C 207 -42.54 28.30 14.29
CA LEU C 207 -43.87 27.72 14.19
C LEU C 207 -43.96 26.75 13.04
N LEU C 208 -43.34 27.09 11.91
CA LEU C 208 -43.33 26.18 10.78
C LEU C 208 -42.57 24.91 11.13
N THR C 209 -41.50 25.02 11.92
CA THR C 209 -40.77 23.85 12.33
C THR C 209 -41.63 22.92 13.17
N ALA C 210 -42.44 23.48 14.07
CA ALA C 210 -43.40 22.68 14.80
C ALA C 210 -44.68 22.45 14.02
N LEU C 211 -44.87 23.16 12.91
CA LEU C 211 -46.03 22.91 12.08
C LEU C 211 -46.01 21.49 11.50
N ASN C 212 -44.84 21.02 11.07
CA ASN C 212 -44.73 19.68 10.53
C ASN C 212 -44.91 18.60 11.58
N GLU C 213 -44.80 18.96 12.87
CA GLU C 213 -45.02 18.02 13.95
C GLU C 213 -46.37 18.16 14.61
N CYS C 214 -47.14 19.19 14.24
CA CYS C 214 -48.45 19.38 14.83
C CYS C 214 -49.44 18.35 14.29
N THR C 215 -50.49 18.11 15.08
CA THR C 215 -51.53 17.16 14.71
C THR C 215 -52.52 17.83 13.76
N GLU C 216 -53.59 17.11 13.42
CA GLU C 216 -54.59 17.66 12.52
C GLU C 216 -55.27 18.89 13.12
N TRP C 217 -55.63 18.81 14.40
CA TRP C 217 -56.22 19.96 15.07
C TRP C 217 -55.19 21.06 15.28
N GLY C 218 -53.95 20.69 15.60
CA GLY C 218 -52.92 21.68 15.79
C GLY C 218 -52.49 22.36 14.50
N GLN C 219 -52.71 21.70 13.37
CA GLN C 219 -52.34 22.31 12.10
C GLN C 219 -53.14 23.58 11.85
N ILE C 220 -54.44 23.55 12.15
CA ILE C 220 -55.27 24.73 11.97
C ILE C 220 -54.79 25.86 12.88
N PHE C 221 -54.46 25.53 14.13
CA PHE C 221 -54.00 26.53 15.06
C PHE C 221 -52.68 27.14 14.58
N ILE C 222 -51.78 26.31 14.07
CA ILE C 222 -50.49 26.79 13.59
C ILE C 222 -50.63 27.66 12.34
N LEU C 223 -51.56 27.30 11.46
CA LEU C 223 -51.77 28.08 10.25
C LEU C 223 -52.54 29.37 10.49
N ASP C 224 -53.36 29.42 11.54
CA ASP C 224 -54.10 30.65 11.82
C ASP C 224 -53.17 31.79 12.24
N CYS C 225 -52.08 31.47 12.92
CA CYS C 225 -51.15 32.52 13.35
C CYS C 225 -50.55 33.25 12.16
N LEU C 226 -50.18 32.51 11.12
CA LEU C 226 -49.64 33.13 9.92
C LEU C 226 -50.67 33.98 9.20
N ALA C 227 -51.96 33.76 9.46
CA ALA C 227 -52.98 34.56 8.81
C ALA C 227 -52.92 36.02 9.23
N ASN C 228 -52.37 36.31 10.40
CA ASN C 228 -52.24 37.68 10.86
C ASN C 228 -50.93 38.33 10.43
N TYR C 229 -49.87 37.56 10.28
CA TYR C 229 -48.60 38.12 9.83
C TYR C 229 -48.70 38.54 8.37
N MET C 230 -48.07 39.66 8.05
CA MET C 230 -48.07 40.20 6.69
C MET C 230 -46.64 40.16 6.16
N PRO C 231 -46.35 39.37 5.13
CA PRO C 231 -44.99 39.34 4.59
C PRO C 231 -44.63 40.67 3.94
N LYS C 232 -43.34 41.00 4.03
CA LYS C 232 -42.83 42.25 3.50
C LYS C 232 -41.83 42.08 2.36
N ASP C 233 -41.30 40.88 2.17
CA ASP C 233 -40.33 40.62 1.11
C ASP C 233 -40.73 39.36 0.36
N ASP C 234 -40.30 39.29 -0.90
CA ASP C 234 -40.60 38.12 -1.71
C ASP C 234 -39.91 36.87 -1.19
N ARG C 235 -38.71 37.01 -0.65
CA ARG C 235 -38.00 35.86 -0.10
C ARG C 235 -38.75 35.28 1.08
N GLU C 236 -39.22 36.13 1.98
CA GLU C 236 -40.02 35.66 3.10
C GLU C 236 -41.34 35.06 2.61
N ALA C 237 -42.00 35.73 1.67
CA ALA C 237 -43.23 35.19 1.13
C ALA C 237 -42.98 33.89 0.39
N GLN C 238 -41.87 33.81 -0.33
CA GLN C 238 -41.53 32.57 -1.03
C GLN C 238 -41.30 31.42 -0.05
N SER C 239 -40.59 31.69 1.03
CA SER C 239 -40.36 30.65 2.04
C SER C 239 -41.67 30.22 2.69
N ILE C 240 -42.55 31.18 2.97
CA ILE C 240 -43.83 30.85 3.57
C ILE C 240 -44.65 29.99 2.63
N CYS C 241 -44.66 30.35 1.34
CA CYS C 241 -45.38 29.54 0.37
C CYS C 241 -44.79 28.14 0.26
N GLU C 242 -43.46 28.05 0.26
CA GLU C 242 -42.81 26.75 0.17
C GLU C 242 -43.14 25.87 1.38
N ARG C 243 -43.18 26.47 2.57
CA ARG C 243 -43.52 25.72 3.77
C ARG C 243 -45.01 25.34 3.80
N VAL C 244 -45.89 26.20 3.28
CA VAL C 244 -47.31 25.90 3.28
C VAL C 244 -47.69 24.94 2.17
N THR C 245 -46.81 24.77 1.18
CA THR C 245 -47.09 23.82 0.11
C THR C 245 -47.35 22.40 0.61
N PRO C 246 -46.57 21.87 1.56
CA PRO C 246 -46.87 20.51 2.05
C PRO C 246 -48.22 20.38 2.73
N ARG C 247 -48.80 21.48 3.20
CA ARG C 247 -50.10 21.42 3.87
C ARG C 247 -51.25 21.09 2.92
N LEU C 248 -51.04 21.22 1.62
CA LEU C 248 -52.08 20.89 0.66
C LEU C 248 -52.30 19.39 0.50
N SER C 249 -51.39 18.57 1.04
CA SER C 249 -51.51 17.11 0.96
C SER C 249 -51.98 16.52 2.28
N HIS C 250 -52.84 17.24 2.99
CA HIS C 250 -53.40 16.80 4.26
C HIS C 250 -54.76 16.20 4.02
N ALA C 251 -55.00 15.03 4.62
CA ALA C 251 -56.29 14.36 4.45
C ALA C 251 -57.42 15.16 5.06
N ASN C 252 -57.14 16.01 6.04
CA ASN C 252 -58.18 16.85 6.64
C ASN C 252 -58.57 17.95 5.68
N SER C 253 -59.88 18.14 5.51
CA SER C 253 -60.38 19.20 4.64
C SER C 253 -60.03 20.58 5.16
N ALA C 254 -60.14 20.79 6.47
CA ALA C 254 -59.86 22.11 7.04
C ALA C 254 -58.39 22.48 6.92
N VAL C 255 -57.49 21.49 7.06
CA VAL C 255 -56.06 21.76 6.91
C VAL C 255 -55.74 22.22 5.50
N VAL C 256 -56.32 21.55 4.50
CA VAL C 256 -56.12 21.97 3.11
C VAL C 256 -56.70 23.36 2.90
N LEU C 257 -57.90 23.60 3.42
CA LEU C 257 -58.51 24.92 3.28
C LEU C 257 -57.69 26.00 3.99
N SER C 258 -57.18 25.68 5.18
CA SER C 258 -56.35 26.63 5.90
C SER C 258 -55.07 26.95 5.13
N ALA C 259 -54.45 25.91 4.54
CA ALA C 259 -53.25 26.13 3.73
C ALA C 259 -53.56 26.99 2.52
N VAL C 260 -54.71 26.74 1.88
CA VAL C 260 -55.09 27.54 0.71
C VAL C 260 -55.32 28.99 1.12
N LYS C 261 -55.98 29.21 2.24
CA LYS C 261 -56.20 30.59 2.70
C LYS C 261 -54.90 31.28 3.02
N VAL C 262 -53.97 30.56 3.66
CA VAL C 262 -52.66 31.14 3.99
C VAL C 262 -51.92 31.49 2.72
N LEU C 263 -51.95 30.61 1.73
CA LEU C 263 -51.29 30.90 0.46
C LEU C 263 -51.91 32.10 -0.23
N MET C 264 -53.24 32.20 -0.20
CA MET C 264 -53.91 33.35 -0.81
C MET C 264 -53.52 34.64 -0.11
N LYS C 265 -53.45 34.60 1.22
CA LYS C 265 -53.04 35.78 1.96
C LYS C 265 -51.60 36.16 1.64
N PHE C 266 -50.71 35.18 1.56
CA PHE C 266 -49.31 35.46 1.27
C PHE C 266 -49.11 35.92 -0.17
N MET C 267 -50.01 35.55 -1.08
CA MET C 267 -49.90 35.96 -2.47
C MET C 267 -50.05 37.46 -2.67
N GLU C 268 -50.55 38.18 -1.66
CA GLU C 268 -50.66 39.63 -1.78
C GLU C 268 -49.31 40.32 -1.85
N MET C 269 -48.25 39.67 -1.36
CA MET C 269 -46.91 40.21 -1.43
C MET C 269 -46.01 39.50 -2.43
N LEU C 270 -46.44 38.36 -2.98
CA LEU C 270 -45.64 37.65 -3.96
C LEU C 270 -45.66 38.37 -5.30
N SER C 271 -44.64 38.11 -6.11
CA SER C 271 -44.48 38.73 -7.42
C SER C 271 -44.89 37.74 -8.49
N LYS C 272 -45.81 38.16 -9.36
CA LYS C 272 -46.26 37.31 -10.45
C LYS C 272 -45.18 37.10 -11.50
N ASP C 273 -44.16 37.96 -11.53
CA ASP C 273 -43.07 37.80 -12.49
C ASP C 273 -42.28 36.52 -12.25
N LEU C 274 -42.03 36.19 -10.99
CA LEU C 274 -41.31 34.97 -10.66
C LEU C 274 -42.20 33.75 -10.87
N ASP C 275 -41.57 32.58 -10.93
CA ASP C 275 -42.28 31.34 -11.15
C ASP C 275 -43.00 30.82 -9.90
N TYR C 276 -42.79 31.46 -8.75
CA TYR C 276 -43.44 31.00 -7.54
C TYR C 276 -44.95 31.16 -7.62
N TYR C 277 -45.42 32.29 -8.18
CA TYR C 277 -46.85 32.50 -8.31
C TYR C 277 -47.49 31.47 -9.22
N GLY C 278 -46.83 31.17 -10.35
CA GLY C 278 -47.36 30.16 -11.24
C GLY C 278 -47.39 28.78 -10.62
N THR C 279 -46.33 28.42 -9.89
CA THR C 279 -46.30 27.13 -9.23
C THR C 279 -47.38 27.04 -8.17
N LEU C 280 -47.59 28.12 -7.41
CA LEU C 280 -48.64 28.13 -6.41
C LEU C 280 -50.01 27.99 -7.06
N LEU C 281 -50.23 28.68 -8.18
CA LEU C 281 -51.51 28.57 -8.86
C LEU C 281 -51.74 27.16 -9.39
N LYS C 282 -50.69 26.54 -9.92
CA LYS C 282 -50.84 25.19 -10.44
C LYS C 282 -51.07 24.17 -9.34
N LYS C 283 -50.42 24.37 -8.18
CA LYS C 283 -50.55 23.44 -7.07
C LYS C 283 -51.80 23.66 -6.24
N LEU C 284 -52.56 24.71 -6.54
CA LEU C 284 -53.78 24.99 -5.79
C LEU C 284 -55.02 24.38 -6.41
N ALA C 285 -55.06 24.26 -7.74
CA ALA C 285 -56.21 23.66 -8.39
C ALA C 285 -56.44 22.21 -7.96
N PRO C 286 -55.43 21.36 -7.90
CA PRO C 286 -55.66 19.98 -7.46
C PRO C 286 -56.22 19.95 -6.05
N PRO C 287 -55.76 20.86 -5.17
CA PRO C 287 -56.36 20.93 -3.84
C PRO C 287 -57.84 21.28 -3.86
N LEU C 288 -58.23 22.22 -4.72
CA LEU C 288 -59.65 22.55 -4.83
C LEU C 288 -60.44 21.37 -5.38
N VAL C 289 -59.89 20.67 -6.36
CA VAL C 289 -60.58 19.50 -6.92
C VAL C 289 -60.77 18.43 -5.86
N THR C 290 -59.74 18.19 -5.05
CA THR C 290 -59.84 17.22 -3.98
C THR C 290 -60.87 17.65 -2.92
N LEU C 291 -60.87 18.95 -2.57
CA LEU C 291 -61.82 19.43 -1.58
C LEU C 291 -63.25 19.37 -2.10
N LEU C 292 -63.43 19.47 -3.41
CA LEU C 292 -64.77 19.40 -4.00
C LEU C 292 -65.42 18.03 -3.82
N SER C 293 -64.63 17.00 -3.51
CA SER C 293 -65.16 15.66 -3.28
C SER C 293 -65.33 15.33 -1.80
N ALA C 294 -65.52 16.36 -0.97
CA ALA C 294 -65.67 16.19 0.46
C ALA C 294 -67.09 15.79 0.82
N GLU C 295 -67.45 15.89 2.08
CA GLU C 295 -68.80 15.55 2.50
C GLU C 295 -69.79 16.60 1.99
N PRO C 296 -71.07 16.22 1.86
CA PRO C 296 -72.06 17.20 1.42
C PRO C 296 -72.17 18.42 2.33
N GLU C 297 -72.00 18.24 3.63
CA GLU C 297 -71.99 19.38 4.54
C GLU C 297 -70.82 20.30 4.23
N LEU C 298 -69.65 19.73 3.99
CA LEU C 298 -68.49 20.53 3.61
C LEU C 298 -68.55 21.00 2.16
N GLN C 299 -69.48 20.47 1.37
CA GLN C 299 -69.61 20.91 -0.01
C GLN C 299 -69.99 22.38 -0.08
N TYR C 300 -70.93 22.80 0.77
CA TYR C 300 -71.33 24.20 0.78
C TYR C 300 -70.16 25.09 1.20
N VAL C 301 -69.40 24.66 2.19
CA VAL C 301 -68.25 25.44 2.64
C VAL C 301 -67.21 25.54 1.53
N ALA C 302 -66.95 24.43 0.83
CA ALA C 302 -66.00 24.46 -0.28
C ALA C 302 -66.48 25.38 -1.39
N LEU C 303 -67.78 25.34 -1.70
CA LEU C 303 -68.32 26.22 -2.72
C LEU C 303 -68.19 27.68 -2.33
N ARG C 304 -68.47 28.00 -1.06
CA ARG C 304 -68.33 29.37 -0.60
C ARG C 304 -66.88 29.84 -0.67
N ASN C 305 -65.94 28.97 -0.29
CA ASN C 305 -64.53 29.32 -0.37
C ASN C 305 -64.10 29.54 -1.82
N ILE C 306 -64.58 28.69 -2.73
CA ILE C 306 -64.23 28.85 -4.13
C ILE C 306 -64.80 30.15 -4.67
N ASN C 307 -66.03 30.48 -4.30
CA ASN C 307 -66.63 31.73 -4.74
C ASN C 307 -65.86 32.92 -4.20
N LEU C 308 -65.44 32.86 -2.94
CA LEU C 308 -64.65 33.95 -2.36
C LEU C 308 -63.31 34.09 -3.07
N ILE C 309 -62.66 32.96 -3.38
CA ILE C 309 -61.36 33.02 -4.05
C ILE C 309 -61.50 33.15 -5.56
N VAL C 310 -62.69 32.85 -6.10
CA VAL C 310 -62.89 32.95 -7.54
C VAL C 310 -62.79 34.41 -8.00
N GLN C 311 -63.37 35.33 -7.25
CA GLN C 311 -63.34 36.74 -7.61
C GLN C 311 -61.96 37.37 -7.46
N LYS C 312 -61.02 36.69 -6.83
CA LYS C 312 -59.68 37.21 -6.63
C LYS C 312 -58.68 36.68 -7.67
N ARG C 313 -58.62 35.36 -7.83
CA ARG C 313 -57.70 34.73 -8.77
C ARG C 313 -58.49 33.77 -9.65
N PRO C 314 -59.19 34.29 -10.65
CA PRO C 314 -60.01 33.41 -11.51
C PRO C 314 -59.20 32.59 -12.51
N GLU C 315 -57.90 32.81 -12.62
CA GLU C 315 -57.07 32.08 -13.55
C GLU C 315 -56.57 30.76 -13.00
N ILE C 316 -56.88 30.44 -11.74
CA ILE C 316 -56.43 29.18 -11.16
C ILE C 316 -57.37 28.04 -11.54
N LEU C 317 -58.68 28.27 -11.40
CA LEU C 317 -59.69 27.27 -11.72
C LEU C 317 -60.39 27.54 -13.04
N LYS C 318 -59.68 28.09 -14.01
CA LYS C 318 -60.28 28.39 -15.31
C LYS C 318 -60.73 27.12 -16.02
N HIS C 319 -59.92 26.07 -15.98
CA HIS C 319 -60.22 24.82 -16.66
C HIS C 319 -61.01 23.83 -15.82
N GLU C 320 -61.38 24.21 -14.60
CA GLU C 320 -62.14 23.34 -13.71
C GLU C 320 -63.62 23.63 -13.94
N MET C 321 -64.22 22.89 -14.86
CA MET C 321 -65.63 23.04 -15.20
C MET C 321 -66.43 21.76 -15.05
N LYS C 322 -65.83 20.61 -15.35
CA LYS C 322 -66.54 19.35 -15.21
C LYS C 322 -66.85 19.05 -13.75
N VAL C 323 -65.92 19.37 -12.84
CA VAL C 323 -66.12 19.11 -11.42
C VAL C 323 -67.20 19.97 -10.80
N PHE C 324 -67.63 21.03 -11.47
CA PHE C 324 -68.67 21.91 -10.95
C PHE C 324 -70.08 21.40 -11.25
N PHE C 325 -70.20 20.28 -11.95
CA PHE C 325 -71.52 19.73 -12.25
C PHE C 325 -72.17 19.19 -10.99
N VAL C 326 -73.46 19.49 -10.82
CA VAL C 326 -74.21 19.02 -9.65
C VAL C 326 -74.59 17.56 -9.84
N LYS C 327 -74.42 16.77 -8.79
CA LYS C 327 -74.75 15.36 -8.83
C LYS C 327 -76.25 15.17 -8.60
N TYR C 328 -76.73 13.97 -8.95
CA TYR C 328 -78.15 13.66 -8.79
C TYR C 328 -78.54 13.63 -7.33
N ASN C 329 -77.68 13.10 -6.47
CA ASN C 329 -77.96 12.99 -5.04
C ASN C 329 -77.39 14.15 -4.24
N ASP C 330 -76.89 15.18 -4.91
CA ASP C 330 -76.31 16.33 -4.22
C ASP C 330 -77.39 17.06 -3.42
N PRO C 331 -77.01 17.64 -2.27
CA PRO C 331 -78.00 18.35 -1.45
C PRO C 331 -78.38 19.68 -2.09
N ILE C 332 -79.48 20.24 -1.56
CA ILE C 332 -79.98 21.52 -2.09
C ILE C 332 -78.95 22.62 -1.86
N TYR C 333 -78.34 22.66 -0.68
CA TYR C 333 -77.32 23.65 -0.39
C TYR C 333 -76.10 23.50 -1.29
N VAL C 334 -75.85 22.30 -1.79
CA VAL C 334 -74.74 22.09 -2.74
C VAL C 334 -75.20 22.26 -4.18
N LYS C 335 -76.42 21.81 -4.49
CA LYS C 335 -76.94 21.95 -5.86
C LYS C 335 -77.08 23.42 -6.23
N LEU C 336 -77.57 24.25 -5.31
CA LEU C 336 -77.69 25.68 -5.59
C LEU C 336 -76.32 26.32 -5.77
N GLU C 337 -75.36 25.93 -4.94
CA GLU C 337 -74.02 26.48 -5.05
C GLU C 337 -73.33 26.05 -6.33
N LYS C 338 -73.67 24.87 -6.85
CA LYS C 338 -73.07 24.40 -8.10
C LYS C 338 -73.42 25.32 -9.25
N LEU C 339 -74.67 25.77 -9.31
CA LEU C 339 -75.07 26.69 -10.37
C LEU C 339 -74.32 28.01 -10.27
N ASP C 340 -74.16 28.53 -9.06
CA ASP C 340 -73.41 29.77 -8.88
C ASP C 340 -71.95 29.60 -9.28
N ILE C 341 -71.36 28.46 -8.92
CA ILE C 341 -69.96 28.20 -9.28
C ILE C 341 -69.82 28.12 -10.80
N MET C 342 -70.76 27.43 -11.46
CA MET C 342 -70.73 27.35 -12.92
C MET C 342 -70.89 28.72 -13.56
N ILE C 343 -71.78 29.55 -13.01
CA ILE C 343 -71.97 30.90 -13.55
C ILE C 343 -70.71 31.73 -13.38
N ARG C 344 -70.07 31.64 -12.20
CA ARG C 344 -68.84 32.40 -11.97
C ARG C 344 -67.72 31.94 -12.90
N LEU C 345 -67.65 30.65 -13.19
CA LEU C 345 -66.61 30.10 -14.07
C LEU C 345 -67.09 29.90 -15.51
N SER D 2 -64.71 27.93 16.65
CA SER D 2 -64.98 28.55 17.95
C SER D 2 -66.39 28.19 18.44
N ALA D 3 -66.66 26.90 18.55
CA ALA D 3 -67.96 26.44 19.01
C ALA D 3 -68.13 26.77 20.48
N SER D 4 -69.36 27.17 20.84
CA SER D 4 -69.67 27.54 22.21
C SER D 4 -70.15 26.35 23.04
N ALA D 5 -70.95 25.46 22.46
CA ALA D 5 -71.45 24.29 23.19
C ALA D 5 -71.82 23.22 22.17
N VAL D 6 -71.22 22.04 22.31
CA VAL D 6 -71.52 20.91 21.44
C VAL D 6 -72.61 20.08 22.10
N TYR D 7 -73.73 19.91 21.40
CA TYR D 7 -74.86 19.14 21.90
C TYR D 7 -75.28 18.11 20.87
N VAL D 8 -75.84 17.00 21.37
CA VAL D 8 -76.33 15.93 20.52
C VAL D 8 -77.85 15.87 20.64
N ILE D 17 -77.46 14.63 24.59
CA ILE D 17 -76.38 15.03 25.49
C ILE D 17 -75.78 16.33 24.99
N CYS D 18 -75.36 17.18 25.92
CA CYS D 18 -74.75 18.45 25.60
C CYS D 18 -73.49 18.64 26.45
N ARG D 19 -72.54 19.40 25.91
CA ARG D 19 -71.28 19.67 26.62
C ARG D 19 -70.82 21.06 26.21
N ASN D 20 -71.09 22.05 27.05
CA ASN D 20 -70.68 23.42 26.77
C ASN D 20 -69.18 23.54 26.83
N TYR D 21 -68.62 24.32 25.92
CA TYR D 21 -67.17 24.53 25.84
C TYR D 21 -66.74 25.94 26.19
N ARG D 22 -67.56 26.95 25.95
CA ARG D 22 -67.24 28.32 26.28
C ARG D 22 -68.26 28.94 27.20
N GLY D 23 -69.51 28.49 27.12
CA GLY D 23 -70.56 29.02 27.95
C GLY D 23 -71.11 30.35 27.52
N ASP D 24 -70.70 30.86 26.36
CA ASP D 24 -71.18 32.15 25.88
C ASP D 24 -72.57 32.07 25.26
N VAL D 25 -73.10 30.87 25.07
CA VAL D 25 -74.43 30.69 24.50
C VAL D 25 -75.31 30.01 25.52
N VAL D 55 -76.54 33.85 17.23
CA VAL D 55 -75.87 32.59 17.50
C VAL D 55 -76.11 31.65 16.33
N ARG D 56 -75.03 31.07 15.81
CA ARG D 56 -75.10 30.16 14.67
C ARG D 56 -75.12 28.73 15.17
N PHE D 57 -76.07 27.95 14.65
CA PHE D 57 -76.23 26.53 15.01
C PHE D 57 -75.77 25.71 13.80
N MET D 58 -74.48 25.43 13.75
CA MET D 58 -73.89 24.64 12.67
C MET D 58 -73.77 23.20 13.14
N TRP D 59 -74.41 22.29 12.40
CA TRP D 59 -74.38 20.88 12.76
C TRP D 59 -74.70 20.05 11.53
N ILE D 60 -74.36 18.78 11.60
CA ILE D 60 -74.64 17.82 10.54
C ILE D 60 -75.65 16.79 11.05
N LYS D 61 -76.27 16.10 10.11
CA LYS D 61 -77.27 15.07 10.43
C LYS D 61 -76.57 13.73 10.51
N HIS D 62 -76.71 13.07 11.65
CA HIS D 62 -76.12 11.76 11.87
C HIS D 62 -77.12 10.67 11.47
N ASN D 63 -76.83 9.43 11.84
CA ASN D 63 -77.73 8.33 11.50
C ASN D 63 -79.09 8.52 12.13
N ASN D 64 -79.12 8.96 13.39
CA ASN D 64 -80.38 9.17 14.09
C ASN D 64 -80.52 10.53 14.76
N LEU D 65 -79.43 11.26 14.97
CA LEU D 65 -79.48 12.55 15.64
C LEU D 65 -78.59 13.56 14.92
N TYR D 66 -78.93 14.83 15.07
CA TYR D 66 -78.17 15.92 14.47
C TYR D 66 -77.27 16.52 15.54
N LEU D 67 -75.96 16.49 15.30
CA LEU D 67 -74.98 17.01 16.24
C LEU D 67 -74.85 18.51 16.04
N VAL D 68 -75.76 19.25 16.66
CA VAL D 68 -75.79 20.71 16.55
C VAL D 68 -74.82 21.30 17.57
N ALA D 69 -73.92 22.15 17.09
CA ALA D 69 -72.91 22.80 17.93
C ALA D 69 -73.14 24.30 17.83
N THR D 70 -73.64 24.89 18.93
CA THR D 70 -73.92 26.32 18.93
C THR D 70 -72.63 27.13 18.91
N SER D 71 -72.67 28.25 18.19
CA SER D 71 -71.52 29.15 18.11
C SER D 71 -72.04 30.57 18.01
N LYS D 72 -71.26 31.50 18.54
CA LYS D 72 -71.64 32.90 18.56
C LYS D 72 -70.63 33.80 17.88
N LYS D 73 -69.33 33.53 18.05
CA LYS D 73 -68.30 34.35 17.43
C LYS D 73 -68.09 33.91 15.98
N ASN D 74 -67.10 34.52 15.33
CA ASN D 74 -66.76 34.18 13.95
C ASN D 74 -65.83 32.96 13.91
N ALA D 75 -66.36 31.86 14.43
CA ALA D 75 -65.59 30.63 14.51
C ALA D 75 -65.42 30.01 13.13
N CYS D 76 -64.39 29.18 13.00
CA CYS D 76 -64.11 28.50 11.75
C CYS D 76 -65.17 27.43 11.52
N VAL D 77 -66.02 27.65 10.50
CA VAL D 77 -67.04 26.68 10.17
C VAL D 77 -66.41 25.36 9.73
N SER D 78 -65.33 25.44 8.97
CA SER D 78 -64.62 24.23 8.57
C SER D 78 -64.06 23.50 9.79
N LEU D 79 -63.55 24.25 10.76
CA LEU D 79 -63.07 23.63 11.99
C LEU D 79 -64.19 22.93 12.74
N VAL D 80 -65.37 23.55 12.79
CA VAL D 80 -66.51 22.93 13.47
C VAL D 80 -66.92 21.65 12.76
N PHE D 81 -66.96 21.68 11.42
CA PHE D 81 -67.31 20.50 10.68
C PHE D 81 -66.30 19.39 10.89
N SER D 82 -65.00 19.74 10.91
CA SER D 82 -63.98 18.74 11.15
C SER D 82 -64.09 18.15 12.55
N PHE D 83 -64.38 18.98 13.54
CA PHE D 83 -64.57 18.49 14.89
C PHE D 83 -65.77 17.56 14.97
N LEU D 84 -66.86 17.91 14.29
CA LEU D 84 -68.04 17.05 14.28
C LEU D 84 -67.72 15.71 13.61
N TYR D 85 -66.97 15.74 12.51
CA TYR D 85 -66.60 14.50 11.85
C TYR D 85 -65.71 13.64 12.73
N LYS D 86 -64.76 14.27 13.42
CA LYS D 86 -63.89 13.53 14.33
C LYS D 86 -64.69 12.91 15.47
N VAL D 87 -65.65 13.64 15.99
CA VAL D 87 -66.50 13.12 17.06
C VAL D 87 -67.32 11.94 16.55
N VAL D 88 -67.86 12.05 15.35
CA VAL D 88 -68.65 10.95 14.79
C VAL D 88 -67.77 9.71 14.61
N GLN D 89 -66.55 9.91 14.10
CA GLN D 89 -65.64 8.79 13.93
C GLN D 89 -65.28 8.16 15.27
N VAL D 90 -65.05 8.98 16.29
CA VAL D 90 -64.71 8.46 17.61
C VAL D 90 -65.88 7.66 18.18
N PHE D 91 -67.10 8.17 18.00
CA PHE D 91 -68.28 7.45 18.46
C PHE D 91 -68.44 6.13 17.73
N SER D 92 -68.21 6.12 16.42
CA SER D 92 -68.30 4.88 15.67
C SER D 92 -67.25 3.88 16.12
N GLU D 93 -66.03 4.36 16.42
CA GLU D 93 -64.99 3.46 16.87
C GLU D 93 -65.31 2.89 18.24
N TYR D 94 -65.75 3.74 19.16
CA TYR D 94 -66.07 3.28 20.51
C TYR D 94 -67.36 2.48 20.54
N PHE D 95 -68.40 2.97 19.85
CA PHE D 95 -69.70 2.32 19.82
C PHE D 95 -69.96 1.85 18.39
N LYS D 96 -70.23 0.55 18.25
CA LYS D 96 -70.43 -0.03 16.93
C LYS D 96 -71.65 0.53 16.22
N GLU D 97 -72.60 1.10 16.95
CA GLU D 97 -73.80 1.65 16.36
C GLU D 97 -73.97 3.11 16.79
N LEU D 98 -74.52 3.91 15.89
CA LEU D 98 -74.80 5.32 16.15
C LEU D 98 -76.33 5.46 16.19
N GLU D 99 -76.89 5.26 17.38
CA GLU D 99 -78.34 5.35 17.55
C GLU D 99 -78.63 5.86 18.96
N GLU D 100 -79.91 6.05 19.26
CA GLU D 100 -80.31 6.56 20.56
C GLU D 100 -80.15 5.53 21.67
N GLU D 101 -80.01 4.25 21.32
CA GLU D 101 -79.85 3.22 22.34
C GLU D 101 -78.55 3.35 23.11
N SER D 102 -77.49 3.83 22.46
CA SER D 102 -76.20 3.99 23.11
C SER D 102 -76.03 5.36 23.76
N ILE D 103 -76.79 6.37 23.32
CA ILE D 103 -76.69 7.69 23.93
C ILE D 103 -77.14 7.65 25.38
N ARG D 104 -78.22 6.93 25.67
CA ARG D 104 -78.71 6.79 27.02
C ARG D 104 -78.08 5.63 27.79
N ASP D 105 -77.19 4.87 27.15
CA ASP D 105 -76.58 3.71 27.80
C ASP D 105 -75.08 3.86 28.06
N ASN D 106 -74.39 4.74 27.35
CA ASN D 106 -72.95 4.92 27.50
C ASN D 106 -72.58 6.37 27.87
N PHE D 107 -73.36 6.98 28.76
CA PHE D 107 -73.13 8.37 29.11
C PHE D 107 -71.86 8.53 29.95
N VAL D 108 -71.51 7.52 30.74
CA VAL D 108 -70.36 7.64 31.63
C VAL D 108 -69.08 7.85 30.84
N ILE D 109 -68.89 7.07 29.78
CA ILE D 109 -67.71 7.24 28.95
C ILE D 109 -67.91 8.35 27.93
N ILE D 110 -69.16 8.58 27.49
CA ILE D 110 -69.42 9.61 26.49
C ILE D 110 -69.09 10.99 27.04
N TYR D 111 -69.50 11.26 28.27
CA TYR D 111 -69.20 12.55 28.87
C TYR D 111 -67.70 12.76 29.02
N GLU D 112 -66.98 11.72 29.44
CA GLU D 112 -65.54 11.84 29.59
C GLU D 112 -64.88 12.09 28.25
N LEU D 113 -65.32 11.38 27.21
CA LEU D 113 -64.76 11.59 25.88
C LEU D 113 -65.03 13.01 25.39
N LEU D 114 -66.26 13.50 25.61
CA LEU D 114 -66.60 14.85 25.15
C LEU D 114 -65.77 15.90 25.90
N ASP D 115 -65.58 15.71 27.19
CA ASP D 115 -64.79 16.67 27.96
C ASP D 115 -63.33 16.65 27.53
N GLU D 116 -62.78 15.45 27.28
CA GLU D 116 -61.37 15.36 26.92
C GLU D 116 -61.11 15.80 25.48
N LEU D 117 -62.10 15.67 24.61
CA LEU D 117 -61.88 15.95 23.18
C LEU D 117 -61.58 17.43 22.95
N MET D 118 -62.42 18.31 23.48
CA MET D 118 -62.30 19.74 23.24
C MET D 118 -62.35 20.49 24.56
N ASP D 119 -61.48 21.48 24.69
CA ASP D 119 -61.43 22.35 25.86
C ASP D 119 -61.44 23.79 25.38
N PHE D 120 -62.40 24.57 25.89
CA PHE D 120 -62.55 25.97 25.51
C PHE D 120 -62.85 26.15 24.03
N GLY D 121 -63.48 25.16 23.42
CA GLY D 121 -63.77 25.20 22.00
C GLY D 121 -62.62 24.80 21.11
N TYR D 122 -61.48 24.43 21.68
CA TYR D 122 -60.30 24.03 20.91
C TYR D 122 -60.02 22.55 21.12
N PRO D 123 -60.30 21.69 20.14
CA PRO D 123 -59.98 20.27 20.31
C PRO D 123 -58.48 20.04 20.40
N GLN D 124 -58.12 19.02 21.19
CA GLN D 124 -56.72 18.69 21.40
C GLN D 124 -56.36 17.26 21.00
N THR D 125 -57.29 16.31 21.14
CA THR D 125 -57.01 14.92 20.82
C THR D 125 -58.14 14.39 19.94
N THR D 126 -57.78 13.63 18.91
CA THR D 126 -58.77 13.06 18.00
C THR D 126 -58.51 11.60 17.64
N ASP D 127 -57.48 10.97 18.17
CA ASP D 127 -57.18 9.57 17.83
C ASP D 127 -58.00 8.65 18.71
N SER D 128 -58.91 7.89 18.10
CA SER D 128 -59.73 6.95 18.86
C SER D 128 -58.87 5.88 19.51
N LYS D 129 -57.91 5.33 18.77
CA LYS D 129 -57.03 4.32 19.34
C LYS D 129 -56.19 4.89 20.47
N ILE D 130 -55.68 6.11 20.29
CA ILE D 130 -54.91 6.75 21.34
C ILE D 130 -55.81 7.11 22.52
N LEU D 131 -57.02 7.58 22.23
CA LEU D 131 -57.96 7.94 23.29
C LEU D 131 -58.44 6.73 24.06
N GLN D 132 -58.37 5.53 23.48
CA GLN D 132 -58.82 4.33 24.17
C GLN D 132 -57.91 3.94 25.33
N GLU D 133 -56.71 4.51 25.42
CA GLU D 133 -55.77 4.19 26.49
C GLU D 133 -55.88 5.12 27.68
N TYR D 134 -56.74 6.13 27.62
CA TYR D 134 -56.94 7.06 28.73
C TYR D 134 -58.36 7.16 29.21
N ILE D 135 -59.35 6.88 28.37
CA ILE D 135 -60.77 6.95 28.73
C ILE D 135 -61.41 5.63 28.33
N THR D 136 -61.98 4.93 29.31
CA THR D 136 -62.60 3.63 29.07
C THR D 136 -63.97 3.58 29.73
N GLN D 137 -64.88 2.82 29.13
CA GLN D 137 -66.22 2.64 29.67
C GLN D 137 -66.34 1.41 30.56
N GLU D 138 -65.24 0.70 30.78
CA GLU D 138 -65.26 -0.49 31.63
C GLU D 138 -63.92 -0.69 32.32
N ALA D 146 -58.26 5.89 36.52
CA ALA D 146 -57.60 6.16 35.24
C ALA D 146 -56.14 6.51 35.43
N PRO D 147 -55.27 5.83 34.68
CA PRO D 147 -53.83 6.07 34.80
C PRO D 147 -53.45 7.36 34.06
N ARG D 148 -52.16 7.63 34.03
CA ARG D 148 -51.66 8.81 33.36
C ARG D 148 -51.89 8.68 31.85
N PRO D 149 -52.06 9.80 31.15
CA PRO D 149 -52.24 9.73 29.70
C PRO D 149 -51.00 9.19 29.02
N PRO D 150 -51.15 8.49 27.90
CA PRO D 150 -49.97 7.97 27.19
C PRO D 150 -49.12 9.10 26.62
N ALA D 151 -47.81 8.83 26.52
CA ALA D 151 -46.88 9.82 26.01
C ALA D 151 -47.01 10.05 24.52
N THR D 152 -47.77 9.21 23.81
CA THR D 152 -47.94 9.39 22.37
C THR D 152 -48.61 10.72 22.06
N VAL D 153 -49.63 11.09 22.84
CA VAL D 153 -50.30 12.38 22.64
C VAL D 153 -49.33 13.53 22.88
N THR D 154 -48.56 13.45 23.95
CA THR D 154 -47.56 14.48 24.21
C THR D 154 -46.46 14.46 23.17
N ASN D 155 -46.05 13.27 22.72
CA ASN D 155 -45.00 13.16 21.72
C ASN D 155 -45.54 13.55 20.35
N ALA D 156 -44.62 13.75 19.41
CA ALA D 156 -45.00 14.13 18.06
C ALA D 156 -45.81 13.04 17.38
N VAL D 157 -45.39 11.79 17.55
CA VAL D 157 -46.09 10.65 16.94
C VAL D 157 -47.31 10.34 17.79
N SER D 158 -48.45 10.89 17.40
CA SER D 158 -49.70 10.63 18.10
C SER D 158 -50.60 9.64 17.35
N TRP D 159 -50.09 9.02 16.29
CA TRP D 159 -50.86 8.07 15.51
C TRP D 159 -50.28 6.67 15.52
N ARG D 160 -49.28 6.42 16.38
CA ARG D 160 -48.68 5.09 16.49
C ARG D 160 -48.33 4.90 17.95
N SER D 161 -49.10 4.08 18.65
CA SER D 161 -48.85 3.82 20.06
C SER D 161 -47.59 2.99 20.20
N GLU D 162 -46.68 3.44 21.05
CA GLU D 162 -45.43 2.73 21.27
C GLU D 162 -45.65 1.49 22.12
N GLY D 163 -44.74 0.53 21.99
CA GLY D 163 -44.80 -0.69 22.77
C GLY D 163 -45.72 -1.77 22.23
N ILE D 164 -46.29 -1.57 21.04
CA ILE D 164 -47.18 -2.56 20.47
C ILE D 164 -46.36 -3.75 20.00
N LYS D 165 -46.72 -4.95 20.48
CA LYS D 165 -46.01 -6.17 20.14
C LYS D 165 -47.01 -7.21 19.67
N TYR D 166 -46.65 -7.94 18.62
CA TYR D 166 -47.49 -8.99 18.07
C TYR D 166 -46.62 -10.21 17.76
N ARG D 167 -47.27 -11.37 17.71
CA ARG D 167 -46.55 -12.60 17.37
C ARG D 167 -45.98 -12.52 15.96
N LYS D 168 -46.76 -12.01 15.02
CA LYS D 168 -46.31 -11.81 13.65
C LYS D 168 -46.47 -10.34 13.26
N ASN D 169 -45.81 -9.96 12.18
CA ASN D 169 -45.84 -8.60 11.64
C ASN D 169 -46.47 -8.67 10.25
N GLU D 170 -47.80 -8.60 10.20
CA GLU D 170 -48.55 -8.67 8.95
C GLU D 170 -49.38 -7.41 8.80
N VAL D 171 -49.23 -6.74 7.67
CA VAL D 171 -49.99 -5.55 7.34
C VAL D 171 -50.76 -5.84 6.06
N PHE D 172 -52.08 -5.74 6.12
CA PHE D 172 -52.94 -6.01 4.98
C PHE D 172 -53.38 -4.68 4.37
N LEU D 173 -53.10 -4.51 3.08
CA LEU D 173 -53.48 -3.30 2.35
C LEU D 173 -54.73 -3.56 1.52
N ASP D 174 -55.38 -2.47 1.11
CA ASP D 174 -56.61 -2.56 0.33
C ASP D 174 -56.62 -1.39 -0.65
N VAL D 175 -56.33 -1.70 -1.92
CA VAL D 175 -56.37 -0.69 -2.98
C VAL D 175 -57.78 -0.72 -3.55
N ILE D 176 -58.67 0.04 -2.92
CA ILE D 176 -60.07 0.06 -3.31
C ILE D 176 -60.24 1.04 -4.46
N GLU D 177 -60.85 0.57 -5.55
CA GLU D 177 -61.10 1.41 -6.72
C GLU D 177 -62.52 1.95 -6.68
N ALA D 178 -62.66 3.21 -7.09
CA ALA D 178 -63.95 3.89 -7.10
C ALA D 178 -64.15 4.45 -8.51
N VAL D 179 -64.98 3.75 -9.29
CA VAL D 179 -65.26 4.15 -10.66
C VAL D 179 -66.52 5.01 -10.64
N ASN D 180 -66.36 6.31 -10.84
CA ASN D 180 -67.47 7.25 -10.90
C ASN D 180 -67.62 7.77 -12.32
N LEU D 181 -68.79 7.56 -12.91
CA LEU D 181 -69.07 7.99 -14.28
C LEU D 181 -70.35 8.79 -14.30
N LEU D 182 -70.32 9.96 -14.92
CA LEU D 182 -71.47 10.84 -15.06
C LEU D 182 -71.82 10.89 -16.54
N VAL D 183 -72.70 9.99 -16.96
CA VAL D 183 -73.12 9.88 -18.35
C VAL D 183 -74.44 10.63 -18.52
N SER D 184 -74.47 11.57 -19.46
CA SER D 184 -75.68 12.34 -19.70
C SER D 184 -76.68 11.53 -20.52
N ALA D 185 -77.90 12.08 -20.65
CA ALA D 185 -78.94 11.42 -21.41
C ALA D 185 -78.62 11.33 -22.90
N ASN D 186 -77.73 12.19 -23.40
CA ASN D 186 -77.35 12.15 -24.80
C ASN D 186 -76.44 10.97 -25.14
N GLY D 187 -75.90 10.29 -24.15
CA GLY D 187 -75.04 9.14 -24.36
C GLY D 187 -73.56 9.40 -24.09
N ASN D 188 -73.18 10.64 -23.80
CA ASN D 188 -71.80 10.98 -23.51
C ASN D 188 -71.57 11.07 -22.01
N VAL D 189 -70.34 10.80 -21.59
CA VAL D 189 -69.96 10.83 -20.18
C VAL D 189 -69.34 12.19 -19.88
N LEU D 190 -69.89 12.88 -18.89
CA LEU D 190 -69.41 14.21 -18.52
C LEU D 190 -68.38 14.15 -17.39
N ARG D 191 -68.77 13.58 -16.26
CA ARG D 191 -67.91 13.48 -15.09
C ARG D 191 -67.47 12.03 -14.96
N SER D 192 -66.22 11.75 -15.32
CA SER D 192 -65.63 10.42 -15.24
C SER D 192 -64.31 10.53 -14.48
N GLU D 193 -64.38 10.42 -13.16
CA GLU D 193 -63.21 10.52 -12.29
C GLU D 193 -63.09 9.27 -11.45
N ILE D 194 -61.86 8.80 -11.27
CA ILE D 194 -61.55 7.62 -10.47
C ILE D 194 -60.72 8.09 -9.29
N VAL D 195 -61.18 7.80 -8.08
CA VAL D 195 -60.52 8.22 -6.85
C VAL D 195 -59.95 6.98 -6.19
N GLY D 196 -58.63 6.93 -6.05
CA GLY D 196 -58.00 5.82 -5.36
C GLY D 196 -58.15 5.93 -3.86
N SER D 197 -57.99 4.79 -3.19
CA SER D 197 -58.12 4.73 -1.73
C SER D 197 -57.26 3.59 -1.23
N ILE D 198 -56.12 3.92 -0.62
CA ILE D 198 -55.20 2.94 -0.09
C ILE D 198 -55.50 2.83 1.40
N LYS D 199 -56.24 1.79 1.79
CA LYS D 199 -56.58 1.51 3.18
C LYS D 199 -55.79 0.28 3.61
N MET D 200 -55.00 0.43 4.67
CA MET D 200 -54.13 -0.64 5.15
C MET D 200 -54.46 -0.98 6.59
N ARG D 201 -54.43 -2.27 6.90
CA ARG D 201 -54.65 -2.79 8.25
C ARG D 201 -53.28 -3.24 8.76
N VAL D 202 -52.55 -2.32 9.36
CA VAL D 202 -51.20 -2.60 9.82
C VAL D 202 -51.26 -3.31 11.16
N PHE D 203 -50.58 -4.45 11.26
CA PHE D 203 -50.49 -5.21 12.51
C PHE D 203 -49.05 -5.71 12.60
N LEU D 204 -48.19 -4.91 13.22
CA LEU D 204 -46.78 -5.23 13.36
C LEU D 204 -46.35 -5.02 14.81
N SER D 205 -45.07 -5.25 15.07
CA SER D 205 -44.48 -5.10 16.40
C SER D 205 -43.56 -3.90 16.42
N GLY D 206 -43.77 -3.00 17.37
CA GLY D 206 -42.94 -1.81 17.49
C GLY D 206 -43.55 -0.59 16.83
N MET D 207 -42.71 0.29 16.29
CA MET D 207 -43.16 1.50 15.60
C MET D 207 -42.46 1.57 14.24
N PRO D 208 -42.87 0.72 13.31
CA PRO D 208 -42.23 0.73 11.98
C PRO D 208 -42.53 2.02 11.22
N GLU D 209 -41.57 2.43 10.42
CA GLU D 209 -41.68 3.63 9.59
C GLU D 209 -41.82 3.16 8.16
N LEU D 210 -43.06 2.99 7.73
CA LEU D 210 -43.33 2.48 6.39
C LEU D 210 -42.88 3.48 5.34
N ARG D 211 -42.27 2.98 4.27
CA ARG D 211 -41.82 3.78 3.14
C ARG D 211 -42.58 3.29 1.91
N LEU D 212 -43.75 3.89 1.68
CA LEU D 212 -44.60 3.46 0.57
C LEU D 212 -44.00 3.88 -0.76
N GLY D 213 -43.96 2.94 -1.70
CA GLY D 213 -43.45 3.22 -3.02
C GLY D 213 -44.27 2.55 -4.11
N LEU D 214 -44.75 3.35 -5.07
CA LEU D 214 -45.56 2.85 -6.17
C LEU D 214 -44.99 3.36 -7.49
N ASN D 215 -45.65 2.97 -8.59
CA ASN D 215 -45.23 3.38 -9.93
C ASN D 215 -45.91 4.69 -10.33
N ASP D 216 -45.57 5.74 -9.61
CA ASP D 216 -46.12 7.07 -9.89
C ASP D 216 -45.51 7.63 -11.16
N LYS D 217 -46.33 8.36 -11.92
CA LYS D 217 -45.83 8.99 -13.14
C LYS D 217 -44.78 10.05 -12.82
N VAL D 218 -45.03 10.85 -11.79
CA VAL D 218 -44.06 11.88 -11.40
C VAL D 218 -42.77 11.23 -10.92
N LEU D 219 -42.88 10.19 -10.11
CA LEU D 219 -41.68 9.50 -9.63
C LEU D 219 -40.92 8.86 -10.78
N PHE D 220 -41.63 8.25 -11.73
CA PHE D 220 -40.95 7.66 -12.88
C PHE D 220 -40.26 8.72 -13.71
N ASP D 221 -40.90 9.87 -13.90
CA ASP D 221 -40.26 10.95 -14.65
C ASP D 221 -39.02 11.46 -13.93
N ASN D 222 -39.10 11.63 -12.61
CA ASN D 222 -37.96 12.12 -11.86
C ASN D 222 -36.80 11.12 -11.90
N THR D 223 -37.10 9.83 -11.75
CA THR D 223 -36.05 8.83 -11.79
C THR D 223 -35.57 8.56 -13.21
N GLY D 224 -36.32 8.99 -14.21
CA GLY D 224 -35.97 8.75 -15.59
C GLY D 224 -36.67 7.58 -16.25
N ARG D 225 -37.62 6.95 -15.57
CA ARG D 225 -38.37 5.81 -16.11
C ARG D 225 -39.77 6.19 -16.53
N GLY D 226 -39.95 7.40 -17.06
CA GLY D 226 -41.25 7.86 -17.49
C GLY D 226 -41.67 7.33 -18.84
N LYS D 227 -41.53 6.01 -19.03
CA LYS D 227 -41.93 5.37 -20.27
C LYS D 227 -42.80 4.14 -20.08
N SER D 228 -42.90 3.60 -18.87
CA SER D 228 -43.73 2.45 -18.59
C SER D 228 -45.09 2.91 -18.06
N LYS D 229 -45.90 1.96 -17.59
CA LYS D 229 -47.22 2.27 -17.06
C LYS D 229 -47.07 2.96 -15.71
N SER D 230 -47.39 4.26 -15.66
CA SER D 230 -47.28 5.05 -14.45
C SER D 230 -48.63 5.70 -14.15
N VAL D 231 -49.01 5.69 -12.88
CA VAL D 231 -50.30 6.26 -12.48
C VAL D 231 -50.17 7.78 -12.40
N GLU D 232 -51.00 8.49 -13.15
CA GLU D 232 -51.01 9.95 -13.14
C GLU D 232 -52.15 10.41 -12.22
N LEU D 233 -51.88 10.40 -10.93
CA LEU D 233 -52.86 10.82 -9.94
C LEU D 233 -52.89 12.34 -9.88
N GLU D 234 -54.03 12.93 -10.26
CA GLU D 234 -54.15 14.38 -10.23
C GLU D 234 -54.05 14.92 -8.81
N ASP D 235 -54.69 14.26 -7.85
CA ASP D 235 -54.67 14.68 -6.46
C ASP D 235 -54.37 13.47 -5.59
N VAL D 236 -53.42 13.62 -4.67
CA VAL D 236 -53.05 12.57 -3.72
C VAL D 236 -53.16 13.16 -2.32
N LYS D 237 -53.98 12.53 -1.49
CA LYS D 237 -54.24 13.00 -0.14
C LYS D 237 -53.66 11.99 0.84
N PHE D 238 -52.53 12.35 1.44
CA PHE D 238 -51.87 11.48 2.41
C PHE D 238 -52.51 11.66 3.79
N HIS D 239 -52.32 10.64 4.62
CA HIS D 239 -52.86 10.65 5.97
C HIS D 239 -51.94 11.44 6.90
N GLN D 240 -52.30 11.50 8.19
CA GLN D 240 -51.49 12.21 9.16
C GLN D 240 -50.14 11.53 9.37
N CYS D 241 -50.07 10.22 9.16
CA CYS D 241 -48.80 9.50 9.34
C CYS D 241 -47.81 9.86 8.25
N VAL D 242 -48.27 10.12 7.03
CA VAL D 242 -47.37 10.46 5.94
C VAL D 242 -46.85 11.88 6.12
N ARG D 243 -45.53 12.05 6.01
CA ARG D 243 -44.91 13.35 6.18
C ARG D 243 -45.05 14.18 4.91
N LEU D 244 -45.59 15.40 5.04
CA LEU D 244 -45.79 16.25 3.88
C LEU D 244 -44.46 16.71 3.29
N SER D 245 -43.47 16.98 4.16
CA SER D 245 -42.17 17.44 3.68
C SER D 245 -41.49 16.40 2.81
N ARG D 246 -41.53 15.14 3.22
CA ARG D 246 -40.88 14.08 2.45
C ARG D 246 -41.51 13.92 1.07
N PHE D 247 -42.84 13.97 1.00
CA PHE D 247 -43.51 13.85 -0.29
C PHE D 247 -43.25 15.07 -1.15
N GLU D 248 -43.15 16.26 -0.53
CA GLU D 248 -42.90 17.46 -1.30
C GLU D 248 -41.48 17.50 -1.83
N ASN D 249 -40.53 16.91 -1.11
CA ASN D 249 -39.13 16.98 -1.52
C ASN D 249 -38.86 16.14 -2.75
N ASP D 250 -39.00 14.83 -2.64
CA ASP D 250 -38.69 13.94 -3.75
C ASP D 250 -39.75 12.86 -3.92
N ARG D 251 -41.00 13.20 -3.62
CA ARG D 251 -42.10 12.25 -3.74
C ARG D 251 -41.89 11.02 -2.86
N THR D 252 -41.29 11.21 -1.70
CA THR D 252 -41.00 10.12 -0.78
C THR D 252 -42.18 9.98 0.17
N ILE D 253 -42.87 8.84 0.10
CA ILE D 253 -44.00 8.54 0.97
C ILE D 253 -43.47 7.70 2.11
N SER D 254 -43.06 8.36 3.19
CA SER D 254 -42.53 7.70 4.38
C SER D 254 -43.35 8.15 5.59
N PHE D 255 -43.91 7.19 6.30
CA PHE D 255 -44.73 7.50 7.47
C PHE D 255 -44.80 6.27 8.35
N ILE D 256 -45.14 6.49 9.61
CA ILE D 256 -45.28 5.42 10.59
C ILE D 256 -46.73 4.94 10.53
N PRO D 257 -46.99 3.71 10.11
CA PRO D 257 -48.36 3.24 10.06
C PRO D 257 -48.93 3.08 11.46
N PRO D 258 -50.23 3.24 11.63
CA PRO D 258 -50.86 3.04 12.94
C PRO D 258 -51.16 1.57 13.17
N ASP D 259 -51.77 1.28 14.32
CA ASP D 259 -52.15 -0.09 14.69
C ASP D 259 -53.62 -0.28 14.36
N GLY D 260 -53.89 -1.00 13.28
CA GLY D 260 -55.25 -1.28 12.84
C GLY D 260 -55.45 -0.85 11.40
N GLU D 261 -56.71 -0.72 11.00
CA GLU D 261 -57.06 -0.32 9.65
C GLU D 261 -57.22 1.19 9.58
N PHE D 262 -56.58 1.80 8.60
CA PHE D 262 -56.64 3.24 8.42
C PHE D 262 -56.37 3.57 6.96
N GLU D 263 -56.74 4.80 6.57
CA GLU D 263 -56.56 5.28 5.20
C GLU D 263 -55.26 6.06 5.15
N LEU D 264 -54.27 5.52 4.44
CA LEU D 264 -52.97 6.19 4.33
C LEU D 264 -52.98 7.24 3.23
N MET D 265 -53.30 6.84 2.00
CA MET D 265 -53.31 7.74 0.87
C MET D 265 -54.62 7.59 0.11
N SER D 266 -55.07 8.70 -0.49
CA SER D 266 -56.32 8.74 -1.25
C SER D 266 -56.04 9.46 -2.55
N TYR D 267 -55.68 8.69 -3.58
CA TYR D 267 -55.43 9.27 -4.89
C TYR D 267 -56.75 9.66 -5.56
N ARG D 268 -56.67 10.63 -6.48
CA ARG D 268 -57.86 11.08 -7.20
C ARG D 268 -57.38 11.68 -8.51
N LEU D 269 -57.64 10.98 -9.62
CA LEU D 269 -57.24 11.44 -10.93
C LEU D 269 -58.37 11.18 -11.92
N ASN D 270 -58.43 11.99 -12.97
CA ASN D 270 -59.45 11.84 -13.99
C ASN D 270 -59.15 10.61 -14.85
N THR D 271 -60.20 10.10 -15.49
CA THR D 271 -60.10 8.92 -16.34
C THR D 271 -60.65 9.27 -17.73
N HIS D 272 -59.89 8.94 -18.77
CA HIS D 272 -60.28 9.21 -20.14
C HIS D 272 -60.51 7.94 -20.94
N VAL D 273 -60.70 6.81 -20.28
CA VAL D 273 -60.89 5.54 -20.95
C VAL D 273 -62.39 5.24 -21.04
N LYS D 274 -62.73 4.25 -21.86
CA LYS D 274 -64.12 3.86 -22.00
C LYS D 274 -64.64 3.23 -20.71
N PRO D 275 -65.93 3.36 -20.44
CA PRO D 275 -66.48 2.78 -19.21
C PRO D 275 -66.36 1.26 -19.21
N LEU D 276 -66.19 0.70 -18.01
CA LEU D 276 -66.11 -0.75 -17.88
C LEU D 276 -67.42 -1.41 -18.27
N ILE D 277 -68.54 -0.79 -17.92
CA ILE D 277 -69.86 -1.31 -18.25
C ILE D 277 -70.59 -0.26 -19.08
N TRP D 278 -71.10 -0.67 -20.23
CA TRP D 278 -71.87 0.19 -21.12
C TRP D 278 -73.32 -0.25 -21.07
N ILE D 279 -74.21 0.68 -20.73
CA ILE D 279 -75.64 0.39 -20.58
C ILE D 279 -76.39 1.13 -21.67
N GLU D 280 -77.12 0.37 -22.48
CA GLU D 280 -77.97 0.94 -23.51
C GLU D 280 -79.42 0.62 -23.16
N GLN D 300 -67.41 -3.50 -21.02
CA GLN D 300 -66.23 -3.05 -21.75
C GLN D 300 -64.91 -3.37 -21.05
N PHE D 301 -64.99 -3.97 -19.87
CA PHE D 301 -63.79 -4.31 -19.13
C PHE D 301 -63.12 -5.56 -19.73
N LYS D 302 -61.94 -5.89 -19.20
CA LYS D 302 -61.21 -7.05 -19.67
C LYS D 302 -61.96 -8.33 -19.35
N ARG D 303 -61.87 -9.30 -20.25
CA ARG D 303 -62.55 -10.57 -20.06
C ARG D 303 -61.99 -11.37 -18.90
N ARG D 304 -60.76 -11.09 -18.47
CA ARG D 304 -60.15 -11.82 -17.37
C ARG D 304 -60.68 -11.40 -16.01
N SER D 305 -61.39 -10.28 -15.94
CA SER D 305 -61.93 -9.78 -14.67
C SER D 305 -63.42 -10.10 -14.59
N THR D 306 -63.87 -10.45 -13.39
CA THR D 306 -65.26 -10.77 -13.11
C THR D 306 -65.82 -9.75 -12.15
N ALA D 307 -66.96 -9.14 -12.52
CA ALA D 307 -67.61 -8.13 -11.70
C ALA D 307 -68.59 -8.83 -10.77
N ASN D 308 -68.13 -9.17 -9.58
CA ASN D 308 -68.98 -9.85 -8.61
C ASN D 308 -70.01 -8.89 -8.04
N ASN D 309 -71.24 -9.38 -7.90
CA ASN D 309 -72.34 -8.60 -7.32
C ASN D 309 -72.63 -7.34 -8.14
N VAL D 310 -72.99 -7.55 -9.40
CA VAL D 310 -73.34 -6.46 -10.29
C VAL D 310 -74.79 -6.08 -10.01
N GLU D 311 -75.01 -4.82 -9.67
CA GLU D 311 -76.35 -4.31 -9.35
C GLU D 311 -76.58 -3.04 -10.14
N ILE D 312 -77.19 -3.18 -11.31
CA ILE D 312 -77.54 -2.04 -12.16
C ILE D 312 -78.96 -1.63 -11.82
N HIS D 313 -79.10 -0.50 -11.15
CA HIS D 313 -80.41 -0.03 -10.72
C HIS D 313 -81.07 0.72 -11.87
N ILE D 314 -82.24 0.24 -12.29
CA ILE D 314 -83.00 0.88 -13.35
C ILE D 314 -84.24 1.53 -12.74
N GLY D 350 -66.12 -10.52 -17.93
CA GLY D 350 -65.75 -9.40 -18.78
C GLY D 350 -66.10 -9.65 -20.22
N GLY D 351 -66.61 -8.62 -20.88
CA GLY D 351 -67.05 -8.74 -22.25
C GLY D 351 -68.43 -9.31 -22.44
N LYS D 352 -69.13 -9.65 -21.37
CA LYS D 352 -70.47 -10.20 -21.48
C LYS D 352 -71.48 -9.13 -21.86
N ILE D 376 -79.83 6.14 -13.52
CA ILE D 376 -79.56 4.72 -13.32
C ILE D 376 -78.14 4.55 -12.80
N SER D 377 -78.00 3.89 -11.66
CA SER D 377 -76.71 3.69 -11.00
C SER D 377 -76.38 2.21 -10.99
N VAL D 378 -75.17 1.87 -11.41
CA VAL D 378 -74.69 0.50 -11.41
C VAL D 378 -73.86 0.26 -10.17
N LYS D 379 -73.95 -0.95 -9.62
CA LYS D 379 -73.23 -1.33 -8.42
C LYS D 379 -72.22 -2.42 -8.70
N PHE D 380 -71.51 -2.29 -9.81
CA PHE D 380 -70.50 -3.29 -10.15
C PHE D 380 -69.32 -3.21 -9.20
N GLU D 381 -68.78 -4.36 -8.84
CA GLU D 381 -67.61 -4.46 -7.97
C GLU D 381 -66.77 -5.63 -8.46
N ILE D 382 -65.76 -5.33 -9.27
CA ILE D 382 -64.91 -6.35 -9.88
C ILE D 382 -63.59 -6.38 -9.11
N PRO D 383 -63.30 -7.43 -8.35
CA PRO D 383 -62.04 -7.47 -7.62
C PRO D 383 -60.88 -7.90 -8.51
N TYR D 384 -59.67 -7.64 -8.02
CA TYR D 384 -58.44 -7.98 -8.73
C TYR D 384 -58.37 -7.29 -10.10
N PHE D 385 -58.85 -6.06 -10.16
CA PHE D 385 -58.84 -5.29 -11.40
C PHE D 385 -58.43 -3.86 -11.06
N THR D 386 -57.29 -3.43 -11.58
CA THR D 386 -56.79 -2.08 -11.36
C THR D 386 -57.01 -1.28 -12.64
N THR D 387 -58.08 -0.49 -12.66
CA THR D 387 -58.40 0.31 -13.85
C THR D 387 -57.33 1.36 -14.11
N SER D 388 -56.83 2.01 -13.05
CA SER D 388 -55.81 3.04 -13.21
C SER D 388 -54.46 2.46 -13.59
N GLY D 389 -54.23 1.17 -13.39
CA GLY D 389 -52.97 0.55 -13.74
C GLY D 389 -51.84 0.83 -12.77
N ILE D 390 -52.12 1.44 -11.63
CA ILE D 390 -51.09 1.73 -10.65
C ILE D 390 -50.73 0.44 -9.91
N GLN D 391 -49.44 0.12 -9.88
CA GLN D 391 -48.95 -1.08 -9.23
C GLN D 391 -48.00 -0.65 -8.11
N VAL D 392 -48.19 -1.25 -6.93
CA VAL D 392 -47.34 -0.92 -5.79
C VAL D 392 -45.94 -1.47 -6.05
N ARG D 393 -44.93 -0.63 -5.85
CA ARG D 393 -43.54 -1.00 -6.11
C ARG D 393 -42.87 -1.62 -4.89
N TYR D 394 -42.88 -0.92 -3.76
CA TYR D 394 -42.23 -1.42 -2.56
C TYR D 394 -42.82 -0.74 -1.33
N LEU D 395 -42.57 -1.35 -0.17
CA LEU D 395 -43.01 -0.83 1.11
C LEU D 395 -41.86 -1.00 2.10
N LYS D 396 -41.13 0.08 2.35
CA LYS D 396 -39.92 0.04 3.18
C LYS D 396 -40.34 -0.05 4.64
N ILE D 397 -40.39 -1.27 5.17
CA ILE D 397 -40.72 -1.50 6.56
C ILE D 397 -39.41 -1.54 7.34
N ILE D 398 -39.15 -0.49 8.11
CA ILE D 398 -37.93 -0.36 8.90
C ILE D 398 -38.33 -0.23 10.36
N GLU D 399 -37.72 -1.04 11.22
CA GLU D 399 -37.96 -1.01 12.66
C GLU D 399 -36.64 -0.97 13.39
N LYS D 400 -36.62 -0.25 14.52
CA LYS D 400 -35.40 -0.15 15.31
C LYS D 400 -34.98 -1.51 15.85
N SER D 401 -35.94 -2.30 16.33
CA SER D 401 -35.62 -3.64 16.82
C SER D 401 -35.11 -4.54 15.70
N GLY D 402 -35.73 -4.47 14.53
CA GLY D 402 -35.31 -5.30 13.42
C GLY D 402 -36.09 -6.58 13.30
N TYR D 403 -36.95 -6.66 12.27
CA TYR D 403 -37.76 -7.84 12.06
C TYR D 403 -38.09 -7.96 10.58
N GLN D 404 -38.48 -9.17 10.18
CA GLN D 404 -38.84 -9.45 8.79
C GLN D 404 -40.36 -9.33 8.65
N ALA D 405 -40.81 -8.25 8.02
CA ALA D 405 -42.23 -8.02 7.83
C ALA D 405 -42.75 -8.84 6.65
N LEU D 406 -44.07 -9.03 6.63
CA LEU D 406 -44.75 -9.76 5.57
C LEU D 406 -45.91 -8.90 5.06
N PRO D 407 -45.61 -7.84 4.31
CA PRO D 407 -46.67 -6.96 3.84
C PRO D 407 -47.58 -7.66 2.85
N TRP D 408 -48.84 -7.25 2.85
CA TRP D 408 -49.84 -7.79 1.94
C TRP D 408 -50.79 -6.67 1.54
N VAL D 409 -51.40 -6.84 0.36
CA VAL D 409 -52.32 -5.83 -0.15
C VAL D 409 -53.15 -6.49 -1.25
N ARG D 410 -54.39 -6.02 -1.40
CA ARG D 410 -55.31 -6.51 -2.41
C ARG D 410 -55.95 -5.32 -3.12
N TYR D 411 -56.22 -5.50 -4.41
CA TYR D 411 -56.83 -4.46 -5.25
C TYR D 411 -58.27 -4.83 -5.52
N ILE D 412 -59.18 -3.94 -5.18
CA ILE D 412 -60.62 -4.14 -5.37
C ILE D 412 -61.14 -2.99 -6.21
N THR D 413 -61.82 -3.32 -7.30
CA THR D 413 -62.42 -2.32 -8.18
C THR D 413 -63.93 -2.36 -7.97
N GLN D 414 -64.49 -1.21 -7.60
CA GLN D 414 -65.92 -1.09 -7.38
C GLN D 414 -66.43 0.14 -8.11
N ASN D 415 -67.75 0.26 -8.17
CA ASN D 415 -68.41 1.38 -8.85
C ASN D 415 -68.74 2.46 -7.83
N GLY D 416 -68.28 3.68 -8.11
CA GLY D 416 -68.52 4.79 -7.21
C GLY D 416 -69.74 5.60 -7.63
N ASP D 417 -69.51 6.79 -8.17
CA ASP D 417 -70.59 7.64 -8.68
C ASP D 417 -70.88 7.30 -10.13
N TYR D 418 -71.12 6.01 -10.38
CA TYR D 418 -71.37 5.50 -11.72
C TYR D 418 -72.87 5.54 -12.02
N GLN D 419 -73.36 6.75 -12.21
CA GLN D 419 -74.76 7.00 -12.52
C GLN D 419 -74.93 7.31 -14.01
N LEU D 420 -76.06 6.88 -14.56
CA LEU D 420 -76.37 7.08 -15.97
C LEU D 420 -77.61 7.96 -16.05
N ARG D 421 -77.49 9.10 -16.73
CA ARG D 421 -78.61 10.01 -16.86
C ARG D 421 -79.71 9.40 -17.72
N THR D 422 -80.94 9.59 -17.29
CA THR D 422 -82.09 9.07 -18.02
C THR D 422 -82.54 10.06 -19.09
N GLN D 423 -83.32 9.57 -20.04
CA GLN D 423 -83.83 10.40 -21.13
C GLN D 423 -85.13 11.07 -20.75
N GLY E 1 -15.26 -34.94 22.74
CA GLY E 1 -16.04 -33.74 22.98
C GLY E 1 -17.42 -33.80 22.36
N ASN E 2 -18.35 -33.03 22.93
CA ASN E 2 -19.73 -32.97 22.45
C ASN E 2 -20.08 -31.53 22.11
N ILE E 3 -20.79 -31.36 21.00
CA ILE E 3 -21.20 -30.03 20.54
C ILE E 3 -22.71 -29.96 20.47
N PHE E 4 -23.39 -30.78 21.28
CA PHE E 4 -24.85 -30.75 21.31
C PHE E 4 -25.37 -29.43 21.86
N ALA E 5 -24.72 -28.89 22.89
CA ALA E 5 -25.15 -27.61 23.45
C ALA E 5 -25.02 -26.49 22.43
N ASN E 6 -23.93 -26.47 21.67
CA ASN E 6 -23.75 -25.45 20.64
C ASN E 6 -24.84 -25.55 19.57
N LEU E 7 -25.17 -26.77 19.16
CA LEU E 7 -26.23 -26.96 18.17
C LEU E 7 -27.58 -26.51 18.71
N PHE E 8 -27.87 -26.83 19.98
CA PHE E 8 -29.12 -26.40 20.58
C PHE E 8 -29.19 -24.88 20.68
N LYS E 9 -28.09 -24.23 21.03
CA LYS E 9 -28.06 -22.78 21.10
C LYS E 9 -28.25 -22.17 19.71
N GLY E 10 -27.62 -22.75 18.69
CA GLY E 10 -27.76 -22.24 17.34
C GLY E 10 -29.11 -22.51 16.73
N LEU E 11 -29.85 -23.50 17.23
CA LEU E 11 -31.18 -23.77 16.73
C LEU E 11 -32.13 -22.60 16.97
N PHE E 12 -31.89 -21.84 18.04
CA PHE E 12 -32.70 -20.67 18.35
C PHE E 12 -31.93 -19.37 18.25
N GLY E 13 -30.65 -19.41 17.87
CA GLY E 13 -29.85 -18.20 17.75
C GLY E 13 -28.85 -18.04 18.87
N LYS E 14 -27.56 -18.08 18.53
CA LYS E 14 -26.51 -17.95 19.53
C LYS E 14 -25.51 -16.85 19.20
N LYS E 15 -25.22 -16.64 17.93
CA LYS E 15 -24.23 -15.64 17.55
C LYS E 15 -24.75 -14.22 17.82
N GLU E 16 -23.86 -13.36 18.28
CA GLU E 16 -24.18 -11.97 18.57
C GLU E 16 -23.42 -11.00 17.69
N MET E 17 -22.10 -11.14 17.61
CA MET E 17 -21.29 -10.29 16.76
C MET E 17 -20.96 -8.97 17.45
N ARG E 18 -20.12 -8.15 16.82
CA ARG E 18 -19.74 -6.85 17.35
C ARG E 18 -19.67 -5.85 16.22
N ILE E 19 -19.43 -4.58 16.56
CA ILE E 19 -19.37 -3.51 15.58
C ILE E 19 -18.64 -2.32 16.21
N LEU E 20 -18.10 -1.45 15.37
CA LEU E 20 -17.40 -0.26 15.81
C LEU E 20 -18.00 0.95 15.13
N MET E 21 -17.90 2.10 15.79
CA MET E 21 -18.46 3.35 15.30
C MET E 21 -17.40 4.43 15.42
N VAL E 22 -16.80 4.78 14.28
CA VAL E 22 -15.77 5.81 14.22
C VAL E 22 -16.14 6.81 13.12
N GLY E 23 -15.54 7.98 13.20
CA GLY E 23 -15.79 9.03 12.23
C GLY E 23 -15.52 10.40 12.83
N LEU E 24 -15.67 11.41 11.97
CA LEU E 24 -15.39 12.77 12.38
C LEU E 24 -16.47 13.29 13.33
N ASP E 25 -16.11 14.30 14.11
CA ASP E 25 -17.05 14.89 15.04
C ASP E 25 -18.16 15.61 14.29
N ALA E 26 -19.35 15.62 14.90
CA ALA E 26 -20.53 16.24 14.31
C ALA E 26 -20.95 15.55 13.02
N ALA E 27 -20.69 14.25 12.92
CA ALA E 27 -21.02 13.48 11.74
C ALA E 27 -22.30 12.68 11.87
N GLY E 28 -23.07 12.91 12.94
CA GLY E 28 -24.28 12.15 13.17
C GLY E 28 -24.07 10.79 13.80
N LYS E 29 -22.86 10.50 14.27
CA LYS E 29 -22.58 9.20 14.85
C LYS E 29 -23.38 8.98 16.12
N THR E 30 -23.43 9.99 16.98
CA THR E 30 -24.18 9.85 18.22
C THR E 30 -25.67 9.71 17.93
N THR E 31 -26.19 10.51 17.00
CA THR E 31 -27.60 10.41 16.66
C THR E 31 -27.92 9.06 16.05
N ILE E 32 -27.02 8.57 15.18
CA ILE E 32 -27.23 7.26 14.57
C ILE E 32 -27.23 6.17 15.63
N LEU E 33 -26.30 6.25 16.58
CA LEU E 33 -26.25 5.26 17.63
C LEU E 33 -27.50 5.31 18.49
N TYR E 34 -27.98 6.51 18.81
CA TYR E 34 -29.20 6.63 19.59
C TYR E 34 -30.39 6.05 18.85
N LYS E 35 -30.48 6.31 17.55
CA LYS E 35 -31.58 5.76 16.76
C LYS E 35 -31.51 4.24 16.69
N LEU E 36 -30.31 3.69 16.52
CA LEU E 36 -30.16 2.24 16.47
C LEU E 36 -30.51 1.61 17.82
N LYS E 37 -30.11 2.25 18.92
CA LYS E 37 -30.36 1.69 20.24
C LYS E 37 -31.78 1.98 20.69
N LEU E 38 -32.20 3.24 20.63
CA LEU E 38 -33.53 3.64 21.10
C LEU E 38 -34.52 3.82 19.97
N GLY E 39 -34.23 4.69 19.02
CA GLY E 39 -35.15 4.97 17.93
C GLY E 39 -35.70 6.37 17.95
N GLU E 40 -34.97 7.30 18.55
CA GLU E 40 -35.38 8.70 18.63
C GLU E 40 -34.18 9.59 18.34
N ILE E 41 -34.47 10.78 17.83
CA ILE E 41 -33.44 11.75 17.47
C ILE E 41 -33.17 12.60 18.72
N VAL E 42 -32.13 12.23 19.47
CA VAL E 42 -31.75 12.94 20.69
C VAL E 42 -30.54 13.83 20.39
N THR E 43 -30.62 15.09 20.78
CA THR E 43 -29.53 16.04 20.59
C THR E 43 -28.59 15.97 21.79
N THR E 44 -27.30 15.78 21.52
CA THR E 44 -26.30 15.63 22.56
C THR E 44 -25.09 16.51 22.25
N ILE E 45 -24.34 16.83 23.29
CA ILE E 45 -23.11 17.61 23.16
C ILE E 45 -22.05 16.75 22.50
N PRO E 46 -20.97 17.34 21.99
CA PRO E 46 -19.93 16.54 21.34
C PRO E 46 -19.37 15.48 22.29
N THR E 47 -19.11 14.30 21.74
CA THR E 47 -18.68 13.15 22.53
C THR E 47 -17.22 13.34 22.93
N ILE E 48 -16.99 13.78 24.17
CA ILE E 48 -15.64 13.94 24.67
C ILE E 48 -14.93 12.60 24.75
N GLY E 49 -15.61 11.58 25.26
CA GLY E 49 -15.03 10.26 25.36
C GLY E 49 -15.51 9.32 24.27
N PHE E 50 -16.29 8.32 24.64
CA PHE E 50 -16.81 7.37 23.68
C PHE E 50 -18.10 6.80 24.24
N ASN E 51 -18.89 6.20 23.35
CA ASN E 51 -20.17 5.62 23.70
C ASN E 51 -20.18 4.15 23.31
N VAL E 52 -20.64 3.30 24.22
CA VAL E 52 -20.74 1.86 24.00
C VAL E 52 -22.18 1.44 24.19
N GLU E 53 -22.74 0.78 23.19
CA GLU E 53 -24.12 0.31 23.24
C GLU E 53 -24.22 -0.97 22.43
N THR E 54 -25.40 -1.60 22.50
CA THR E 54 -25.66 -2.84 21.78
C THR E 54 -27.03 -2.76 21.13
N VAL E 55 -27.14 -3.41 19.98
CA VAL E 55 -28.40 -3.46 19.22
C VAL E 55 -28.73 -4.92 18.95
N GLU E 56 -29.93 -5.34 19.30
CA GLU E 56 -30.41 -6.70 19.09
C GLU E 56 -31.33 -6.69 17.88
N TYR E 57 -30.87 -7.27 16.79
CA TYR E 57 -31.67 -7.33 15.57
C TYR E 57 -31.32 -8.61 14.84
N LYS E 58 -32.34 -9.28 14.33
CA LYS E 58 -32.18 -10.54 13.63
C LYS E 58 -31.53 -11.60 14.51
N ASN E 59 -31.81 -11.57 15.81
CA ASN E 59 -31.25 -12.50 16.77
C ASN E 59 -29.75 -12.33 16.98
N ILE E 60 -29.20 -11.17 16.61
CA ILE E 60 -27.78 -10.90 16.75
C ILE E 60 -27.63 -9.63 17.57
N SER E 61 -26.82 -9.72 18.63
CA SER E 61 -26.58 -8.58 19.50
C SER E 61 -25.40 -7.80 18.93
N PHE E 62 -25.71 -6.76 18.17
CA PHE E 62 -24.69 -5.94 17.53
C PHE E 62 -24.23 -4.87 18.51
N THR E 63 -23.10 -5.11 19.16
CA THR E 63 -22.53 -4.14 20.09
C THR E 63 -21.79 -3.08 19.30
N VAL E 64 -22.12 -1.82 19.57
CA VAL E 64 -21.53 -0.69 18.86
C VAL E 64 -20.74 0.16 19.86
N TRP E 65 -19.51 0.49 19.50
CA TRP E 65 -18.64 1.33 20.32
C TRP E 65 -18.39 2.64 19.57
N ASP E 66 -19.20 3.66 19.87
CA ASP E 66 -19.08 4.94 19.19
C ASP E 66 -17.78 5.63 19.58
N VAL E 67 -17.12 6.20 18.59
CA VAL E 67 -15.86 6.91 18.79
C VAL E 67 -16.00 8.30 18.18
N GLY E 68 -15.59 9.31 18.94
CA GLY E 68 -15.66 10.68 18.46
C GLY E 68 -14.58 11.03 17.46
N GLY E 69 -14.69 12.23 16.91
CA GLY E 69 -13.73 12.70 15.94
C GLY E 69 -12.90 13.88 16.41
N GLN E 70 -12.73 13.99 17.73
CA GLN E 70 -11.93 15.06 18.29
C GLN E 70 -10.45 14.86 17.95
N ASP E 71 -9.73 15.97 17.85
CA ASP E 71 -8.31 15.90 17.52
C ASP E 71 -7.54 15.18 18.61
N LYS E 72 -7.85 15.47 19.87
CA LYS E 72 -7.17 14.81 20.98
C LYS E 72 -7.60 13.37 21.14
N ILE E 73 -8.73 12.98 20.55
CA ILE E 73 -9.22 11.60 20.66
C ILE E 73 -8.95 10.79 19.41
N ARG E 74 -8.45 11.40 18.35
CA ARG E 74 -8.14 10.66 17.15
C ARG E 74 -7.10 9.58 17.41
N PRO E 75 -6.00 9.85 18.11
CA PRO E 75 -4.98 8.81 18.32
C PRO E 75 -5.37 7.79 19.36
N LEU E 76 -6.50 7.96 20.02
CA LEU E 76 -6.95 7.00 21.01
C LEU E 76 -7.75 5.86 20.43
N TRP E 77 -7.96 5.84 19.12
CA TRP E 77 -8.72 4.75 18.51
C TRP E 77 -7.97 3.43 18.53
N ARG E 78 -6.66 3.45 18.77
CA ARG E 78 -5.90 2.22 18.81
C ARG E 78 -6.25 1.36 19.99
N HIS E 79 -6.82 1.94 21.03
CA HIS E 79 -7.20 1.14 22.18
C HIS E 79 -8.34 0.19 21.84
N TYR E 80 -9.24 0.59 20.96
CA TYR E 80 -10.37 -0.25 20.59
C TYR E 80 -10.02 -1.26 19.53
N PHE E 81 -8.80 -1.24 19.03
CA PHE E 81 -8.39 -2.21 18.02
C PHE E 81 -8.24 -3.61 18.59
N GLN E 82 -8.15 -3.74 19.89
CA GLN E 82 -8.01 -5.05 20.52
C GLN E 82 -9.38 -5.64 20.77
N ASN E 83 -9.59 -6.87 20.30
CA ASN E 83 -10.87 -7.56 20.44
C ASN E 83 -11.98 -6.83 19.72
N THR E 84 -11.71 -6.46 18.47
CA THR E 84 -12.67 -5.76 17.62
C THR E 84 -12.98 -6.63 16.41
N GLN E 85 -14.26 -6.77 16.10
CA GLN E 85 -14.69 -7.59 14.96
C GLN E 85 -15.25 -6.79 13.80
N GLY E 86 -15.79 -5.58 14.05
CA GLY E 86 -16.35 -4.76 13.00
C GLY E 86 -15.82 -3.34 13.06
N LEU E 87 -16.14 -2.58 12.02
CA LEU E 87 -15.71 -1.19 11.94
C LEU E 87 -16.62 -0.46 10.96
N ILE E 88 -17.15 0.67 11.39
CA ILE E 88 -18.08 1.47 10.59
C ILE E 88 -17.50 2.87 10.45
N PHE E 89 -17.43 3.37 9.22
CA PHE E 89 -16.93 4.69 8.91
C PHE E 89 -18.10 5.58 8.51
N VAL E 90 -18.20 6.75 9.13
CA VAL E 90 -19.28 7.69 8.87
C VAL E 90 -18.68 8.88 8.14
N VAL E 91 -19.20 9.17 6.98
CA VAL E 91 -18.72 10.29 6.18
C VAL E 91 -19.56 11.52 6.49
N ASP E 92 -18.99 12.69 6.22
CA ASP E 92 -19.65 13.98 6.42
C ASP E 92 -19.61 14.74 5.11
N SER E 93 -20.65 14.56 4.28
CA SER E 93 -20.72 15.21 3.00
C SER E 93 -21.01 16.71 3.10
N ASN E 94 -21.44 17.19 4.25
CA ASN E 94 -21.74 18.60 4.43
C ASN E 94 -20.51 19.41 4.81
N ASP E 95 -19.37 18.77 5.02
CA ASP E 95 -18.12 19.45 5.40
C ASP E 95 -17.12 19.21 4.29
N ARG E 96 -17.10 20.10 3.30
CA ARG E 96 -16.15 19.96 2.20
C ARG E 96 -14.71 20.14 2.67
N GLU E 97 -14.49 21.10 3.58
CA GLU E 97 -13.13 21.36 4.06
C GLU E 97 -12.60 20.22 4.93
N ARG E 98 -13.49 19.45 5.56
CA ARG E 98 -13.08 18.35 6.42
C ARG E 98 -13.00 17.02 5.68
N VAL E 99 -13.33 16.98 4.40
CA VAL E 99 -13.27 15.73 3.65
C VAL E 99 -11.84 15.20 3.56
N ASN E 100 -10.89 16.10 3.29
CA ASN E 100 -9.50 15.67 3.20
C ASN E 100 -9.00 15.16 4.54
N GLU E 101 -9.36 15.84 5.63
CA GLU E 101 -8.95 15.38 6.95
C GLU E 101 -9.56 14.02 7.27
N ALA E 102 -10.83 13.83 6.94
CA ALA E 102 -11.47 12.55 7.18
C ALA E 102 -10.82 11.44 6.37
N ARG E 103 -10.48 11.74 5.12
CA ARG E 103 -9.81 10.75 4.29
C ARG E 103 -8.45 10.39 4.86
N GLU E 104 -7.69 11.40 5.32
CA GLU E 104 -6.39 11.12 5.91
C GLU E 104 -6.52 10.29 7.16
N GLU E 105 -7.51 10.60 7.99
CA GLU E 105 -7.72 9.82 9.22
C GLU E 105 -8.09 8.38 8.90
N LEU E 106 -8.95 8.19 7.90
CA LEU E 106 -9.33 6.84 7.52
C LEU E 106 -8.13 6.07 6.99
N MET E 107 -7.29 6.73 6.19
CA MET E 107 -6.10 6.08 5.67
C MET E 107 -5.14 5.71 6.78
N ARG E 108 -4.96 6.60 7.74
CA ARG E 108 -4.10 6.29 8.87
C ARG E 108 -4.65 5.12 9.67
N MET E 109 -5.95 5.11 9.90
CA MET E 109 -6.56 4.01 10.64
C MET E 109 -6.66 2.75 9.81
N LEU E 110 -6.79 2.89 8.50
CA LEU E 110 -6.91 1.72 7.65
C LEU E 110 -5.56 1.11 7.30
N ALA E 111 -4.46 1.74 7.71
CA ALA E 111 -3.13 1.25 7.42
C ALA E 111 -2.55 0.46 8.59
N GLU E 112 -3.41 -0.16 9.38
CA GLU E 112 -2.99 -0.95 10.54
C GLU E 112 -3.23 -2.42 10.24
N ASP E 113 -2.23 -3.25 10.50
CA ASP E 113 -2.33 -4.67 10.22
C ASP E 113 -3.17 -5.43 11.23
N GLU E 114 -3.44 -4.84 12.38
CA GLU E 114 -4.27 -5.50 13.37
C GLU E 114 -5.73 -5.56 12.94
N LEU E 115 -6.20 -4.51 12.27
CA LEU E 115 -7.58 -4.45 11.79
C LEU E 115 -7.59 -4.90 10.34
N ARG E 116 -7.70 -6.20 10.16
CA ARG E 116 -7.72 -6.79 8.83
C ARG E 116 -9.01 -7.55 8.52
N ASP E 117 -9.60 -8.22 9.50
CA ASP E 117 -10.83 -8.96 9.28
C ASP E 117 -12.07 -8.09 9.32
N ALA E 118 -11.93 -6.82 9.69
CA ALA E 118 -13.07 -5.92 9.78
C ALA E 118 -13.38 -5.39 8.39
N VAL E 119 -14.56 -5.74 7.86
CA VAL E 119 -14.94 -5.27 6.54
C VAL E 119 -15.29 -3.79 6.59
N LEU E 120 -15.21 -3.14 5.43
CA LEU E 120 -15.49 -1.71 5.34
C LEU E 120 -16.99 -1.46 5.46
N LEU E 121 -17.34 -0.40 6.18
CA LEU E 121 -18.74 -0.01 6.39
C LEU E 121 -18.80 1.52 6.31
N VAL E 122 -19.12 2.03 5.13
CA VAL E 122 -19.19 3.47 4.90
C VAL E 122 -20.65 3.88 4.98
N PHE E 123 -20.94 4.85 5.84
CA PHE E 123 -22.30 5.36 6.03
C PHE E 123 -22.32 6.82 5.59
N ALA E 124 -23.23 7.14 4.67
CA ALA E 124 -23.38 8.51 4.19
C ALA E 124 -24.37 9.22 5.10
N ASN E 125 -23.84 9.90 6.10
CA ASN E 125 -24.67 10.60 7.06
C ASN E 125 -25.00 12.01 6.57
N LYS E 126 -25.95 12.63 7.25
CA LYS E 126 -26.40 13.98 6.90
C LYS E 126 -27.04 14.02 5.53
N GLN E 127 -27.89 13.03 5.25
CA GLN E 127 -28.58 12.94 3.98
C GLN E 127 -29.90 13.71 4.01
N ASP E 128 -29.79 15.00 4.29
CA ASP E 128 -30.94 15.89 4.35
C ASP E 128 -30.77 17.21 3.62
N LEU E 129 -29.54 17.58 3.22
CA LEU E 129 -29.30 18.83 2.52
C LEU E 129 -29.03 18.58 1.05
N PRO E 130 -29.38 19.54 0.17
CA PRO E 130 -29.11 19.33 -1.26
C PRO E 130 -27.64 19.23 -1.61
N ASN E 131 -26.74 19.73 -0.76
CA ASN E 131 -25.31 19.70 -1.05
C ASN E 131 -24.70 18.31 -0.89
N ALA E 132 -25.43 17.35 -0.32
CA ALA E 132 -24.90 16.00 -0.17
C ALA E 132 -24.75 15.34 -1.53
N MET E 133 -23.67 14.58 -1.69
CA MET E 133 -23.39 13.89 -2.93
C MET E 133 -24.16 12.57 -2.98
N ASN E 134 -23.98 11.84 -4.08
CA ASN E 134 -24.65 10.56 -4.27
C ASN E 134 -23.87 9.46 -3.57
N ALA E 135 -24.26 8.20 -3.81
CA ALA E 135 -23.59 7.06 -3.21
C ALA E 135 -22.36 6.62 -3.98
N ALA E 136 -22.06 7.27 -5.10
CA ALA E 136 -20.90 6.94 -5.91
C ALA E 136 -19.85 8.04 -5.96
N GLU E 137 -20.26 9.31 -5.95
CA GLU E 137 -19.28 10.40 -5.95
C GLU E 137 -18.45 10.38 -4.69
N ILE E 138 -19.09 10.15 -3.55
CA ILE E 138 -18.36 10.08 -2.30
C ILE E 138 -17.39 8.91 -2.31
N THR E 139 -17.83 7.76 -2.79
CA THR E 139 -16.96 6.60 -2.85
C THR E 139 -15.78 6.85 -3.77
N ASP E 140 -16.05 7.49 -4.90
CA ASP E 140 -14.97 7.82 -5.82
C ASP E 140 -13.98 8.78 -5.19
N LYS E 141 -14.48 9.78 -4.46
CA LYS E 141 -13.60 10.73 -3.80
C LYS E 141 -12.76 10.04 -2.74
N LEU E 142 -13.37 9.12 -2.01
CA LEU E 142 -12.65 8.40 -0.96
C LEU E 142 -11.80 7.27 -1.48
N GLY E 143 -12.00 6.85 -2.72
CA GLY E 143 -11.20 5.78 -3.29
C GLY E 143 -11.38 4.44 -2.60
N LEU E 144 -12.63 4.08 -2.30
CA LEU E 144 -12.90 2.81 -1.65
C LEU E 144 -12.57 1.62 -2.54
N HIS E 145 -12.54 1.81 -3.85
CA HIS E 145 -12.23 0.71 -4.75
C HIS E 145 -10.76 0.31 -4.72
N SER E 146 -9.90 1.12 -4.12
CA SER E 146 -8.48 0.85 -4.04
C SER E 146 -8.09 0.13 -2.76
N LEU E 147 -9.05 -0.27 -1.96
CA LEU E 147 -8.79 -0.97 -0.70
C LEU E 147 -8.77 -2.47 -1.01
N ARG E 148 -7.57 -3.00 -1.24
CA ARG E 148 -7.42 -4.42 -1.56
C ARG E 148 -7.73 -5.27 -0.35
N HIS E 149 -8.43 -6.38 -0.59
CA HIS E 149 -8.82 -7.31 0.47
C HIS E 149 -9.73 -6.65 1.52
N ARG E 150 -10.55 -5.70 1.09
CA ARG E 150 -11.48 -5.01 1.97
C ARG E 150 -12.88 -5.08 1.40
N ASN E 151 -13.84 -5.53 2.20
CA ASN E 151 -15.23 -5.65 1.79
C ASN E 151 -15.95 -4.39 2.25
N TRP E 152 -16.05 -3.41 1.36
CA TRP E 152 -16.69 -2.14 1.66
C TRP E 152 -18.07 -2.09 1.01
N TYR E 153 -18.97 -1.36 1.63
CA TYR E 153 -20.33 -1.20 1.13
C TYR E 153 -20.78 0.23 1.40
N ILE E 154 -21.31 0.89 0.38
CA ILE E 154 -21.76 2.27 0.49
C ILE E 154 -23.25 2.27 0.82
N GLN E 155 -23.61 2.93 1.92
CA GLN E 155 -24.99 3.03 2.35
C GLN E 155 -25.27 4.45 2.83
N ALA E 156 -26.40 5.00 2.42
CA ALA E 156 -26.78 6.36 2.79
C ALA E 156 -27.84 6.29 3.89
N THR E 157 -27.57 6.96 5.00
CA THR E 157 -28.51 7.01 6.12
C THR E 157 -28.78 8.46 6.47
N CYS E 158 -30.05 8.80 6.62
CA CYS E 158 -30.47 10.16 6.98
C CYS E 158 -30.76 10.19 8.47
N ALA E 159 -30.09 11.10 9.19
CA ALA E 159 -30.28 11.19 10.63
C ALA E 159 -31.70 11.62 10.97
N THR E 160 -32.24 12.58 10.23
CA THR E 160 -33.59 13.08 10.52
C THR E 160 -34.65 12.04 10.21
N SER E 161 -34.48 11.30 9.11
CA SER E 161 -35.49 10.34 8.67
C SER E 161 -35.25 8.94 9.20
N GLY E 162 -33.99 8.47 9.21
CA GLY E 162 -33.68 7.13 9.67
C GLY E 162 -33.66 6.06 8.60
N ASP E 163 -33.92 6.42 7.35
CA ASP E 163 -33.93 5.43 6.29
C ASP E 163 -32.49 5.04 5.93
N GLY E 164 -32.32 3.77 5.57
CA GLY E 164 -31.04 3.23 5.21
C GLY E 164 -30.29 2.57 6.34
N LEU E 165 -30.72 2.77 7.58
CA LEU E 165 -30.07 2.08 8.69
C LEU E 165 -30.34 0.58 8.63
N TYR E 166 -31.57 0.20 8.28
CA TYR E 166 -31.90 -1.23 8.19
C TYR E 166 -31.08 -1.90 7.09
N GLU E 167 -30.92 -1.22 5.97
CA GLU E 167 -30.12 -1.79 4.88
C GLU E 167 -28.67 -1.98 5.32
N GLY E 168 -28.11 -0.99 6.01
CA GLY E 168 -26.75 -1.12 6.50
C GLY E 168 -26.61 -2.25 7.50
N LEU E 169 -27.58 -2.39 8.40
CA LEU E 169 -27.54 -3.48 9.36
C LEU E 169 -27.62 -4.82 8.66
N ASP E 170 -28.49 -4.94 7.66
CA ASP E 170 -28.59 -6.20 6.92
C ASP E 170 -27.30 -6.51 6.19
N TRP E 171 -26.68 -5.49 5.59
CA TRP E 171 -25.41 -5.72 4.90
C TRP E 171 -24.33 -6.16 5.88
N LEU E 172 -24.28 -5.54 7.05
CA LEU E 172 -23.31 -5.94 8.06
C LEU E 172 -23.55 -7.38 8.51
N SER E 173 -24.81 -7.74 8.70
CA SER E 173 -25.12 -9.11 9.10
C SER E 173 -24.74 -10.11 8.03
N ASN E 174 -24.98 -9.78 6.76
CA ASN E 174 -24.62 -10.67 5.68
C ASN E 174 -23.11 -10.80 5.56
N GLN E 175 -22.38 -9.71 5.79
CA GLN E 175 -20.92 -9.77 5.72
C GLN E 175 -20.35 -10.57 6.88
N LEU E 176 -20.91 -10.42 8.07
CA LEU E 176 -20.40 -11.13 9.23
C LEU E 176 -20.85 -12.58 9.24
N ARG E 177 -22.14 -12.82 9.05
CA ARG E 177 -22.71 -14.16 9.08
C ARG E 177 -22.81 -14.69 7.66
N ASN E 178 -22.27 -15.89 7.45
CA ASN E 178 -22.27 -16.54 6.14
C ASN E 178 -23.10 -17.82 6.15
N GLN E 179 -24.26 -17.78 6.80
CA GLN E 179 -25.15 -18.92 6.88
C GLN E 179 -26.53 -18.54 6.32
N LYS E 180 -27.45 -19.48 6.38
CA LYS E 180 -28.80 -19.26 5.88
C LYS E 180 -29.58 -18.34 6.81
N GLU F 14 0.01 -13.53 34.55
CA GLU F 14 -0.40 -12.63 35.62
C GLU F 14 -0.96 -11.33 35.04
N ILE F 15 -0.06 -10.42 34.66
CA ILE F 15 -0.49 -9.16 34.09
C ILE F 15 -1.22 -9.38 32.77
N PHE F 16 -0.67 -10.24 31.92
CA PHE F 16 -1.34 -10.55 30.66
C PHE F 16 -2.67 -11.24 30.90
N GLU F 17 -2.70 -12.20 31.84
CA GLU F 17 -3.94 -12.88 32.15
C GLU F 17 -4.97 -11.92 32.71
N LEU F 18 -4.54 -11.02 33.59
CA LEU F 18 -5.46 -10.04 34.13
C LEU F 18 -6.00 -9.12 33.05
N LYS F 19 -5.14 -8.69 32.13
CA LYS F 19 -5.59 -7.85 31.04
C LYS F 19 -6.58 -8.58 30.15
N ALA F 20 -6.31 -9.86 29.86
CA ALA F 20 -7.24 -10.63 29.05
C ALA F 20 -8.57 -10.79 29.74
N GLU F 21 -8.56 -11.04 31.06
CA GLU F 21 -9.81 -11.18 31.79
C GLU F 21 -10.59 -9.87 31.79
N LEU F 22 -9.89 -8.74 31.95
CA LEU F 22 -10.55 -7.44 31.97
C LEU F 22 -11.05 -7.04 30.60
N ASN F 23 -10.43 -7.55 29.54
CA ASN F 23 -10.86 -7.27 28.18
C ASN F 23 -11.83 -8.32 27.66
N SER F 24 -12.49 -9.04 28.55
CA SER F 24 -13.44 -10.06 28.17
C SER F 24 -14.86 -9.52 28.25
N ASP F 25 -15.79 -10.23 27.62
CA ASP F 25 -17.18 -9.83 27.59
C ASP F 25 -18.01 -10.44 28.69
N LYS F 26 -17.39 -11.19 29.60
CA LYS F 26 -18.10 -11.86 30.69
C LYS F 26 -17.98 -11.01 31.95
N LYS F 27 -19.13 -10.71 32.56
CA LYS F 27 -19.12 -9.92 33.77
C LYS F 27 -18.57 -10.69 34.96
N GLU F 28 -18.74 -12.02 34.96
CA GLU F 28 -18.23 -12.82 36.06
C GLU F 28 -16.72 -12.75 36.15
N LYS F 29 -16.03 -12.78 35.00
CA LYS F 29 -14.58 -12.61 34.99
C LYS F 29 -14.17 -11.18 35.21
N LYS F 30 -14.97 -10.22 34.73
CA LYS F 30 -14.64 -8.81 34.93
C LYS F 30 -14.67 -8.45 36.41
N LYS F 31 -15.66 -8.93 37.16
CA LYS F 31 -15.72 -8.62 38.58
C LYS F 31 -14.53 -9.22 39.33
N GLU F 32 -14.16 -10.46 39.00
CA GLU F 32 -13.01 -11.08 39.64
C GLU F 32 -11.73 -10.33 39.31
N ALA F 33 -11.59 -9.89 38.05
CA ALA F 33 -10.41 -9.12 37.68
C ALA F 33 -10.36 -7.80 38.42
N VAL F 34 -11.50 -7.14 38.57
CA VAL F 34 -11.52 -5.88 39.30
C VAL F 34 -11.13 -6.09 40.75
N LYS F 35 -11.66 -7.16 41.36
CA LYS F 35 -11.30 -7.46 42.74
C LYS F 35 -9.82 -7.76 42.86
N LYS F 36 -9.27 -8.52 41.92
CA LYS F 36 -7.85 -8.82 41.97
C LYS F 36 -7.01 -7.56 41.81
N VAL F 37 -7.44 -6.67 40.91
CA VAL F 37 -6.69 -5.43 40.70
C VAL F 37 -6.73 -4.56 41.94
N ILE F 38 -7.90 -4.50 42.59
CA ILE F 38 -8.00 -3.73 43.81
C ILE F 38 -7.11 -4.32 44.88
N ALA F 39 -7.10 -5.65 44.99
CA ALA F 39 -6.26 -6.30 46.00
C ALA F 39 -4.79 -6.06 45.74
N SER F 40 -4.38 -6.10 44.47
CA SER F 40 -2.97 -5.91 44.15
C SER F 40 -2.52 -4.50 44.51
N MET F 41 -3.35 -3.50 44.24
CA MET F 41 -3.01 -2.14 44.63
C MET F 41 -2.94 -2.02 46.15
N THR F 42 -3.90 -2.61 46.85
CA THR F 42 -3.88 -2.57 48.31
C THR F 42 -2.78 -3.46 48.87
N VAL F 43 -2.42 -4.52 48.13
CA VAL F 43 -1.35 -5.41 48.55
C VAL F 43 0.00 -4.77 48.31
N GLY F 44 0.03 -3.66 47.60
CA GLY F 44 1.25 -2.96 47.33
C GLY F 44 1.85 -3.31 45.99
N LYS F 45 1.01 -3.42 44.97
CA LYS F 45 1.45 -3.75 43.63
C LYS F 45 1.18 -2.55 42.73
N ASP F 46 2.18 -2.16 41.97
CA ASP F 46 2.07 -1.02 41.05
C ASP F 46 1.26 -1.46 39.85
N VAL F 47 -0.05 -1.22 39.90
CA VAL F 47 -0.96 -1.58 38.83
C VAL F 47 -1.33 -0.39 37.95
N SER F 48 -0.54 0.68 37.99
CA SER F 48 -0.83 1.86 37.18
C SER F 48 -0.59 1.61 35.70
N ALA F 49 0.17 0.57 35.34
CA ALA F 49 0.40 0.28 33.93
C ALA F 49 -0.85 -0.25 33.25
N LEU F 50 -1.79 -0.80 34.00
CA LEU F 50 -3.02 -1.34 33.45
C LEU F 50 -4.18 -0.36 33.52
N PHE F 51 -3.92 0.88 33.86
CA PHE F 51 -4.99 1.87 33.91
C PHE F 51 -5.70 2.05 32.59
N PRO F 52 -5.01 2.20 31.47
CA PRO F 52 -5.74 2.28 30.20
C PRO F 52 -6.54 1.05 29.89
N ASP F 53 -6.07 -0.13 30.30
CA ASP F 53 -6.85 -1.35 30.09
C ASP F 53 -8.15 -1.32 30.88
N VAL F 54 -8.09 -0.85 32.11
CA VAL F 54 -9.31 -0.75 32.90
C VAL F 54 -10.20 0.37 32.41
N VAL F 55 -9.67 1.27 31.58
CA VAL F 55 -10.49 2.37 31.08
C VAL F 55 -11.59 1.84 30.19
N ASN F 56 -11.31 0.78 29.43
CA ASN F 56 -12.33 0.23 28.55
C ASN F 56 -13.52 -0.29 29.33
N CYS F 57 -13.26 -0.98 30.44
CA CYS F 57 -14.33 -1.52 31.26
C CYS F 57 -14.69 -0.53 32.38
N MET F 58 -15.30 0.58 31.97
CA MET F 58 -15.69 1.63 32.89
C MET F 58 -17.20 1.86 32.96
N GLN F 59 -17.86 1.97 31.82
CA GLN F 59 -19.30 2.19 31.79
C GLN F 59 -19.98 0.84 31.98
N THR F 60 -20.18 0.48 33.24
CA THR F 60 -20.78 -0.80 33.60
C THR F 60 -22.05 -0.56 34.40
N ASP F 61 -23.04 -1.42 34.18
CA ASP F 61 -24.31 -1.29 34.89
C ASP F 61 -24.17 -1.68 36.36
N ASN F 62 -23.34 -2.68 36.67
CA ASN F 62 -23.17 -3.13 38.04
C ASN F 62 -22.47 -2.06 38.87
N LEU F 63 -23.06 -1.72 40.01
CA LEU F 63 -22.49 -0.70 40.86
C LEU F 63 -21.26 -1.18 41.61
N GLU F 64 -21.13 -2.50 41.80
CA GLU F 64 -19.99 -3.04 42.53
C GLU F 64 -18.69 -2.78 41.79
N LEU F 65 -18.68 -2.98 40.48
CA LEU F 65 -17.46 -2.74 39.71
C LEU F 65 -17.20 -1.26 39.47
N LYS F 66 -18.26 -0.45 39.43
CA LYS F 66 -18.08 0.98 39.17
C LYS F 66 -17.31 1.65 40.30
N LYS F 67 -17.63 1.29 41.54
CA LYS F 67 -16.91 1.89 42.66
C LYS F 67 -15.43 1.53 42.63
N LEU F 68 -15.13 0.27 42.34
CA LEU F 68 -13.73 -0.14 42.28
C LEU F 68 -13.02 0.56 41.16
N VAL F 69 -13.68 0.71 40.02
CA VAL F 69 -13.07 1.40 38.90
C VAL F 69 -12.79 2.85 39.25
N TYR F 70 -13.75 3.51 39.90
CA TYR F 70 -13.56 4.89 40.29
C TYR F 70 -12.42 5.02 41.27
N LEU F 71 -12.32 4.09 42.22
CA LEU F 71 -11.23 4.13 43.19
C LEU F 71 -9.89 3.93 42.51
N TYR F 72 -9.81 2.99 41.58
CA TYR F 72 -8.56 2.77 40.87
C TYR F 72 -8.16 3.99 40.05
N LEU F 73 -9.15 4.64 39.41
CA LEU F 73 -8.85 5.83 38.63
C LEU F 73 -8.37 6.96 39.52
N MET F 74 -9.00 7.13 40.67
CA MET F 74 -8.56 8.16 41.59
C MET F 74 -7.14 7.88 42.07
N ASN F 75 -6.84 6.61 42.38
CA ASN F 75 -5.52 6.24 42.84
C ASN F 75 -4.50 6.17 41.71
N TYR F 76 -4.97 6.10 40.47
CA TYR F 76 -4.09 6.05 39.32
C TYR F 76 -4.31 7.25 38.41
N ALA F 77 -4.69 8.38 38.99
CA ALA F 77 -4.95 9.60 38.23
C ALA F 77 -3.70 10.47 38.08
N LYS F 78 -3.01 10.75 39.18
CA LYS F 78 -1.78 11.53 39.10
C LYS F 78 -0.66 10.76 38.42
N SER F 79 -0.67 9.43 38.55
CA SER F 79 0.37 8.62 37.92
C SER F 79 0.32 8.71 36.39
N GLN F 80 -0.89 8.69 35.82
CA GLN F 80 -1.08 8.74 34.37
C GLN F 80 -2.13 9.80 34.04
N PRO F 81 -1.77 11.08 34.22
CA PRO F 81 -2.74 12.13 33.88
C PRO F 81 -3.15 12.13 32.43
N ASP F 82 -2.24 11.77 31.53
CA ASP F 82 -2.58 11.74 30.11
C ASP F 82 -3.64 10.68 29.84
N MET F 83 -3.52 9.52 30.47
CA MET F 83 -4.48 8.44 30.25
C MET F 83 -5.83 8.73 30.90
N ALA F 84 -5.92 9.76 31.71
CA ALA F 84 -7.17 10.09 32.36
C ALA F 84 -8.09 10.93 31.48
N ILE F 85 -7.64 11.30 30.28
CA ILE F 85 -8.47 12.10 29.40
C ILE F 85 -9.61 11.29 28.82
N MET F 86 -9.58 9.97 29.02
CA MET F 86 -10.61 9.09 28.51
C MET F 86 -11.69 8.78 29.53
N ALA F 87 -11.96 9.72 30.43
CA ALA F 87 -12.99 9.53 31.44
C ALA F 87 -13.96 10.70 31.59
N VAL F 88 -13.75 11.79 30.86
CA VAL F 88 -14.64 12.94 30.97
C VAL F 88 -16.04 12.59 30.50
N ASN F 89 -16.12 11.87 29.37
CA ASN F 89 -17.42 11.48 28.85
C ASN F 89 -18.14 10.56 29.82
N THR F 90 -17.43 9.62 30.42
CA THR F 90 -18.05 8.71 31.39
C THR F 90 -18.56 9.45 32.60
N PHE F 91 -17.77 10.41 33.10
CA PHE F 91 -18.21 11.18 34.24
C PHE F 91 -19.44 12.01 33.89
N VAL F 92 -19.44 12.61 32.69
CA VAL F 92 -20.60 13.41 32.27
C VAL F 92 -21.84 12.54 32.18
N LYS F 93 -21.70 11.34 31.62
CA LYS F 93 -22.84 10.44 31.52
C LYS F 93 -23.34 10.03 32.89
N ASP F 94 -22.41 9.75 33.82
CA ASP F 94 -22.79 9.34 35.16
C ASP F 94 -23.37 10.48 35.98
N CYS F 95 -23.10 11.73 35.60
CA CYS F 95 -23.61 12.87 36.35
C CYS F 95 -25.11 13.08 36.17
N GLU F 96 -25.74 12.35 35.26
CA GLU F 96 -27.17 12.48 35.02
C GLU F 96 -27.95 11.21 35.34
N ASP F 97 -27.34 10.27 36.05
CA ASP F 97 -28.03 9.03 36.38
C ASP F 97 -29.16 9.31 37.37
N PRO F 98 -30.32 8.67 37.20
CA PRO F 98 -31.41 8.89 38.14
C PRO F 98 -31.10 8.51 39.58
N ASN F 99 -30.26 7.49 39.78
CA ASN F 99 -29.95 7.03 41.13
C ASN F 99 -29.10 8.07 41.85
N PRO F 100 -29.54 8.58 43.00
CA PRO F 100 -28.70 9.56 43.72
C PRO F 100 -27.34 9.03 44.14
N LEU F 101 -27.24 7.75 44.49
CA LEU F 101 -25.97 7.19 44.90
C LEU F 101 -24.96 7.23 43.76
N ILE F 102 -25.39 6.89 42.55
CA ILE F 102 -24.49 6.92 41.41
C ILE F 102 -24.01 8.33 41.12
N ARG F 103 -24.93 9.29 41.18
CA ARG F 103 -24.56 10.69 40.94
C ARG F 103 -23.57 11.17 42.00
N ALA F 104 -23.82 10.82 43.26
CA ALA F 104 -22.92 11.22 44.32
C ALA F 104 -21.54 10.60 44.13
N LEU F 105 -21.50 9.32 43.74
CA LEU F 105 -20.22 8.67 43.52
C LEU F 105 -19.47 9.33 42.37
N ALA F 106 -20.19 9.65 41.29
CA ALA F 106 -19.55 10.30 40.16
C ALA F 106 -19.00 11.67 40.55
N VAL F 107 -19.77 12.41 41.33
CA VAL F 107 -19.32 13.73 41.77
C VAL F 107 -18.08 13.60 42.65
N ARG F 108 -18.08 12.63 43.56
CA ARG F 108 -16.93 12.45 44.42
C ARG F 108 -15.70 12.05 43.61
N THR F 109 -15.89 11.16 42.63
CA THR F 109 -14.75 10.72 41.84
C THR F 109 -14.20 11.83 40.96
N MET F 110 -15.09 12.68 40.43
CA MET F 110 -14.63 13.78 39.59
C MET F 110 -13.75 14.74 40.36
N GLY F 111 -14.15 15.08 41.58
CA GLY F 111 -13.33 15.95 42.40
C GLY F 111 -12.08 15.27 42.93
N CYS F 112 -12.10 13.95 43.03
CA CYS F 112 -10.95 13.22 43.54
C CYS F 112 -9.82 13.14 42.53
N ILE F 113 -10.10 13.35 41.26
CA ILE F 113 -9.08 13.28 40.23
C ILE F 113 -8.26 14.57 40.29
N ARG F 114 -6.96 14.43 40.53
CA ARG F 114 -6.05 15.58 40.57
C ARG F 114 -5.44 15.80 39.20
N VAL F 115 -6.29 16.23 38.27
CA VAL F 115 -5.89 16.49 36.89
C VAL F 115 -6.25 17.93 36.56
N ASP F 116 -5.27 18.69 36.04
CA ASP F 116 -5.51 20.08 35.70
C ASP F 116 -6.34 20.21 34.42
N LYS F 117 -6.18 19.29 33.48
CA LYS F 117 -6.88 19.36 32.20
C LYS F 117 -8.26 18.73 32.25
N ILE F 118 -8.66 18.16 33.38
CA ILE F 118 -9.96 17.51 33.48
C ILE F 118 -10.97 18.38 34.23
N THR F 119 -10.50 19.17 35.21
CA THR F 119 -11.41 20.01 35.97
C THR F 119 -12.07 21.09 35.13
N GLU F 120 -11.45 21.46 34.00
CA GLU F 120 -12.02 22.49 33.14
C GLU F 120 -13.35 22.05 32.56
N TYR F 121 -13.44 20.78 32.16
CA TYR F 121 -14.67 20.27 31.58
C TYR F 121 -15.66 19.78 32.63
N LEU F 122 -15.27 19.73 33.90
CA LEU F 122 -16.16 19.28 34.96
C LEU F 122 -17.02 20.39 35.55
N CYS F 123 -16.84 21.63 35.09
CA CYS F 123 -17.61 22.74 35.64
C CYS F 123 -19.10 22.58 35.34
N GLU F 124 -19.42 22.17 34.12
CA GLU F 124 -20.83 22.00 33.75
C GLU F 124 -21.52 20.96 34.62
N PRO F 125 -20.99 19.76 34.80
CA PRO F 125 -21.63 18.83 35.72
C PRO F 125 -21.71 19.36 37.14
N LEU F 126 -20.67 20.07 37.59
CA LEU F 126 -20.70 20.64 38.92
C LEU F 126 -21.80 21.68 39.03
N ARG F 127 -21.95 22.51 38.00
CA ARG F 127 -23.02 23.49 38.01
C ARG F 127 -24.37 22.82 37.99
N LYS F 128 -24.51 21.75 37.23
CA LYS F 128 -25.78 21.03 37.19
C LYS F 128 -26.11 20.40 38.53
N CYS F 129 -25.12 19.82 39.19
CA CYS F 129 -25.36 19.15 40.46
C CYS F 129 -25.38 20.09 41.66
N LEU F 130 -24.99 21.35 41.48
CA LEU F 130 -25.01 22.29 42.59
C LEU F 130 -26.43 22.50 43.11
N LYS F 131 -27.40 22.63 42.22
CA LYS F 131 -28.79 22.81 42.58
C LYS F 131 -29.59 21.50 42.58
N ASP F 132 -28.91 20.39 42.81
CA ASP F 132 -29.58 19.10 42.80
C ASP F 132 -30.56 19.01 43.97
N GLU F 133 -31.76 18.51 43.68
CA GLU F 133 -32.77 18.37 44.71
C GLU F 133 -32.40 17.31 45.73
N ASP F 134 -31.59 16.35 45.36
CA ASP F 134 -31.19 15.31 46.28
C ASP F 134 -30.26 15.89 47.34
N PRO F 135 -30.60 15.77 48.63
CA PRO F 135 -29.68 16.28 49.66
C PRO F 135 -28.32 15.62 49.62
N TYR F 136 -28.26 14.31 49.34
CA TYR F 136 -26.98 13.68 49.12
C TYR F 136 -26.29 14.25 47.91
N VAL F 137 -27.07 14.50 46.85
CA VAL F 137 -26.51 15.13 45.66
C VAL F 137 -26.03 16.53 45.97
N ARG F 138 -26.81 17.27 46.76
CA ARG F 138 -26.38 18.61 47.14
C ARG F 138 -25.09 18.57 47.94
N LYS F 139 -24.97 17.64 48.88
CA LYS F 139 -23.75 17.53 49.65
C LYS F 139 -22.56 17.16 48.77
N THR F 140 -22.77 16.23 47.86
CA THR F 140 -21.69 15.83 46.96
C THR F 140 -21.24 17.01 46.10
N ALA F 141 -22.20 17.79 45.60
CA ALA F 141 -21.86 18.96 44.80
C ALA F 141 -21.10 19.98 45.62
N ALA F 142 -21.52 20.18 46.88
CA ALA F 142 -20.81 21.10 47.74
C ALA F 142 -19.39 20.63 47.98
N VAL F 143 -19.20 19.34 48.19
CA VAL F 143 -17.86 18.81 48.38
C VAL F 143 -17.03 18.98 47.11
N CYS F 144 -17.63 18.71 45.95
CA CYS F 144 -16.90 18.83 44.70
C CYS F 144 -16.51 20.27 44.41
N VAL F 145 -17.38 21.21 44.73
CA VAL F 145 -17.05 22.62 44.50
C VAL F 145 -15.87 23.03 45.35
N ALA F 146 -15.86 22.62 46.62
CA ALA F 146 -14.74 22.94 47.49
C ALA F 146 -13.46 22.29 46.99
N LYS F 147 -13.56 21.04 46.52
CA LYS F 147 -12.37 20.38 45.99
C LYS F 147 -11.83 21.10 44.77
N LEU F 148 -12.74 21.53 43.89
CA LEU F 148 -12.31 22.26 42.71
C LEU F 148 -11.67 23.59 43.09
N HIS F 149 -12.26 24.28 44.06
CA HIS F 149 -11.69 25.54 44.51
C HIS F 149 -10.31 25.34 45.10
N ASP F 150 -10.13 24.28 45.89
CA ASP F 150 -8.81 23.98 46.43
C ASP F 150 -7.83 23.65 45.32
N ILE F 151 -8.28 22.87 44.33
CA ILE F 151 -7.41 22.52 43.21
C ILE F 151 -7.16 23.74 42.33
N ASN F 152 -8.22 24.48 42.02
CA ASN F 152 -8.12 25.67 41.18
C ASN F 152 -9.07 26.72 41.74
N ALA F 153 -8.54 27.67 42.49
CA ALA F 153 -9.36 28.77 43.00
C ALA F 153 -9.87 29.66 41.87
N GLN F 154 -9.00 29.94 40.88
CA GLN F 154 -9.42 30.78 39.76
C GLN F 154 -10.55 30.15 38.96
N LEU F 155 -10.48 28.84 38.73
CA LEU F 155 -11.55 28.17 38.00
C LEU F 155 -12.87 28.23 38.78
N VAL F 156 -12.80 28.04 40.10
CA VAL F 156 -14.00 28.10 40.92
C VAL F 156 -14.59 29.50 40.89
N GLU F 157 -13.74 30.52 40.99
CA GLU F 157 -14.22 31.90 40.93
C GLU F 157 -14.85 32.20 39.58
N ASP F 158 -14.24 31.72 38.50
CA ASP F 158 -14.81 31.93 37.18
C ASP F 158 -16.15 31.23 37.03
N GLN F 159 -16.27 30.02 37.56
CA GLN F 159 -17.53 29.30 37.50
C GLN F 159 -18.61 29.94 38.36
N GLY F 160 -18.25 30.86 39.24
CA GLY F 160 -19.22 31.53 40.08
C GLY F 160 -19.91 30.62 41.07
N PHE F 161 -19.15 29.71 41.68
CA PHE F 161 -19.72 28.79 42.67
C PHE F 161 -19.88 29.42 44.05
N LEU F 162 -19.28 30.58 44.29
CA LEU F 162 -19.43 31.23 45.58
C LEU F 162 -20.87 31.62 45.85
N ASP F 163 -21.56 32.14 44.83
CA ASP F 163 -22.96 32.51 44.99
C ASP F 163 -23.82 31.28 45.29
N THR F 164 -23.58 30.18 44.59
CA THR F 164 -24.34 28.96 44.86
C THR F 164 -24.03 28.43 46.25
N LEU F 165 -22.78 28.50 46.68
CA LEU F 165 -22.42 28.03 48.00
C LEU F 165 -23.07 28.87 49.08
N LYS F 166 -23.13 30.19 48.88
CA LYS F 166 -23.75 31.07 49.86
C LYS F 166 -25.24 30.75 50.01
N ASP F 167 -25.93 30.51 48.90
CA ASP F 167 -27.34 30.16 48.96
C ASP F 167 -27.56 28.78 49.55
N LEU F 168 -26.54 27.94 49.58
CA LEU F 168 -26.69 26.60 50.14
C LEU F 168 -27.00 26.67 51.64
N ILE F 169 -26.37 27.59 52.35
CA ILE F 169 -26.66 27.75 53.76
C ILE F 169 -28.09 28.20 53.96
N SER F 170 -28.65 28.95 53.01
CA SER F 170 -30.01 29.45 53.09
C SER F 170 -31.03 28.53 52.46
N ASP F 171 -30.72 27.23 52.36
CA ASP F 171 -31.63 26.27 51.77
C ASP F 171 -31.95 25.17 52.77
N SER F 172 -32.87 24.29 52.38
CA SER F 172 -33.34 23.21 53.25
C SER F 172 -32.29 22.10 53.29
N ASN F 173 -32.65 20.94 53.84
CA ASN F 173 -31.68 19.87 53.99
C ASN F 173 -30.56 20.32 54.91
N PRO F 174 -30.80 20.32 56.22
CA PRO F 174 -29.79 20.86 57.14
C PRO F 174 -28.42 20.21 57.00
N MET F 175 -28.35 18.93 56.64
CA MET F 175 -27.06 18.33 56.36
C MET F 175 -26.39 19.01 55.18
N VAL F 176 -27.16 19.29 54.13
CA VAL F 176 -26.61 19.99 52.98
C VAL F 176 -26.19 21.40 53.37
N VAL F 177 -26.98 22.06 54.20
CA VAL F 177 -26.63 23.40 54.64
C VAL F 177 -25.32 23.39 55.42
N ALA F 178 -25.15 22.40 56.29
CA ALA F 178 -23.92 22.29 57.06
C ALA F 178 -22.74 22.02 56.16
N ASN F 179 -22.93 21.15 55.16
CA ASN F 179 -21.86 20.87 54.23
C ASN F 179 -21.47 22.12 53.46
N ALA F 180 -22.47 22.91 53.02
CA ALA F 180 -22.17 24.13 52.31
C ALA F 180 -21.43 25.12 53.20
N VAL F 181 -21.83 25.20 54.46
CA VAL F 181 -21.14 26.09 55.38
C VAL F 181 -19.69 25.66 55.57
N ALA F 182 -19.47 24.35 55.71
CA ALA F 182 -18.10 23.86 55.88
C ALA F 182 -17.27 24.15 54.65
N ALA F 183 -17.86 23.97 53.47
CA ALA F 183 -17.14 24.26 52.23
C ALA F 183 -16.80 25.74 52.13
N LEU F 184 -17.75 26.60 52.50
CA LEU F 184 -17.49 28.03 52.46
C LEU F 184 -16.39 28.41 53.44
N SER F 185 -16.39 27.80 54.62
CA SER F 185 -15.34 28.08 55.59
C SER F 185 -13.99 27.61 55.08
N GLU F 186 -13.95 26.45 54.44
CA GLU F 186 -12.70 25.97 53.87
C GLU F 186 -12.20 26.89 52.77
N ILE F 187 -13.11 27.36 51.91
CA ILE F 187 -12.71 28.24 50.83
C ILE F 187 -12.21 29.57 51.37
N ALA F 188 -12.92 30.12 52.35
CA ALA F 188 -12.49 31.38 52.95
C ALA F 188 -11.21 31.22 53.75
N GLU F 189 -10.97 30.02 54.28
CA GLU F 189 -9.73 29.78 55.01
C GLU F 189 -8.51 29.95 54.10
N SER F 190 -8.58 29.43 52.88
CA SER F 190 -7.51 29.62 51.92
C SER F 190 -7.58 30.95 51.20
N HIS F 191 -8.72 31.64 51.27
CA HIS F 191 -8.87 32.92 50.61
C HIS F 191 -8.06 33.98 51.36
N PRO F 192 -7.70 35.07 50.68
CA PRO F 192 -6.90 36.13 51.31
C PRO F 192 -7.71 37.09 52.17
N SER F 193 -8.90 36.70 52.62
CA SER F 193 -9.82 37.51 53.41
C SER F 193 -10.58 38.50 52.54
N SER F 194 -10.29 38.57 51.25
CA SER F 194 -10.98 39.48 50.36
C SER F 194 -12.31 38.87 49.95
N ASN F 195 -13.37 39.67 50.00
CA ASN F 195 -14.73 39.21 49.70
C ASN F 195 -15.14 38.07 50.64
N LEU F 196 -15.08 38.36 51.93
CA LEU F 196 -15.39 37.37 52.95
C LEU F 196 -16.85 36.97 52.88
N LEU F 197 -17.12 35.73 53.25
CA LEU F 197 -18.48 35.19 53.24
C LEU F 197 -19.21 35.42 54.55
N ASP F 198 -18.84 36.45 55.29
CA ASP F 198 -19.49 36.74 56.56
C ASP F 198 -20.95 37.16 56.34
N LEU F 199 -21.79 36.86 57.33
CA LEU F 199 -23.22 37.14 57.27
C LEU F 199 -23.64 37.90 58.52
N ASN F 200 -24.80 38.55 58.41
CA ASN F 200 -25.35 39.35 59.50
C ASN F 200 -25.92 38.44 60.57
N PRO F 201 -26.50 39.01 61.63
CA PRO F 201 -27.07 38.16 62.69
C PRO F 201 -28.17 37.24 62.20
N GLN F 202 -28.86 37.59 61.11
CA GLN F 202 -29.87 36.71 60.57
C GLN F 202 -29.27 35.38 60.11
N SER F 203 -28.11 35.43 59.47
CA SER F 203 -27.46 34.20 59.04
C SER F 203 -27.04 33.35 60.23
N ILE F 204 -26.54 33.98 61.28
CA ILE F 204 -26.16 33.25 62.49
C ILE F 204 -27.38 32.60 63.12
N ASN F 205 -28.49 33.33 63.19
CA ASN F 205 -29.71 32.76 63.74
C ASN F 205 -30.22 31.59 62.91
N LYS F 206 -30.15 31.70 61.58
CA LYS F 206 -30.57 30.60 60.72
C LYS F 206 -29.69 29.39 60.93
N LEU F 207 -28.37 29.59 61.06
CA LEU F 207 -27.46 28.48 61.31
C LEU F 207 -27.75 27.83 62.65
N LEU F 208 -28.06 28.64 63.66
CA LEU F 208 -28.41 28.08 64.95
C LEU F 208 -29.70 27.28 64.85
N THR F 209 -30.64 27.74 64.03
CA THR F 209 -31.87 27.00 63.83
C THR F 209 -31.61 25.62 63.23
N ALA F 210 -30.70 25.55 62.27
CA ALA F 210 -30.29 24.27 61.74
C ALA F 210 -29.22 23.61 62.59
N LEU F 211 -28.65 24.33 63.53
CA LEU F 211 -27.68 23.73 64.43
C LEU F 211 -28.32 22.65 65.28
N ASN F 212 -29.54 22.88 65.76
CA ASN F 212 -30.24 21.89 66.56
C ASN F 212 -30.66 20.67 65.74
N GLU F 213 -30.69 20.79 64.42
CA GLU F 213 -31.02 19.67 63.57
C GLU F 213 -29.81 19.02 62.92
N CYS F 214 -28.62 19.60 63.09
CA CYS F 214 -27.41 19.03 62.52
C CYS F 214 -26.98 17.77 63.28
N THR F 215 -26.23 16.92 62.61
CA THR F 215 -25.74 15.68 63.19
C THR F 215 -24.48 15.96 64.01
N GLU F 216 -23.86 14.90 64.51
CA GLU F 216 -22.67 15.07 65.31
C GLU F 216 -21.55 15.69 64.49
N TRP F 217 -21.36 15.19 63.27
CA TRP F 217 -20.34 15.78 62.40
C TRP F 217 -20.74 17.17 61.94
N GLY F 218 -22.03 17.38 61.68
CA GLY F 218 -22.48 18.69 61.25
C GLY F 218 -22.44 19.72 62.36
N GLN F 219 -22.47 19.27 63.61
CA GLN F 219 -22.41 20.21 64.72
C GLN F 219 -21.09 20.97 64.73
N ILE F 220 -19.99 20.26 64.47
CA ILE F 220 -18.69 20.93 64.43
C ILE F 220 -18.65 21.94 63.30
N PHE F 221 -19.18 21.57 62.13
CA PHE F 221 -19.18 22.48 61.00
C PHE F 221 -20.01 23.72 61.30
N ILE F 222 -21.16 23.54 61.97
CA ILE F 222 -22.05 24.65 62.30
C ILE F 222 -21.41 25.57 63.33
N LEU F 223 -20.69 25.00 64.30
CA LEU F 223 -20.05 25.79 65.33
C LEU F 223 -18.78 26.49 64.85
N ASP F 224 -18.13 25.94 63.83
CA ASP F 224 -16.91 26.59 63.34
C ASP F 224 -17.22 27.93 62.68
N CYS F 225 -18.39 28.05 62.04
CA CYS F 225 -18.73 29.29 61.37
C CYS F 225 -18.83 30.44 62.37
N LEU F 226 -19.43 30.17 63.53
CA LEU F 226 -19.52 31.20 64.54
C LEU F 226 -18.16 31.57 65.11
N ALA F 227 -17.16 30.72 64.94
CA ALA F 227 -15.83 31.03 65.44
C ALA F 227 -15.23 32.25 64.75
N ASN F 228 -15.67 32.53 63.52
CA ASN F 228 -15.16 33.69 62.78
C ASN F 228 -15.97 34.95 63.04
N TYR F 229 -17.26 34.82 63.30
CA TYR F 229 -18.09 35.99 63.60
C TYR F 229 -17.68 36.59 64.94
N MET F 230 -17.68 37.91 65.01
CA MET F 230 -17.34 38.64 66.23
C MET F 230 -18.57 39.40 66.72
N PRO F 231 -19.12 39.05 67.87
CA PRO F 231 -20.29 39.78 68.38
C PRO F 231 -19.94 41.22 68.73
N LYS F 232 -20.92 42.10 68.55
CA LYS F 232 -20.74 43.52 68.79
C LYS F 232 -21.61 44.06 69.90
N ASP F 233 -22.63 43.32 70.32
CA ASP F 233 -23.52 43.77 71.38
C ASP F 233 -23.71 42.64 72.37
N ASP F 234 -24.04 43.02 73.62
CA ASP F 234 -24.26 42.03 74.66
C ASP F 234 -25.50 41.19 74.40
N ARG F 235 -26.54 41.79 73.80
CA ARG F 235 -27.74 41.02 73.49
C ARG F 235 -27.44 39.94 72.46
N GLU F 236 -26.68 40.27 71.41
CA GLU F 236 -26.29 39.26 70.43
C GLU F 236 -25.37 38.21 71.06
N ALA F 237 -24.42 38.65 71.88
CA ALA F 237 -23.54 37.71 72.57
C ALA F 237 -24.32 36.85 73.55
N GLN F 238 -25.28 37.45 74.25
CA GLN F 238 -26.12 36.69 75.17
C GLN F 238 -26.93 35.63 74.44
N SER F 239 -27.51 36.00 73.29
CA SER F 239 -28.27 35.03 72.50
C SER F 239 -27.37 33.91 71.99
N ILE F 240 -26.16 34.26 71.53
CA ILE F 240 -25.23 33.25 71.06
C ILE F 240 -24.85 32.29 72.19
N CYS F 241 -24.58 32.84 73.37
CA CYS F 241 -24.26 31.99 74.51
C CYS F 241 -25.43 31.09 74.89
N GLU F 242 -26.65 31.65 74.88
CA GLU F 242 -27.83 30.84 75.21
C GLU F 242 -28.03 29.70 74.21
N ARG F 243 -27.81 29.97 72.93
CA ARG F 243 -27.94 28.93 71.91
C ARG F 243 -26.82 27.89 72.00
N VAL F 244 -25.61 28.31 72.36
CA VAL F 244 -24.51 27.37 72.46
C VAL F 244 -24.54 26.60 73.75
N THR F 245 -25.31 27.06 74.72
CA THR F 245 -25.44 26.33 75.98
C THR F 245 -25.92 24.90 75.78
N PRO F 246 -26.92 24.61 74.93
CA PRO F 246 -27.34 23.21 74.75
C PRO F 246 -26.26 22.32 74.15
N ARG F 247 -25.26 22.90 73.47
CA ARG F 247 -24.20 22.10 72.87
C ARG F 247 -23.28 21.45 73.90
N LEU F 248 -23.32 21.91 75.15
CA LEU F 248 -22.48 21.32 76.18
C LEU F 248 -22.99 19.96 76.65
N SER F 249 -24.21 19.58 76.27
CA SER F 249 -24.79 18.30 76.64
C SER F 249 -24.75 17.31 75.47
N HIS F 250 -23.70 17.39 74.66
CA HIS F 250 -23.52 16.50 73.53
C HIS F 250 -22.58 15.37 73.93
N ALA F 251 -22.97 14.13 73.59
CA ALA F 251 -22.14 12.98 73.92
C ALA F 251 -20.80 13.00 73.20
N ASN F 252 -20.72 13.69 72.06
CA ASN F 252 -19.47 13.79 71.34
C ASN F 252 -18.53 14.75 72.05
N SER F 253 -17.28 14.31 72.23
CA SER F 253 -16.28 15.16 72.88
C SER F 253 -15.97 16.40 72.07
N ALA F 254 -15.86 16.28 70.74
CA ALA F 254 -15.53 17.44 69.91
C ALA F 254 -16.66 18.48 69.92
N VAL F 255 -17.91 18.04 69.95
CA VAL F 255 -19.03 18.97 70.00
C VAL F 255 -18.98 19.79 71.28
N VAL F 256 -18.72 19.13 72.41
CA VAL F 256 -18.60 19.85 73.67
C VAL F 256 -17.42 20.81 73.61
N LEU F 257 -16.28 20.34 73.09
CA LEU F 257 -15.12 21.21 72.98
C LEU F 257 -15.39 22.38 72.05
N SER F 258 -16.07 22.13 70.93
CA SER F 258 -16.41 23.20 70.01
C SER F 258 -17.32 24.23 70.68
N ALA F 259 -18.31 23.76 71.44
CA ALA F 259 -19.20 24.67 72.13
C ALA F 259 -18.43 25.49 73.16
N VAL F 260 -17.50 24.86 73.87
CA VAL F 260 -16.70 25.57 74.86
C VAL F 260 -15.85 26.65 74.18
N LYS F 261 -15.24 26.30 73.05
CA LYS F 261 -14.42 27.28 72.34
C LYS F 261 -15.28 28.43 71.84
N VAL F 262 -16.48 28.14 71.33
CA VAL F 262 -17.36 29.19 70.86
C VAL F 262 -17.77 30.10 72.00
N LEU F 263 -18.08 29.51 73.16
CA LEU F 263 -18.45 30.32 74.31
C LEU F 263 -17.28 31.20 74.75
N MET F 264 -16.06 30.63 74.74
CA MET F 264 -14.89 31.42 75.13
C MET F 264 -14.67 32.57 74.16
N LYS F 265 -14.85 32.33 72.88
CA LYS F 265 -14.71 33.40 71.89
C LYS F 265 -15.77 34.47 72.08
N PHE F 266 -17.01 34.06 72.34
CA PHE F 266 -18.09 35.02 72.53
C PHE F 266 -17.95 35.79 73.84
N MET F 267 -17.25 35.22 74.82
CA MET F 267 -17.07 35.90 76.11
C MET F 267 -16.21 37.15 76.00
N GLU F 268 -15.49 37.33 74.88
CA GLU F 268 -14.70 38.54 74.71
C GLU F 268 -15.57 39.79 74.60
N MET F 269 -16.83 39.65 74.23
CA MET F 269 -17.77 40.77 74.14
C MET F 269 -18.80 40.77 75.25
N LEU F 270 -18.93 39.70 76.02
CA LEU F 270 -19.90 39.65 77.11
C LEU F 270 -19.44 40.52 78.27
N SER F 271 -20.41 40.94 79.09
CA SER F 271 -20.15 41.80 80.23
C SER F 271 -20.18 40.97 81.50
N LYS F 272 -19.11 41.06 82.29
CA LYS F 272 -19.04 40.33 83.55
C LYS F 272 -20.00 40.87 84.59
N ASP F 273 -20.50 42.09 84.42
CA ASP F 273 -21.45 42.66 85.35
C ASP F 273 -22.78 41.89 85.36
N SER G 281 43.71 -14.06 45.28
CA SER G 281 42.43 -14.18 44.59
C SER G 281 41.26 -14.21 45.57
N LYS G 282 41.41 -14.96 46.66
CA LYS G 282 40.37 -15.05 47.66
C LYS G 282 40.57 -13.99 48.74
N ASN G 283 39.63 -13.92 49.68
CA ASN G 283 39.74 -12.95 50.76
C ASN G 283 40.89 -13.28 51.71
N VAL G 284 41.20 -14.58 51.87
CA VAL G 284 42.29 -14.97 52.74
C VAL G 284 43.62 -14.43 52.23
N GLY G 285 43.85 -14.53 50.92
CA GLY G 285 45.08 -14.00 50.35
C GLY G 285 45.19 -12.49 50.51
N ASN G 286 44.08 -11.78 50.31
CA ASN G 286 44.09 -10.34 50.50
C ASN G 286 44.39 -9.97 51.94
N ALA G 287 43.78 -10.69 52.89
CA ALA G 287 44.04 -10.42 54.30
C ALA G 287 45.49 -10.70 54.65
N ILE G 288 46.05 -11.79 54.13
CA ILE G 288 47.45 -12.12 54.39
C ILE G 288 48.37 -11.05 53.81
N LEU G 289 48.06 -10.59 52.59
CA LEU G 289 48.86 -9.53 51.99
C LEU G 289 48.78 -8.23 52.80
N TYR G 290 47.58 -7.89 53.28
CA TYR G 290 47.43 -6.70 54.10
C TYR G 290 48.21 -6.82 55.40
N GLU G 291 48.15 -8.00 56.04
CA GLU G 291 48.91 -8.20 57.28
C GLU G 291 50.41 -8.09 57.03
N THR G 292 50.89 -8.67 55.93
CA THR G 292 52.31 -8.58 55.60
C THR G 292 52.73 -7.14 55.33
N VAL G 293 51.89 -6.39 54.62
CA VAL G 293 52.20 -4.99 54.35
C VAL G 293 52.25 -4.18 55.64
N LEU G 294 51.29 -4.43 56.54
CA LEU G 294 51.30 -3.73 57.82
C LEU G 294 52.54 -4.08 58.64
N THR G 295 52.92 -5.35 58.64
CA THR G 295 54.12 -5.76 59.37
C THR G 295 55.36 -5.12 58.78
N ILE G 296 55.44 -5.04 57.44
CA ILE G 296 56.59 -4.40 56.80
C ILE G 296 56.63 -2.91 57.11
N MET G 297 55.46 -2.25 57.12
CA MET G 297 55.42 -0.82 57.41
C MET G 297 55.76 -0.55 58.87
N ASP G 298 55.42 -1.48 59.75
CA ASP G 298 55.69 -1.34 61.18
C ASP G 298 57.08 -1.78 61.59
N ILE G 299 57.89 -2.27 60.65
CA ILE G 299 59.25 -2.73 60.95
C ILE G 299 60.22 -2.03 60.00
N LYS G 300 61.50 -2.03 60.41
CA LYS G 300 62.55 -1.42 59.62
C LYS G 300 63.06 -2.44 58.59
N SER G 301 62.31 -2.56 57.50
CA SER G 301 62.64 -3.50 56.44
C SER G 301 63.51 -2.83 55.39
N GLU G 302 63.78 -3.54 54.30
CA GLU G 302 64.61 -2.99 53.22
C GLU G 302 63.78 -2.07 52.33
N SER G 303 64.48 -1.31 51.49
CA SER G 303 63.82 -0.40 50.57
C SER G 303 62.96 -1.17 49.57
N GLY G 304 63.46 -2.32 49.10
CA GLY G 304 62.68 -3.13 48.18
C GLY G 304 61.38 -3.63 48.79
N LEU G 305 61.43 -4.02 50.06
CA LEU G 305 60.21 -4.45 50.74
C LEU G 305 59.20 -3.30 50.82
N ARG G 306 59.69 -2.09 51.12
CA ARG G 306 58.79 -0.93 51.17
C ARG G 306 58.20 -0.64 49.81
N VAL G 307 59.01 -0.75 48.75
CA VAL G 307 58.50 -0.51 47.40
C VAL G 307 57.45 -1.55 47.03
N LEU G 308 57.70 -2.82 47.38
CA LEU G 308 56.72 -3.86 47.10
C LEU G 308 55.43 -3.64 47.88
N ALA G 309 55.54 -3.21 49.13
CA ALA G 309 54.35 -2.92 49.93
C ALA G 309 53.57 -1.75 49.33
N ILE G 310 54.28 -0.72 48.87
CA ILE G 310 53.61 0.43 48.26
C ILE G 310 52.90 -0.01 46.98
N ASN G 311 53.55 -0.83 46.17
CA ASN G 311 52.92 -1.32 44.95
C ASN G 311 51.70 -2.18 45.25
N ILE G 312 51.79 -3.03 46.27
CA ILE G 312 50.66 -3.86 46.66
C ILE G 312 49.50 -3.00 47.15
N LEU G 313 49.80 -1.97 47.95
CA LEU G 313 48.76 -1.07 48.42
C LEU G 313 48.11 -0.31 47.26
N GLY G 314 48.93 0.14 46.31
CA GLY G 314 48.37 0.82 45.16
C GLY G 314 47.48 -0.08 44.32
N ARG G 315 47.90 -1.33 44.15
CA ARG G 315 47.09 -2.28 43.40
C ARG G 315 45.78 -2.57 44.12
N PHE G 316 45.83 -2.72 45.45
CA PHE G 316 44.62 -3.03 46.20
C PHE G 316 43.69 -1.83 46.30
N LEU G 317 44.23 -0.61 46.21
CA LEU G 317 43.38 0.58 46.28
C LEU G 317 42.45 0.67 45.10
N LEU G 318 42.85 0.15 43.95
CA LEU G 318 42.02 0.17 42.76
C LEU G 318 41.00 -0.96 42.72
N ASN G 319 41.04 -1.87 43.69
CA ASN G 319 40.09 -2.98 43.71
C ASN G 319 38.69 -2.47 43.96
N ASN G 320 37.72 -3.04 43.23
CA ASN G 320 36.33 -2.61 43.36
C ASN G 320 35.67 -3.13 44.62
N ASP G 321 36.28 -4.09 45.31
CA ASP G 321 35.69 -4.62 46.53
C ASP G 321 35.71 -3.57 47.63
N LYS G 322 34.59 -3.41 48.33
CA LYS G 322 34.52 -2.44 49.41
C LYS G 322 35.45 -2.82 50.55
N ASN G 323 35.51 -4.11 50.89
CA ASN G 323 36.41 -4.57 51.94
C ASN G 323 37.86 -4.32 51.56
N ILE G 324 38.22 -4.57 50.31
CA ILE G 324 39.59 -4.34 49.85
C ILE G 324 39.92 -2.85 49.93
N ARG G 325 38.99 -2.00 49.51
CA ARG G 325 39.22 -0.56 49.57
C ARG G 325 39.38 -0.09 51.02
N TYR G 326 38.54 -0.60 51.93
CA TYR G 326 38.66 -0.23 53.33
C TYR G 326 39.99 -0.69 53.91
N VAL G 327 40.42 -1.90 53.57
CA VAL G 327 41.71 -2.41 54.04
C VAL G 327 42.85 -1.54 53.53
N ALA G 328 42.79 -1.17 52.25
CA ALA G 328 43.83 -0.32 51.67
C ALA G 328 43.86 1.04 52.36
N LEU G 329 42.68 1.61 52.63
CA LEU G 329 42.62 2.90 53.31
C LEU G 329 43.19 2.80 54.72
N THR G 330 42.86 1.73 55.43
CA THR G 330 43.40 1.54 56.77
C THR G 330 44.91 1.38 56.74
N SER G 331 45.43 0.62 55.76
CA SER G 331 46.88 0.45 55.65
C SER G 331 47.56 1.76 55.33
N LEU G 332 46.97 2.56 54.44
CA LEU G 332 47.55 3.87 54.12
C LEU G 332 47.54 4.79 55.32
N LEU G 333 46.45 4.78 56.10
CA LEU G 333 46.39 5.59 57.30
C LEU G 333 47.45 5.14 58.31
N LYS G 334 47.62 3.83 58.47
CA LYS G 334 48.64 3.32 59.39
C LYS G 334 50.04 3.70 58.91
N THR G 335 50.29 3.57 57.61
CA THR G 335 51.57 3.95 57.02
C THR G 335 51.57 5.39 56.53
N VAL G 336 51.19 6.32 57.41
CA VAL G 336 51.13 7.73 57.07
C VAL G 336 52.47 8.39 57.39
N GLN G 337 52.88 8.30 58.65
CA GLN G 337 54.17 8.86 59.06
C GLN G 337 55.33 8.13 58.39
N THR G 338 55.25 6.81 58.30
CA THR G 338 56.27 6.02 57.64
C THR G 338 55.98 5.97 56.15
N ASP G 339 56.95 6.38 55.32
CA ASP G 339 56.79 6.42 53.88
C ASP G 339 55.74 7.45 53.45
N HIS G 340 55.82 8.65 54.06
CA HIS G 340 54.88 9.71 53.73
C HIS G 340 55.07 10.23 52.31
N ASN G 341 56.32 10.24 51.82
CA ASN G 341 56.57 10.71 50.47
C ASN G 341 55.91 9.81 49.43
N ALA G 342 55.98 8.49 49.64
CA ALA G 342 55.37 7.56 48.70
C ALA G 342 53.85 7.55 48.80
N VAL G 343 53.28 7.98 49.92
CA VAL G 343 51.84 8.00 50.06
C VAL G 343 51.19 9.12 49.27
N GLN G 344 51.96 10.13 48.87
CA GLN G 344 51.41 11.25 48.10
C GLN G 344 51.00 10.84 46.69
N ARG G 345 51.46 9.68 46.21
CA ARG G 345 51.11 9.24 44.86
C ARG G 345 49.65 8.82 44.75
N HIS G 346 48.96 8.57 45.85
CA HIS G 346 47.56 8.19 45.84
C HIS G 346 46.64 9.33 46.26
N ARG G 347 47.06 10.58 45.99
CA ARG G 347 46.24 11.72 46.34
C ARG G 347 44.94 11.73 45.55
N SER G 348 45.02 11.40 44.25
CA SER G 348 43.81 11.35 43.44
C SER G 348 42.85 10.28 43.94
N THR G 349 43.39 9.10 44.30
CA THR G 349 42.55 8.04 44.84
C THR G 349 41.91 8.45 46.16
N ILE G 350 42.68 9.13 47.01
CA ILE G 350 42.15 9.59 48.29
C ILE G 350 41.03 10.61 48.07
N VAL G 351 41.21 11.52 47.12
CA VAL G 351 40.18 12.51 46.83
C VAL G 351 38.94 11.84 46.27
N ASP G 352 39.12 10.85 45.39
CA ASP G 352 37.97 10.17 44.80
C ASP G 352 37.23 9.32 45.83
N CYS G 353 37.93 8.77 46.82
CA CYS G 353 37.29 7.97 47.84
C CYS G 353 36.33 8.76 48.72
N LEU G 354 36.50 10.09 48.78
CA LEU G 354 35.58 10.91 49.57
C LEU G 354 34.19 10.94 48.96
N LYS G 355 34.09 10.80 47.64
CA LYS G 355 32.81 10.82 46.94
C LYS G 355 32.16 9.45 46.86
N ASP G 356 32.77 8.41 47.42
CA ASP G 356 32.21 7.07 47.36
C ASP G 356 30.94 6.98 48.19
N LEU G 357 30.09 6.02 47.83
CA LEU G 357 28.82 5.81 48.49
C LEU G 357 28.92 4.89 49.70
N ASP G 358 30.11 4.75 50.28
CA ASP G 358 30.33 3.92 51.45
C ASP G 358 30.68 4.81 52.63
N VAL G 359 29.97 4.65 53.74
CA VAL G 359 30.24 5.45 54.93
C VAL G 359 31.62 5.15 55.48
N SER G 360 31.96 3.86 55.59
CA SER G 360 33.29 3.48 56.07
C SER G 360 34.37 3.93 55.10
N ILE G 361 34.12 3.76 53.80
CA ILE G 361 35.09 4.18 52.79
C ILE G 361 35.27 5.69 52.82
N LYS G 362 34.17 6.44 52.93
CA LYS G 362 34.26 7.90 52.99
C LYS G 362 35.02 8.35 54.23
N ARG G 363 34.75 7.72 55.38
CA ARG G 363 35.46 8.06 56.60
C ARG G 363 36.94 7.76 56.47
N ARG G 364 37.29 6.61 55.90
CA ARG G 364 38.70 6.27 55.71
C ARG G 364 39.38 7.25 54.78
N ALA G 365 38.70 7.66 53.70
CA ALA G 365 39.28 8.63 52.79
C ALA G 365 39.49 9.97 53.46
N MET G 366 38.51 10.42 54.26
CA MET G 366 38.65 11.67 54.97
C MET G 366 39.80 11.62 55.96
N GLU G 367 39.93 10.50 56.69
CA GLU G 367 41.03 10.35 57.64
C GLU G 367 42.38 10.35 56.92
N LEU G 368 42.47 9.67 55.78
CA LEU G 368 43.71 9.66 55.03
C LEU G 368 44.06 11.05 54.52
N SER G 369 43.06 11.79 54.04
CA SER G 369 43.31 13.16 53.58
C SER G 369 43.77 14.04 54.73
N PHE G 370 43.15 13.90 55.90
CA PHE G 370 43.55 14.69 57.05
C PHE G 370 44.97 14.35 57.49
N ALA G 371 45.33 13.07 57.50
CA ALA G 371 46.66 12.66 57.93
C ALA G 371 47.73 12.92 56.90
N LEU G 372 47.36 13.09 55.63
CA LEU G 372 48.32 13.35 54.57
C LEU G 372 48.54 14.83 54.29
N VAL G 373 47.92 15.72 55.05
CA VAL G 373 48.08 17.15 54.84
C VAL G 373 49.48 17.56 55.30
N ASN G 374 50.24 18.16 54.40
CA ASN G 374 51.60 18.60 54.66
C ASN G 374 51.66 20.13 54.65
N GLY G 375 52.87 20.65 54.75
CA GLY G 375 53.08 22.09 54.74
C GLY G 375 53.05 22.73 53.37
N ASN G 376 52.93 21.95 52.30
CA ASN G 376 52.86 22.46 50.95
C ASN G 376 51.53 22.21 50.26
N ASN G 377 50.87 21.09 50.57
CA ASN G 377 49.57 20.78 49.99
C ASN G 377 48.41 21.23 50.86
N ILE G 378 48.69 21.92 51.96
CA ILE G 378 47.63 22.39 52.84
C ILE G 378 46.75 23.41 52.12
N ARG G 379 47.37 24.36 51.42
CA ARG G 379 46.61 25.36 50.69
C ARG G 379 45.77 24.73 49.58
N GLY G 380 46.35 23.80 48.84
CA GLY G 380 45.60 23.11 47.80
C GLY G 380 44.50 22.23 48.36
N MET G 381 44.78 21.52 49.44
CA MET G 381 43.79 20.63 50.03
C MET G 381 42.72 21.38 50.81
N MET G 382 42.93 22.67 51.09
CA MET G 382 41.94 23.44 51.84
C MET G 382 40.63 23.56 51.06
N LYS G 383 40.72 23.83 49.76
CA LYS G 383 39.51 23.93 48.94
C LYS G 383 38.77 22.62 48.88
N GLU G 384 39.51 21.51 48.73
CA GLU G 384 38.88 20.20 48.70
C GLU G 384 38.19 19.88 50.04
N LEU G 385 38.85 20.22 51.14
CA LEU G 385 38.25 19.98 52.45
C LEU G 385 37.00 20.82 52.64
N LEU G 386 37.04 22.09 52.20
CA LEU G 386 35.86 22.94 52.31
C LEU G 386 34.71 22.40 51.46
N TYR G 387 35.02 21.93 50.25
CA TYR G 387 33.99 21.37 49.40
C TYR G 387 33.40 20.10 50.00
N PHE G 388 34.25 19.24 50.58
CA PHE G 388 33.75 18.03 51.23
C PHE G 388 32.89 18.37 52.43
N LEU G 389 33.29 19.36 53.23
CA LEU G 389 32.49 19.76 54.37
C LEU G 389 31.14 20.33 53.95
N ASP G 390 31.14 21.11 52.86
CA ASP G 390 29.89 21.68 52.37
C ASP G 390 28.92 20.60 51.91
N SER G 391 29.42 19.56 51.24
CA SER G 391 28.59 18.47 50.74
C SER G 391 28.85 17.17 51.49
N CYS G 392 29.04 17.27 52.80
CA CYS G 392 29.30 16.11 53.63
C CYS G 392 28.02 15.63 54.31
N GLU G 393 28.09 14.45 54.89
CA GLU G 393 26.95 13.87 55.58
C GLU G 393 26.70 14.64 56.88
N PRO G 394 25.48 14.56 57.40
CA PRO G 394 25.18 15.26 58.66
C PRO G 394 26.05 14.84 59.82
N GLU G 395 26.43 13.57 59.89
CA GLU G 395 27.31 13.08 60.94
C GLU G 395 28.78 13.28 60.64
N PHE G 396 29.13 13.67 59.41
CA PHE G 396 30.51 13.89 59.03
C PHE G 396 30.88 15.36 58.94
N LYS G 397 29.91 16.26 59.09
CA LYS G 397 30.21 17.69 59.03
C LYS G 397 31.03 18.14 60.23
N ALA G 398 30.66 17.70 61.43
CA ALA G 398 31.42 18.08 62.62
C ALA G 398 32.83 17.50 62.59
N ASP G 399 32.98 16.24 62.18
CA ASP G 399 34.31 15.65 62.09
C ASP G 399 35.16 16.35 61.04
N CYS G 400 34.56 16.70 59.90
CA CYS G 400 35.31 17.42 58.88
C CYS G 400 35.73 18.79 59.36
N ALA G 401 34.84 19.49 60.07
CA ALA G 401 35.21 20.81 60.61
C ALA G 401 36.31 20.69 61.64
N SER G 402 36.24 19.68 62.52
CA SER G 402 37.30 19.48 63.50
C SER G 402 38.63 19.17 62.83
N GLY G 403 38.61 18.32 61.81
CA GLY G 403 39.84 18.02 61.10
C GLY G 403 40.42 19.22 60.40
N ILE G 404 39.55 20.05 59.80
CA ILE G 404 40.02 21.26 59.13
C ILE G 404 40.63 22.22 60.14
N PHE G 405 39.98 22.38 61.29
CA PHE G 405 40.52 23.25 62.33
C PHE G 405 41.87 22.74 62.84
N LEU G 406 41.98 21.43 63.03
CA LEU G 406 43.25 20.85 63.48
C LEU G 406 44.35 21.06 62.45
N ALA G 407 44.03 20.86 61.17
CA ALA G 407 45.02 21.06 60.12
C ALA G 407 45.45 22.52 60.05
N ALA G 408 44.50 23.45 60.18
CA ALA G 408 44.83 24.87 60.17
C ALA G 408 45.71 25.24 61.37
N GLU G 409 45.40 24.70 62.54
CA GLU G 409 46.19 25.02 63.72
C GLU G 409 47.54 24.32 63.74
N LYS G 410 47.69 23.24 62.97
CA LYS G 410 48.94 22.50 62.96
C LYS G 410 49.91 23.04 61.91
N TYR G 411 49.48 23.06 60.64
CA TYR G 411 50.33 23.44 59.52
C TYR G 411 49.67 24.55 58.71
N ALA G 412 49.20 25.58 59.39
CA ALA G 412 48.59 26.72 58.70
C ALA G 412 49.66 27.49 57.95
N PRO G 413 49.50 27.72 56.64
CA PRO G 413 50.52 28.47 55.90
C PRO G 413 50.75 29.88 56.42
N SER G 414 49.69 30.55 56.88
CA SER G 414 49.82 31.91 57.39
C SER G 414 48.68 32.17 58.36
N LYS G 415 48.88 33.19 59.20
CA LYS G 415 47.86 33.56 60.18
C LYS G 415 46.60 34.08 59.51
N ARG G 416 46.75 34.91 58.47
CA ARG G 416 45.60 35.45 57.77
C ARG G 416 44.81 34.34 57.06
N TRP G 417 45.52 33.44 56.38
CA TRP G 417 44.84 32.33 55.70
C TRP G 417 44.17 31.40 56.70
N HIS G 418 44.86 31.08 57.79
CA HIS G 418 44.26 30.23 58.82
C HIS G 418 43.05 30.89 59.46
N ILE G 419 43.14 32.20 59.73
CA ILE G 419 42.01 32.91 60.31
C ILE G 419 40.83 32.92 59.37
N ASP G 420 41.08 33.15 58.08
CA ASP G 420 40.00 33.13 57.09
C ASP G 420 39.36 31.75 57.00
N THR G 421 40.19 30.69 57.00
CA THR G 421 39.65 29.34 56.95
C THR G 421 38.81 29.03 58.19
N ILE G 422 39.28 29.45 59.36
CA ILE G 422 38.53 29.22 60.59
C ILE G 422 37.20 29.96 60.56
N MET G 423 37.22 31.21 60.08
CA MET G 423 35.98 31.97 59.98
C MET G 423 35.01 31.33 59.00
N ARG G 424 35.51 30.85 57.87
CA ARG G 424 34.65 30.19 56.89
C ARG G 424 34.06 28.90 57.47
N VAL G 425 34.87 28.14 58.21
CA VAL G 425 34.37 26.91 58.82
C VAL G 425 33.29 27.23 59.85
N LEU G 426 33.51 28.27 60.66
CA LEU G 426 32.52 28.66 61.67
C LEU G 426 31.23 29.12 61.02
N THR G 427 31.33 29.89 59.93
CA THR G 427 30.14 30.37 59.25
C THR G 427 29.42 29.27 58.50
N THR G 428 30.13 28.21 58.10
CA THR G 428 29.51 27.11 57.36
C THR G 428 29.20 25.90 58.23
N ALA G 429 29.98 25.66 59.28
CA ALA G 429 29.72 24.53 60.16
C ALA G 429 28.39 24.68 60.87
N GLY G 430 28.10 25.88 61.36
CA GLY G 430 26.84 26.14 62.05
C GLY G 430 26.70 25.36 63.33
N SER G 431 25.80 24.38 63.33
CA SER G 431 25.58 23.53 64.49
C SER G 431 26.43 22.27 64.46
N TYR G 432 27.50 22.26 63.67
CA TYR G 432 28.38 21.11 63.59
C TYR G 432 29.69 21.29 64.34
N VAL G 433 30.13 22.53 64.55
CA VAL G 433 31.37 22.77 65.28
C VAL G 433 31.15 22.49 66.76
N ARG G 434 32.03 21.67 67.33
CA ARG G 434 31.91 21.31 68.74
C ARG G 434 32.22 22.53 69.62
N ASP G 435 31.55 22.57 70.77
CA ASP G 435 31.79 23.67 71.70
C ASP G 435 33.19 23.63 72.29
N ASP G 436 33.82 22.45 72.30
CA ASP G 436 35.18 22.34 72.82
C ASP G 436 36.19 23.09 71.96
N ALA G 437 35.95 23.18 70.65
CA ALA G 437 36.85 23.91 69.78
C ALA G 437 36.78 25.41 70.00
N VAL G 438 35.74 25.90 70.68
CA VAL G 438 35.65 27.32 70.99
C VAL G 438 36.81 27.80 71.85
N PRO G 439 37.19 27.12 72.93
CA PRO G 439 38.37 27.56 73.68
C PRO G 439 39.64 27.54 72.88
N ASN G 440 39.81 26.54 71.99
CA ASN G 440 41.00 26.51 71.14
C ASN G 440 41.02 27.69 70.19
N LEU G 441 39.87 28.02 69.60
CA LEU G 441 39.80 29.18 68.71
C LEU G 441 40.08 30.47 69.47
N ILE G 442 39.57 30.58 70.70
CA ILE G 442 39.81 31.77 71.50
C ILE G 442 41.29 31.90 71.82
N GLN G 443 41.93 30.78 72.17
CA GLN G 443 43.37 30.82 72.45
C GLN G 443 44.17 31.19 71.21
N LEU G 444 43.79 30.64 70.06
CA LEU G 444 44.48 30.98 68.82
C LEU G 444 44.32 32.46 68.49
N ILE G 445 43.13 33.00 68.69
CA ILE G 445 42.90 34.43 68.43
C ILE G 445 43.72 35.28 69.38
N THR G 446 43.76 34.89 70.66
CA THR G 446 44.53 35.67 71.63
C THR G 446 46.03 35.61 71.33
N ASN G 447 46.53 34.45 70.89
CA ASN G 447 47.94 34.33 70.58
C ASN G 447 48.34 35.25 69.42
N SER G 448 47.50 35.34 68.39
CA SER G 448 47.79 36.20 67.25
C SER G 448 47.53 37.65 67.65
N VAL G 449 48.54 38.49 67.49
CA VAL G 449 48.46 39.90 67.84
C VAL G 449 48.78 40.82 66.67
N GLU G 450 48.80 40.28 65.44
CA GLU G 450 49.12 41.07 64.27
C GLU G 450 47.92 41.33 63.37
N MET G 451 46.94 40.44 63.35
CA MET G 451 45.74 40.60 62.53
C MET G 451 44.53 40.63 63.46
N HIS G 452 44.06 41.82 63.78
CA HIS G 452 42.91 41.98 64.66
C HIS G 452 41.80 42.82 64.05
N ALA G 453 42.14 43.85 63.28
CA ALA G 453 41.11 44.69 62.68
C ALA G 453 40.28 43.92 61.65
N TYR G 454 40.96 43.20 60.76
CA TYR G 454 40.24 42.40 59.77
C TYR G 454 39.43 41.30 60.41
N THR G 455 40.00 40.62 61.40
CA THR G 455 39.26 39.57 62.10
C THR G 455 38.07 40.14 62.85
N VAL G 456 38.25 41.30 63.49
CA VAL G 456 37.14 41.92 64.21
C VAL G 456 36.04 42.33 63.24
N GLN G 457 36.41 42.89 62.10
CA GLN G 457 35.42 43.28 61.11
C GLN G 457 34.68 42.05 60.58
N ARG G 458 35.40 40.96 60.31
CA ARG G 458 34.75 39.75 59.83
C ARG G 458 33.80 39.18 60.87
N LEU G 459 34.21 39.18 62.14
CA LEU G 459 33.34 38.69 63.20
C LEU G 459 32.09 39.54 63.34
N TYR G 460 32.25 40.87 63.25
CA TYR G 460 31.10 41.76 63.33
C TYR G 460 30.16 41.53 62.16
N LYS G 461 30.70 41.34 60.96
CA LYS G 461 29.86 41.09 59.79
C LYS G 461 29.11 39.76 59.92
N ALA G 462 29.79 38.73 60.41
CA ALA G 462 29.18 37.40 60.52
C ALA G 462 28.29 37.24 61.75
N ILE G 463 28.36 38.15 62.72
CA ILE G 463 27.53 38.03 63.91
C ILE G 463 26.20 38.77 63.76
N LEU G 464 26.15 39.83 62.95
CA LEU G 464 24.90 40.57 62.78
C LEU G 464 23.90 39.82 61.93
N GLY G 465 24.37 38.91 61.06
CA GLY G 465 23.46 38.18 60.20
C GLY G 465 22.70 37.08 60.93
N ASP G 466 23.41 36.24 61.68
CA ASP G 466 22.81 35.15 62.41
C ASP G 466 23.39 35.09 63.81
N TYR G 467 22.60 34.57 64.75
CA TYR G 467 23.04 34.44 66.13
C TYR G 467 22.68 33.09 66.75
N SER G 468 22.14 32.14 65.97
CA SER G 468 21.75 30.85 66.50
C SER G 468 22.91 29.87 66.61
N GLN G 469 24.08 30.22 66.08
CA GLN G 469 25.25 29.36 66.14
C GLN G 469 25.95 29.60 67.48
N GLN G 470 25.84 28.63 68.39
CA GLN G 470 26.46 28.79 69.71
C GLN G 470 27.97 28.93 69.64
N PRO G 471 28.70 28.07 68.92
CA PRO G 471 30.16 28.26 68.84
C PRO G 471 30.56 29.52 68.10
N LEU G 472 29.94 29.80 66.96
CA LEU G 472 30.24 31.02 66.21
C LEU G 472 29.85 32.25 67.03
N VAL G 473 28.71 32.20 67.71
CA VAL G 473 28.28 33.34 68.53
C VAL G 473 29.27 33.57 69.67
N GLN G 474 29.71 32.49 70.33
CA GLN G 474 30.68 32.63 71.41
C GLN G 474 32.00 33.19 70.90
N VAL G 475 32.44 32.72 69.73
CA VAL G 475 33.69 33.22 69.15
C VAL G 475 33.57 34.70 68.82
N ALA G 476 32.45 35.10 68.23
CA ALA G 476 32.24 36.51 67.91
C ALA G 476 32.19 37.36 69.17
N ALA G 477 31.53 36.88 70.22
CA ALA G 477 31.47 37.63 71.46
C ALA G 477 32.86 37.78 72.09
N TRP G 478 33.66 36.70 72.07
CA TRP G 478 35.02 36.77 72.61
C TRP G 478 35.88 37.73 71.79
N CYS G 479 35.74 37.69 70.47
CA CYS G 479 36.51 38.61 69.63
C CYS G 479 36.12 40.05 69.89
N ILE G 480 34.81 40.31 70.06
CA ILE G 480 34.36 41.68 70.35
C ILE G 480 34.92 42.14 71.69
N GLY G 481 34.83 41.28 72.71
CA GLY G 481 35.35 41.63 74.01
C GLY G 481 36.85 41.87 74.00
N GLU G 482 37.59 41.14 73.16
CA GLU G 482 39.04 41.29 73.11
C GLU G 482 39.51 42.43 72.21
N TYR G 483 38.69 42.86 71.25
CA TYR G 483 39.16 43.86 70.31
C TYR G 483 38.09 44.91 70.01
N GLY G 484 37.31 45.31 71.03
CA GLY G 484 36.42 46.45 70.87
C GLY G 484 37.15 47.74 70.56
N ASP G 485 38.36 47.91 71.10
CA ASP G 485 39.14 49.12 70.84
C ASP G 485 39.62 49.18 69.40
N LEU G 486 39.65 48.05 68.69
CA LEU G 486 40.06 48.01 67.30
C LEU G 486 38.91 47.89 66.32
N LEU G 487 37.77 47.32 66.75
CA LEU G 487 36.63 47.22 65.85
C LEU G 487 36.09 48.59 65.46
N VAL G 488 36.01 49.50 66.43
CA VAL G 488 35.58 50.87 66.19
C VAL G 488 36.72 51.78 66.63
N SER G 489 37.18 52.64 65.71
CA SER G 489 38.27 53.57 65.97
C SER G 489 37.74 54.99 65.93
N GLY G 490 37.98 55.75 66.99
CA GLY G 490 37.51 57.12 67.05
C GLY G 490 36.00 57.25 67.02
N GLN G 491 35.29 56.40 67.77
CA GLN G 491 33.84 56.40 67.83
C GLN G 491 33.33 56.95 69.16
N CYS G 492 34.08 57.86 69.77
CA CYS G 492 33.65 58.46 71.03
C CYS G 492 32.38 59.28 70.85
N GLU G 493 32.29 60.04 69.75
CA GLU G 493 31.12 60.84 69.48
C GLU G 493 30.59 60.54 68.08
N GLU G 494 29.58 61.29 67.64
CA GLU G 494 29.01 61.09 66.32
C GLU G 494 30.04 61.40 65.25
N GLU G 495 30.13 60.53 64.24
CA GLU G 495 31.10 60.66 63.17
C GLU G 495 30.43 60.28 61.85
N GLU G 496 31.25 60.04 60.83
CA GLU G 496 30.73 59.66 59.53
C GLU G 496 30.11 58.26 59.58
N PRO G 497 29.20 57.96 58.67
CA PRO G 497 28.58 56.63 58.66
C PRO G 497 29.56 55.54 58.26
N ILE G 498 29.89 54.66 59.21
CA ILE G 498 30.80 53.54 58.95
C ILE G 498 30.10 52.24 59.28
N GLN G 499 30.81 51.12 59.12
CA GLN G 499 30.22 49.82 59.44
C GLN G 499 29.87 49.71 60.91
N VAL G 500 30.75 50.20 61.78
CA VAL G 500 30.54 50.16 63.22
C VAL G 500 30.25 51.57 63.72
N THR G 501 29.17 51.73 64.49
CA THR G 501 28.78 53.02 65.01
C THR G 501 28.80 53.09 66.53
N GLU G 502 29.30 52.07 67.21
CA GLU G 502 29.40 51.99 68.66
C GLU G 502 28.07 51.68 69.34
N ASP G 503 26.99 51.53 68.57
CA ASP G 503 25.68 51.20 69.12
C ASP G 503 25.14 49.86 68.63
N GLU G 504 25.56 49.41 67.45
CA GLU G 504 25.09 48.12 66.94
C GLU G 504 25.62 46.96 67.76
N VAL G 505 26.86 47.08 68.26
CA VAL G 505 27.45 46.01 69.06
C VAL G 505 26.68 45.82 70.36
N LEU G 506 26.33 46.94 71.02
CA LEU G 506 25.58 46.85 72.27
C LEU G 506 24.20 46.25 72.04
N ASP G 507 23.53 46.66 70.95
CA ASP G 507 22.22 46.09 70.63
C ASP G 507 22.32 44.60 70.34
N ILE G 508 23.36 44.19 69.60
CA ILE G 508 23.54 42.77 69.30
C ILE G 508 23.79 41.99 70.59
N LEU G 509 24.62 42.52 71.49
CA LEU G 509 24.87 41.84 72.75
C LEU G 509 23.60 41.73 73.59
N GLU G 510 22.80 42.79 73.65
CA GLU G 510 21.56 42.73 74.40
C GLU G 510 20.59 41.72 73.79
N SER G 511 20.51 41.67 72.46
CA SER G 511 19.64 40.70 71.81
C SER G 511 20.10 39.28 72.09
N VAL G 512 21.42 39.05 72.07
CA VAL G 512 21.94 37.73 72.36
C VAL G 512 21.65 37.34 73.81
N LEU G 513 21.80 38.28 74.73
CA LEU G 513 21.51 38.00 76.13
C LEU G 513 20.03 37.69 76.33
N ILE G 514 19.14 38.44 75.66
CA ILE G 514 17.70 38.22 75.80
C ILE G 514 17.15 37.22 74.80
N SER G 515 17.96 36.77 73.85
CA SER G 515 17.48 35.80 72.86
C SER G 515 17.26 34.44 73.49
N LYS H 158 9.05 -17.33 53.79
CA LYS H 158 9.77 -17.79 54.97
C LYS H 158 11.16 -17.15 55.04
N GLY H 159 12.09 -17.70 54.26
CA GLY H 159 13.44 -17.20 54.22
C GLY H 159 14.35 -17.68 55.33
N GLU H 160 13.86 -18.57 56.22
CA GLU H 160 14.66 -19.09 57.31
C GLU H 160 15.13 -20.52 57.09
N ASN H 161 14.36 -21.32 56.35
CA ASN H 161 14.75 -22.70 56.08
C ASN H 161 15.92 -22.81 55.13
N THR H 162 16.29 -21.73 54.44
CA THR H 162 17.40 -21.77 53.51
C THR H 162 18.72 -21.97 54.27
N SER H 163 19.64 -22.68 53.61
CA SER H 163 20.94 -22.95 54.21
C SER H 163 21.73 -21.65 54.36
N LEU H 164 22.55 -21.61 55.41
CA LEU H 164 23.37 -20.43 55.66
C LEU H 164 24.38 -20.21 54.54
N LEU H 165 24.98 -21.29 54.05
CA LEU H 165 25.93 -21.21 52.96
C LEU H 165 25.51 -21.96 51.70
N HIS H 166 24.57 -22.88 51.79
CA HIS H 166 24.12 -23.66 50.65
C HIS H 166 25.26 -24.50 50.09
N PRO H 167 25.89 -25.34 50.93
CA PRO H 167 27.02 -26.18 50.50
C PRO H 167 26.62 -27.65 50.40
N SER I 2 -9.23 18.26 59.45
CA SER I 2 -8.78 18.41 58.07
C SER I 2 -7.75 17.35 57.70
N ALA I 3 -8.13 16.08 57.88
CA ALA I 3 -7.23 14.98 57.57
C ALA I 3 -7.03 14.88 56.06
N SER I 4 -5.80 14.57 55.66
CA SER I 4 -5.45 14.47 54.25
C SER I 4 -5.65 13.08 53.68
N ALA I 5 -5.34 12.04 54.47
CA ALA I 5 -5.49 10.67 54.00
C ALA I 5 -5.60 9.78 55.23
N VAL I 6 -6.69 9.02 55.32
CA VAL I 6 -6.90 8.08 56.41
C VAL I 6 -6.37 6.71 55.96
N TYR I 7 -5.43 6.17 56.72
CA TYR I 7 -4.84 4.87 56.41
C TYR I 7 -4.88 3.98 57.65
N VAL I 8 -4.94 2.68 57.40
CA VAL I 8 -4.96 1.68 58.46
C VAL I 8 -3.67 0.89 58.38
N LEU I 9 -2.88 0.96 59.45
CA LEU I 9 -1.60 0.29 59.51
C LEU I 9 -1.72 -1.05 60.25
N ASP I 10 -0.59 -1.68 60.52
CA ASP I 10 -0.54 -2.95 61.24
C ASP I 10 0.60 -2.91 62.24
N LEU I 11 0.79 -4.02 62.95
CA LEU I 11 1.85 -4.08 63.95
C LEU I 11 3.23 -4.24 63.34
N LYS I 12 3.33 -4.64 62.08
CA LYS I 12 4.60 -4.80 61.40
C LYS I 12 4.94 -3.62 60.51
N GLY I 13 4.18 -2.54 60.58
CA GLY I 13 4.41 -1.38 59.76
C GLY I 13 3.75 -1.42 58.40
N LYS I 14 3.05 -2.50 58.07
CA LYS I 14 2.36 -2.60 56.78
C LYS I 14 1.00 -1.93 56.86
N VAL I 15 0.68 -1.12 55.85
CA VAL I 15 -0.59 -0.39 55.80
C VAL I 15 -1.65 -1.35 55.28
N LEU I 16 -2.61 -1.70 56.14
CA LEU I 16 -3.66 -2.61 55.74
C LEU I 16 -4.52 -2.02 54.63
N ILE I 17 -4.86 -0.73 54.76
CA ILE I 17 -5.69 -0.07 53.77
C ILE I 17 -5.56 1.43 53.98
N CYS I 18 -5.60 2.18 52.88
CA CYS I 18 -5.52 3.63 52.92
C CYS I 18 -6.60 4.22 52.02
N ARG I 19 -7.03 5.44 52.35
CA ARG I 19 -8.06 6.13 51.57
C ARG I 19 -7.79 7.62 51.68
N ASN I 20 -7.14 8.17 50.65
CA ASN I 20 -6.83 9.60 50.64
C ASN I 20 -8.11 10.41 50.51
N TYR I 21 -8.16 11.53 51.23
CA TYR I 21 -9.32 12.40 51.22
C TYR I 21 -9.07 13.75 50.58
N ARG I 22 -7.85 14.26 50.64
CA ARG I 22 -7.51 15.54 50.02
C ARG I 22 -6.39 15.41 49.03
N GLY I 23 -5.49 14.44 49.24
CA GLY I 23 -4.39 14.23 48.34
C GLY I 23 -3.25 15.20 48.51
N ASP I 24 -3.29 16.04 49.54
CA ASP I 24 -2.23 17.01 49.75
C ASP I 24 -0.99 16.41 50.40
N VAL I 25 -1.07 15.16 50.84
CA VAL I 25 0.05 14.48 51.50
C VAL I 25 0.42 13.28 50.66
N ASP I 26 1.71 13.15 50.36
CA ASP I 26 2.18 12.02 49.56
C ASP I 26 1.99 10.71 50.31
N MET I 27 1.63 9.67 49.57
CA MET I 27 1.38 8.37 50.17
C MET I 27 2.65 7.72 50.69
N SER I 28 3.82 8.21 50.31
CA SER I 28 5.07 7.65 50.78
C SER I 28 5.48 8.14 52.15
N GLU I 29 4.79 9.15 52.68
CA GLU I 29 5.13 9.65 54.01
C GLU I 29 4.78 8.66 55.10
N VAL I 30 3.93 7.68 54.80
CA VAL I 30 3.58 6.69 55.80
C VAL I 30 4.78 5.84 56.18
N GLU I 31 5.79 5.76 55.31
CA GLU I 31 6.95 4.95 55.62
C GLU I 31 7.71 5.48 56.83
N HIS I 32 7.83 6.80 56.93
CA HIS I 32 8.56 7.40 58.04
C HIS I 32 7.75 7.40 59.33
N PHE I 33 6.46 7.05 59.26
CA PHE I 33 5.65 7.01 60.48
C PHE I 33 6.14 5.93 61.44
N MET I 34 6.44 4.75 60.91
CA MET I 34 6.93 3.66 61.76
C MET I 34 8.24 4.00 62.44
N PRO I 35 9.27 4.47 61.73
CA PRO I 35 10.50 4.85 62.43
C PRO I 35 10.29 5.98 63.42
N ILE I 36 9.43 6.94 63.09
CA ILE I 36 9.15 8.03 64.02
C ILE I 36 8.49 7.50 65.29
N LEU I 37 7.53 6.59 65.12
CA LEU I 37 6.87 6.00 66.29
C LEU I 37 7.85 5.21 67.13
N MET I 38 8.74 4.45 66.47
CA MET I 38 9.74 3.69 67.21
C MET I 38 10.67 4.60 67.98
N GLU I 39 11.10 5.70 67.37
CA GLU I 39 11.96 6.64 68.06
C GLU I 39 11.25 7.30 69.23
N LYS I 40 9.99 7.66 69.05
CA LYS I 40 9.23 8.29 70.13
C LYS I 40 9.03 7.33 71.29
N GLU I 41 8.74 6.06 70.99
CA GLU I 41 8.54 5.08 72.05
C GLU I 41 9.81 4.81 72.83
N GLU I 42 10.94 4.74 72.14
CA GLU I 42 12.21 4.45 72.79
C GLU I 42 12.77 5.63 73.58
N GLU I 43 12.22 6.83 73.39
CA GLU I 43 12.69 8.00 74.11
C GLU I 43 11.63 8.59 75.03
N GLY I 44 10.45 7.98 75.11
CA GLY I 44 9.41 8.46 75.98
C GLY I 44 8.65 9.67 75.46
N MET I 45 8.90 10.08 74.22
CA MET I 45 8.21 11.21 73.61
C MET I 45 7.14 10.80 72.63
N LEU I 46 6.80 9.51 72.59
CA LEU I 46 5.79 9.03 71.66
C LEU I 46 4.41 9.56 72.07
N SER I 47 3.64 9.99 71.08
CA SER I 47 2.30 10.52 71.26
C SER I 47 1.42 10.03 70.13
N PRO I 48 0.10 9.98 70.34
CA PRO I 48 -0.80 9.56 69.26
C PRO I 48 -0.73 10.47 68.05
N ILE I 49 -0.36 11.72 68.23
CA ILE I 49 -0.28 12.68 67.13
C ILE I 49 1.20 12.84 66.79
N LEU I 50 1.61 12.26 65.67
CA LEU I 50 2.98 12.36 65.21
C LEU I 50 3.13 13.58 64.29
N ALA I 51 4.35 13.80 63.78
CA ALA I 51 4.60 14.94 62.91
C ALA I 51 5.80 14.60 62.04
N HIS I 52 5.55 14.35 60.76
CA HIS I 52 6.61 14.07 59.80
C HIS I 52 6.92 15.37 59.08
N GLY I 53 7.78 16.17 59.71
CA GLY I 53 8.10 17.49 59.18
C GLY I 53 6.91 18.42 59.21
N GLY I 54 6.41 18.79 58.04
CA GLY I 54 5.25 19.64 57.91
C GLY I 54 3.93 18.91 57.88
N VAL I 55 3.93 17.59 58.04
CA VAL I 55 2.72 16.78 58.00
C VAL I 55 2.57 16.08 59.35
N ARG I 56 1.39 16.18 59.93
CA ARG I 56 1.11 15.60 61.23
C ARG I 56 0.43 14.26 61.03
N PHE I 57 0.92 13.24 61.74
CA PHE I 57 0.36 11.90 61.68
C PHE I 57 -0.33 11.64 63.01
N MET I 58 -1.59 12.02 63.08
CA MET I 58 -2.40 11.84 64.29
C MET I 58 -3.22 10.56 64.13
N TRP I 59 -3.04 9.63 65.05
CA TRP I 59 -3.76 8.36 64.99
C TRP I 59 -3.79 7.73 66.38
N ILE I 60 -4.69 6.78 66.56
CA ILE I 60 -4.81 6.04 67.80
C ILE I 60 -4.46 4.58 67.53
N LYS I 61 -4.17 3.86 68.61
CA LYS I 61 -3.80 2.46 68.53
C LYS I 61 -5.05 1.61 68.69
N HIS I 62 -5.32 0.76 67.71
CA HIS I 62 -6.47 -0.12 67.76
C HIS I 62 -6.08 -1.45 68.41
N ASN I 63 -6.95 -2.46 68.29
CA ASN I 63 -6.66 -3.75 68.88
C ASN I 63 -5.42 -4.38 68.25
N ASN I 64 -5.28 -4.24 66.94
CA ASN I 64 -4.12 -4.80 66.25
C ASN I 64 -3.40 -3.83 65.32
N LEU I 65 -4.03 -2.71 64.93
CA LEU I 65 -3.42 -1.77 64.01
C LEU I 65 -3.69 -0.34 64.48
N TYR I 66 -2.81 0.56 64.08
CA TYR I 66 -2.91 1.97 64.42
C TYR I 66 -3.49 2.71 63.23
N LEU I 67 -4.64 3.34 63.44
CA LEU I 67 -5.32 4.07 62.36
C LEU I 67 -4.72 5.46 62.26
N VAL I 68 -3.60 5.55 61.52
CA VAL I 68 -2.89 6.81 61.34
C VAL I 68 -3.54 7.59 60.19
N ALA I 69 -3.90 8.84 60.45
CA ALA I 69 -4.53 9.71 59.47
C ALA I 69 -3.61 10.91 59.27
N THR I 70 -2.98 10.97 58.11
CA THR I 70 -2.06 12.06 57.83
C THR I 70 -2.81 13.37 57.65
N SER I 71 -2.20 14.44 58.13
CA SER I 71 -2.77 15.77 57.99
C SER I 71 -1.64 16.77 57.81
N LYS I 72 -1.93 17.84 57.07
CA LYS I 72 -0.94 18.86 56.78
C LYS I 72 -1.35 20.25 57.22
N LYS I 73 -2.63 20.60 57.08
CA LYS I 73 -3.10 21.91 57.48
C LYS I 73 -3.39 21.92 58.98
N ASN I 74 -3.93 23.03 59.47
CA ASN I 74 -4.28 23.17 60.88
C ASN I 74 -5.66 22.57 61.13
N ALA I 75 -5.77 21.28 60.86
CA ALA I 75 -7.02 20.58 61.02
C ALA I 75 -7.37 20.39 62.51
N CYS I 76 -8.65 20.19 62.78
CA CYS I 76 -9.13 19.98 64.13
C CYS I 76 -8.69 18.60 64.62
N VAL I 77 -7.78 18.58 65.59
CA VAL I 77 -7.30 17.32 66.13
C VAL I 77 -8.44 16.57 66.79
N SER I 78 -9.30 17.31 67.49
CA SER I 78 -10.47 16.68 68.11
C SER I 78 -11.37 16.09 67.05
N LEU I 79 -11.53 16.79 65.93
CA LEU I 79 -12.36 16.26 64.86
C LEU I 79 -11.75 14.98 64.31
N VAL I 80 -10.42 14.95 64.16
CA VAL I 80 -9.77 13.75 63.66
C VAL I 80 -9.97 12.59 64.63
N PHE I 81 -9.83 12.86 65.93
CA PHE I 81 -10.02 11.80 66.90
C PHE I 81 -11.45 11.29 66.87
N SER I 82 -12.40 12.20 66.75
CA SER I 82 -13.79 11.78 66.70
C SER I 82 -14.08 10.94 65.47
N PHE I 83 -13.50 11.34 64.34
CA PHE I 83 -13.69 10.56 63.12
C PHE I 83 -13.09 9.18 63.28
N LEU I 84 -11.90 9.10 63.90
CA LEU I 84 -11.28 7.80 64.11
C LEU I 84 -12.15 6.94 65.02
N TYR I 85 -12.69 7.54 66.07
CA TYR I 85 -13.55 6.77 66.95
C TYR I 85 -14.80 6.29 66.23
N LYS I 86 -15.38 7.15 65.41
CA LYS I 86 -16.56 6.76 64.65
C LYS I 86 -16.24 5.62 63.70
N VAL I 87 -15.08 5.70 63.06
CA VAL I 87 -14.68 4.64 62.14
C VAL I 87 -14.47 3.33 62.89
N VAL I 88 -13.87 3.40 64.07
CA VAL I 88 -13.66 2.19 64.87
C VAL I 88 -15.00 1.58 65.27
N GLN I 89 -15.93 2.43 65.69
CA GLN I 89 -17.24 1.92 66.06
C GLN I 89 -17.95 1.29 64.87
N VAL I 90 -17.84 1.92 63.70
CA VAL I 90 -18.47 1.36 62.52
C VAL I 90 -17.86 0.01 62.17
N PHE I 91 -16.55 -0.10 62.26
CA PHE I 91 -15.89 -1.36 61.98
C PHE I 91 -16.32 -2.43 62.97
N SER I 92 -16.43 -2.06 64.23
CA SER I 92 -16.87 -3.03 65.22
C SER I 92 -18.30 -3.47 64.96
N GLU I 93 -19.16 -2.54 64.55
CA GLU I 93 -20.55 -2.90 64.25
C GLU I 93 -20.63 -3.80 63.04
N TYR I 94 -19.90 -3.46 61.98
CA TYR I 94 -19.94 -4.27 60.77
C TYR I 94 -19.18 -5.57 60.94
N PHE I 95 -17.99 -5.51 61.53
CA PHE I 95 -17.16 -6.68 61.74
C PHE I 95 -17.05 -6.94 63.22
N LYS I 96 -17.41 -8.15 63.64
CA LYS I 96 -17.41 -8.50 65.05
C LYS I 96 -16.02 -8.46 65.67
N GLU I 97 -14.97 -8.56 64.86
CA GLU I 97 -13.60 -8.55 65.36
C GLU I 97 -12.81 -7.47 64.64
N LEU I 98 -11.88 -6.87 65.38
CA LEU I 98 -10.98 -5.84 64.85
C LEU I 98 -9.59 -6.45 64.83
N GLU I 99 -9.26 -7.12 63.73
CA GLU I 99 -7.98 -7.78 63.57
C GLU I 99 -7.59 -7.75 62.10
N GLU I 100 -6.39 -8.27 61.80
CA GLU I 100 -5.89 -8.26 60.44
C GLU I 100 -6.59 -9.28 59.55
N GLU I 101 -7.30 -10.24 60.14
CA GLU I 101 -7.98 -11.24 59.36
C GLU I 101 -9.12 -10.65 58.54
N SER I 102 -9.79 -9.62 59.05
CA SER I 102 -10.89 -8.99 58.34
C SER I 102 -10.43 -7.87 57.42
N ILE I 103 -9.27 -7.28 57.68
CA ILE I 103 -8.77 -6.22 56.81
C ILE I 103 -8.51 -6.76 55.41
N ARG I 104 -7.92 -7.93 55.31
CA ARG I 104 -7.64 -8.55 54.03
C ARG I 104 -8.80 -9.38 53.51
N ASP I 105 -9.90 -9.47 54.25
CA ASP I 105 -11.03 -10.30 53.84
C ASP I 105 -12.29 -9.52 53.51
N ASN I 106 -12.44 -8.30 54.01
CA ASN I 106 -13.63 -7.49 53.77
C ASN I 106 -13.30 -6.15 53.11
N PHE I 107 -12.38 -6.16 52.14
CA PHE I 107 -11.98 -4.92 51.50
C PHE I 107 -13.08 -4.34 50.62
N VAL I 108 -13.92 -5.19 50.04
CA VAL I 108 -14.93 -4.71 49.11
C VAL I 108 -15.89 -3.77 49.81
N ILE I 109 -16.34 -4.15 51.00
CA ILE I 109 -17.23 -3.29 51.75
C ILE I 109 -16.45 -2.23 52.50
N ILE I 110 -15.23 -2.54 52.91
CA ILE I 110 -14.45 -1.58 53.69
C ILE I 110 -14.13 -0.35 52.87
N TYR I 111 -13.74 -0.56 51.62
CA TYR I 111 -13.43 0.57 50.77
C TYR I 111 -14.65 1.43 50.55
N GLU I 112 -15.81 0.80 50.32
CA GLU I 112 -17.03 1.57 50.13
C GLU I 112 -17.39 2.36 51.36
N LEU I 113 -17.25 1.73 52.53
CA LEU I 113 -17.55 2.44 53.76
C LEU I 113 -16.61 3.61 53.96
N LEU I 114 -15.33 3.42 53.69
CA LEU I 114 -14.37 4.50 53.86
C LEU I 114 -14.65 5.65 52.91
N ASP I 115 -15.00 5.33 51.66
CA ASP I 115 -15.29 6.38 50.70
C ASP I 115 -16.55 7.13 51.09
N GLU I 116 -17.58 6.43 51.55
CA GLU I 116 -18.84 7.08 51.89
C GLU I 116 -18.75 7.86 53.20
N LEU I 117 -17.88 7.46 54.10
CA LEU I 117 -17.83 8.08 55.42
C LEU I 117 -17.38 9.53 55.35
N MET I 118 -16.27 9.79 54.68
CA MET I 118 -15.69 11.12 54.62
C MET I 118 -15.38 11.49 53.19
N ASP I 119 -15.70 12.73 52.82
CA ASP I 119 -15.41 13.27 51.50
C ASP I 119 -14.68 14.59 51.67
N PHE I 120 -13.52 14.70 51.04
CA PHE I 120 -12.69 15.91 51.13
C PHE I 120 -12.24 16.20 52.54
N GLY I 121 -12.11 15.17 53.36
CA GLY I 121 -11.74 15.34 54.75
C GLY I 121 -12.87 15.71 55.68
N TYR I 122 -14.09 15.82 55.16
CA TYR I 122 -15.24 16.21 55.97
C TYR I 122 -16.20 15.02 56.05
N PRO I 123 -16.29 14.34 57.19
CA PRO I 123 -17.25 13.23 57.29
C PRO I 123 -18.69 13.73 57.21
N GLN I 124 -19.55 12.88 56.65
CA GLN I 124 -20.95 13.22 56.48
C GLN I 124 -21.91 12.26 57.14
N THR I 125 -21.57 10.98 57.22
CA THR I 125 -22.44 9.98 57.82
C THR I 125 -21.64 9.15 58.81
N THR I 126 -22.24 8.87 59.97
CA THR I 126 -21.59 8.09 61.01
C THR I 126 -22.46 7.02 61.67
N ASP I 127 -23.71 6.87 61.23
CA ASP I 127 -24.60 5.88 61.84
C ASP I 127 -24.39 4.52 61.18
N SER I 128 -23.90 3.56 61.96
CA SER I 128 -23.67 2.22 61.43
C SER I 128 -24.97 1.57 60.99
N LYS I 129 -26.01 1.72 61.80
CA LYS I 129 -27.30 1.16 61.42
C LYS I 129 -27.84 1.83 60.18
N ILE I 130 -27.71 3.15 60.10
CA ILE I 130 -28.16 3.86 58.91
C ILE I 130 -27.28 3.51 57.72
N LEU I 131 -25.98 3.40 57.94
CA LEU I 131 -25.07 3.06 56.86
C LEU I 131 -25.27 1.63 56.36
N GLN I 132 -25.85 0.75 57.17
CA GLN I 132 -26.08 -0.62 56.75
C GLN I 132 -27.15 -0.75 55.67
N GLU I 133 -27.95 0.30 55.44
CA GLU I 133 -29.00 0.26 54.43
C GLU I 133 -28.54 0.79 53.07
N TYR I 134 -27.30 1.24 52.95
CA TYR I 134 -26.78 1.75 51.69
C TYR I 134 -25.50 1.05 51.22
N ILE I 135 -24.71 0.50 52.14
CA ILE I 135 -23.46 -0.18 51.80
C ILE I 135 -23.50 -1.55 52.48
N THR I 136 -23.40 -2.61 51.69
CA THR I 136 -23.46 -3.98 52.21
C THR I 136 -22.32 -4.79 51.61
N GLN I 137 -21.83 -5.76 52.37
CA GLN I 137 -20.78 -6.66 51.94
C GLN I 137 -21.32 -7.94 51.32
N GLU I 138 -22.64 -8.07 51.22
CA GLU I 138 -23.24 -9.26 50.62
C GLU I 138 -24.57 -8.92 49.95
N ALA I 146 -26.74 -1.39 44.33
CA ALA I 146 -27.09 -0.61 45.50
C ALA I 146 -28.24 0.35 45.20
N PRO I 147 -29.27 0.33 46.04
CA PRO I 147 -30.42 1.20 45.84
C PRO I 147 -30.09 2.62 46.30
N ARG I 148 -31.11 3.48 46.24
CA ARG I 148 -30.93 4.86 46.65
C ARG I 148 -30.69 4.94 48.16
N PRO I 149 -29.97 5.95 48.62
CA PRO I 149 -29.73 6.07 50.05
C PRO I 149 -31.02 6.34 50.79
N PRO I 150 -31.14 5.89 52.03
CA PRO I 150 -32.37 6.15 52.78
C PRO I 150 -32.54 7.62 53.09
N ALA I 151 -33.80 8.04 53.21
CA ALA I 151 -34.12 9.42 53.49
C ALA I 151 -33.80 9.84 54.91
N THR I 152 -33.46 8.90 55.79
CA THR I 152 -33.14 9.26 57.17
C THR I 152 -31.91 10.14 57.23
N VAL I 153 -30.89 9.82 56.41
CA VAL I 153 -29.68 10.63 56.37
C VAL I 153 -30.00 12.04 55.87
N THR I 154 -30.80 12.13 54.82
CA THR I 154 -31.21 13.44 54.32
C THR I 154 -32.11 14.14 55.32
N ASN I 155 -33.00 13.41 55.97
CA ASN I 155 -33.88 13.98 56.96
C ASN I 155 -33.14 14.34 58.23
N MET J 1 41.58 -9.73 69.37
CA MET J 1 40.51 -10.50 69.99
C MET J 1 39.15 -9.91 69.66
N ILE J 2 38.14 -10.77 69.57
CA ILE J 2 36.78 -10.34 69.25
C ILE J 2 36.12 -9.87 70.54
N HIS J 3 35.72 -8.60 70.58
CA HIS J 3 35.06 -8.07 71.76
C HIS J 3 33.72 -8.73 72.00
N PHE J 4 32.93 -8.90 70.94
CA PHE J 4 31.62 -9.53 71.08
C PHE J 4 31.18 -10.04 69.72
N ILE J 5 30.36 -11.09 69.75
CA ILE J 5 29.78 -11.69 68.56
C ILE J 5 28.29 -11.84 68.79
N LEU J 6 27.48 -11.35 67.85
CA LEU J 6 26.02 -11.38 67.98
C LEU J 6 25.43 -11.81 66.64
N LEU J 7 24.63 -12.88 66.67
CA LEU J 7 23.94 -13.37 65.49
C LEU J 7 22.51 -12.84 65.53
N PHE J 8 22.20 -11.91 64.62
CA PHE J 8 20.89 -11.28 64.57
C PHE J 8 20.22 -11.57 63.25
N SER J 9 18.90 -11.70 63.29
CA SER J 9 18.12 -11.97 62.09
C SER J 9 17.87 -10.69 61.30
N ARG J 10 17.33 -10.85 60.09
CA ARG J 10 17.00 -9.70 59.26
C ARG J 10 15.92 -8.84 59.88
N GLN J 11 14.93 -9.47 60.53
CA GLN J 11 13.87 -8.73 61.20
C GLN J 11 14.33 -8.02 62.45
N GLY J 12 15.55 -8.26 62.91
CA GLY J 12 16.09 -7.64 64.10
C GLY J 12 16.21 -8.57 65.28
N LYS J 13 15.56 -9.73 65.24
CA LYS J 13 15.68 -10.69 66.32
C LYS J 13 17.09 -11.27 66.36
N LEU J 14 17.62 -11.42 67.57
CA LEU J 14 18.98 -11.91 67.77
C LEU J 14 18.91 -13.40 68.08
N ARG J 15 19.58 -14.20 67.26
CA ARG J 15 19.61 -15.64 67.44
C ARG J 15 20.83 -16.13 68.20
N LEU J 16 21.84 -15.28 68.38
CA LEU J 16 23.04 -15.66 69.12
C LEU J 16 23.69 -14.41 69.68
N GLN J 17 24.43 -14.58 70.78
CA GLN J 17 25.13 -13.47 71.41
C GLN J 17 26.27 -14.04 72.23
N LYS J 18 27.46 -13.45 72.08
CA LYS J 18 28.64 -13.89 72.84
C LYS J 18 29.57 -12.69 72.94
N TRP J 19 29.58 -12.04 74.11
CA TRP J 19 30.39 -10.87 74.36
C TRP J 19 31.54 -11.24 75.29
N TYR J 20 32.75 -10.85 74.90
CA TYR J 20 33.95 -11.14 75.68
C TYR J 20 34.33 -10.01 76.63
N ILE J 21 33.54 -8.95 76.70
CA ILE J 21 33.81 -7.80 77.56
C ILE J 21 32.72 -7.69 78.61
N THR J 22 33.13 -7.57 79.87
CA THR J 22 32.21 -7.45 80.99
C THR J 22 31.55 -6.07 80.92
N LEU J 23 30.29 -6.03 80.53
CA LEU J 23 29.53 -4.80 80.41
C LEU J 23 28.21 -4.95 81.15
N PRO J 24 27.60 -3.83 81.54
CA PRO J 24 26.30 -3.91 82.23
C PRO J 24 25.21 -4.44 81.32
N ASP J 25 24.19 -5.03 81.94
CA ASP J 25 23.10 -5.61 81.16
C ASP J 25 22.35 -4.56 80.35
N LYS J 26 22.04 -3.42 80.99
CA LYS J 26 21.39 -2.33 80.26
C LYS J 26 22.31 -1.77 79.19
N GLU J 27 23.60 -1.59 79.51
CA GLU J 27 24.55 -1.11 78.52
C GLU J 27 24.72 -2.10 77.38
N ARG J 28 24.77 -3.40 77.71
CA ARG J 28 24.87 -4.41 76.66
C ARG J 28 23.64 -4.40 75.76
N LYS J 29 22.46 -4.27 76.34
CA LYS J 29 21.24 -4.21 75.54
C LYS J 29 21.23 -2.98 74.64
N LYS J 30 21.64 -1.83 75.18
CA LYS J 30 21.70 -0.62 74.36
C LYS J 30 22.70 -0.77 73.23
N ILE J 31 23.86 -1.37 73.50
CA ILE J 31 24.87 -1.57 72.46
C ILE J 31 24.35 -2.51 71.39
N THR J 32 23.67 -3.58 71.80
CA THR J 32 23.10 -4.51 70.83
C THR J 32 22.05 -3.82 69.97
N ARG J 33 21.20 -3.00 70.60
CA ARG J 33 20.19 -2.28 69.83
C ARG J 33 20.83 -1.32 68.83
N GLU J 34 21.86 -0.61 69.27
CA GLU J 34 22.55 0.31 68.37
C GLU J 34 23.19 -0.44 67.21
N ILE J 35 23.82 -1.58 67.50
CA ILE J 35 24.44 -2.37 66.43
C ILE J 35 23.41 -2.87 65.45
N VAL J 36 22.26 -3.33 65.95
CA VAL J 36 21.20 -3.80 65.07
C VAL J 36 20.67 -2.67 64.20
N GLN J 37 20.49 -1.49 64.80
CA GLN J 37 20.00 -0.35 64.03
C GLN J 37 21.01 0.06 62.96
N ILE J 38 22.29 0.05 63.30
CA ILE J 38 23.31 0.42 62.32
C ILE J 38 23.37 -0.60 61.20
N ILE J 39 23.35 -1.89 61.54
CA ILE J 39 23.38 -2.92 60.52
C ILE J 39 22.10 -2.92 59.70
N LEU J 40 20.95 -2.76 60.36
CA LEU J 40 19.68 -2.74 59.65
C LEU J 40 19.51 -1.48 58.80
N SER J 41 20.28 -0.43 59.08
CA SER J 41 20.22 0.81 58.33
C SER J 41 21.44 0.99 57.43
N ARG J 42 21.94 -0.10 56.86
CA ARG J 42 23.11 -0.08 56.00
C ARG J 42 22.80 -0.80 54.70
N GLY J 43 23.42 -0.35 53.61
CA GLY J 43 23.21 -0.94 52.32
C GLY J 43 24.04 -2.18 52.10
N HIS J 44 23.92 -2.73 50.91
CA HIS J 44 24.64 -3.94 50.53
C HIS J 44 26.03 -3.67 49.98
N ARG J 45 26.43 -2.39 49.89
CA ARG J 45 27.74 -2.00 49.39
C ARG J 45 28.44 -1.11 50.40
N THR J 46 28.33 -1.45 51.69
CA THR J 46 28.95 -0.71 52.76
C THR J 46 30.32 -1.25 53.16
N SER J 47 30.82 -2.26 52.46
CA SER J 47 32.10 -2.91 52.69
C SER J 47 32.06 -3.90 53.85
N SER J 48 30.92 -4.04 54.53
CA SER J 48 30.80 -4.97 55.66
C SER J 48 31.75 -4.63 56.80
N PHE J 49 32.05 -3.34 56.96
CA PHE J 49 32.93 -2.88 58.03
C PHE J 49 32.41 -1.56 58.55
N VAL J 50 32.28 -1.46 59.88
CA VAL J 50 31.79 -0.26 60.53
C VAL J 50 32.70 0.03 61.72
N ASP J 51 33.13 1.29 61.85
CA ASP J 51 33.96 1.72 62.97
C ASP J 51 33.06 2.37 64.01
N TRP J 52 32.48 1.54 64.87
CA TRP J 52 31.56 1.98 65.91
C TRP J 52 32.28 1.96 67.25
N LYS J 53 32.35 3.11 67.91
CA LYS J 53 33.00 3.24 69.20
C LYS J 53 34.44 2.78 69.16
N GLU J 54 35.13 3.12 68.08
CA GLU J 54 36.51 2.70 67.87
C GLU J 54 36.66 1.18 67.76
N LEU J 55 35.60 0.51 67.34
CA LEU J 55 35.60 -0.93 67.19
C LEU J 55 35.27 -1.28 65.75
N LYS J 56 36.06 -2.18 65.16
CA LYS J 56 35.88 -2.59 63.76
C LYS J 56 34.72 -3.57 63.68
N LEU J 57 33.51 -3.01 63.63
CA LEU J 57 32.30 -3.82 63.52
C LEU J 57 32.20 -4.37 62.10
N VAL J 58 32.44 -5.67 61.95
CA VAL J 58 32.42 -6.32 60.65
C VAL J 58 31.11 -7.11 60.55
N TYR J 59 30.34 -6.83 59.51
CA TYR J 59 29.06 -7.49 59.27
C TYR J 59 29.15 -8.29 57.99
N LYS J 60 28.84 -9.59 58.08
CA LYS J 60 28.86 -10.48 56.92
C LYS J 60 27.81 -11.57 57.17
N ARG J 61 26.62 -11.37 56.60
CA ARG J 61 25.52 -12.31 56.74
C ARG J 61 25.38 -13.11 55.46
N TYR J 62 25.40 -14.43 55.57
CA TYR J 62 25.26 -15.30 54.41
C TYR J 62 23.83 -15.71 54.14
N ALA J 63 22.88 -15.24 54.93
CA ALA J 63 21.47 -15.60 54.77
C ALA J 63 20.63 -14.42 55.26
N SER J 64 19.36 -14.68 55.55
CA SER J 64 18.51 -13.64 56.11
C SER J 64 19.06 -13.15 57.45
N LEU J 65 19.52 -14.07 58.28
CA LEU J 65 20.15 -13.70 59.54
C LEU J 65 21.57 -13.24 59.28
N TYR J 66 21.92 -12.08 59.83
CA TYR J 66 23.23 -11.48 59.63
C TYR J 66 24.17 -11.89 60.75
N PHE J 67 25.43 -11.47 60.62
CA PHE J 67 26.46 -11.74 61.61
C PHE J 67 27.18 -10.45 61.95
N CYS J 68 27.66 -10.35 63.19
CA CYS J 68 28.35 -9.16 63.65
C CYS J 68 29.55 -9.57 64.50
N CYS J 69 30.51 -8.66 64.60
CA CYS J 69 31.72 -8.89 65.38
C CYS J 69 32.25 -7.54 65.85
N ALA J 70 33.13 -7.60 66.86
CA ALA J 70 33.74 -6.40 67.43
C ALA J 70 35.23 -6.71 67.59
N ILE J 71 36.04 -6.28 66.63
CA ILE J 71 37.48 -6.53 66.62
C ILE J 71 38.20 -5.23 66.94
N GLU J 72 39.21 -5.34 67.81
CA GLU J 72 39.99 -4.17 68.18
C GLU J 72 40.84 -3.71 67.01
N ASN J 73 41.24 -2.44 67.06
CA ASN J 73 42.01 -1.83 65.98
C ASN J 73 43.49 -2.18 66.09
N GLN J 74 43.78 -3.48 66.11
CA GLN J 74 45.15 -3.96 66.15
C GLN J 74 45.44 -5.14 65.25
N ASP J 75 44.43 -5.68 64.55
CA ASP J 75 44.60 -6.83 63.68
C ASP J 75 43.97 -6.52 62.32
N ASN J 76 44.16 -7.45 61.38
CA ASN J 76 43.61 -7.27 60.04
C ASN J 76 42.09 -7.46 60.06
N GLU J 77 41.44 -6.85 59.07
CA GLU J 77 39.98 -6.92 58.96
C GLU J 77 39.51 -8.19 58.28
N LEU J 78 40.26 -8.68 57.28
CA LEU J 78 39.87 -9.91 56.60
C LEU J 78 39.95 -11.13 57.51
N LEU J 79 40.74 -11.06 58.59
CA LEU J 79 40.85 -12.19 59.50
C LEU J 79 39.50 -12.48 60.16
N THR J 80 38.77 -11.43 60.55
CA THR J 80 37.46 -11.63 61.16
C THR J 80 36.50 -12.30 60.17
N LEU J 81 36.50 -11.86 58.92
CA LEU J 81 35.63 -12.47 57.92
C LEU J 81 36.00 -13.93 57.69
N GLU J 82 37.30 -14.22 57.62
CA GLU J 82 37.73 -15.61 57.44
C GLU J 82 37.31 -16.47 58.62
N ILE J 83 37.44 -15.95 59.83
CA ILE J 83 37.04 -16.70 61.01
C ILE J 83 35.55 -16.94 61.00
N VAL J 84 34.77 -15.92 60.61
CA VAL J 84 33.32 -16.08 60.55
C VAL J 84 32.93 -17.14 59.52
N HIS J 85 33.57 -17.11 58.35
CA HIS J 85 33.28 -18.10 57.34
C HIS J 85 33.64 -19.50 57.81
N ARG J 86 34.79 -19.64 58.48
CA ARG J 86 35.20 -20.94 58.99
C ARG J 86 34.21 -21.44 60.05
N TYR J 87 33.77 -20.55 60.92
CA TYR J 87 32.80 -20.95 61.94
C TYR J 87 31.48 -21.37 61.32
N VAL J 88 31.04 -20.64 60.29
CA VAL J 88 29.79 -21.00 59.61
C VAL J 88 29.93 -22.36 58.95
N GLU J 89 31.06 -22.60 58.30
CA GLU J 89 31.27 -23.90 57.66
C GLU J 89 31.30 -25.03 58.69
N LEU J 90 31.97 -24.79 59.81
CA LEU J 90 32.04 -25.82 60.85
C LEU J 90 30.66 -26.11 61.42
N LEU J 91 29.86 -25.06 61.64
CA LEU J 91 28.51 -25.26 62.16
C LEU J 91 27.65 -26.03 61.16
N ASP J 92 27.78 -25.69 59.87
CA ASP J 92 27.02 -26.40 58.85
C ASP J 92 27.43 -27.86 58.79
N LYS J 93 28.72 -28.15 58.89
CA LYS J 93 29.18 -29.53 58.88
C LYS J 93 28.70 -30.29 60.10
N TYR J 94 28.75 -29.66 61.27
CA TYR J 94 28.32 -30.34 62.49
C TYR J 94 26.82 -30.59 62.48
N PHE J 95 26.03 -29.64 62.00
CA PHE J 95 24.58 -29.77 62.01
C PHE J 95 24.06 -30.49 60.76
N GLY J 96 24.45 -30.02 59.58
CA GLY J 96 23.99 -30.60 58.35
C GLY J 96 22.86 -29.79 57.73
N ASN J 97 23.19 -28.95 56.76
CA ASN J 97 22.23 -28.04 56.14
C ASN J 97 21.62 -27.10 57.18
N VAL J 98 22.49 -26.30 57.80
CA VAL J 98 22.06 -25.41 58.86
C VAL J 98 21.19 -24.31 58.29
N CYS J 99 20.02 -24.11 58.89
CA CYS J 99 19.07 -23.08 58.49
C CYS J 99 18.72 -22.25 59.72
N GLU J 100 17.81 -21.29 59.52
CA GLU J 100 17.40 -20.43 60.63
C GLU J 100 16.57 -21.19 61.67
N LEU J 101 15.78 -22.17 61.23
CA LEU J 101 14.93 -22.91 62.16
C LEU J 101 15.76 -23.68 63.17
N ASP J 102 16.83 -24.32 62.72
CA ASP J 102 17.68 -25.10 63.62
C ASP J 102 18.48 -24.22 64.57
N ILE J 103 18.71 -22.96 64.21
CA ILE J 103 19.50 -22.07 65.07
C ILE J 103 18.75 -21.75 66.35
N ILE J 104 17.46 -21.43 66.25
CA ILE J 104 16.68 -21.11 67.43
C ILE J 104 16.52 -22.32 68.34
N PHE J 105 16.21 -23.48 67.76
CA PHE J 105 15.98 -24.66 68.57
C PHE J 105 17.29 -25.26 69.07
N ASN J 106 18.36 -25.16 68.30
CA ASN J 106 19.66 -25.73 68.64
C ASN J 106 20.65 -24.68 69.11
N PHE J 107 20.16 -23.69 69.86
CA PHE J 107 21.03 -22.62 70.35
C PHE J 107 22.11 -23.15 71.28
N GLU J 108 21.79 -24.18 72.08
CA GLU J 108 22.79 -24.75 72.97
C GLU J 108 23.94 -25.35 72.20
N LYS J 109 23.64 -26.07 71.12
CA LYS J 109 24.71 -26.66 70.31
C LYS J 109 25.58 -25.59 69.69
N ALA J 110 24.96 -24.51 69.19
CA ALA J 110 25.73 -23.42 68.60
C ALA J 110 26.62 -22.74 69.65
N TYR J 111 26.09 -22.55 70.86
CA TYR J 111 26.89 -21.95 71.93
C TYR J 111 28.05 -22.86 72.30
N PHE J 112 27.82 -24.17 72.37
CA PHE J 112 28.90 -25.10 72.68
C PHE J 112 29.96 -25.08 71.59
N ILE J 113 29.54 -25.04 70.33
CA ILE J 113 30.50 -24.99 69.22
C ILE J 113 31.32 -23.72 69.28
N LEU J 114 30.66 -22.58 69.55
CA LEU J 114 31.38 -21.32 69.65
C LEU J 114 32.38 -21.34 70.80
N ASP J 115 31.98 -21.91 71.94
CA ASP J 115 32.89 -22.00 73.08
C ASP J 115 34.09 -22.89 72.76
N GLU J 116 33.85 -24.02 72.09
CA GLU J 116 34.93 -24.92 71.73
C GLU J 116 35.80 -24.39 70.60
N PHE J 117 35.32 -23.40 69.85
CA PHE J 117 36.08 -22.83 68.75
C PHE J 117 36.82 -21.56 69.13
N ILE J 118 36.11 -20.57 69.68
CA ILE J 118 36.69 -19.29 70.07
C ILE J 118 36.46 -19.09 71.56
N ILE J 119 37.53 -18.86 72.30
CA ILE J 119 37.46 -18.63 73.74
C ILE J 119 38.14 -17.30 74.03
N GLY J 120 37.44 -16.41 74.73
CA GLY J 120 38.01 -15.13 75.11
C GLY J 120 38.19 -14.15 73.97
N GLY J 121 37.50 -14.36 72.85
CA GLY J 121 37.63 -13.50 71.70
C GLY J 121 38.71 -13.92 70.73
N GLU J 122 39.54 -14.89 71.10
CA GLU J 122 40.62 -15.37 70.26
C GLU J 122 40.29 -16.76 69.73
N ILE J 123 41.04 -17.19 68.72
CA ILE J 123 40.83 -18.48 68.09
C ILE J 123 41.44 -19.58 68.96
N GLN J 124 40.79 -20.75 68.96
CA GLN J 124 41.24 -21.89 69.75
C GLN J 124 41.69 -23.07 68.91
N GLU J 125 41.14 -23.24 67.71
CA GLU J 125 41.52 -24.34 66.82
C GLU J 125 41.51 -23.83 65.39
N THR J 126 42.67 -23.84 64.74
CA THR J 126 42.76 -23.37 63.36
C THR J 126 42.15 -24.36 62.37
N SER J 127 42.21 -25.65 62.68
CA SER J 127 41.66 -26.66 61.78
C SER J 127 40.13 -26.67 61.86
N GLY K 1 -17.00 -36.53 -16.87
CA GLY K 1 -15.61 -36.30 -17.20
C GLY K 1 -14.67 -37.27 -16.51
N ASN K 2 -13.49 -37.47 -17.12
CA ASN K 2 -12.48 -38.37 -16.60
C ASN K 2 -11.19 -37.61 -16.37
N ILE K 3 -10.52 -37.89 -15.25
CA ILE K 3 -9.27 -37.22 -14.92
C ILE K 3 -8.16 -38.26 -14.79
N PHE K 4 -8.31 -39.39 -15.48
CA PHE K 4 -7.29 -40.43 -15.45
C PHE K 4 -6.00 -39.95 -16.10
N ALA K 5 -6.10 -39.20 -17.21
CA ALA K 5 -4.90 -38.69 -17.86
C ALA K 5 -4.14 -37.72 -16.98
N ASN K 6 -4.86 -36.85 -16.26
CA ASN K 6 -4.20 -35.93 -15.34
C ASN K 6 -3.48 -36.67 -14.23
N LEU K 7 -4.11 -37.71 -13.68
CA LEU K 7 -3.47 -38.50 -12.63
C LEU K 7 -2.24 -39.22 -13.16
N PHE K 8 -2.32 -39.77 -14.38
CA PHE K 8 -1.17 -40.43 -14.97
C PHE K 8 -0.03 -39.45 -15.20
N LYS K 9 -0.34 -38.25 -15.68
CA LYS K 9 0.69 -37.24 -15.87
C LYS K 9 1.32 -36.82 -14.55
N GLY K 10 0.50 -36.66 -13.51
CA GLY K 10 1.02 -36.29 -12.20
C GLY K 10 1.79 -37.38 -11.51
N LEU K 11 1.56 -38.64 -11.89
CA LEU K 11 2.32 -39.74 -11.29
C LEU K 11 3.80 -39.64 -11.62
N PHE K 12 4.14 -39.06 -12.76
CA PHE K 12 5.52 -38.86 -13.16
C PHE K 12 5.94 -37.40 -13.21
N GLY K 13 5.04 -36.48 -12.89
CA GLY K 13 5.36 -35.07 -12.92
C GLY K 13 4.74 -34.34 -14.09
N LYS K 14 3.84 -33.40 -13.80
CA LYS K 14 3.15 -32.66 -14.85
C LYS K 14 3.27 -31.14 -14.67
N LYS K 15 3.27 -30.67 -13.44
CA LYS K 15 3.32 -29.23 -13.20
C LYS K 15 4.69 -28.67 -13.59
N GLU K 16 4.68 -27.46 -14.17
CA GLU K 16 5.89 -26.77 -14.58
C GLU K 16 6.10 -25.47 -13.82
N MET K 17 5.08 -24.61 -13.79
CA MET K 17 5.18 -23.36 -13.06
C MET K 17 5.87 -22.28 -13.89
N ARG K 18 5.91 -21.05 -13.38
CA ARG K 18 6.55 -19.94 -14.06
C ARG K 18 7.27 -19.09 -13.02
N ILE K 19 8.00 -18.09 -13.50
CA ILE K 19 8.77 -17.20 -12.63
C ILE K 19 9.09 -15.93 -13.40
N LEU K 20 9.38 -14.86 -12.67
CA LEU K 20 9.74 -13.58 -13.25
C LEU K 20 11.06 -13.11 -12.67
N MET K 21 11.79 -12.32 -13.44
CA MET K 21 13.10 -11.81 -13.06
C MET K 21 13.13 -10.31 -13.32
N VAL K 22 13.02 -9.53 -12.24
CA VAL K 22 13.05 -8.08 -12.32
C VAL K 22 14.07 -7.55 -11.32
N GLY K 23 14.50 -6.32 -11.54
CA GLY K 23 15.47 -5.69 -10.66
C GLY K 23 16.23 -4.60 -11.39
N LEU K 24 17.10 -3.94 -10.64
CA LEU K 24 17.89 -2.85 -11.19
C LEU K 24 18.96 -3.37 -12.13
N ASP K 25 19.41 -2.49 -13.02
CA ASP K 25 20.44 -2.85 -13.98
C ASP K 25 21.76 -3.08 -13.25
N ALA K 26 22.57 -3.99 -13.80
CA ALA K 26 23.85 -4.35 -13.23
C ALA K 26 23.70 -5.00 -11.86
N ALA K 27 22.59 -5.70 -11.64
CA ALA K 27 22.30 -6.35 -10.38
C ALA K 27 22.62 -7.84 -10.38
N GLY K 28 23.27 -8.33 -11.43
CA GLY K 28 23.55 -9.75 -11.54
C GLY K 28 22.40 -10.59 -12.03
N LYS K 29 21.34 -9.96 -12.53
CA LYS K 29 20.18 -10.72 -12.99
C LYS K 29 20.54 -11.57 -14.19
N THR K 30 21.25 -10.99 -15.15
CA THR K 30 21.62 -11.75 -16.33
C THR K 30 22.56 -12.89 -15.97
N THR K 31 23.53 -12.63 -15.10
CA THR K 31 24.45 -13.67 -14.69
C THR K 31 23.72 -14.77 -13.94
N ILE K 32 22.79 -14.38 -13.08
CA ILE K 32 22.03 -15.38 -12.33
C ILE K 32 21.19 -16.22 -13.28
N LEU K 33 20.57 -15.59 -14.26
CA LEU K 33 19.77 -16.34 -15.22
C LEU K 33 20.64 -17.29 -16.03
N TYR K 34 21.81 -16.84 -16.43
CA TYR K 34 22.72 -17.72 -17.17
C TYR K 34 23.16 -18.90 -16.32
N LYS K 35 23.45 -18.66 -15.05
CA LYS K 35 23.86 -19.75 -14.17
C LYS K 35 22.72 -20.73 -13.97
N LEU K 36 21.50 -20.24 -13.80
CA LEU K 36 20.36 -21.12 -13.61
C LEU K 36 20.09 -21.94 -14.87
N LYS K 37 20.23 -21.31 -16.04
CA LYS K 37 19.95 -22.01 -17.28
C LYS K 37 21.12 -22.88 -17.71
N LEU K 38 22.32 -22.30 -17.76
CA LEU K 38 23.50 -23.03 -18.21
C LEU K 38 24.37 -23.52 -17.05
N GLY K 39 24.83 -22.60 -16.20
CA GLY K 39 25.71 -22.98 -15.11
C GLY K 39 27.10 -22.41 -15.25
N GLU K 40 27.24 -21.30 -15.96
CA GLU K 40 28.53 -20.65 -16.16
C GLU K 40 28.35 -19.15 -16.00
N ILE K 41 29.43 -18.48 -15.59
CA ILE K 41 29.44 -17.04 -15.38
C ILE K 41 29.81 -16.38 -16.72
N VAL K 42 28.79 -15.96 -17.48
CA VAL K 42 28.99 -15.32 -18.77
C VAL K 42 28.80 -13.82 -18.62
N THR K 43 29.75 -13.04 -19.13
CA THR K 43 29.68 -11.58 -19.07
C THR K 43 28.93 -11.08 -20.29
N THR K 44 27.93 -10.24 -20.06
CA THR K 44 27.07 -9.73 -21.12
C THR K 44 26.89 -8.23 -20.95
N ILE K 45 26.54 -7.56 -22.05
CA ILE K 45 26.27 -6.13 -22.05
C ILE K 45 24.95 -5.89 -21.34
N PRO K 46 24.64 -4.66 -20.95
CA PRO K 46 23.36 -4.42 -20.27
C PRO K 46 22.19 -4.82 -21.13
N THR K 47 21.17 -5.40 -20.48
CA THR K 47 20.01 -5.94 -21.19
C THR K 47 19.13 -4.80 -21.66
N ILE K 48 19.24 -4.46 -22.94
CA ILE K 48 18.39 -3.42 -23.51
C ILE K 48 16.93 -3.84 -23.48
N GLY K 49 16.65 -5.08 -23.87
CA GLY K 49 15.29 -5.57 -23.86
C GLY K 49 14.99 -6.46 -22.67
N PHE K 50 14.80 -7.75 -22.91
CA PHE K 50 14.51 -8.68 -21.84
C PHE K 50 14.98 -10.05 -22.27
N ASN K 51 15.12 -10.95 -21.30
CA ASN K 51 15.58 -12.30 -21.55
C ASN K 51 14.55 -13.28 -21.02
N VAL K 52 14.21 -14.28 -21.83
CA VAL K 52 13.25 -15.32 -21.46
C VAL K 52 13.94 -16.67 -21.55
N GLU K 53 13.89 -17.43 -20.45
CA GLU K 53 14.51 -18.75 -20.41
C GLU K 53 13.68 -19.63 -19.48
N THR K 54 14.05 -20.92 -19.44
CA THR K 54 13.37 -21.88 -18.59
C THR K 54 14.40 -22.74 -17.89
N VAL K 55 14.05 -23.16 -16.67
CA VAL K 55 14.91 -24.03 -15.86
C VAL K 55 14.10 -25.25 -15.44
N GLU K 56 14.63 -26.44 -15.70
CA GLU K 56 13.98 -27.68 -15.34
C GLU K 56 14.68 -28.24 -14.10
N TYR K 57 13.98 -28.19 -12.98
CA TYR K 57 14.54 -28.68 -11.73
C TYR K 57 13.41 -29.23 -10.89
N LYS K 58 13.65 -30.39 -10.27
CA LYS K 58 12.66 -31.07 -9.46
C LYS K 58 11.41 -31.42 -10.26
N ASN K 59 11.58 -31.72 -11.55
CA ASN K 59 10.48 -32.06 -12.45
C ASN K 59 9.55 -30.88 -12.72
N ILE K 60 10.01 -29.65 -12.49
CA ILE K 60 9.22 -28.45 -12.71
C ILE K 60 10.00 -27.55 -13.66
N SER K 61 9.34 -27.14 -14.73
CA SER K 61 9.95 -26.26 -15.72
C SER K 61 9.72 -24.82 -15.28
N PHE K 62 10.72 -24.26 -14.62
CA PHE K 62 10.63 -22.89 -14.09
C PHE K 62 11.05 -21.93 -15.20
N THR K 63 10.06 -21.35 -15.87
CA THR K 63 10.32 -20.35 -16.90
C THR K 63 10.61 -19.01 -16.26
N VAL K 64 11.73 -18.41 -16.64
CA VAL K 64 12.18 -17.14 -16.07
C VAL K 64 12.19 -16.09 -17.17
N TRP K 65 11.60 -14.94 -16.90
CA TRP K 65 11.57 -13.82 -17.83
C TRP K 65 12.37 -12.67 -17.22
N ASP K 66 13.64 -12.59 -17.59
CA ASP K 66 14.51 -11.54 -17.05
C ASP K 66 14.09 -10.18 -17.56
N VAL K 67 14.08 -9.20 -16.66
CA VAL K 67 13.72 -7.84 -16.98
C VAL K 67 14.84 -6.92 -16.50
N GLY K 68 15.25 -6.00 -17.36
CA GLY K 68 16.31 -5.08 -17.02
C GLY K 68 15.85 -3.96 -16.10
N GLY K 69 16.82 -3.15 -15.67
CA GLY K 69 16.54 -2.04 -14.78
C GLY K 69 16.79 -0.68 -15.41
N GLN K 70 16.70 -0.61 -16.73
CA GLN K 70 16.89 0.65 -17.42
C GLN K 70 15.73 1.60 -17.14
N ASP K 71 16.05 2.90 -17.17
CA ASP K 71 15.01 3.90 -16.90
C ASP K 71 13.92 3.86 -17.96
N LYS K 72 14.30 3.71 -19.22
CA LYS K 72 13.30 3.64 -20.28
C LYS K 72 12.55 2.32 -20.28
N ILE K 73 13.08 1.29 -19.61
CA ILE K 73 12.43 -0.01 -19.56
C ILE K 73 11.71 -0.26 -18.26
N ARG K 74 11.85 0.63 -17.29
CA ARG K 74 11.13 0.46 -16.03
C ARG K 74 9.63 0.44 -16.22
N PRO K 75 9.04 1.36 -16.99
CA PRO K 75 7.58 1.35 -17.16
C PRO K 75 7.07 0.27 -18.07
N LEU K 76 7.94 -0.49 -18.69
CA LEU K 76 7.53 -1.56 -19.57
C LEU K 76 7.28 -2.88 -18.85
N TRP K 77 7.45 -2.91 -17.53
CA TRP K 77 7.22 -4.14 -16.79
C TRP K 77 5.76 -4.52 -16.72
N ARG K 78 4.86 -3.58 -17.01
CA ARG K 78 3.44 -3.88 -16.96
C ARG K 78 3.02 -4.85 -18.03
N HIS K 79 3.79 -4.96 -19.10
CA HIS K 79 3.43 -5.90 -20.15
C HIS K 79 3.54 -7.33 -19.67
N TYR K 80 4.49 -7.61 -18.80
CA TYR K 80 4.69 -8.98 -18.31
C TYR K 80 3.75 -9.32 -17.16
N PHE K 81 2.94 -8.37 -16.72
CA PHE K 81 2.01 -8.64 -15.64
C PHE K 81 0.88 -9.55 -16.08
N GLN K 82 0.66 -9.71 -17.37
CA GLN K 82 -0.41 -10.55 -17.87
C GLN K 82 0.12 -11.98 -18.00
N ASN K 83 -0.61 -12.93 -17.41
CA ASN K 83 -0.24 -14.34 -17.43
C ASN K 83 1.10 -14.57 -16.72
N THR K 84 1.23 -14.00 -15.54
CA THR K 84 2.42 -14.13 -14.73
C THR K 84 2.07 -14.83 -13.42
N GLN K 85 2.86 -15.82 -13.03
CA GLN K 85 2.62 -16.57 -11.82
C GLN K 85 3.64 -16.33 -10.71
N GLY K 86 4.86 -15.90 -11.05
CA GLY K 86 5.88 -15.64 -10.07
C GLY K 86 6.54 -14.28 -10.29
N LEU K 87 7.35 -13.89 -9.31
CA LEU K 87 8.06 -12.61 -9.37
C LEU K 87 9.25 -12.69 -8.44
N ILE K 88 10.43 -12.33 -8.96
CA ILE K 88 11.66 -12.37 -8.20
C ILE K 88 12.29 -10.98 -8.22
N PHE K 89 12.64 -10.47 -7.04
CA PHE K 89 13.26 -9.16 -6.90
C PHE K 89 14.72 -9.35 -6.52
N VAL K 90 15.61 -8.68 -7.25
CA VAL K 90 17.04 -8.79 -7.04
C VAL K 90 17.52 -7.47 -6.46
N VAL K 91 18.14 -7.54 -5.30
CA VAL K 91 18.65 -6.35 -4.64
C VAL K 91 20.11 -6.13 -5.03
N ASP K 92 20.56 -4.89 -4.90
CA ASP K 92 21.94 -4.50 -5.21
C ASP K 92 22.51 -3.82 -3.97
N SER K 93 23.13 -4.61 -3.09
CA SER K 93 23.71 -4.08 -1.86
C SER K 93 24.97 -3.27 -2.09
N ASN K 94 25.58 -3.38 -3.26
CA ASN K 94 26.78 -2.64 -3.57
C ASN K 94 26.51 -1.23 -4.09
N ASP K 95 25.24 -0.87 -4.28
CA ASP K 95 24.87 0.45 -4.78
C ASP K 95 24.03 1.12 -3.69
N ARG K 96 24.70 1.85 -2.79
CA ARG K 96 23.99 2.54 -1.73
C ARG K 96 23.11 3.65 -2.28
N GLU K 97 23.60 4.39 -3.27
CA GLU K 97 22.83 5.49 -3.84
C GLU K 97 21.61 5.01 -4.61
N ARG K 98 21.64 3.78 -5.13
CA ARG K 98 20.54 3.23 -5.90
C ARG K 98 19.55 2.45 -5.05
N VAL K 99 19.80 2.32 -3.75
CA VAL K 99 18.89 1.57 -2.89
C VAL K 99 17.54 2.24 -2.80
N ASN K 100 17.52 3.57 -2.66
CA ASN K 100 16.26 4.29 -2.59
C ASN K 100 15.49 4.16 -3.90
N GLU K 101 16.18 4.27 -5.03
CA GLU K 101 15.52 4.12 -6.32
C GLU K 101 14.94 2.72 -6.48
N ALA K 102 15.70 1.70 -6.07
CA ALA K 102 15.21 0.33 -6.16
C ALA K 102 14.00 0.12 -5.27
N ARG K 103 14.03 0.68 -4.07
CA ARG K 103 12.88 0.57 -3.18
C ARG K 103 11.66 1.26 -3.77
N GLU K 104 11.85 2.44 -4.35
CA GLU K 104 10.72 3.14 -4.97
C GLU K 104 10.15 2.35 -6.14
N GLU K 105 11.03 1.76 -6.96
CA GLU K 105 10.56 0.97 -8.08
C GLU K 105 9.80 -0.25 -7.61
N LEU K 106 10.29 -0.92 -6.57
CA LEU K 106 9.60 -2.08 -6.03
C LEU K 106 8.23 -1.68 -5.49
N MET K 107 8.17 -0.55 -4.80
CA MET K 107 6.90 -0.10 -4.25
C MET K 107 5.92 0.23 -5.37
N ARG K 108 6.40 0.88 -6.42
CA ARG K 108 5.53 1.17 -7.55
C ARG K 108 5.04 -0.09 -8.20
N MET K 109 5.92 -1.07 -8.38
CA MET K 109 5.52 -2.33 -8.98
C MET K 109 4.71 -3.19 -8.04
N LEU K 110 4.96 -3.07 -6.74
CA LEU K 110 4.23 -3.87 -5.77
C LEU K 110 2.88 -3.27 -5.42
N ALA K 111 2.56 -2.09 -5.94
CA ALA K 111 1.29 -1.45 -5.66
C ALA K 111 0.27 -1.69 -6.78
N GLU K 112 0.39 -2.81 -7.46
CA GLU K 112 -0.52 -3.16 -8.55
C GLU K 112 -1.40 -4.32 -8.10
N ASP K 113 -2.71 -4.19 -8.33
CA ASP K 113 -3.65 -5.21 -7.90
C ASP K 113 -3.65 -6.44 -8.80
N GLU K 114 -3.08 -6.33 -9.99
CA GLU K 114 -3.03 -7.48 -10.87
C GLU K 114 -2.04 -8.52 -10.38
N LEU K 115 -0.93 -8.09 -9.79
CA LEU K 115 0.09 -9.00 -9.27
C LEU K 115 -0.18 -9.17 -7.78
N ARG K 116 -1.03 -10.12 -7.47
CA ARG K 116 -1.38 -10.42 -6.09
C ARG K 116 -1.03 -11.83 -5.66
N ASP K 117 -1.14 -12.81 -6.54
CA ASP K 117 -0.82 -14.18 -6.19
C ASP K 117 0.67 -14.48 -6.27
N ALA K 118 1.48 -13.55 -6.77
CA ALA K 118 2.91 -13.77 -6.89
C ALA K 118 3.57 -13.48 -5.54
N VAL K 119 4.15 -14.52 -4.94
CA VAL K 119 4.81 -14.34 -3.65
C VAL K 119 6.12 -13.58 -3.83
N LEU K 120 6.57 -12.97 -2.74
CA LEU K 120 7.80 -12.18 -2.78
C LEU K 120 9.01 -13.10 -2.86
N LEU K 121 9.99 -12.69 -3.66
CA LEU K 121 11.23 -13.44 -3.85
C LEU K 121 12.38 -12.44 -3.92
N VAL K 122 13.01 -12.21 -2.78
CA VAL K 122 14.11 -11.24 -2.68
C VAL K 122 15.41 -12.02 -2.74
N PHE K 123 16.27 -11.65 -3.68
CA PHE K 123 17.57 -12.29 -3.86
C PHE K 123 18.66 -11.27 -3.57
N ALA K 124 19.56 -11.60 -2.65
CA ALA K 124 20.67 -10.72 -2.29
C ALA K 124 21.83 -11.04 -3.22
N ASN K 125 21.92 -10.30 -4.30
CA ASN K 125 22.96 -10.50 -5.29
C ASN K 125 24.22 -9.72 -4.92
N LYS K 126 25.31 -10.04 -5.62
CA LYS K 126 26.60 -9.41 -5.39
C LYS K 126 27.12 -9.71 -4.00
N GLN K 127 27.00 -10.97 -3.59
CA GLN K 127 27.47 -11.41 -2.29
C GLN K 127 28.94 -11.83 -2.34
N ASP K 128 29.78 -10.89 -2.75
CA ASP K 128 31.22 -11.11 -2.84
C ASP K 128 32.08 -10.01 -2.24
N LEU K 129 31.51 -8.83 -1.95
CA LEU K 129 32.28 -7.74 -1.38
C LEU K 129 31.97 -7.58 0.10
N PRO K 130 32.92 -7.09 0.89
CA PRO K 130 32.66 -6.89 2.33
C PRO K 130 31.57 -5.86 2.63
N ASN K 131 31.28 -4.96 1.69
CA ASN K 131 30.27 -3.92 1.91
C ASN K 131 28.85 -4.45 1.87
N ALA K 132 28.64 -5.68 1.42
CA ALA K 132 27.30 -6.25 1.38
C ALA K 132 26.77 -6.46 2.79
N MET K 133 25.48 -6.19 2.98
CA MET K 133 24.84 -6.35 4.27
C MET K 133 24.42 -7.80 4.48
N ASN K 134 23.83 -8.06 5.64
CA ASN K 134 23.38 -9.41 5.98
C ASN K 134 22.01 -9.67 5.35
N ALA K 135 21.39 -10.79 5.73
CA ALA K 135 20.08 -11.16 5.22
C ALA K 135 18.94 -10.50 5.97
N ALA K 136 19.24 -9.72 7.01
CA ALA K 136 18.23 -9.03 7.81
C ALA K 136 18.30 -7.51 7.70
N GLU K 137 19.50 -6.94 7.58
CA GLU K 137 19.60 -5.49 7.44
C GLU K 137 18.97 -5.02 6.14
N ILE K 138 19.19 -5.76 5.06
CA ILE K 138 18.59 -5.39 3.79
C ILE K 138 17.07 -5.50 3.88
N THR K 139 16.57 -6.57 4.49
CA THR K 139 15.13 -6.73 4.61
C THR K 139 14.53 -5.62 5.46
N ASP K 140 15.23 -5.26 6.54
CA ASP K 140 14.76 -4.17 7.38
C ASP K 140 14.74 -2.85 6.62
N LYS K 141 15.78 -2.60 5.81
CA LYS K 141 15.81 -1.38 5.02
C LYS K 141 14.70 -1.35 3.99
N LEU K 142 14.42 -2.50 3.38
CA LEU K 142 13.38 -2.57 2.38
C LEU K 142 11.98 -2.68 2.99
N GLY K 143 11.88 -3.00 4.27
CA GLY K 143 10.57 -3.10 4.90
C GLY K 143 9.70 -4.22 4.36
N LEU K 144 10.30 -5.39 4.13
CA LEU K 144 9.54 -6.52 3.62
C LEU K 144 8.50 -7.02 4.61
N HIS K 145 8.66 -6.74 5.90
CA HIS K 145 7.69 -7.18 6.88
C HIS K 145 6.39 -6.40 6.83
N SER K 146 6.36 -5.28 6.12
CA SER K 146 5.16 -4.45 6.00
C SER K 146 4.33 -4.79 4.78
N LEU K 147 4.68 -5.85 4.06
CA LEU K 147 3.93 -6.26 2.87
C LEU K 147 2.85 -7.24 3.32
N ARG K 148 1.65 -6.71 3.56
CA ARG K 148 0.54 -7.54 4.00
C ARG K 148 0.09 -8.48 2.89
N HIS K 149 -0.21 -9.72 3.26
CA HIS K 149 -0.65 -10.75 2.32
C HIS K 149 0.41 -11.05 1.26
N ARG K 150 1.68 -10.94 1.63
CA ARG K 150 2.79 -11.22 0.71
C ARG K 150 3.73 -12.23 1.36
N ASN K 151 4.02 -13.31 0.64
CA ASN K 151 4.93 -14.35 1.12
C ASN K 151 6.32 -14.04 0.57
N TRP K 152 7.13 -13.36 1.37
CA TRP K 152 8.47 -12.98 0.97
C TRP K 152 9.48 -13.87 1.68
N TYR K 153 10.62 -14.08 1.01
CA TYR K 153 11.69 -14.90 1.56
C TYR K 153 13.02 -14.27 1.16
N ILE K 154 13.90 -14.10 2.15
CA ILE K 154 15.20 -13.48 1.93
C ILE K 154 16.23 -14.59 1.66
N GLN K 155 16.90 -14.50 0.52
CA GLN K 155 17.91 -15.47 0.14
C GLN K 155 19.11 -14.73 -0.47
N ALA K 156 20.31 -15.14 -0.07
CA ALA K 156 21.54 -14.52 -0.55
C ALA K 156 22.17 -15.44 -1.59
N THR K 157 22.43 -14.89 -2.77
CA THR K 157 23.06 -15.63 -3.84
C THR K 157 24.28 -14.87 -4.32
N CYS K 158 25.41 -15.57 -4.45
CA CYS K 158 26.65 -14.98 -4.93
C CYS K 158 26.82 -15.31 -6.40
N ALA K 159 26.97 -14.27 -7.23
CA ALA K 159 27.12 -14.48 -8.66
C ALA K 159 28.40 -15.24 -8.98
N THR K 160 29.50 -14.90 -8.32
CA THR K 160 30.77 -15.56 -8.60
C THR K 160 30.77 -17.01 -8.14
N SER K 161 30.17 -17.29 -6.98
CA SER K 161 30.19 -18.62 -6.40
C SER K 161 28.99 -19.47 -6.81
N GLY K 162 27.79 -18.89 -6.83
CA GLY K 162 26.59 -19.62 -7.17
C GLY K 162 25.84 -20.25 -6.01
N ASP K 163 26.33 -20.07 -4.79
CA ASP K 163 25.67 -20.63 -3.63
C ASP K 163 24.41 -19.85 -3.30
N GLY K 164 23.39 -20.56 -2.82
CA GLY K 164 22.13 -19.96 -2.48
C GLY K 164 21.09 -19.99 -3.57
N LEU K 165 21.49 -20.29 -4.80
CA LEU K 165 20.49 -20.40 -5.85
C LEU K 165 19.60 -21.62 -5.65
N TYR K 166 20.19 -22.74 -5.21
CA TYR K 166 19.40 -23.94 -4.97
C TYR K 166 18.39 -23.71 -3.85
N GLU K 167 18.81 -23.01 -2.79
CA GLU K 167 17.89 -22.72 -1.70
C GLU K 167 16.74 -21.84 -2.17
N GLY K 168 17.04 -20.83 -2.98
CA GLY K 168 15.98 -19.99 -3.52
C GLY K 168 15.02 -20.77 -4.40
N LEU K 169 15.56 -21.65 -5.24
CA LEU K 169 14.70 -22.46 -6.10
C LEU K 169 13.82 -23.38 -5.27
N ASP K 170 14.38 -23.98 -4.22
CA ASP K 170 13.58 -24.85 -3.36
C ASP K 170 12.49 -24.06 -2.66
N TRP K 171 12.81 -22.86 -2.19
CA TRP K 171 11.80 -22.03 -1.53
C TRP K 171 10.70 -21.65 -2.50
N LEU K 172 11.06 -21.30 -3.74
CA LEU K 172 10.05 -20.98 -4.73
C LEU K 172 9.17 -22.18 -5.04
N SER K 173 9.77 -23.37 -5.13
CA SER K 173 8.99 -24.56 -5.40
C SER K 173 8.04 -24.87 -4.24
N ASN K 174 8.51 -24.69 -3.02
CA ASN K 174 7.66 -24.94 -1.86
C ASN K 174 6.52 -23.92 -1.80
N GLN K 175 6.78 -22.67 -2.15
CA GLN K 175 5.74 -21.66 -2.15
C GLN K 175 4.71 -21.91 -3.25
N LEU K 176 5.17 -22.33 -4.42
CA LEU K 176 4.26 -22.56 -5.53
C LEU K 176 3.52 -23.88 -5.37
N ARG K 177 4.25 -24.96 -5.11
CA ARG K 177 3.67 -26.29 -4.99
C ARG K 177 3.42 -26.60 -3.52
N ASN K 178 2.19 -27.01 -3.21
CA ASN K 178 1.78 -27.33 -1.85
C ASN K 178 1.43 -28.80 -1.70
N GLN K 179 2.23 -29.67 -2.30
CA GLN K 179 2.03 -31.11 -2.23
C GLN K 179 3.28 -31.77 -1.65
N LYS K 180 3.24 -33.11 -1.58
CA LYS K 180 4.35 -33.87 -1.05
C LYS K 180 5.52 -33.89 -2.03
N GLU L 14 -12.63 -11.99 -31.34
CA GLU L 14 -11.73 -11.76 -32.47
C GLU L 14 -10.40 -11.22 -32.00
N ILE L 15 -10.35 -9.91 -31.75
CA ILE L 15 -9.11 -9.29 -31.28
C ILE L 15 -8.72 -9.85 -29.92
N PHE L 16 -9.68 -9.96 -29.01
CA PHE L 16 -9.39 -10.53 -27.70
C PHE L 16 -8.98 -11.99 -27.82
N GLU L 17 -9.68 -12.76 -28.66
CA GLU L 17 -9.33 -14.15 -28.85
C GLU L 17 -7.95 -14.28 -29.45
N LEU L 18 -7.63 -13.44 -30.43
CA LEU L 18 -6.31 -13.48 -31.03
C LEU L 18 -5.24 -13.13 -30.01
N LYS L 19 -5.50 -12.13 -29.17
CA LYS L 19 -4.52 -11.77 -28.16
C LYS L 19 -4.32 -12.90 -27.17
N ALA L 20 -5.41 -13.56 -26.77
CA ALA L 20 -5.29 -14.67 -25.84
C ALA L 20 -4.52 -15.82 -26.47
N GLU L 21 -4.76 -16.10 -27.74
CA GLU L 21 -4.02 -17.16 -28.40
C GLU L 21 -2.54 -16.83 -28.49
N LEU L 22 -2.23 -15.57 -28.80
CA LEU L 22 -0.83 -15.16 -28.92
C LEU L 22 -0.14 -15.10 -27.57
N ASN L 23 -0.89 -14.91 -26.49
CA ASN L 23 -0.34 -14.89 -25.15
C ASN L 23 -0.41 -16.25 -24.49
N SER L 24 -0.51 -17.31 -25.28
CA SER L 24 -0.57 -18.67 -24.76
C SER L 24 0.81 -19.32 -24.84
N ASP L 25 0.97 -20.42 -24.10
CA ASP L 25 2.23 -21.14 -24.04
C ASP L 25 2.31 -22.28 -25.05
N LYS L 26 1.31 -22.42 -25.91
CA LYS L 26 1.27 -23.49 -26.89
C LYS L 26 1.74 -22.96 -28.23
N LYS L 27 2.74 -23.64 -28.81
CA LYS L 27 3.26 -23.20 -30.10
C LYS L 27 2.25 -23.45 -31.22
N GLU L 28 1.43 -24.48 -31.10
CA GLU L 28 0.44 -24.78 -32.13
C GLU L 28 -0.55 -23.64 -32.30
N LYS L 29 -1.01 -23.06 -31.17
CA LYS L 29 -1.89 -21.91 -31.25
C LYS L 29 -1.14 -20.65 -31.62
N LYS L 30 0.12 -20.52 -31.20
CA LYS L 30 0.90 -19.34 -31.55
C LYS L 30 1.12 -19.24 -33.06
N LYS L 31 1.43 -20.36 -33.71
CA LYS L 31 1.63 -20.34 -35.16
C LYS L 31 0.35 -19.96 -35.89
N GLU L 32 -0.79 -20.52 -35.46
CA GLU L 32 -2.06 -20.17 -36.08
C GLU L 32 -2.39 -18.71 -35.89
N ALA L 33 -2.12 -18.19 -34.69
CA ALA L 33 -2.36 -16.77 -34.43
C ALA L 33 -1.49 -15.89 -35.30
N VAL L 34 -0.22 -16.26 -35.47
CA VAL L 34 0.68 -15.49 -36.32
C VAL L 34 0.19 -15.50 -37.75
N LYS L 35 -0.25 -16.66 -38.23
CA LYS L 35 -0.77 -16.75 -39.59
C LYS L 35 -2.01 -15.90 -39.74
N LYS L 36 -2.89 -15.94 -38.76
CA LYS L 36 -4.10 -15.13 -38.83
C LYS L 36 -3.76 -13.65 -38.83
N VAL L 37 -2.78 -13.26 -38.02
CA VAL L 37 -2.40 -11.85 -37.96
C VAL L 37 -1.80 -11.41 -39.27
N ILE L 38 -0.98 -12.26 -39.86
CA ILE L 38 -0.40 -11.93 -41.15
C ILE L 38 -1.49 -11.80 -42.20
N ALA L 39 -2.46 -12.71 -42.18
CA ALA L 39 -3.54 -12.66 -43.16
C ALA L 39 -4.39 -11.40 -42.98
N SER L 40 -4.65 -11.01 -41.74
CA SER L 40 -5.46 -9.83 -41.50
C SER L 40 -4.79 -8.57 -42.02
N MET L 41 -3.48 -8.45 -41.79
CA MET L 41 -2.75 -7.31 -42.34
C MET L 41 -2.76 -7.33 -43.86
N THR L 42 -2.56 -8.50 -44.46
CA THR L 42 -2.60 -8.60 -45.92
C THR L 42 -4.03 -8.47 -46.43
N VAL L 43 -5.00 -8.87 -45.61
CA VAL L 43 -6.41 -8.75 -45.99
C VAL L 43 -6.88 -7.31 -45.87
N GLY L 44 -6.05 -6.46 -45.27
CA GLY L 44 -6.40 -5.07 -45.12
C GLY L 44 -7.00 -4.75 -43.78
N LYS L 45 -6.47 -5.33 -42.73
CA LYS L 45 -6.95 -5.12 -41.38
C LYS L 45 -5.87 -4.40 -40.59
N ASP L 46 -6.25 -3.33 -39.91
CA ASP L 46 -5.31 -2.55 -39.11
C ASP L 46 -5.02 -3.32 -37.83
N VAL L 47 -3.94 -4.10 -37.85
CA VAL L 47 -3.53 -4.90 -36.70
C VAL L 47 -2.38 -4.26 -35.93
N SER L 48 -2.16 -2.95 -36.12
CA SER L 48 -1.08 -2.27 -35.41
C SER L 48 -1.36 -2.13 -33.92
N ALA L 49 -2.61 -2.26 -33.50
CA ALA L 49 -2.93 -2.16 -32.09
C ALA L 49 -2.43 -3.36 -31.29
N LEU L 50 -2.19 -4.48 -31.95
CA LEU L 50 -1.71 -5.69 -31.30
C LEU L 50 -0.20 -5.86 -31.41
N PHE L 51 0.49 -4.84 -31.88
CA PHE L 51 1.95 -4.95 -31.99
C PHE L 51 2.62 -5.21 -30.65
N PRO L 52 2.29 -4.50 -29.59
CA PRO L 52 2.91 -4.84 -28.30
C PRO L 52 2.59 -6.23 -27.84
N ASP L 53 1.40 -6.74 -28.16
CA ASP L 53 1.07 -8.11 -27.80
C ASP L 53 1.96 -9.11 -28.53
N VAL L 54 2.21 -8.86 -29.81
CA VAL L 54 3.09 -9.75 -30.54
C VAL L 54 4.53 -9.58 -30.13
N VAL L 55 4.85 -8.50 -29.41
CA VAL L 55 6.22 -8.29 -28.99
C VAL L 55 6.65 -9.36 -28.00
N ASN L 56 5.73 -9.81 -27.15
CA ASN L 56 6.07 -10.84 -26.18
C ASN L 56 6.48 -12.13 -26.85
N CYS L 57 5.76 -12.51 -27.90
CA CYS L 57 6.08 -13.74 -28.62
C CYS L 57 6.99 -13.42 -29.81
N MET L 58 8.23 -13.07 -29.48
CA MET L 58 9.23 -12.71 -30.49
C MET L 58 10.43 -13.65 -30.51
N GLN L 59 11.02 -13.94 -29.36
CA GLN L 59 12.17 -14.82 -29.28
C GLN L 59 11.67 -16.25 -29.33
N THR L 60 11.48 -16.78 -30.54
CA THR L 60 10.97 -18.12 -30.75
C THR L 60 11.98 -18.95 -31.51
N ASP L 61 12.07 -20.23 -31.15
CA ASP L 61 13.00 -21.13 -31.82
C ASP L 61 12.58 -21.43 -33.26
N ASN L 62 11.27 -21.55 -33.50
CA ASN L 62 10.78 -21.87 -34.83
C ASN L 62 11.01 -20.71 -35.79
N LEU L 63 11.63 -21.02 -36.93
CA LEU L 63 11.94 -19.99 -37.91
C LEU L 63 10.70 -19.50 -38.65
N GLU L 64 9.66 -20.33 -38.72
CA GLU L 64 8.45 -19.96 -39.43
C GLU L 64 7.76 -18.77 -38.78
N LEU L 65 7.66 -18.77 -37.46
CA LEU L 65 7.02 -17.66 -36.76
C LEU L 65 7.93 -16.43 -36.70
N LYS L 66 9.24 -16.63 -36.67
CA LYS L 66 10.16 -15.50 -36.57
C LYS L 66 10.07 -14.60 -37.79
N LYS L 67 9.97 -15.18 -38.97
CA LYS L 67 9.86 -14.36 -40.17
C LYS L 67 8.59 -13.55 -40.18
N LEU L 68 7.48 -14.16 -39.78
CA LEU L 68 6.21 -13.45 -39.74
C LEU L 68 6.27 -12.32 -38.72
N VAL L 69 6.89 -12.59 -37.57
CA VAL L 69 7.00 -11.57 -36.55
C VAL L 69 7.85 -10.41 -37.06
N TYR L 70 8.95 -10.72 -37.73
CA TYR L 70 9.80 -9.67 -38.26
C TYR L 70 9.06 -8.84 -39.30
N LEU L 71 8.29 -9.51 -40.14
CA LEU L 71 7.53 -8.80 -41.16
C LEU L 71 6.48 -7.90 -40.52
N TYR L 72 5.79 -8.39 -39.51
CA TYR L 72 4.78 -7.58 -38.84
C TYR L 72 5.43 -6.38 -38.16
N LEU L 73 6.59 -6.58 -37.54
CA LEU L 73 7.28 -5.47 -36.90
C LEU L 73 7.73 -4.43 -37.91
N MET L 74 8.24 -4.89 -39.04
CA MET L 74 8.63 -3.94 -40.08
C MET L 74 7.43 -3.17 -40.58
N ASN L 75 6.30 -3.85 -40.78
CA ASN L 75 5.10 -3.20 -41.26
C ASN L 75 4.39 -2.40 -40.18
N TYR L 76 4.71 -2.66 -38.92
CA TYR L 76 4.12 -1.95 -37.81
C TYR L 76 5.17 -1.20 -37.00
N ALA L 77 6.22 -0.75 -37.68
CA ALA L 77 7.31 -0.03 -37.02
C ALA L 77 7.08 1.49 -37.01
N LYS L 78 6.75 2.06 -38.17
CA LYS L 78 6.48 3.50 -38.22
C LYS L 78 5.17 3.83 -37.51
N SER L 79 4.21 2.91 -37.50
CA SER L 79 2.93 3.16 -36.84
C SER L 79 3.10 3.33 -35.34
N GLN L 80 3.93 2.51 -34.71
CA GLN L 80 4.17 2.55 -33.26
C GLN L 80 5.67 2.55 -33.00
N PRO L 81 6.35 3.66 -33.32
CA PRO L 81 7.78 3.73 -33.04
C PRO L 81 8.13 3.59 -31.58
N ASP L 82 7.27 4.07 -30.69
CA ASP L 82 7.54 3.94 -29.26
C ASP L 82 7.52 2.48 -28.84
N MET L 83 6.58 1.71 -29.37
CA MET L 83 6.49 0.30 -29.00
C MET L 83 7.59 -0.55 -29.62
N ALA L 84 8.37 0.02 -30.52
CA ALA L 84 9.45 -0.72 -31.14
C ALA L 84 10.72 -0.71 -30.31
N ILE L 85 10.72 -0.03 -29.17
CA ILE L 85 11.91 0.01 -28.33
C ILE L 85 12.14 -1.31 -27.63
N MET L 86 11.17 -2.20 -27.72
CA MET L 86 11.24 -3.51 -27.07
C MET L 86 11.74 -4.59 -28.01
N ALA L 87 12.57 -4.23 -28.98
CA ALA L 87 13.11 -5.20 -29.93
C ALA L 87 14.61 -5.11 -30.14
N VAL L 88 15.28 -4.13 -29.54
CA VAL L 88 16.72 -4.00 -29.74
C VAL L 88 17.45 -5.20 -29.16
N ASN L 89 17.05 -5.65 -27.96
CA ASN L 89 17.68 -6.80 -27.36
C ASN L 89 17.48 -8.05 -28.20
N THR L 90 16.28 -8.23 -28.75
CA THR L 90 16.02 -9.40 -29.58
C THR L 90 16.86 -9.37 -30.84
N PHE L 91 16.98 -8.20 -31.47
CA PHE L 91 17.80 -8.10 -32.66
C PHE L 91 19.26 -8.38 -32.32
N VAL L 92 19.74 -7.86 -31.19
CA VAL L 92 21.13 -8.10 -30.80
C VAL L 92 21.38 -9.58 -30.57
N LYS L 93 20.43 -10.25 -29.91
CA LYS L 93 20.58 -11.67 -29.68
C LYS L 93 20.57 -12.45 -30.98
N ASP L 94 19.69 -12.07 -31.91
CA ASP L 94 19.61 -12.76 -33.18
C ASP L 94 20.80 -12.47 -34.09
N CYS L 95 21.53 -11.37 -33.85
CA CYS L 95 22.67 -11.03 -34.68
C CYS L 95 23.86 -11.95 -34.46
N GLU L 96 23.82 -12.83 -33.46
CA GLU L 96 24.91 -13.75 -33.17
C GLU L 96 24.51 -15.21 -33.33
N ASP L 97 23.39 -15.49 -33.97
CA ASP L 97 22.96 -16.86 -34.15
C ASP L 97 23.91 -17.58 -35.12
N PRO L 98 24.25 -18.83 -34.84
CA PRO L 98 25.14 -19.56 -35.75
C PRO L 98 24.58 -19.75 -37.15
N ASN L 99 23.27 -19.86 -37.29
CA ASN L 99 22.67 -20.08 -38.60
C ASN L 99 22.79 -18.82 -39.45
N PRO L 100 23.41 -18.89 -40.63
CA PRO L 100 23.51 -17.69 -41.47
C PRO L 100 22.17 -17.12 -41.90
N LEU L 101 21.17 -17.97 -42.12
CA LEU L 101 19.85 -17.47 -42.53
C LEU L 101 19.23 -16.60 -41.44
N ILE L 102 19.34 -17.03 -40.19
CA ILE L 102 18.78 -16.25 -39.09
C ILE L 102 19.48 -14.91 -38.97
N ARG L 103 20.82 -14.91 -39.08
CA ARG L 103 21.56 -13.67 -38.99
C ARG L 103 21.18 -12.73 -40.13
N ALA L 104 21.05 -13.27 -41.34
CA ALA L 104 20.67 -12.45 -42.48
C ALA L 104 19.28 -11.87 -42.28
N LEU L 105 18.36 -12.68 -41.78
CA LEU L 105 17.00 -12.18 -41.55
C LEU L 105 17.01 -11.08 -40.50
N ALA L 106 17.78 -11.27 -39.43
CA ALA L 106 17.85 -10.24 -38.39
C ALA L 106 18.44 -8.96 -38.94
N VAL L 107 19.48 -9.07 -39.76
CA VAL L 107 20.09 -7.89 -40.34
C VAL L 107 19.11 -7.16 -41.25
N ARG L 108 18.38 -7.92 -42.06
CA ARG L 108 17.41 -7.30 -42.95
C ARG L 108 16.31 -6.61 -42.16
N THR L 109 15.84 -7.26 -41.09
CA THR L 109 14.76 -6.66 -40.30
C THR L 109 15.22 -5.42 -39.57
N MET L 110 16.46 -5.43 -39.08
CA MET L 110 16.97 -4.26 -38.37
C MET L 110 17.02 -3.04 -39.27
N GLY L 111 17.50 -3.22 -40.51
CA GLY L 111 17.51 -2.11 -41.43
C GLY L 111 16.15 -1.73 -41.94
N CYS L 112 15.20 -2.66 -41.92
CA CYS L 112 13.85 -2.38 -42.40
C CYS L 112 13.06 -1.52 -41.44
N ILE L 113 13.47 -1.46 -40.18
CA ILE L 113 12.74 -0.66 -39.20
C ILE L 113 13.10 0.80 -39.42
N ARG L 114 12.09 1.61 -39.70
CA ARG L 114 12.29 3.05 -39.89
C ARG L 114 12.08 3.78 -38.57
N VAL L 115 13.01 3.56 -37.65
CA VAL L 115 12.98 4.17 -36.32
C VAL L 115 14.29 4.93 -36.12
N ASP L 116 14.17 6.19 -35.72
CA ASP L 116 15.35 7.01 -35.49
C ASP L 116 16.07 6.64 -34.20
N LYS L 117 15.34 6.21 -33.19
CA LYS L 117 15.92 5.87 -31.89
C LYS L 117 16.43 4.44 -31.82
N ILE L 118 16.24 3.65 -32.87
CA ILE L 118 16.69 2.26 -32.87
C ILE L 118 17.98 2.06 -33.65
N THR L 119 18.18 2.84 -34.71
CA THR L 119 19.38 2.68 -35.51
C THR L 119 20.64 3.05 -34.74
N GLU L 120 20.52 3.85 -33.69
CA GLU L 120 21.70 4.24 -32.91
C GLU L 120 22.32 3.03 -32.24
N TYR L 121 21.49 2.13 -31.72
CA TYR L 121 21.99 0.95 -31.04
C TYR L 121 22.29 -0.20 -31.99
N LEU L 122 21.94 -0.08 -33.26
CA LEU L 122 22.18 -1.13 -34.24
C LEU L 122 23.55 -1.05 -34.90
N CYS L 123 24.34 -0.01 -34.57
CA CYS L 123 25.66 0.13 -35.19
C CYS L 123 26.58 -1.02 -34.81
N GLU L 124 26.56 -1.42 -33.54
CA GLU L 124 27.41 -2.51 -33.10
C GLU L 124 27.12 -3.81 -33.83
N PRO L 125 25.87 -4.26 -33.92
CA PRO L 125 25.61 -5.46 -34.73
C PRO L 125 25.99 -5.29 -36.18
N LEU L 126 25.77 -4.09 -36.73
CA LEU L 126 26.16 -3.85 -38.11
C LEU L 126 27.65 -3.94 -38.28
N ARG L 127 28.39 -3.39 -37.32
CA ARG L 127 29.84 -3.48 -37.39
C ARG L 127 30.30 -4.92 -37.25
N LYS L 128 29.65 -5.68 -36.37
CA LYS L 128 30.01 -7.08 -36.21
C LYS L 128 29.74 -7.87 -37.48
N CYS L 129 28.60 -7.62 -38.12
CA CYS L 129 28.23 -8.39 -39.30
C CYS L 129 28.87 -7.86 -40.59
N LEU L 130 29.53 -6.71 -40.55
CA LEU L 130 30.17 -6.19 -41.74
C LEU L 130 31.28 -7.11 -42.22
N LYS L 131 32.07 -7.64 -41.31
CA LYS L 131 33.16 -8.56 -41.63
C LYS L 131 32.78 -10.02 -41.46
N ASP L 132 31.49 -10.32 -41.61
CA ASP L 132 31.03 -11.69 -41.46
C ASP L 132 31.59 -12.57 -42.56
N GLU L 133 32.07 -13.74 -42.17
CA GLU L 133 32.64 -14.67 -43.13
C GLU L 133 31.58 -15.23 -44.06
N ASP L 134 30.33 -15.26 -43.63
CA ASP L 134 29.27 -15.79 -44.48
C ASP L 134 29.01 -14.83 -45.62
N PRO L 135 29.10 -15.28 -46.88
CA PRO L 135 28.78 -14.37 -47.99
C PRO L 135 27.36 -13.84 -47.94
N TYR L 136 26.40 -14.67 -47.54
CA TYR L 136 25.05 -14.16 -47.32
C TYR L 136 25.06 -13.15 -46.19
N VAL L 137 25.80 -13.43 -45.13
CA VAL L 137 25.92 -12.48 -44.03
C VAL L 137 26.60 -11.21 -44.50
N ARG L 138 27.62 -11.34 -45.34
CA ARG L 138 28.28 -10.15 -45.85
C ARG L 138 27.33 -9.31 -46.69
N LYS L 139 26.53 -9.96 -47.53
CA LYS L 139 25.58 -9.22 -48.36
C LYS L 139 24.53 -8.55 -47.50
N THR L 140 24.04 -9.25 -46.48
CA THR L 140 23.04 -8.66 -45.60
C THR L 140 23.61 -7.44 -44.88
N ALA L 141 24.86 -7.55 -44.42
CA ALA L 141 25.50 -6.42 -43.75
C ALA L 141 25.68 -5.26 -44.70
N ALA L 142 26.06 -5.54 -45.94
CA ALA L 142 26.19 -4.48 -46.92
C ALA L 142 24.86 -3.80 -47.17
N VAL L 143 23.79 -4.57 -47.27
CA VAL L 143 22.47 -4.00 -47.46
C VAL L 143 22.07 -3.15 -46.25
N CYS L 144 22.34 -3.65 -45.05
CA CYS L 144 21.97 -2.93 -43.84
C CYS L 144 22.76 -1.63 -43.71
N VAL L 145 24.02 -1.64 -44.09
CA VAL L 145 24.82 -0.42 -44.00
C VAL L 145 24.26 0.64 -44.94
N ALA L 146 23.91 0.24 -46.17
CA ALA L 146 23.33 1.18 -47.10
C ALA L 146 21.99 1.71 -46.60
N LYS L 147 21.18 0.83 -46.02
CA LYS L 147 19.90 1.27 -45.47
C LYS L 147 20.10 2.28 -44.35
N LEU L 148 21.07 2.01 -43.47
CA LEU L 148 21.34 2.94 -42.39
C LEU L 148 21.84 4.27 -42.93
N HIS L 149 22.71 4.22 -43.94
CA HIS L 149 23.21 5.46 -44.53
C HIS L 149 22.08 6.25 -45.16
N ASP L 150 21.16 5.57 -45.84
CA ASP L 150 20.01 6.27 -46.40
C ASP L 150 19.13 6.85 -45.31
N ILE L 151 18.93 6.10 -44.24
CA ILE L 151 18.12 6.59 -43.13
C ILE L 151 18.86 7.69 -42.38
N ASN L 152 20.14 7.47 -42.09
CA ASN L 152 20.96 8.44 -41.38
C ASN L 152 22.36 8.42 -41.99
N ALA L 153 22.65 9.39 -42.86
CA ALA L 153 23.98 9.50 -43.44
C ALA L 153 25.02 9.86 -42.38
N GLN L 154 24.67 10.76 -41.46
CA GLN L 154 25.60 11.15 -40.41
C GLN L 154 25.96 9.98 -39.51
N LEU L 155 24.99 9.16 -39.15
CA LEU L 155 25.27 7.99 -38.32
C LEU L 155 26.19 7.02 -39.05
N VAL L 156 25.96 6.80 -40.34
CA VAL L 156 26.80 5.90 -41.11
C VAL L 156 28.22 6.44 -41.19
N GLU L 157 28.36 7.75 -41.42
CA GLU L 157 29.68 8.35 -41.48
C GLU L 157 30.39 8.23 -40.14
N ASP L 158 29.66 8.45 -39.05
CA ASP L 158 30.26 8.31 -37.72
C ASP L 158 30.70 6.88 -37.46
N GLN L 159 29.88 5.91 -37.86
CA GLN L 159 30.25 4.51 -37.67
C GLN L 159 31.43 4.10 -38.55
N GLY L 160 31.80 4.90 -39.53
CA GLY L 160 32.92 4.57 -40.38
C GLY L 160 32.70 3.36 -41.25
N PHE L 161 31.50 3.21 -41.80
CA PHE L 161 31.19 2.09 -42.67
C PHE L 161 31.69 2.26 -44.10
N LEU L 162 32.11 3.46 -44.47
CA LEU L 162 32.62 3.68 -45.83
C LEU L 162 33.90 2.88 -46.06
N ASP L 163 34.78 2.84 -45.07
CA ASP L 163 36.01 2.07 -45.21
C ASP L 163 35.72 0.59 -45.35
N THR L 164 34.79 0.07 -44.55
CA THR L 164 34.41 -1.33 -44.66
C THR L 164 33.77 -1.62 -46.01
N LEU L 165 32.92 -0.70 -46.49
CA LEU L 165 32.29 -0.91 -47.79
C LEU L 165 33.30 -0.89 -48.92
N LYS L 166 34.30 -0.02 -48.83
CA LYS L 166 35.33 0.04 -49.87
C LYS L 166 36.13 -1.26 -49.93
N ASP L 167 36.47 -1.82 -48.77
CA ASP L 167 37.20 -3.08 -48.74
C ASP L 167 36.34 -4.25 -49.19
N LEU L 168 35.01 -4.09 -49.18
CA LEU L 168 34.13 -5.16 -49.60
C LEU L 168 34.33 -5.50 -51.08
N ILE L 169 34.53 -4.47 -51.91
CA ILE L 169 34.78 -4.72 -53.31
C ILE L 169 36.11 -5.45 -53.49
N SER L 170 37.05 -5.24 -52.59
CA SER L 170 38.36 -5.88 -52.66
C SER L 170 38.42 -7.20 -51.90
N ASP L 171 37.29 -7.85 -51.69
CA ASP L 171 37.25 -9.11 -50.97
C ASP L 171 36.64 -10.20 -51.85
N SER L 172 36.65 -11.43 -51.34
CA SER L 172 36.15 -12.59 -52.08
C SER L 172 34.64 -12.60 -52.05
N ASN L 173 34.03 -13.71 -52.48
CA ASN L 173 32.59 -13.76 -52.55
C ASN L 173 32.10 -12.74 -53.57
N PRO L 174 32.22 -13.03 -54.86
CA PRO L 174 31.85 -12.03 -55.87
C PRO L 174 30.45 -11.48 -55.73
N MET L 175 29.49 -12.27 -55.24
CA MET L 175 28.17 -11.72 -54.96
C MET L 175 28.25 -10.65 -53.89
N VAL L 176 29.03 -10.92 -52.84
CA VAL L 176 29.20 -9.93 -51.79
C VAL L 176 29.91 -8.70 -52.32
N VAL L 177 30.90 -8.89 -53.19
CA VAL L 177 31.61 -7.75 -53.76
C VAL L 177 30.65 -6.91 -54.59
N ALA L 178 29.79 -7.55 -55.37
CA ALA L 178 28.83 -6.80 -56.18
C ALA L 178 27.85 -6.06 -55.31
N ASN L 179 27.40 -6.70 -54.22
CA ASN L 179 26.49 -6.02 -53.31
C ASN L 179 27.16 -4.81 -52.68
N ALA L 180 28.42 -4.95 -52.29
CA ALA L 180 29.14 -3.82 -51.70
C ALA L 180 29.30 -2.70 -52.71
N VAL L 181 29.58 -3.06 -53.96
CA VAL L 181 29.71 -2.04 -54.99
C VAL L 181 28.38 -1.31 -55.20
N ALA L 182 27.28 -2.06 -55.23
CA ALA L 182 25.98 -1.43 -55.40
C ALA L 182 25.66 -0.51 -54.24
N ALA L 183 25.99 -0.94 -53.03
CA ALA L 183 25.75 -0.10 -51.86
C ALA L 183 26.58 1.16 -51.91
N LEU L 184 27.84 1.04 -52.33
CA LEU L 184 28.70 2.21 -52.44
C LEU L 184 28.17 3.17 -53.49
N SER L 185 27.68 2.63 -54.61
CA SER L 185 27.11 3.49 -55.64
C SER L 185 25.87 4.19 -55.14
N GLU L 186 25.02 3.49 -54.40
CA GLU L 186 23.83 4.11 -53.84
C GLU L 186 24.20 5.21 -52.86
N ILE L 187 25.19 4.95 -52.00
CA ILE L 187 25.60 5.96 -51.02
C ILE L 187 26.19 7.18 -51.71
N ALA L 188 27.04 6.95 -52.72
CA ALA L 188 27.62 8.07 -53.45
C ALA L 188 26.59 8.80 -54.28
N GLU L 189 25.54 8.10 -54.71
CA GLU L 189 24.48 8.76 -55.46
C GLU L 189 23.80 9.84 -54.64
N SER L 190 23.52 9.54 -53.37
CA SER L 190 22.94 10.54 -52.46
C SER L 190 23.99 11.47 -51.87
N HIS L 191 25.27 11.12 -51.97
CA HIS L 191 26.32 11.97 -51.44
C HIS L 191 26.49 13.20 -52.32
N PRO L 192 27.06 14.26 -51.75
CA PRO L 192 27.25 15.50 -52.52
C PRO L 192 28.46 15.51 -53.43
N SER L 193 28.98 14.34 -53.79
CA SER L 193 30.17 14.15 -54.62
C SER L 193 31.45 14.37 -53.82
N SER L 194 31.35 14.76 -52.55
CA SER L 194 32.52 14.98 -51.73
C SER L 194 33.02 13.64 -51.20
N ASN L 195 34.33 13.41 -51.29
CA ASN L 195 34.94 12.15 -50.89
C ASN L 195 34.37 10.98 -51.69
N LEU L 196 34.49 11.09 -53.02
CA LEU L 196 33.95 10.09 -53.91
C LEU L 196 34.68 8.77 -53.74
N LEU L 197 33.95 7.69 -53.98
CA LEU L 197 34.50 6.33 -53.86
C LEU L 197 35.13 5.84 -55.14
N ASP L 198 35.58 6.74 -56.00
CA ASP L 198 36.20 6.35 -57.27
C ASP L 198 37.50 5.61 -57.02
N LEU L 199 37.84 4.70 -57.95
CA LEU L 199 39.02 3.87 -57.85
C LEU L 199 39.82 3.96 -59.15
N ASN L 200 41.10 3.59 -59.06
CA ASN L 200 42.01 3.63 -60.19
C ASN L 200 41.71 2.50 -61.15
N PRO L 201 42.47 2.36 -62.23
CA PRO L 201 42.21 1.28 -63.17
C PRO L 201 42.34 -0.10 -62.56
N GLN L 202 43.10 -0.25 -61.47
CA GLN L 202 43.20 -1.54 -60.80
C GLN L 202 41.84 -1.97 -60.25
N SER L 203 41.09 -1.04 -59.66
CA SER L 203 39.77 -1.37 -59.15
C SER L 203 38.83 -1.77 -60.27
N ILE L 204 38.89 -1.07 -61.40
CA ILE L 204 38.05 -1.42 -62.54
C ILE L 204 38.40 -2.81 -63.06
N ASN L 205 39.70 -3.12 -63.14
CA ASN L 205 40.11 -4.45 -63.58
C ASN L 205 39.64 -5.53 -62.62
N LYS L 206 39.74 -5.27 -61.32
CA LYS L 206 39.27 -6.25 -60.34
C LYS L 206 37.77 -6.46 -60.46
N LEU L 207 37.01 -5.39 -60.66
CA LEU L 207 35.57 -5.52 -60.85
C LEU L 207 35.25 -6.32 -62.11
N LEU L 208 35.99 -6.07 -63.17
CA LEU L 208 35.79 -6.84 -64.39
C LEU L 208 36.10 -8.30 -64.16
N THR L 209 37.13 -8.58 -63.34
CA THR L 209 37.45 -9.97 -63.02
C THR L 209 36.31 -10.66 -62.31
N ALA L 210 35.66 -9.96 -61.39
CA ALA L 210 34.47 -10.49 -60.75
C ALA L 210 33.22 -10.26 -61.57
N LEU L 211 33.32 -9.44 -62.62
CA LEU L 211 32.17 -9.24 -63.48
C LEU L 211 31.80 -10.54 -64.20
N ASN L 212 32.80 -11.30 -64.65
CA ASN L 212 32.54 -12.56 -65.31
C ASN L 212 31.98 -13.62 -64.37
N GLU L 213 32.13 -13.44 -63.07
CA GLU L 213 31.59 -14.37 -62.10
C GLU L 213 30.32 -13.86 -61.44
N CYS L 214 29.91 -12.63 -61.71
CA CYS L 214 28.67 -12.09 -61.15
C CYS L 214 27.44 -12.72 -61.80
N THR L 215 26.33 -12.71 -61.07
CA THR L 215 25.07 -13.26 -61.56
C THR L 215 24.37 -12.24 -62.45
N GLU L 216 23.16 -12.58 -62.87
CA GLU L 216 22.43 -11.67 -63.74
C GLU L 216 22.13 -10.36 -63.02
N TRP L 217 21.68 -10.44 -61.77
CA TRP L 217 21.44 -9.23 -61.01
C TRP L 217 22.74 -8.51 -60.67
N GLY L 218 23.79 -9.27 -60.37
CA GLY L 218 25.06 -8.65 -60.06
C GLY L 218 25.74 -8.03 -61.25
N GLN L 219 25.39 -8.48 -62.45
CA GLN L 219 25.97 -7.90 -63.66
C GLN L 219 25.60 -6.43 -63.79
N ILE L 220 24.34 -6.09 -63.52
CA ILE L 220 23.92 -4.70 -63.59
C ILE L 220 24.68 -3.87 -62.58
N PHE L 221 24.81 -4.39 -61.36
CA PHE L 221 25.52 -3.65 -60.32
C PHE L 221 26.98 -3.42 -60.70
N ILE L 222 27.62 -4.45 -61.29
CA ILE L 222 29.01 -4.35 -61.69
C ILE L 222 29.19 -3.36 -62.83
N LEU L 223 28.24 -3.33 -63.77
CA LEU L 223 28.33 -2.42 -64.90
C LEU L 223 27.98 -0.99 -64.55
N ASP L 224 27.17 -0.79 -63.51
CA ASP L 224 26.83 0.58 -63.14
C ASP L 224 28.02 1.34 -62.60
N CYS L 225 28.94 0.64 -61.92
CA CYS L 225 30.10 1.32 -61.37
C CYS L 225 30.95 1.93 -62.47
N LEU L 226 31.13 1.21 -63.56
CA LEU L 226 31.89 1.74 -64.67
C LEU L 226 31.20 2.92 -65.33
N ALA L 227 29.89 3.08 -65.11
CA ALA L 227 29.18 4.20 -65.70
C ALA L 227 29.67 5.54 -65.16
N ASN L 228 30.23 5.53 -63.94
CA ASN L 228 30.74 6.76 -63.34
C ASN L 228 32.20 7.03 -63.68
N TYR L 229 32.99 5.98 -63.89
CA TYR L 229 34.39 6.17 -64.26
C TYR L 229 34.49 6.73 -65.67
N MET L 230 35.44 7.64 -65.86
CA MET L 230 35.68 8.27 -67.16
C MET L 230 37.05 7.85 -67.66
N PRO L 231 37.13 7.10 -68.75
CA PRO L 231 38.45 6.71 -69.28
C PRO L 231 39.22 7.92 -69.78
N LYS L 232 40.55 7.84 -69.63
CA LYS L 232 41.43 8.91 -70.03
C LYS L 232 42.39 8.55 -71.15
N ASP L 233 42.55 7.26 -71.46
CA ASP L 233 43.44 6.83 -72.51
C ASP L 233 42.72 5.82 -73.39
N ASP L 234 43.17 5.73 -74.65
CA ASP L 234 42.56 4.79 -75.58
C ASP L 234 42.83 3.33 -75.18
N ARG L 235 44.00 3.05 -74.61
CA ARG L 235 44.30 1.70 -74.16
C ARG L 235 43.35 1.26 -73.04
N GLU L 236 43.11 2.15 -72.07
CA GLU L 236 42.15 1.84 -71.01
C GLU L 236 40.73 1.71 -71.58
N ALA L 237 40.36 2.63 -72.47
CA ALA L 237 39.04 2.55 -73.11
C ALA L 237 38.92 1.30 -73.97
N GLN L 238 40.00 0.94 -74.68
CA GLN L 238 39.98 -0.27 -75.49
C GLN L 238 39.82 -1.51 -74.62
N SER L 239 40.53 -1.58 -73.49
CA SER L 239 40.39 -2.70 -72.58
C SER L 239 38.98 -2.78 -72.00
N ILE L 240 38.41 -1.62 -71.63
CA ILE L 240 37.06 -1.60 -71.09
C ILE L 240 36.06 -2.08 -72.15
N CYS L 241 36.22 -1.63 -73.39
CA CYS L 241 35.34 -2.09 -74.45
C CYS L 241 35.50 -3.59 -74.70
N GLU L 242 36.73 -4.09 -74.68
CA GLU L 242 36.96 -5.52 -74.89
C GLU L 242 36.32 -6.36 -73.78
N ARG L 243 36.41 -5.89 -72.53
CA ARG L 243 35.79 -6.59 -71.42
C ARG L 243 34.27 -6.50 -71.45
N VAL L 244 33.71 -5.38 -71.90
CA VAL L 244 32.26 -5.24 -71.95
C VAL L 244 31.68 -5.93 -73.16
N THR L 245 32.51 -6.27 -74.15
CA THR L 245 32.02 -6.98 -75.31
C THR L 245 31.33 -8.29 -74.96
N PRO L 246 31.85 -9.12 -74.05
CA PRO L 246 31.15 -10.36 -73.70
C PRO L 246 29.77 -10.14 -73.07
N ARG L 247 29.53 -8.96 -72.50
CA ARG L 247 28.24 -8.69 -71.88
C ARG L 247 27.10 -8.57 -72.87
N LEU L 248 27.40 -8.41 -74.15
CA LEU L 248 26.35 -8.31 -75.16
C LEU L 248 25.71 -9.65 -75.47
N SER L 249 26.29 -10.76 -75.01
CA SER L 249 25.77 -12.09 -75.22
C SER L 249 25.07 -12.63 -73.97
N HIS L 250 24.43 -11.73 -73.22
CA HIS L 250 23.71 -12.11 -72.01
C HIS L 250 22.23 -12.24 -72.34
N ALA L 251 21.62 -13.34 -71.86
CA ALA L 251 20.20 -13.57 -72.11
C ALA L 251 19.32 -12.52 -71.45
N ASN L 252 19.81 -11.88 -70.41
CA ASN L 252 19.05 -10.83 -69.74
C ASN L 252 19.05 -9.57 -70.59
N SER L 253 17.87 -8.98 -70.76
CA SER L 253 17.75 -7.76 -71.54
C SER L 253 18.47 -6.59 -70.87
N ALA L 254 18.36 -6.47 -69.55
CA ALA L 254 19.00 -5.36 -68.84
C ALA L 254 20.53 -5.45 -68.90
N VAL L 255 21.07 -6.66 -68.84
CA VAL L 255 22.52 -6.83 -68.93
C VAL L 255 23.04 -6.36 -70.28
N VAL L 256 22.33 -6.73 -71.35
CA VAL L 256 22.72 -6.28 -72.68
C VAL L 256 22.59 -4.76 -72.77
N LEU L 257 21.49 -4.21 -72.24
CA LEU L 257 21.31 -2.77 -72.27
C LEU L 257 22.37 -2.06 -71.45
N SER L 258 22.71 -2.63 -70.28
CA SER L 258 23.75 -2.04 -69.46
C SER L 258 25.10 -2.05 -70.19
N ALA L 259 25.41 -3.16 -70.85
CA ALA L 259 26.65 -3.25 -71.60
C ALA L 259 26.67 -2.23 -72.73
N VAL L 260 25.55 -2.06 -73.41
CA VAL L 260 25.47 -1.09 -74.50
C VAL L 260 25.68 0.32 -73.96
N LYS L 261 25.05 0.63 -72.84
CA LYS L 261 25.23 1.95 -72.25
C LYS L 261 26.67 2.19 -71.84
N VAL L 262 27.31 1.18 -71.25
CA VAL L 262 28.70 1.30 -70.84
C VAL L 262 29.59 1.53 -72.05
N LEU L 263 29.33 0.78 -73.13
CA LEU L 263 30.11 0.96 -74.33
C LEU L 263 29.92 2.36 -74.91
N MET L 264 28.67 2.86 -74.90
CA MET L 264 28.42 4.20 -75.41
C MET L 264 29.13 5.25 -74.57
N LYS L 265 29.13 5.06 -73.26
CA LYS L 265 29.84 5.99 -72.39
C LYS L 265 31.35 5.96 -72.64
N PHE L 266 31.90 4.76 -72.80
CA PHE L 266 33.33 4.62 -73.04
C PHE L 266 33.74 5.12 -74.42
N MET L 267 32.80 5.15 -75.37
CA MET L 267 33.11 5.60 -76.72
C MET L 267 33.43 7.10 -76.78
N SER L 293 13.43 -7.82 -79.94
CA SER L 293 12.51 -8.95 -79.86
C SER L 293 12.19 -9.34 -78.42
N ALA L 294 12.27 -8.38 -77.50
CA ALA L 294 12.00 -8.62 -76.08
C ALA L 294 10.51 -8.59 -75.81
N GLU L 295 10.14 -8.51 -74.53
CA GLU L 295 8.74 -8.46 -74.17
C GLU L 295 8.14 -7.13 -74.61
N PRO L 296 6.82 -7.10 -74.79
CA PRO L 296 6.18 -5.82 -75.16
C PRO L 296 6.40 -4.73 -74.15
N GLU L 297 6.44 -5.06 -72.86
CA GLU L 297 6.74 -4.06 -71.85
C GLU L 297 8.15 -3.52 -72.03
N LEU L 298 9.11 -4.40 -72.32
CA LEU L 298 10.47 -3.96 -72.60
C LEU L 298 10.62 -3.36 -73.98
N GLN L 299 9.62 -3.51 -74.84
CA GLN L 299 9.69 -2.93 -76.16
C GLN L 299 9.76 -1.41 -76.09
N SER M 281 -43.71 18.07 -43.82
CA SER M 281 -42.88 17.14 -43.06
C SER M 281 -42.13 16.18 -43.98
N LYS M 282 -42.81 15.67 -45.00
CA LYS M 282 -42.21 14.76 -45.94
C LYS M 282 -41.63 15.53 -47.12
N ASN M 283 -40.96 14.81 -48.03
CA ASN M 283 -40.38 15.45 -49.20
C ASN M 283 -41.46 15.95 -50.16
N VAL M 284 -42.61 15.27 -50.21
CA VAL M 284 -43.69 15.71 -51.09
C VAL M 284 -44.20 17.08 -50.69
N GLY M 285 -44.38 17.31 -49.38
CA GLY M 285 -44.82 18.61 -48.92
C GLY M 285 -43.82 19.70 -49.23
N ASN M 286 -42.53 19.42 -49.05
CA ASN M 286 -41.50 20.40 -49.37
C ASN M 286 -41.50 20.73 -50.87
N ALA M 287 -41.64 19.71 -51.71
CA ALA M 287 -41.68 19.95 -53.15
C ALA M 287 -42.91 20.75 -53.54
N ILE M 288 -44.06 20.46 -52.93
CA ILE M 288 -45.27 21.21 -53.21
C ILE M 288 -45.10 22.66 -52.78
N LEU M 289 -44.52 22.89 -51.61
CA LEU M 289 -44.28 24.25 -51.14
C LEU M 289 -43.33 24.99 -52.06
N TYR M 290 -42.27 24.32 -52.53
CA TYR M 290 -41.34 24.96 -53.46
C TYR M 290 -42.02 25.30 -54.77
N GLU M 291 -42.85 24.40 -55.29
CA GLU M 291 -43.58 24.68 -56.53
C GLU M 291 -44.53 25.86 -56.36
N THR M 292 -45.23 25.91 -55.22
CA THR M 292 -46.13 27.02 -54.98
C THR M 292 -45.38 28.34 -54.86
N VAL M 293 -44.23 28.32 -54.19
CA VAL M 293 -43.42 29.53 -54.07
C VAL M 293 -42.93 30.00 -55.43
N LEU M 294 -42.48 29.06 -56.26
CA LEU M 294 -42.02 29.42 -57.60
C LEU M 294 -43.17 29.99 -58.43
N THR M 295 -44.36 29.38 -58.33
CA THR M 295 -45.51 29.90 -59.06
C THR M 295 -45.89 31.30 -58.59
N ILE M 296 -45.82 31.54 -57.28
CA ILE M 296 -46.14 32.86 -56.76
C ILE M 296 -45.10 33.88 -57.20
N MET M 297 -43.82 33.50 -57.22
CA MET M 297 -42.78 34.42 -57.65
C MET M 297 -42.88 34.70 -59.15
N ASP M 298 -43.35 33.74 -59.93
CA ASP M 298 -43.49 33.89 -61.36
C ASP M 298 -44.79 34.55 -61.78
N ILE M 299 -45.66 34.89 -60.84
CA ILE M 299 -46.94 35.52 -61.14
C ILE M 299 -47.08 36.79 -60.32
N LYS M 300 -47.98 37.67 -60.77
CA LYS M 300 -48.24 38.94 -60.09
C LYS M 300 -49.28 38.70 -59.00
N SER M 301 -48.80 38.18 -57.87
CA SER M 301 -49.67 37.87 -56.74
C SER M 301 -49.74 39.07 -55.80
N GLU M 302 -50.40 38.88 -54.65
CA GLU M 302 -50.53 39.95 -53.68
C GLU M 302 -49.26 40.08 -52.84
N SER M 303 -49.16 41.19 -52.11
CA SER M 303 -48.01 41.43 -51.25
C SER M 303 -47.94 40.38 -50.15
N GLY M 304 -49.09 40.00 -49.59
CA GLY M 304 -49.09 38.97 -48.56
C GLY M 304 -48.59 37.64 -49.06
N LEU M 305 -48.94 37.27 -50.29
CA LEU M 305 -48.42 36.03 -50.87
C LEU M 305 -46.91 36.09 -51.02
N ARG M 306 -46.39 37.24 -51.46
CA ARG M 306 -44.94 37.39 -51.59
C ARG M 306 -44.25 37.29 -50.22
N VAL M 307 -44.86 37.90 -49.20
CA VAL M 307 -44.28 37.83 -47.86
C VAL M 307 -44.28 36.39 -47.36
N LEU M 308 -45.38 35.67 -47.58
CA LEU M 308 -45.45 34.27 -47.17
C LEU M 308 -44.42 33.43 -47.90
N ALA M 309 -44.25 33.67 -49.20
CA ALA M 309 -43.25 32.94 -49.96
C ALA M 309 -41.84 33.24 -49.46
N ILE M 310 -41.57 34.50 -49.13
CA ILE M 310 -40.26 34.87 -48.59
C ILE M 310 -40.02 34.19 -47.25
N ASN M 311 -41.03 34.17 -46.40
CA ASN M 311 -40.90 33.49 -45.11
C ASN M 311 -40.68 32.00 -45.28
N ILE M 312 -41.39 31.38 -46.21
CA ILE M 312 -41.23 29.95 -46.47
C ILE M 312 -39.83 29.67 -46.98
N LEU M 313 -39.33 30.51 -47.89
CA LEU M 313 -37.97 30.33 -48.41
C LEU M 313 -36.94 30.50 -47.31
N GLY M 314 -37.14 31.49 -46.44
CA GLY M 314 -36.21 31.67 -45.33
C GLY M 314 -36.21 30.50 -44.37
N ARG M 315 -37.40 29.95 -44.09
CA ARG M 315 -37.50 28.78 -43.23
C ARG M 315 -36.82 27.56 -43.86
N PHE M 316 -37.02 27.39 -45.17
CA PHE M 316 -36.43 26.23 -45.83
C PHE M 316 -34.92 26.37 -46.01
N LEU M 317 -34.42 27.60 -46.06
CA LEU M 317 -32.98 27.80 -46.21
C LEU M 317 -32.22 27.31 -45.00
N LEU M 318 -32.83 27.35 -43.82
CA LEU M 318 -32.18 26.88 -42.61
C LEU M 318 -32.30 25.37 -42.42
N ASN M 319 -33.02 24.69 -43.30
CA ASN M 319 -33.16 23.24 -43.17
C ASN M 319 -31.83 22.55 -43.41
N ASN M 320 -31.54 21.54 -42.59
CA ASN M 320 -30.28 20.81 -42.69
C ASN M 320 -30.25 19.86 -43.88
N ASP M 321 -31.39 19.57 -44.49
CA ASP M 321 -31.41 18.66 -45.64
C ASP M 321 -30.72 19.30 -46.83
N LYS M 322 -29.85 18.53 -47.48
CA LYS M 322 -29.15 19.03 -48.65
C LYS M 322 -30.11 19.33 -49.80
N ASN M 323 -31.10 18.46 -50.01
CA ASN M 323 -32.09 18.69 -51.05
C ASN M 323 -32.90 19.95 -50.76
N ILE M 324 -33.28 20.15 -49.50
CA ILE M 324 -34.03 21.34 -49.13
C ILE M 324 -33.21 22.60 -49.36
N ARG M 325 -31.93 22.55 -48.99
CA ARG M 325 -31.05 23.70 -49.20
C ARG M 325 -30.88 24.00 -50.68
N TYR M 326 -30.71 22.95 -51.50
CA TYR M 326 -30.58 23.15 -52.94
C TYR M 326 -31.86 23.74 -53.54
N VAL M 327 -33.01 23.26 -53.08
CA VAL M 327 -34.29 23.79 -53.57
C VAL M 327 -34.43 25.25 -53.19
N ALA M 328 -34.07 25.58 -51.95
CA ALA M 328 -34.16 26.98 -51.51
C ALA M 328 -33.22 27.87 -52.32
N LEU M 329 -32.00 27.39 -52.59
CA LEU M 329 -31.07 28.16 -53.39
C LEU M 329 -31.59 28.36 -54.81
N THR M 330 -32.16 27.32 -55.40
CA THR M 330 -32.72 27.46 -56.73
C THR M 330 -33.89 28.43 -56.75
N SER M 331 -34.75 28.38 -55.74
CA SER M 331 -35.87 29.31 -55.67
C SER M 331 -35.39 30.75 -55.50
N LEU M 332 -34.36 30.95 -54.67
CA LEU M 332 -33.81 32.30 -54.49
C LEU M 332 -33.19 32.81 -55.78
N LEU M 333 -32.48 31.94 -56.51
CA LEU M 333 -31.90 32.34 -57.78
C LEU M 333 -32.99 32.69 -58.79
N LYS M 334 -34.06 31.89 -58.84
CA LYS M 334 -35.17 32.20 -59.73
C LYS M 334 -35.85 33.51 -59.36
N THR M 335 -36.06 33.73 -58.06
CA THR M 335 -36.67 34.97 -57.57
C THR M 335 -35.59 36.00 -57.22
N VAL M 336 -34.70 36.28 -58.17
CA VAL M 336 -33.62 37.24 -57.95
C VAL M 336 -34.10 38.62 -58.40
N GLN M 337 -34.50 38.74 -59.67
CA GLN M 337 -35.00 40.01 -60.17
C GLN M 337 -36.30 40.41 -59.49
N THR M 338 -37.20 39.45 -59.26
CA THR M 338 -38.46 39.71 -58.58
C THR M 338 -38.22 39.60 -57.08
N ASP M 339 -38.56 40.67 -56.35
CA ASP M 339 -38.36 40.72 -54.90
C ASP M 339 -36.87 40.72 -54.53
N HIS M 340 -36.10 41.54 -55.25
CA HIS M 340 -34.67 41.62 -54.99
C HIS M 340 -34.37 42.25 -53.64
N ASN M 341 -35.20 43.21 -53.21
CA ASN M 341 -34.98 43.86 -51.92
C ASN M 341 -35.13 42.85 -50.77
N ALA M 342 -36.14 41.98 -50.85
CA ALA M 342 -36.35 40.99 -49.80
C ALA M 342 -35.32 39.87 -49.83
N VAL M 343 -34.65 39.65 -50.97
CA VAL M 343 -33.65 38.61 -51.05
C VAL M 343 -32.36 38.99 -50.33
N GLN M 344 -32.15 40.29 -50.08
CA GLN M 344 -30.94 40.73 -49.39
C GLN M 344 -30.89 40.30 -47.93
N ARG M 345 -32.01 39.88 -47.36
CA ARG M 345 -32.05 39.45 -45.97
C ARG M 345 -31.32 38.13 -45.75
N HIS M 346 -31.07 37.35 -46.80
CA HIS M 346 -30.38 36.08 -46.69
C HIS M 346 -28.93 36.16 -47.17
N ARG M 347 -28.32 37.35 -47.05
CA ARG M 347 -26.93 37.50 -47.47
C ARG M 347 -25.99 36.66 -46.63
N SER M 348 -26.23 36.61 -45.31
CA SER M 348 -25.40 35.78 -44.45
C SER M 348 -25.54 34.31 -44.81
N THR M 349 -26.76 33.85 -45.06
CA THR M 349 -26.98 32.47 -45.46
C THR M 349 -26.29 32.16 -46.78
N ILE M 350 -26.37 33.10 -47.74
CA ILE M 350 -25.72 32.90 -49.03
C ILE M 350 -24.20 32.81 -48.87
N VAL M 351 -23.64 33.67 -48.02
CA VAL M 351 -22.20 33.63 -47.77
C VAL M 351 -21.79 32.34 -47.10
N ASP M 352 -22.60 31.87 -46.14
CA ASP M 352 -22.26 30.63 -45.44
C ASP M 352 -22.40 29.42 -46.35
N CYS M 353 -23.32 29.46 -47.32
CA CYS M 353 -23.50 28.33 -48.22
C CYS M 353 -22.30 28.11 -49.13
N LEU M 354 -21.46 29.12 -49.32
CA LEU M 354 -20.27 28.96 -50.15
C LEU M 354 -19.26 28.04 -49.49
N LYS M 355 -19.23 27.99 -48.16
CA LYS M 355 -18.31 27.15 -47.42
C LYS M 355 -18.84 25.74 -47.17
N ASP M 356 -20.03 25.43 -47.66
CA ASP M 356 -20.62 24.11 -47.44
C ASP M 356 -19.83 23.05 -48.20
N LEU M 357 -19.92 21.81 -47.72
CA LEU M 357 -19.22 20.68 -48.30
C LEU M 357 -20.00 20.01 -49.42
N ASP M 358 -20.95 20.71 -50.03
CA ASP M 358 -21.74 20.19 -51.12
C ASP M 358 -21.39 20.95 -52.39
N VAL M 359 -21.07 20.20 -53.45
CA VAL M 359 -20.71 20.84 -54.72
C VAL M 359 -21.92 21.58 -55.30
N SER M 360 -23.08 20.92 -55.30
CA SER M 360 -24.29 21.57 -55.80
C SER M 360 -24.68 22.75 -54.93
N ILE M 361 -24.57 22.58 -53.61
CA ILE M 361 -24.91 23.67 -52.68
C ILE M 361 -23.95 24.83 -52.86
N LYS M 362 -22.65 24.54 -53.01
CA LYS M 362 -21.67 25.60 -53.21
C LYS M 362 -21.91 26.34 -54.52
N ARG M 363 -22.22 25.59 -55.58
CA ARG M 363 -22.51 26.22 -56.86
C ARG M 363 -23.76 27.10 -56.78
N ARG M 364 -24.81 26.61 -56.10
CA ARG M 364 -26.02 27.41 -55.94
C ARG M 364 -25.74 28.68 -55.14
N ALA M 365 -24.94 28.56 -54.08
CA ALA M 365 -24.60 29.75 -53.28
C ALA M 365 -23.80 30.75 -54.09
N MET M 366 -22.85 30.27 -54.89
CA MET M 366 -22.06 31.17 -55.73
C MET M 366 -22.94 31.85 -56.76
N GLU M 367 -23.87 31.12 -57.37
CA GLU M 367 -24.77 31.72 -58.34
C GLU M 367 -25.67 32.75 -57.70
N LEU M 368 -26.18 32.46 -56.50
CA LEU M 368 -27.02 33.43 -55.80
C LEU M 368 -26.24 34.68 -55.44
N SER M 369 -25.00 34.51 -55.00
CA SER M 369 -24.16 35.68 -54.69
C SER M 369 -23.89 36.50 -55.93
N PHE M 370 -23.61 35.84 -57.06
CA PHE M 370 -23.37 36.57 -58.29
C PHE M 370 -24.61 37.31 -58.76
N ALA M 371 -25.78 36.68 -58.66
CA ALA M 371 -27.02 37.32 -59.11
C ALA M 371 -27.53 38.38 -58.15
N LEU M 372 -27.09 38.35 -56.89
CA LEU M 372 -27.53 39.31 -55.90
C LEU M 372 -26.62 40.53 -55.77
N VAL M 373 -25.56 40.61 -56.59
CA VAL M 373 -24.65 41.73 -56.53
C VAL M 373 -25.34 42.97 -57.08
N ASN M 374 -25.39 44.03 -56.28
CA ASN M 374 -26.03 45.28 -56.64
C ASN M 374 -24.97 46.37 -56.77
N GLY M 375 -25.44 47.60 -56.98
CA GLY M 375 -24.55 48.74 -57.11
C GLY M 375 -24.00 49.28 -55.81
N ASN M 376 -24.45 48.77 -54.68
CA ASN M 376 -23.96 49.20 -53.38
C ASN M 376 -23.20 48.14 -52.61
N ASN M 377 -23.55 46.86 -52.78
CA ASN M 377 -22.87 45.77 -52.11
C ASN M 377 -21.77 45.16 -52.98
N ILE M 378 -21.52 45.73 -54.15
CA ILE M 378 -20.47 45.20 -55.03
C ILE M 378 -19.10 45.34 -54.37
N ARG M 379 -18.82 46.51 -53.78
CA ARG M 379 -17.54 46.71 -53.13
C ARG M 379 -17.37 45.78 -51.94
N GLY M 380 -18.42 45.64 -51.13
CA GLY M 380 -18.34 44.72 -50.00
C GLY M 380 -18.24 43.27 -50.42
N MET M 381 -19.00 42.88 -51.44
CA MET M 381 -18.97 41.50 -51.91
C MET M 381 -17.72 41.17 -52.70
N MET M 382 -16.95 42.18 -53.13
CA MET M 382 -15.74 41.91 -53.89
C MET M 382 -14.71 41.14 -53.08
N LYS M 383 -14.53 41.52 -51.81
CA LYS M 383 -13.58 40.80 -50.96
C LYS M 383 -14.02 39.36 -50.74
N GLU M 384 -15.32 39.14 -50.51
CA GLU M 384 -15.83 37.79 -50.33
C GLU M 384 -15.63 36.96 -51.60
N LEU M 385 -15.89 37.56 -52.76
CA LEU M 385 -15.69 36.83 -54.01
C LEU M 385 -14.23 36.49 -54.23
N LEU M 386 -13.33 37.42 -53.92
CA LEU M 386 -11.90 37.15 -54.06
C LEU M 386 -11.47 36.04 -53.12
N TYR M 387 -11.97 36.06 -51.88
CA TYR M 387 -11.63 35.00 -50.93
C TYR M 387 -12.16 33.66 -51.39
N PHE M 388 -13.38 33.62 -51.91
CA PHE M 388 -13.94 32.38 -52.41
C PHE M 388 -13.14 31.86 -53.60
N LEU M 389 -12.74 32.76 -54.50
CA LEU M 389 -11.95 32.33 -55.66
C LEU M 389 -10.59 31.81 -55.23
N ASP M 390 -9.98 32.43 -54.22
CA ASP M 390 -8.69 31.98 -53.74
C ASP M 390 -8.78 30.59 -53.13
N SER M 391 -9.83 30.30 -52.38
CA SER M 391 -10.03 29.00 -51.75
C SER M 391 -11.17 28.21 -52.37
N CYS M 392 -11.29 28.29 -53.70
CA CYS M 392 -12.34 27.61 -54.43
C CYS M 392 -11.83 26.29 -55.00
N GLU M 393 -12.75 25.48 -55.46
CA GLU M 393 -12.41 24.19 -56.05
C GLU M 393 -11.73 24.41 -57.41
N PRO M 394 -10.96 23.43 -57.87
CA PRO M 394 -10.30 23.57 -59.17
C PRO M 394 -11.26 23.79 -60.32
N GLU M 395 -12.44 23.19 -60.28
CA GLU M 395 -13.43 23.38 -61.32
C GLU M 395 -14.30 24.60 -61.10
N PHE M 396 -14.22 25.25 -59.93
CA PHE M 396 -14.99 26.43 -59.63
C PHE M 396 -14.19 27.72 -59.71
N LYS M 397 -12.87 27.62 -59.91
CA LYS M 397 -12.05 28.82 -59.99
C LYS M 397 -12.34 29.61 -61.25
N ALA M 398 -12.45 28.91 -62.39
CA ALA M 398 -12.76 29.60 -63.64
C ALA M 398 -14.14 30.24 -63.61
N ASP M 399 -15.13 29.52 -63.08
CA ASP M 399 -16.49 30.07 -63.00
C ASP M 399 -16.52 31.27 -62.07
N CYS M 400 -15.82 31.19 -60.94
CA CYS M 400 -15.76 32.32 -60.02
C CYS M 400 -15.09 33.53 -60.66
N ALA M 401 -14.00 33.30 -61.39
CA ALA M 401 -13.32 34.40 -62.07
C ALA M 401 -14.22 35.03 -63.13
N SER M 402 -14.93 34.20 -63.90
CA SER M 402 -15.84 34.72 -64.91
C SER M 402 -16.97 35.52 -64.27
N GLY M 403 -17.52 35.03 -63.16
CA GLY M 403 -18.57 35.78 -62.48
C GLY M 403 -18.06 37.10 -61.92
N ILE M 404 -16.85 37.09 -61.37
CA ILE M 404 -16.27 38.33 -60.85
C ILE M 404 -16.04 39.33 -61.97
N PHE M 405 -15.53 38.86 -63.11
CA PHE M 405 -15.32 39.75 -64.24
C PHE M 405 -16.64 40.31 -64.75
N LEU M 406 -17.67 39.47 -64.83
CA LEU M 406 -18.99 39.94 -65.28
C LEU M 406 -19.55 40.98 -64.31
N ALA M 407 -19.42 40.74 -63.01
CA ALA M 407 -19.92 41.70 -62.02
C ALA M 407 -19.17 43.01 -62.11
N ALA M 408 -17.84 42.95 -62.30
CA ALA M 408 -17.06 44.17 -62.44
C ALA M 408 -17.44 44.94 -63.70
N GLU M 409 -17.66 44.24 -64.80
CA GLU M 409 -18.03 44.90 -66.05
C GLU M 409 -19.46 45.40 -66.04
N LYS M 410 -20.31 44.84 -65.18
CA LYS M 410 -21.72 45.23 -65.15
C LYS M 410 -21.95 46.40 -64.20
N TYR M 411 -21.59 46.24 -62.93
CA TYR M 411 -21.86 47.21 -61.89
C TYR M 411 -20.57 47.58 -61.16
N ALA M 412 -19.53 47.88 -61.91
CA ALA M 412 -18.27 48.29 -61.32
C ALA M 412 -18.42 49.67 -60.68
N PRO M 413 -18.09 49.83 -59.40
CA PRO M 413 -18.23 51.16 -58.77
C PRO M 413 -17.39 52.24 -59.43
N SER M 414 -16.19 51.90 -59.92
CA SER M 414 -15.32 52.87 -60.57
C SER M 414 -14.39 52.13 -61.51
N LYS M 415 -13.82 52.91 -62.45
CA LYS M 415 -12.89 52.32 -63.41
C LYS M 415 -11.60 51.84 -62.75
N ARG M 416 -11.08 52.62 -61.79
CA ARG M 416 -9.86 52.22 -61.10
C ARG M 416 -10.09 50.97 -60.26
N TRP M 417 -11.19 50.92 -59.52
CA TRP M 417 -11.50 49.74 -58.71
C TRP M 417 -11.75 48.52 -59.59
N HIS M 418 -12.50 48.69 -60.67
CA HIS M 418 -12.75 47.58 -61.59
C HIS M 418 -11.46 47.09 -62.24
N ILE M 419 -10.58 48.03 -62.63
CA ILE M 419 -9.31 47.66 -63.24
C ILE M 419 -8.45 46.89 -62.25
N ASP M 420 -8.41 47.36 -60.99
CA ASP M 420 -7.64 46.66 -59.98
C ASP M 420 -8.18 45.26 -59.71
N THR M 421 -9.51 45.14 -59.65
CA THR M 421 -10.12 43.82 -59.45
C THR M 421 -9.80 42.89 -60.61
N ILE M 422 -9.87 43.40 -61.84
CA ILE M 422 -9.57 42.57 -63.01
C ILE M 422 -8.12 42.14 -62.98
N MET M 423 -7.21 43.06 -62.64
CA MET M 423 -5.79 42.70 -62.56
C MET M 423 -5.54 41.65 -61.48
N ARG M 424 -6.19 41.80 -60.33
CA ARG M 424 -6.03 40.81 -59.27
C ARG M 424 -6.57 39.45 -59.69
N VAL M 425 -7.72 39.43 -60.37
CA VAL M 425 -8.28 38.17 -60.85
C VAL M 425 -7.34 37.52 -61.86
N LEU M 426 -6.78 38.31 -62.77
CA LEU M 426 -5.86 37.77 -63.77
C LEU M 426 -4.60 37.21 -63.11
N THR M 427 -4.07 37.93 -62.11
CA THR M 427 -2.87 37.46 -61.43
C THR M 427 -3.14 36.25 -60.55
N THR M 428 -4.38 36.08 -60.07
CA THR M 428 -4.71 34.96 -59.21
C THR M 428 -5.40 33.81 -59.95
N ALA M 429 -6.16 34.11 -61.00
CA ALA M 429 -6.84 33.05 -61.75
C ALA M 429 -5.84 32.13 -62.42
N GLY M 430 -4.78 32.70 -63.01
CA GLY M 430 -3.75 31.91 -63.65
C GLY M 430 -4.27 31.14 -64.85
N SER M 431 -4.35 29.82 -64.73
CA SER M 431 -4.86 28.97 -65.78
C SER M 431 -6.35 28.72 -65.67
N TYR M 432 -7.07 29.56 -64.93
CA TYR M 432 -8.51 29.41 -64.77
C TYR M 432 -9.31 30.40 -65.60
N VAL M 433 -8.73 31.55 -65.95
CA VAL M 433 -9.44 32.54 -66.73
C VAL M 433 -9.56 32.05 -68.17
N ARG M 434 -10.78 32.05 -68.71
CA ARG M 434 -11.01 31.59 -70.06
C ARG M 434 -10.39 32.55 -71.07
N ASP M 435 -9.93 32.00 -72.20
CA ASP M 435 -9.35 32.83 -73.24
C ASP M 435 -10.37 33.75 -73.88
N ASP M 436 -11.66 33.40 -73.80
CA ASP M 436 -12.69 34.25 -74.36
C ASP M 436 -12.82 35.57 -73.62
N ALA M 437 -12.55 35.59 -72.31
CA ALA M 437 -12.60 36.83 -71.56
C ALA M 437 -11.48 37.79 -71.93
N VAL M 438 -10.44 37.31 -72.60
CA VAL M 438 -9.36 38.19 -73.04
C VAL M 438 -9.85 39.26 -74.00
N PRO M 439 -10.66 38.96 -75.02
CA PRO M 439 -11.19 40.04 -75.86
C PRO M 439 -12.05 41.03 -75.11
N ASN M 440 -12.85 40.56 -74.14
CA ASN M 440 -13.66 41.46 -73.34
C ASN M 440 -12.78 42.39 -72.51
N LEU M 441 -11.72 41.84 -71.90
CA LEU M 441 -10.81 42.68 -71.14
C LEU M 441 -10.10 43.69 -72.03
N ILE M 442 -9.71 43.28 -73.24
CA ILE M 442 -9.05 44.19 -74.16
C ILE M 442 -10.00 45.32 -74.55
N GLN M 443 -11.27 44.98 -74.82
CA GLN M 443 -12.26 46.01 -75.16
C GLN M 443 -12.49 46.96 -74.00
N LEU M 444 -12.57 46.42 -72.78
CA LEU M 444 -12.75 47.27 -71.62
C LEU M 444 -11.57 48.20 -71.42
N ILE M 445 -10.35 47.69 -71.62
CA ILE M 445 -9.16 48.53 -71.49
C ILE M 445 -9.15 49.62 -72.56
N THR M 446 -9.51 49.27 -73.79
CA THR M 446 -9.54 50.25 -74.87
C THR M 446 -10.59 51.32 -74.62
N ASN M 447 -11.75 50.93 -74.09
CA ASN M 447 -12.81 51.91 -73.83
C ASN M 447 -12.38 52.93 -72.80
N SER M 448 -11.69 52.48 -71.75
CA SER M 448 -11.23 53.39 -70.70
C SER M 448 -10.01 54.16 -71.22
N VAL M 449 -10.10 55.49 -71.19
CA VAL M 449 -9.04 56.36 -71.67
C VAL M 449 -8.56 57.33 -70.61
N GLU M 450 -8.91 57.11 -69.35
CA GLU M 450 -8.53 57.99 -68.26
C GLU M 450 -7.46 57.40 -67.34
N MET M 451 -7.41 56.08 -67.20
CA MET M 451 -6.44 55.41 -66.35
C MET M 451 -5.63 54.47 -67.22
N HIS M 452 -4.45 54.91 -67.63
CA HIS M 452 -3.58 54.11 -68.47
C HIS M 452 -2.17 53.94 -67.91
N ALA M 453 -1.63 54.97 -67.25
CA ALA M 453 -0.29 54.86 -66.69
C ALA M 453 -0.24 53.84 -65.56
N TYR M 454 -1.19 53.91 -64.63
CA TYR M 454 -1.23 52.95 -63.54
C TYR M 454 -1.48 51.54 -64.04
N THR M 455 -2.42 51.39 -64.98
CA THR M 455 -2.68 50.07 -65.54
C THR M 455 -1.47 49.53 -66.29
N VAL M 456 -0.80 50.39 -67.05
CA VAL M 456 0.40 49.95 -67.78
C VAL M 456 1.49 49.53 -66.81
N GLN M 457 1.69 50.29 -65.74
CA GLN M 457 2.69 49.93 -64.75
C GLN M 457 2.34 48.62 -64.07
N ARG M 458 1.08 48.42 -63.74
CA ARG M 458 0.67 47.17 -63.11
C ARG M 458 0.87 45.98 -64.05
N LEU M 459 0.53 46.16 -65.32
CA LEU M 459 0.74 45.09 -66.30
C LEU M 459 2.21 44.77 -66.47
N TYR M 460 3.06 45.80 -66.51
CA TYR M 460 4.49 45.57 -66.63
C TYR M 460 5.03 44.85 -65.41
N LYS M 461 4.57 45.23 -64.21
CA LYS M 461 5.02 44.56 -63.00
C LYS M 461 4.57 43.10 -62.96
N ALA M 462 3.33 42.83 -63.39
CA ALA M 462 2.79 41.48 -63.34
C ALA M 462 3.26 40.60 -64.50
N ILE M 463 3.82 41.18 -65.55
CA ILE M 463 4.27 40.39 -66.69
C ILE M 463 5.71 39.95 -66.56
N LEU M 464 6.55 40.72 -65.86
CA LEU M 464 7.95 40.35 -65.71
C LEU M 464 8.13 39.19 -64.74
N GLY M 465 7.20 39.00 -63.82
CA GLY M 465 7.34 37.92 -62.84
C GLY M 465 7.05 36.55 -63.43
N ASP M 466 5.91 36.42 -64.13
CA ASP M 466 5.52 35.15 -64.73
C ASP M 466 5.01 35.40 -66.14
N TYR M 467 5.14 34.37 -66.98
CA TYR M 467 4.69 34.46 -68.36
C TYR M 467 3.94 33.22 -68.83
N SER M 468 3.67 32.25 -67.95
CA SER M 468 2.99 31.03 -68.34
C SER M 468 1.47 31.19 -68.39
N GLN M 469 0.93 32.32 -67.95
CA GLN M 469 -0.50 32.56 -67.98
C GLN M 469 -0.86 33.11 -69.36
N GLN M 470 -1.52 32.28 -70.17
CA GLN M 470 -1.89 32.71 -71.52
C GLN M 470 -2.84 33.89 -71.52
N PRO M 471 -3.93 33.90 -70.76
CA PRO M 471 -4.80 35.09 -70.76
C PRO M 471 -4.14 36.31 -70.16
N LEU M 472 -3.46 36.17 -69.02
CA LEU M 472 -2.76 37.29 -68.42
C LEU M 472 -1.64 37.79 -69.33
N VAL M 473 -0.91 36.86 -69.96
CA VAL M 473 0.17 37.25 -70.86
C VAL M 473 -0.39 38.01 -72.06
N GLN M 474 -1.50 37.53 -72.64
CA GLN M 474 -2.11 38.21 -73.76
C GLN M 474 -2.61 39.60 -73.36
N VAL M 475 -3.20 39.71 -72.18
CA VAL M 475 -3.68 41.01 -71.70
C VAL M 475 -2.52 41.97 -71.51
N ALA M 476 -1.43 41.49 -70.92
CA ALA M 476 -0.26 42.34 -70.72
C ALA M 476 0.33 42.78 -72.06
N ALA M 477 0.41 41.86 -73.02
CA ALA M 477 0.93 42.21 -74.34
C ALA M 477 0.05 43.26 -75.03
N TRP M 478 -1.28 43.09 -74.94
CA TRP M 478 -2.18 44.07 -75.54
C TRP M 478 -2.06 45.42 -74.86
N CYS M 479 -1.94 45.43 -73.54
CA CYS M 479 -1.77 46.69 -72.81
C CYS M 479 -0.47 47.38 -73.20
N ILE M 480 0.61 46.60 -73.34
CA ILE M 480 1.89 47.19 -73.74
C ILE M 480 1.79 47.76 -75.15
N GLY M 481 1.18 47.02 -76.07
CA GLY M 481 1.03 47.51 -77.42
C GLY M 481 0.17 48.75 -77.50
N GLU M 482 -0.84 48.86 -76.63
CA GLU M 482 -1.74 50.01 -76.64
C GLU M 482 -1.20 51.22 -75.89
N TYR M 483 -0.29 51.02 -74.93
CA TYR M 483 0.16 52.14 -74.11
C TYR M 483 1.66 52.12 -73.87
N GLY M 484 2.44 51.73 -74.89
CA GLY M 484 3.89 51.89 -74.80
C GLY M 484 4.33 53.34 -74.65
N ASP M 485 3.59 54.27 -75.26
CA ASP M 485 3.93 55.68 -75.15
C ASP M 485 3.69 56.22 -73.74
N LEU M 486 2.89 55.53 -72.93
CA LEU M 486 2.63 55.94 -71.56
C LEU M 486 3.38 55.12 -70.52
N LEU M 487 3.74 53.87 -70.84
CA LEU M 487 4.50 53.06 -69.90
C LEU M 487 5.87 53.65 -69.62
N VAL M 488 6.55 54.13 -70.67
CA VAL M 488 7.84 54.78 -70.54
C VAL M 488 7.69 56.19 -71.12
N SER M 489 8.03 57.20 -70.31
CA SER M 489 7.93 58.59 -70.71
C SER M 489 9.33 59.19 -70.78
N GLY M 490 9.66 59.78 -71.92
CA GLY M 490 10.98 60.38 -72.08
C GLY M 490 12.12 59.39 -72.02
N GLN M 491 11.96 58.23 -72.64
CA GLN M 491 12.97 57.18 -72.64
C GLN M 491 13.65 57.04 -73.99
N CYS M 492 13.77 58.16 -74.72
CA CYS M 492 14.45 58.13 -76.01
C CYS M 492 15.92 57.80 -75.86
N GLU M 493 16.58 58.37 -74.83
CA GLU M 493 17.98 58.10 -74.58
C GLU M 493 18.19 57.64 -73.15
N GLU M 494 19.45 57.48 -72.75
CA GLU M 494 19.75 57.05 -71.39
C GLU M 494 19.29 58.12 -70.39
N GLU M 495 18.66 57.67 -69.32
CA GLU M 495 18.11 58.57 -68.30
C GLU M 495 18.36 57.97 -66.93
N GLU M 496 17.66 58.47 -65.92
CA GLU M 496 17.80 57.97 -64.57
C GLU M 496 17.22 56.57 -64.47
N PRO M 497 17.67 55.79 -63.48
CA PRO M 497 17.13 54.43 -63.32
C PRO M 497 15.69 54.42 -62.86
N ILE M 498 14.79 53.96 -63.73
CA ILE M 498 13.38 53.88 -63.40
C ILE M 498 12.91 52.44 -63.56
N GLN M 499 11.61 52.20 -63.34
CA GLN M 499 11.06 50.86 -63.50
C GLN M 499 11.18 50.39 -64.94
N VAL M 500 10.88 51.27 -65.89
CA VAL M 500 10.94 50.94 -67.31
C VAL M 500 12.13 51.66 -67.93
N THR M 501 12.96 50.92 -68.66
CA THR M 501 14.15 51.47 -69.29
C THR M 501 14.13 51.38 -70.81
N GLU M 502 13.00 50.98 -71.41
CA GLU M 502 12.83 50.86 -72.85
C GLU M 502 13.50 49.62 -73.44
N ASP M 503 14.17 48.81 -72.62
CA ASP M 503 14.81 47.59 -73.08
C ASP M 503 14.24 46.33 -72.44
N GLU M 504 13.68 46.43 -71.23
CA GLU M 504 13.11 45.27 -70.58
C GLU M 504 11.85 44.78 -71.31
N VAL M 505 11.07 45.69 -71.87
CA VAL M 505 9.85 45.30 -72.58
C VAL M 505 10.20 44.49 -73.83
N LEU M 506 11.21 44.94 -74.58
CA LEU M 506 11.62 44.22 -75.78
C LEU M 506 12.15 42.84 -75.42
N ASP M 507 12.95 42.74 -74.36
CA ASP M 507 13.47 41.44 -73.93
C ASP M 507 12.33 40.52 -73.50
N ILE M 508 11.36 41.05 -72.78
CA ILE M 508 10.22 40.25 -72.35
C ILE M 508 9.43 39.75 -73.56
N LEU M 509 9.21 40.63 -74.54
CA LEU M 509 8.48 40.24 -75.74
C LEU M 509 9.25 39.16 -76.51
N GLU M 510 10.56 39.31 -76.64
CA GLU M 510 11.37 38.29 -77.32
C GLU M 510 11.32 36.96 -76.58
N SER M 511 11.40 37.00 -75.25
CA SER M 511 11.32 35.77 -74.47
C SER M 511 9.98 35.10 -74.64
N VAL M 512 8.90 35.89 -74.64
CA VAL M 512 7.56 35.32 -74.85
C VAL M 512 7.43 34.70 -76.23
N LEU M 513 7.97 35.37 -77.25
CA LEU M 513 7.91 34.83 -78.60
C LEU M 513 8.71 33.54 -78.70
N ILE M 514 9.89 33.48 -78.06
CA ILE M 514 10.72 32.28 -78.12
C ILE M 514 10.42 31.30 -77.00
N SER M 515 9.57 31.65 -76.05
CA SER M 515 9.26 30.75 -74.95
C SER M 515 8.40 29.58 -75.44
N ASN M 516 8.65 28.41 -74.87
CA ASN M 516 7.88 27.23 -75.23
C ASN M 516 6.50 27.20 -74.60
N MET M 517 6.23 28.05 -73.61
CA MET M 517 4.93 28.12 -72.96
C MET M 517 4.00 29.08 -73.70
N SER M 518 3.87 28.87 -75.01
CA SER M 518 3.02 29.68 -75.87
C SER M 518 2.12 28.76 -76.67
N THR M 519 0.87 29.17 -76.81
CA THR M 519 -0.12 28.42 -77.56
C THR M 519 -0.35 28.96 -78.97
N SER M 520 0.54 29.83 -79.45
CA SER M 520 0.46 30.49 -80.74
C SER M 520 -0.49 31.69 -80.72
N VAL M 521 -1.15 31.98 -79.61
CA VAL M 521 -2.01 33.16 -79.48
C VAL M 521 -1.28 34.28 -78.76
N THR M 522 -0.62 33.97 -77.65
CA THR M 522 0.17 34.98 -76.95
C THR M 522 1.37 35.43 -77.77
N ARG M 523 1.97 34.51 -78.54
CA ARG M 523 3.09 34.87 -79.39
C ARG M 523 2.66 35.88 -80.46
N GLY M 524 1.47 35.68 -81.04
CA GLY M 524 0.97 36.63 -82.00
C GLY M 524 0.72 38.00 -81.40
N TYR M 525 0.17 38.03 -80.19
CA TYR M 525 -0.05 39.31 -79.51
C TYR M 525 1.28 40.00 -79.22
N ALA M 526 2.29 39.22 -78.80
CA ALA M 526 3.59 39.80 -78.54
C ALA M 526 4.22 40.35 -79.82
N LEU M 527 4.07 39.62 -80.93
CA LEU M 527 4.59 40.10 -82.21
C LEU M 527 3.88 41.38 -82.65
N THR M 528 2.56 41.43 -82.48
CA THR M 528 1.82 42.64 -82.83
C THR M 528 2.25 43.83 -81.97
N ALA M 529 2.46 43.59 -80.67
CA ALA M 529 2.93 44.65 -79.79
C ALA M 529 4.30 45.14 -80.19
N ILE M 530 5.20 44.22 -80.55
CA ILE M 530 6.54 44.60 -80.99
C ILE M 530 6.47 45.41 -82.28
N MET M 531 5.62 44.99 -83.22
CA MET M 531 5.48 45.74 -84.47
C MET M 531 4.92 47.14 -84.22
N LYS M 532 3.95 47.25 -83.31
CA LYS M 532 3.37 48.56 -83.01
C LYS M 532 4.32 49.45 -82.23
N LEU M 533 5.25 48.86 -81.47
CA LEU M 533 6.22 49.62 -80.69
C LEU M 533 7.23 50.36 -81.56
N SER M 534 7.30 50.06 -82.86
CA SER M 534 8.23 50.76 -83.74
C SER M 534 7.90 52.25 -83.83
N THR M 535 6.61 52.59 -83.93
CA THR M 535 6.18 53.97 -83.97
C THR M 535 5.84 54.53 -82.59
N ARG M 536 5.26 53.71 -81.72
CA ARG M 536 4.94 54.17 -80.37
C ARG M 536 6.21 54.49 -79.57
N PHE M 537 7.23 53.67 -79.69
CA PHE M 537 8.51 53.87 -79.00
C PHE M 537 9.57 54.21 -80.03
N THR M 538 10.30 55.30 -79.79
CA THR M 538 11.35 55.75 -80.69
C THR M 538 12.74 55.67 -80.07
N CYS M 539 12.85 55.24 -78.80
CA CYS M 539 14.16 55.14 -78.17
C CYS M 539 14.89 53.88 -78.60
N THR M 540 14.20 52.73 -78.59
CA THR M 540 14.78 51.46 -79.00
C THR M 540 14.33 51.19 -80.44
N VAL M 541 15.06 51.79 -81.39
CA VAL M 541 14.75 51.66 -82.80
C VAL M 541 15.87 50.88 -83.49
N ASN M 542 15.50 50.18 -84.57
CA ASN M 542 16.43 49.38 -85.35
C ASN M 542 16.85 48.09 -84.62
N LYS N 158 -22.41 -9.96 -50.49
CA LYS N 158 -23.29 -9.87 -51.65
C LYS N 158 -23.80 -8.44 -51.84
N GLY N 159 -24.81 -8.07 -51.05
CA GLY N 159 -25.38 -6.74 -51.11
C GLY N 159 -26.41 -6.54 -52.21
N GLU N 160 -26.73 -7.58 -52.98
CA GLU N 160 -27.71 -7.48 -54.06
C GLU N 160 -29.05 -8.10 -53.72
N ASN N 161 -29.06 -9.13 -52.87
CA ASN N 161 -30.32 -9.76 -52.49
C ASN N 161 -31.17 -8.90 -51.58
N THR N 162 -30.61 -7.83 -51.01
CA THR N 162 -31.38 -6.97 -50.13
C THR N 162 -32.47 -6.24 -50.92
N SER N 163 -33.58 -5.99 -50.25
CA SER N 163 -34.70 -5.30 -50.88
C SER N 163 -34.32 -3.85 -51.19
N LEU N 164 -34.90 -3.33 -52.26
CA LEU N 164 -34.63 -1.95 -52.65
C LEU N 164 -35.13 -0.97 -51.61
N LEU N 165 -36.30 -1.23 -51.03
CA LEU N 165 -36.86 -0.38 -49.99
C LEU N 165 -37.06 -1.08 -48.66
N HIS N 166 -37.08 -2.41 -48.63
CA HIS N 166 -37.28 -3.15 -47.39
C HIS N 166 -38.65 -2.85 -46.81
N PRO N 167 -39.73 -3.04 -47.58
CA PRO N 167 -41.10 -2.78 -47.11
C PRO N 167 -41.88 -4.07 -46.86
N SER O 2 15.65 0.78 -58.79
CA SER O 2 15.51 1.33 -57.44
C SER O 2 14.05 1.38 -57.02
N ALA O 3 13.39 0.22 -57.06
CA ALA O 3 11.98 0.13 -56.68
C ALA O 3 11.83 0.36 -55.18
N SER O 4 10.78 1.07 -54.80
CA SER O 4 10.51 1.40 -53.41
C SER O 4 9.67 0.35 -52.70
N ALA O 5 8.69 -0.22 -53.39
CA ALA O 5 7.81 -1.22 -52.80
C ALA O 5 7.21 -2.03 -53.92
N VAL O 6 7.41 -3.34 -53.89
CA VAL O 6 6.82 -4.24 -54.87
C VAL O 6 5.51 -4.76 -54.32
N TYR O 7 4.42 -4.53 -55.06
CA TYR O 7 3.10 -4.97 -54.65
C TYR O 7 2.43 -5.73 -55.79
N VAL O 8 1.54 -6.64 -55.42
CA VAL O 8 0.80 -7.45 -56.38
C VAL O 8 -0.66 -7.05 -56.28
N LEU O 9 -1.20 -6.55 -57.38
CA LEU O 9 -2.58 -6.08 -57.44
C LEU O 9 -3.48 -7.17 -58.03
N ASP O 10 -4.74 -6.81 -58.28
CA ASP O 10 -5.71 -7.72 -58.88
C ASP O 10 -6.51 -6.96 -59.93
N LEU O 11 -7.48 -7.65 -60.53
CA LEU O 11 -8.31 -7.04 -61.57
C LEU O 11 -9.35 -6.08 -61.01
N LYS O 12 -9.65 -6.17 -59.72
CA LYS O 12 -10.61 -5.30 -59.08
C LYS O 12 -9.96 -4.15 -58.32
N GLY O 13 -8.65 -3.98 -58.46
CA GLY O 13 -7.95 -2.93 -57.77
C GLY O 13 -7.47 -3.31 -56.39
N LYS O 14 -7.74 -4.52 -55.93
CA LYS O 14 -7.30 -4.96 -54.61
C LYS O 14 -5.86 -5.48 -54.69
N VAL O 15 -5.03 -5.06 -53.75
CA VAL O 15 -3.62 -5.46 -53.71
C VAL O 15 -3.55 -6.84 -53.06
N LEU O 16 -3.18 -7.85 -53.84
CA LEU O 16 -3.08 -9.20 -53.31
C LEU O 16 -2.02 -9.30 -52.24
N ILE O 17 -0.86 -8.67 -52.47
CA ILE O 17 0.23 -8.72 -51.52
C ILE O 17 1.21 -7.62 -51.87
N CYS O 18 1.83 -7.03 -50.86
CA CYS O 18 2.81 -5.98 -51.03
C CYS O 18 4.02 -6.26 -50.14
N ARG O 19 5.19 -5.77 -50.58
CA ARG O 19 6.43 -5.96 -49.82
C ARG O 19 7.30 -4.74 -50.08
N ASN O 20 7.30 -3.80 -49.15
CA ASN O 20 8.11 -2.60 -49.29
C ASN O 20 9.59 -2.94 -49.18
N TYR O 21 10.39 -2.29 -50.01
CA TYR O 21 11.84 -2.52 -50.03
C TYR O 21 12.66 -1.36 -49.54
N ARG O 22 12.18 -0.12 -49.69
CA ARG O 22 12.89 1.05 -49.22
C ARG O 22 12.05 1.88 -48.27
N GLY O 23 10.73 1.83 -48.42
CA GLY O 23 9.84 2.57 -47.56
C GLY O 23 9.75 4.04 -47.87
N ASP O 24 10.35 4.49 -48.96
CA ASP O 24 10.29 5.91 -49.31
C ASP O 24 8.98 6.31 -49.96
N VAL O 25 8.11 5.36 -50.27
CA VAL O 25 6.83 5.64 -50.90
C VAL O 25 5.74 5.16 -49.97
N ASP O 26 4.77 6.02 -49.72
CA ASP O 26 3.66 5.67 -48.83
C ASP O 26 2.82 4.55 -49.44
N MET O 27 2.34 3.65 -48.59
CA MET O 27 1.55 2.53 -49.05
C MET O 27 0.19 2.93 -49.56
N SER O 28 -0.25 4.15 -49.28
CA SER O 28 -1.54 4.61 -49.74
C SER O 28 -1.52 5.11 -51.17
N GLU O 29 -0.34 5.26 -51.76
CA GLU O 29 -0.27 5.73 -53.14
C GLU O 29 -0.79 4.69 -54.12
N VAL O 30 -0.90 3.43 -53.69
CA VAL O 30 -1.41 2.40 -54.58
C VAL O 30 -2.87 2.64 -54.93
N GLU O 31 -3.57 3.40 -54.10
CA GLU O 31 -4.99 3.65 -54.37
C GLU O 31 -5.17 4.44 -55.66
N HIS O 32 -4.32 5.44 -55.90
CA HIS O 32 -4.42 6.25 -57.09
C HIS O 32 -3.93 5.54 -58.33
N PHE O 33 -3.28 4.38 -58.19
CA PHE O 33 -2.81 3.65 -59.35
C PHE O 33 -3.96 3.17 -60.21
N MET O 34 -4.99 2.62 -59.59
CA MET O 34 -6.14 2.16 -60.36
C MET O 34 -6.84 3.26 -61.12
N PRO O 35 -7.18 4.39 -60.50
CA PRO O 35 -7.78 5.48 -61.28
C PRO O 35 -6.87 6.00 -62.37
N ILE O 36 -5.57 6.07 -62.11
CA ILE O 36 -4.63 6.53 -63.12
C ILE O 36 -4.60 5.56 -64.30
N LEU O 37 -4.59 4.27 -64.01
CA LEU O 37 -4.59 3.28 -65.08
C LEU O 37 -5.89 3.36 -65.88
N MET O 38 -7.01 3.55 -65.19
CA MET O 38 -8.29 3.66 -65.89
C MET O 38 -8.32 4.88 -66.80
N GLU O 39 -7.79 6.00 -66.30
CA GLU O 39 -7.74 7.21 -67.12
C GLU O 39 -6.82 7.03 -68.32
N LYS O 40 -5.67 6.39 -68.12
CA LYS O 40 -4.75 6.17 -69.22
C LYS O 40 -5.35 5.26 -70.28
N GLU O 41 -6.05 4.20 -69.84
CA GLU O 41 -6.65 3.28 -70.79
C GLU O 41 -7.76 3.94 -71.59
N GLU O 42 -8.57 4.78 -70.95
CA GLU O 42 -9.69 5.42 -71.63
C GLU O 42 -9.25 6.55 -72.55
N GLU O 43 -8.01 7.01 -72.45
CA GLU O 43 -7.51 8.07 -73.30
C GLU O 43 -6.39 7.63 -74.23
N GLY O 44 -6.02 6.35 -74.20
CA GLY O 44 -4.98 5.84 -75.06
C GLY O 44 -3.57 6.18 -74.63
N MET O 45 -3.39 6.76 -73.45
CA MET O 45 -2.07 7.11 -72.94
C MET O 45 -1.59 6.14 -71.86
N LEU O 46 -2.28 5.02 -71.68
CA LEU O 46 -1.89 4.06 -70.68
C LEU O 46 -0.57 3.38 -71.06
N SER O 47 0.32 3.24 -70.09
CA SER O 47 1.61 2.61 -70.27
C SER O 47 1.92 1.74 -69.05
N PRO O 48 2.79 0.74 -69.21
CA PRO O 48 3.15 -0.09 -68.05
C PRO O 48 3.81 0.70 -66.94
N ILE O 49 4.44 1.81 -67.26
CA ILE O 49 5.12 2.64 -66.27
C ILE O 49 4.23 3.84 -66.01
N LEU O 50 3.57 3.85 -64.84
CA LEU O 50 2.72 4.95 -64.46
C LEU O 50 3.52 5.98 -63.67
N ALA O 51 2.86 7.05 -63.24
CA ALA O 51 3.55 8.11 -62.47
C ALA O 51 2.50 8.82 -61.64
N HIS O 52 2.55 8.60 -60.33
CA HIS O 52 1.65 9.26 -59.40
C HIS O 52 2.41 10.45 -58.83
N GLY O 53 2.36 11.56 -59.56
CA GLY O 53 3.11 12.74 -59.19
C GLY O 53 4.60 12.53 -59.25
N GLY O 54 5.26 12.54 -58.09
CA GLY O 54 6.68 12.30 -58.01
C GLY O 54 7.07 10.85 -57.85
N VAL O 55 6.11 9.92 -57.88
CA VAL O 55 6.37 8.50 -57.71
C VAL O 55 5.92 7.78 -58.97
N ARG O 56 6.78 6.94 -59.51
CA ARG O 56 6.50 6.22 -60.73
C ARG O 56 6.02 4.82 -60.38
N PHE O 57 4.92 4.40 -61.01
CA PHE O 57 4.34 3.09 -60.79
C PHE O 57 4.58 2.28 -62.06
N MET O 58 5.72 1.63 -62.11
CA MET O 58 6.10 0.80 -63.26
C MET O 58 5.76 -0.65 -62.95
N TRP O 59 4.93 -1.26 -63.79
CA TRP O 59 4.51 -2.63 -63.57
C TRP O 59 4.02 -3.22 -64.89
N ILE O 60 3.95 -4.54 -64.93
CA ILE O 60 3.45 -5.26 -66.09
C ILE O 60 2.17 -5.98 -65.70
N LYS O 61 1.41 -6.37 -66.72
CA LYS O 61 0.14 -7.06 -66.52
C LYS O 61 0.39 -8.56 -66.54
N HIS O 62 0.01 -9.25 -65.48
CA HIS O 62 0.17 -10.68 -65.39
C HIS O 62 -1.09 -11.38 -65.92
N ASN O 63 -1.21 -12.68 -65.67
CA ASN O 63 -2.37 -13.42 -66.14
C ASN O 63 -3.64 -12.90 -65.51
N ASN O 64 -3.60 -12.57 -64.22
CA ASN O 64 -4.77 -12.05 -63.54
C ASN O 64 -4.53 -10.78 -62.73
N LEU O 65 -3.27 -10.43 -62.42
CA LEU O 65 -2.98 -9.25 -61.63
C LEU O 65 -1.79 -8.51 -62.22
N TYR O 66 -1.73 -7.22 -61.95
CA TYR O 66 -0.66 -6.36 -62.42
C TYR O 66 0.33 -6.15 -61.28
N LEU O 67 1.57 -6.56 -61.49
CA LEU O 67 2.61 -6.45 -60.47
C LEU O 67 3.19 -5.04 -60.53
N VAL O 68 2.52 -4.12 -59.86
CA VAL O 68 2.94 -2.72 -59.81
C VAL O 68 3.99 -2.54 -58.73
N ALA O 69 5.14 -1.96 -59.10
CA ALA O 69 6.24 -1.71 -58.17
C ALA O 69 6.47 -0.22 -58.13
N THR O 70 6.14 0.39 -57.01
CA THR O 70 6.29 1.83 -56.88
C THR O 70 7.76 2.21 -56.80
N SER O 71 8.10 3.33 -57.41
CA SER O 71 9.45 3.84 -57.37
C SER O 71 9.39 5.37 -57.33
N LYS O 72 10.39 5.97 -56.70
CA LYS O 72 10.45 7.41 -56.54
C LYS O 72 11.73 8.03 -57.10
N LYS O 73 12.87 7.35 -56.95
CA LYS O 73 14.13 7.88 -57.45
C LYS O 73 14.27 7.53 -58.92
N ASN O 74 15.43 7.87 -59.49
CA ASN O 74 15.70 7.57 -60.89
C ASN O 74 16.22 6.14 -61.02
N ALA O 75 15.38 5.20 -60.62
CA ALA O 75 15.73 3.79 -60.66
C ALA O 75 15.78 3.28 -62.10
N CYS O 76 16.51 2.19 -62.30
CA CYS O 76 16.63 1.56 -63.62
C CYS O 76 15.31 0.89 -63.98
N VAL O 77 14.63 1.44 -64.99
CA VAL O 77 13.37 0.86 -65.42
C VAL O 77 13.59 -0.54 -65.95
N SER O 78 14.69 -0.73 -66.68
CA SER O 78 15.01 -2.05 -67.19
C SER O 78 15.27 -3.02 -66.04
N LEU O 79 15.93 -2.54 -64.99
CA LEU O 79 16.15 -3.39 -63.83
C LEU O 79 14.83 -3.78 -63.19
N VAL O 80 13.90 -2.83 -63.10
CA VAL O 80 12.60 -3.13 -62.52
C VAL O 80 11.87 -4.16 -63.36
N PHE O 81 11.91 -4.01 -64.68
CA PHE O 81 11.24 -4.97 -65.53
C PHE O 81 11.87 -6.34 -65.39
N SER O 82 13.19 -6.40 -65.32
CA SER O 82 13.85 -7.68 -65.17
C SER O 82 13.49 -8.34 -63.86
N PHE O 83 13.43 -7.54 -62.79
CA PHE O 83 13.04 -8.09 -61.50
C PHE O 83 11.62 -8.62 -61.55
N LEU O 84 10.72 -7.89 -62.21
CA LEU O 84 9.35 -8.35 -62.32
C LEU O 84 9.29 -9.65 -63.10
N TYR O 85 10.06 -9.74 -64.18
CA TYR O 85 10.06 -10.97 -64.95
C TYR O 85 10.61 -12.12 -64.14
N LYS O 86 11.67 -11.87 -63.37
CA LYS O 86 12.24 -12.92 -62.54
C LYS O 86 11.23 -13.37 -61.50
N VAL O 87 10.50 -12.42 -60.90
CA VAL O 87 9.51 -12.78 -59.90
C VAL O 87 8.39 -13.60 -60.53
N VAL O 88 7.97 -13.23 -61.74
CA VAL O 88 6.92 -13.99 -62.43
C VAL O 88 7.40 -15.40 -62.71
N GLN O 89 8.63 -15.54 -63.17
CA GLN O 89 9.17 -16.87 -63.43
C GLN O 89 9.24 -17.70 -62.16
N VAL O 90 9.67 -17.08 -61.07
CA VAL O 90 9.75 -17.79 -59.80
C VAL O 90 8.38 -18.25 -59.36
N PHE O 91 7.39 -17.38 -59.49
CA PHE O 91 6.03 -17.75 -59.12
C PHE O 91 5.52 -18.89 -59.98
N SER O 92 5.81 -18.85 -61.27
CA SER O 92 5.38 -19.92 -62.14
C SER O 92 6.06 -21.23 -61.77
N GLU O 93 7.35 -21.17 -61.42
CA GLU O 93 8.05 -22.38 -61.04
C GLU O 93 7.50 -22.94 -59.73
N TYR O 94 7.29 -22.08 -58.74
CA TYR O 94 6.79 -22.54 -57.46
C TYR O 94 5.32 -22.91 -57.53
N PHE O 95 4.52 -22.07 -58.18
CA PHE O 95 3.09 -22.29 -58.31
C PHE O 95 2.77 -22.55 -59.77
N LYS O 96 2.12 -23.68 -60.04
CA LYS O 96 1.82 -24.06 -61.42
C LYS O 96 0.86 -23.08 -62.10
N GLU O 97 0.09 -22.31 -61.33
CA GLU O 97 -0.86 -21.37 -61.89
C GLU O 97 -0.61 -19.98 -61.31
N LEU O 98 -0.86 -18.98 -62.13
CA LEU O 98 -0.71 -17.58 -61.74
C LEU O 98 -2.12 -16.99 -61.73
N GLU O 99 -2.78 -17.11 -60.58
CA GLU O 99 -4.14 -16.62 -60.41
C GLU O 99 -4.32 -16.18 -58.97
N GLU O 100 -5.51 -15.63 -58.68
CA GLU O 100 -5.80 -15.14 -57.34
C GLU O 100 -6.00 -16.26 -56.33
N GLU O 101 -6.24 -17.48 -56.81
CA GLU O 101 -6.45 -18.59 -55.89
C GLU O 101 -5.21 -18.92 -55.08
N SER O 102 -4.02 -18.74 -55.67
CA SER O 102 -2.77 -19.03 -54.98
C SER O 102 -2.24 -17.85 -54.19
N ILE O 103 -2.64 -16.63 -54.56
CA ILE O 103 -2.19 -15.46 -53.81
C ILE O 103 -2.69 -15.51 -52.38
N ARG O 104 -3.96 -15.87 -52.19
CA ARG O 104 -4.54 -15.97 -50.87
C ARG O 104 -4.32 -17.33 -50.22
N ASP O 105 -3.65 -18.26 -50.90
CA ASP O 105 -3.44 -19.60 -50.37
C ASP O 105 -1.99 -19.93 -50.06
N ASN O 106 -1.02 -19.25 -50.67
CA ASN O 106 0.38 -19.53 -50.45
C ASN O 106 1.14 -18.31 -49.95
N PHE O 107 0.54 -17.57 -49.02
CA PHE O 107 1.18 -16.35 -48.51
C PHE O 107 2.40 -16.66 -47.65
N VAL O 108 2.39 -17.80 -46.96
CA VAL O 108 3.47 -18.10 -46.04
C VAL O 108 4.79 -18.22 -46.78
N ILE O 109 4.78 -18.92 -47.91
CA ILE O 109 5.99 -19.04 -48.69
C ILE O 109 6.18 -17.83 -49.58
N ILE O 110 5.09 -17.20 -50.01
CA ILE O 110 5.21 -16.07 -50.92
C ILE O 110 5.91 -14.91 -50.23
N TYR O 111 5.54 -14.65 -48.99
CA TYR O 111 6.17 -13.56 -48.26
C TYR O 111 7.65 -13.83 -48.08
N GLU O 112 8.00 -15.06 -47.74
CA GLU O 112 9.41 -15.40 -47.56
C GLU O 112 10.18 -15.24 -48.86
N LEU O 113 9.58 -15.68 -49.96
CA LEU O 113 10.25 -15.54 -51.25
C LEU O 113 10.44 -14.07 -51.60
N LEU O 114 9.42 -13.25 -51.37
CA LEU O 114 9.53 -11.83 -51.68
C LEU O 114 10.59 -11.16 -50.83
N ASP O 115 10.65 -11.51 -49.55
CA ASP O 115 11.65 -10.91 -48.68
C ASP O 115 13.05 -11.33 -49.09
N GLU O 116 13.24 -12.61 -49.44
CA GLU O 116 14.56 -13.09 -49.78
C GLU O 116 15.01 -12.62 -51.15
N LEU O 117 14.07 -12.35 -52.06
CA LEU O 117 14.44 -12.03 -53.43
C LEU O 117 15.18 -10.70 -53.51
N MET O 118 14.62 -9.66 -52.92
CA MET O 118 15.18 -8.31 -53.02
C MET O 118 15.29 -7.71 -51.63
N ASP O 119 16.41 -7.04 -51.38
CA ASP O 119 16.66 -6.34 -50.13
C ASP O 119 17.11 -4.92 -50.46
N PHE O 120 16.40 -3.94 -49.90
CA PHE O 120 16.68 -2.53 -50.13
C PHE O 120 16.53 -2.14 -51.59
N GLY O 121 15.67 -2.85 -52.31
CA GLY O 121 15.48 -2.59 -53.72
C GLY O 121 16.50 -3.23 -54.63
N TYR O 122 17.45 -3.99 -54.08
CA TYR O 122 18.48 -4.64 -54.87
C TYR O 122 18.29 -6.14 -54.81
N PRO O 123 17.81 -6.79 -55.86
CA PRO O 123 17.68 -8.25 -55.81
C PRO O 123 19.03 -8.93 -55.72
N GLN O 124 19.04 -10.08 -55.04
CA GLN O 124 20.27 -10.85 -54.84
C GLN O 124 20.20 -12.26 -55.37
N THR O 125 19.04 -12.90 -55.34
CA THR O 125 18.91 -14.27 -55.80
C THR O 125 17.72 -14.36 -56.74
N THR O 126 17.88 -15.11 -57.84
CA THR O 126 16.83 -15.27 -58.83
C THR O 126 16.63 -16.69 -59.34
N ASP O 127 17.40 -17.67 -58.84
CA ASP O 127 17.28 -19.04 -59.30
C ASP O 127 16.18 -19.76 -58.53
N SER O 128 15.13 -20.14 -59.24
CA SER O 128 14.02 -20.84 -58.58
C SER O 128 14.48 -22.18 -58.03
N LYS O 129 15.26 -22.91 -58.81
CA LYS O 129 15.77 -24.19 -58.32
C LYS O 129 16.68 -24.00 -57.13
N ILE O 130 17.54 -22.98 -57.19
CA ILE O 130 18.41 -22.70 -56.06
C ILE O 130 17.60 -22.20 -54.87
N LEU O 131 16.61 -21.35 -55.14
CA LEU O 131 15.78 -20.83 -54.06
C LEU O 131 14.91 -21.90 -53.42
N GLN O 132 14.65 -23.01 -54.12
CA GLN O 132 13.83 -24.07 -53.56
C GLN O 132 14.52 -24.83 -52.42
N GLU O 133 15.83 -24.66 -52.26
CA GLU O 133 16.58 -25.34 -51.22
C GLU O 133 16.70 -24.52 -49.93
N TYR O 134 16.17 -23.30 -49.91
CA TYR O 134 16.22 -22.45 -48.72
C TYR O 134 14.87 -21.97 -48.25
N ILE O 135 13.87 -21.87 -49.14
CA ILE O 135 12.54 -21.41 -48.78
C ILE O 135 11.56 -22.43 -49.33
N THR O 136 10.75 -23.02 -48.44
CA THR O 136 9.78 -24.04 -48.83
C THR O 136 8.43 -23.73 -48.19
N GLN O 137 7.36 -24.11 -48.89
CA GLN O 137 6.00 -23.93 -48.41
C GLN O 137 5.49 -25.14 -47.65
N GLU O 138 6.31 -26.17 -47.48
CA GLU O 138 5.90 -27.37 -46.75
C GLU O 138 7.08 -28.03 -46.06
N ALA O 146 14.23 -23.87 -41.10
CA ALA O 146 15.00 -23.69 -42.33
C ALA O 146 16.50 -23.83 -42.08
N PRO O 147 17.16 -24.67 -42.87
CA PRO O 147 18.60 -24.88 -42.70
C PRO O 147 19.37 -23.72 -43.30
N ARG O 148 20.69 -23.84 -43.29
CA ARG O 148 21.55 -22.82 -43.84
C ARG O 148 21.38 -22.74 -45.36
N PRO O 149 21.59 -21.57 -45.94
CA PRO O 149 21.45 -21.45 -47.38
C PRO O 149 22.51 -22.27 -48.09
N PRO O 150 22.21 -22.79 -49.27
CA PRO O 150 23.22 -23.57 -50.01
C PRO O 150 24.39 -22.71 -50.44
N ALA O 151 25.55 -23.34 -50.55
CA ALA O 151 26.77 -22.65 -50.95
C ALA O 151 26.79 -22.26 -52.42
N THR O 152 25.84 -22.75 -53.21
CA THR O 152 25.83 -22.41 -54.63
C THR O 152 25.59 -20.92 -54.82
N VAL O 153 24.70 -20.34 -54.03
CA VAL O 153 24.45 -18.91 -54.12
C VAL O 153 25.69 -18.12 -53.75
N THR O 154 26.36 -18.53 -52.67
CA THR O 154 27.61 -17.87 -52.29
C THR O 154 28.71 -18.13 -53.31
N ASN O 155 28.75 -19.35 -53.84
CA ASN O 155 29.75 -19.68 -54.84
C ASN O 155 29.43 -19.02 -56.17
N MET P 1 -40.09 17.17 -68.10
CA MET P 1 -39.93 15.80 -68.60
C MET P 1 -38.55 15.26 -68.27
N ILE P 2 -38.47 13.96 -68.04
CA ILE P 2 -37.21 13.31 -67.71
C ILE P 2 -36.47 13.01 -69.01
N HIS P 3 -35.27 13.61 -69.15
CA HIS P 3 -34.48 13.39 -70.36
C HIS P 3 -34.03 11.93 -70.47
N PHE P 4 -33.56 11.35 -69.37
CA PHE P 4 -33.12 9.96 -69.40
C PHE P 4 -33.12 9.42 -67.97
N ILE P 5 -33.32 8.11 -67.87
CA ILE P 5 -33.30 7.41 -66.59
C ILE P 5 -32.38 6.20 -66.75
N LEU P 6 -31.42 6.06 -65.84
CA LEU P 6 -30.46 4.96 -65.89
C LEU P 6 -30.31 4.37 -64.50
N LEU P 7 -30.52 3.06 -64.39
CA LEU P 7 -30.34 2.34 -63.14
C LEU P 7 -28.96 1.67 -63.16
N PHE P 8 -28.05 2.17 -62.34
CA PHE P 8 -26.68 1.67 -62.30
C PHE P 8 -26.38 1.11 -60.91
N SER P 9 -25.56 0.08 -60.90
CA SER P 9 -25.16 -0.55 -59.65
C SER P 9 -24.04 0.22 -58.97
N ARG P 10 -23.73 -0.16 -57.73
CA ARG P 10 -22.64 0.47 -57.00
C ARG P 10 -21.30 0.22 -57.67
N GLN P 11 -21.09 -0.98 -58.20
CA GLN P 11 -19.84 -1.31 -58.89
C GLN P 11 -19.71 -0.61 -60.23
N GLY P 12 -20.75 0.06 -60.70
CA GLY P 12 -20.73 0.75 -61.97
C GLY P 12 -21.52 0.08 -63.07
N LYS P 13 -21.91 -1.17 -62.88
CA LYS P 13 -22.73 -1.86 -63.88
C LYS P 13 -24.12 -1.24 -63.92
N LEU P 14 -24.64 -1.07 -65.13
CA LEU P 14 -25.95 -0.46 -65.34
C LEU P 14 -27.00 -1.56 -65.50
N ARG P 15 -28.00 -1.54 -64.62
CA ARG P 15 -29.06 -2.53 -64.67
C ARG P 15 -30.28 -2.05 -65.43
N LEU P 16 -30.39 -0.76 -65.74
CA LEU P 16 -31.51 -0.24 -66.48
C LEU P 16 -31.09 1.04 -67.19
N GLN P 17 -31.77 1.35 -68.29
CA GLN P 17 -31.48 2.55 -69.06
C GLN P 17 -32.71 2.91 -69.87
N LYS P 18 -33.11 4.18 -69.84
CA LYS P 18 -34.27 4.66 -70.60
C LYS P 18 -34.06 6.14 -70.86
N TRP P 19 -33.64 6.47 -72.08
CA TRP P 19 -33.37 7.84 -72.48
C TRP P 19 -34.47 8.32 -73.41
N TYR P 20 -35.01 9.50 -73.11
CA TYR P 20 -36.08 10.08 -73.92
C TYR P 20 -35.57 11.05 -74.98
N ILE P 21 -34.26 11.20 -75.13
CA ILE P 21 -33.66 12.10 -76.09
C ILE P 21 -32.87 11.28 -77.11
N THR P 22 -33.12 11.54 -78.38
CA THR P 22 -32.42 10.85 -79.47
C THR P 22 -30.99 11.33 -79.52
N LEU P 23 -30.06 10.49 -79.08
CA LEU P 23 -28.64 10.79 -79.03
C LEU P 23 -27.87 9.67 -79.70
N PRO P 24 -26.65 9.95 -80.18
CA PRO P 24 -25.85 8.91 -80.81
C PRO P 24 -25.42 7.85 -79.80
N ASP P 25 -25.18 6.64 -80.31
CA ASP P 25 -24.81 5.53 -79.43
C ASP P 25 -23.50 5.81 -78.70
N LYS P 26 -22.49 6.29 -79.43
CA LYS P 26 -21.23 6.65 -78.79
C LYS P 26 -21.42 7.80 -77.80
N GLU P 27 -22.18 8.81 -78.21
CA GLU P 27 -22.47 9.93 -77.31
C GLU P 27 -23.25 9.48 -76.09
N ARG P 28 -24.22 8.59 -76.28
CA ARG P 28 -24.99 8.07 -75.15
C ARG P 28 -24.09 7.29 -74.20
N LYS P 29 -23.20 6.47 -74.75
CA LYS P 29 -22.28 5.71 -73.91
C LYS P 29 -21.35 6.63 -73.13
N LYS P 30 -20.83 7.67 -73.79
CA LYS P 30 -19.97 8.62 -73.10
C LYS P 30 -20.73 9.35 -71.99
N ILE P 31 -21.97 9.75 -72.26
CA ILE P 31 -22.77 10.43 -71.25
C ILE P 31 -23.04 9.51 -70.06
N THR P 32 -23.36 8.25 -70.34
CA THR P 32 -23.60 7.31 -69.26
C THR P 32 -22.34 7.10 -68.44
N ARG P 33 -21.19 6.99 -69.10
CA ARG P 33 -19.93 6.83 -68.37
C ARG P 33 -19.65 8.05 -67.50
N GLU P 34 -19.87 9.25 -68.04
CA GLU P 34 -19.65 10.46 -67.26
C GLU P 34 -20.58 10.52 -66.07
N ILE P 35 -21.84 10.15 -66.26
CA ILE P 35 -22.81 10.17 -65.16
C ILE P 35 -22.42 9.17 -64.09
N VAL P 36 -21.96 7.98 -64.50
CA VAL P 36 -21.53 6.98 -63.53
C VAL P 36 -20.33 7.47 -62.75
N GLN P 37 -19.37 8.09 -63.45
CA GLN P 37 -18.18 8.59 -62.78
C GLN P 37 -18.53 9.70 -61.80
N ILE P 38 -19.45 10.59 -62.18
CA ILE P 38 -19.84 11.67 -61.30
C ILE P 38 -20.58 11.12 -60.07
N ILE P 39 -21.50 10.18 -60.30
CA ILE P 39 -22.23 9.59 -59.19
C ILE P 39 -21.31 8.76 -58.31
N LEU P 40 -20.43 7.97 -58.94
CA LEU P 40 -19.49 7.15 -58.18
C LEU P 40 -18.45 7.97 -57.45
N SER P 41 -18.23 9.21 -57.86
CA SER P 41 -17.26 10.10 -57.24
C SER P 41 -17.94 11.19 -56.41
N ARG P 42 -19.05 10.85 -55.77
CA ARG P 42 -19.80 11.80 -54.95
C ARG P 42 -20.06 11.21 -53.57
N GLY P 43 -20.12 12.07 -52.57
CA GLY P 43 -20.35 11.64 -51.22
C GLY P 43 -21.81 11.40 -50.92
N HIS P 44 -22.08 11.05 -49.66
CA HIS P 44 -23.43 10.78 -49.20
C HIS P 44 -24.17 12.03 -48.74
N ARG P 45 -23.53 13.19 -48.80
CA ARG P 45 -24.13 14.46 -48.39
C ARG P 45 -24.02 15.47 -49.51
N THR P 46 -24.23 15.03 -50.75
CA THR P 46 -24.17 15.89 -51.92
C THR P 46 -25.52 16.46 -52.32
N SER P 47 -26.57 16.19 -51.54
CA SER P 47 -27.93 16.64 -51.77
C SER P 47 -28.67 15.83 -52.83
N SER P 48 -28.02 14.85 -53.44
CA SER P 48 -28.65 14.01 -54.47
C SER P 48 -29.10 14.82 -55.68
N PHE P 49 -28.39 15.90 -55.98
CA PHE P 49 -28.71 16.75 -57.11
C PHE P 49 -27.42 17.22 -57.75
N VAL P 50 -27.31 17.07 -59.06
CA VAL P 50 -26.14 17.48 -59.81
C VAL P 50 -26.61 18.22 -61.05
N ASP P 51 -26.00 19.38 -61.33
CA ASP P 51 -26.31 20.17 -62.52
C ASP P 51 -25.27 19.87 -63.58
N TRP P 52 -25.50 18.79 -64.33
CA TRP P 52 -24.58 18.34 -65.36
C TRP P 52 -25.15 18.70 -66.72
N LYS P 53 -24.39 19.48 -67.49
CA LYS P 53 -24.80 19.91 -68.82
C LYS P 53 -26.13 20.63 -68.80
N GLU P 54 -26.33 21.47 -67.78
CA GLU P 54 -27.58 22.20 -67.59
C GLU P 54 -28.76 21.28 -67.35
N LEU P 55 -28.49 20.09 -66.80
CA LEU P 55 -29.52 19.11 -66.53
C LEU P 55 -29.49 18.78 -65.05
N LYS P 56 -30.67 18.78 -64.41
CA LYS P 56 -30.78 18.51 -62.97
C LYS P 56 -30.67 17.01 -62.74
N LEU P 57 -29.44 16.53 -62.70
CA LEU P 57 -29.18 15.11 -62.46
C LEU P 57 -29.44 14.80 -61.00
N VAL P 58 -30.54 14.11 -60.73
CA VAL P 58 -30.95 13.76 -59.37
C VAL P 58 -30.60 12.30 -59.14
N TYR P 59 -29.81 12.02 -58.09
CA TYR P 59 -29.40 10.68 -57.75
C TYR P 59 -29.99 10.31 -56.39
N LYS P 60 -30.71 9.18 -56.35
CA LYS P 60 -31.32 8.70 -55.11
C LYS P 60 -31.38 7.17 -55.19
N ARG P 61 -30.40 6.50 -54.61
CA ARG P 61 -30.33 5.06 -54.60
C ARG P 61 -30.74 4.54 -53.25
N TYR P 62 -31.72 3.64 -53.23
CA TYR P 62 -32.20 3.06 -51.99
C TYR P 62 -31.49 1.76 -51.62
N ALA P 63 -30.53 1.33 -52.41
CA ALA P 63 -29.80 0.09 -52.16
C ALA P 63 -28.40 0.24 -52.72
N SER P 64 -27.71 -0.88 -52.94
CA SER P 64 -26.39 -0.84 -53.55
C SER P 64 -26.48 -0.23 -54.95
N LEU P 65 -27.49 -0.62 -55.72
CA LEU P 65 -27.71 -0.03 -57.03
C LEU P 65 -28.35 1.34 -56.88
N TYR P 66 -27.78 2.33 -57.55
CA TYR P 66 -28.25 3.70 -57.46
C TYR P 66 -29.24 3.99 -58.58
N PHE P 67 -29.80 5.20 -58.54
CA PHE P 67 -30.75 5.65 -59.54
C PHE P 67 -30.35 7.03 -60.03
N CYS P 68 -30.67 7.32 -61.29
CA CYS P 68 -30.30 8.59 -61.91
C CYS P 68 -31.45 9.09 -62.76
N CYS P 69 -31.46 10.40 -62.99
CA CYS P 69 -32.49 11.03 -63.80
C CYS P 69 -31.92 12.30 -64.42
N ALA P 70 -32.60 12.79 -65.45
CA ALA P 70 -32.19 14.00 -66.16
C ALA P 70 -33.46 14.84 -66.35
N ILE P 71 -33.66 15.81 -65.47
CA ILE P 71 -34.83 16.68 -65.49
C ILE P 71 -34.41 18.06 -65.97
N GLU P 72 -35.22 18.63 -66.86
CA GLU P 72 -34.94 19.95 -67.39
C GLU P 72 -35.14 21.00 -66.30
N ASN P 73 -34.52 22.16 -66.50
CA ASN P 73 -34.57 23.23 -65.52
C ASN P 73 -35.85 24.05 -65.65
N GLN P 74 -36.99 23.36 -65.56
CA GLN P 74 -38.28 24.03 -65.61
C GLN P 74 -39.30 23.49 -64.61
N ASP P 75 -38.96 22.48 -63.82
CA ASP P 75 -39.87 21.89 -62.84
C ASP P 75 -39.15 21.78 -61.50
N ASN P 76 -39.91 21.37 -60.48
CA ASN P 76 -39.35 21.22 -59.15
C ASN P 76 -38.43 20.00 -59.08
N GLU P 77 -37.51 20.04 -58.12
CA GLU P 77 -36.54 18.97 -57.95
C GLU P 77 -37.10 17.81 -57.13
N LEU P 78 -37.93 18.12 -56.13
CA LEU P 78 -38.52 17.05 -55.31
C LEU P 78 -39.49 16.19 -56.10
N LEU P 79 -40.03 16.71 -57.21
CA LEU P 79 -40.96 15.91 -58.02
C LEU P 79 -40.26 14.68 -58.58
N THR P 80 -39.02 14.84 -59.04
CA THR P 80 -38.28 13.69 -59.57
C THR P 80 -38.05 12.64 -58.50
N LEU P 81 -37.69 13.07 -57.28
CA LEU P 81 -37.48 12.12 -56.20
C LEU P 81 -38.78 11.41 -55.84
N GLU P 82 -39.89 12.14 -55.79
CA GLU P 82 -41.17 11.52 -55.50
C GLU P 82 -41.55 10.51 -56.57
N ILE P 83 -41.32 10.85 -57.83
CA ILE P 83 -41.63 9.93 -58.92
C ILE P 83 -40.76 8.69 -58.82
N VAL P 84 -39.48 8.87 -58.49
CA VAL P 84 -38.59 7.72 -58.36
C VAL P 84 -39.04 6.81 -57.22
N HIS P 85 -39.41 7.41 -56.09
CA HIS P 85 -39.89 6.62 -54.97
C HIS P 85 -41.17 5.87 -55.32
N ARG P 86 -42.08 6.53 -56.02
CA ARG P 86 -43.32 5.88 -56.42
C ARG P 86 -43.06 4.73 -57.37
N TYR P 87 -42.14 4.92 -58.32
CA TYR P 87 -41.80 3.86 -59.25
C TYR P 87 -41.16 2.69 -58.53
N VAL P 88 -40.28 2.97 -57.56
CA VAL P 88 -39.65 1.89 -56.80
C VAL P 88 -40.69 1.12 -56.02
N GLU P 89 -41.64 1.83 -55.40
CA GLU P 89 -42.69 1.16 -54.64
C GLU P 89 -43.56 0.30 -55.55
N LEU P 90 -43.91 0.84 -56.73
CA LEU P 90 -44.73 0.08 -57.67
C LEU P 90 -44.00 -1.17 -58.15
N LEU P 91 -42.70 -1.05 -58.44
CA LEU P 91 -41.93 -2.21 -58.87
C LEU P 91 -41.86 -3.25 -57.76
N ASP P 92 -41.65 -2.80 -56.52
CA ASP P 92 -41.60 -3.74 -55.40
C ASP P 92 -42.93 -4.45 -55.22
N LYS P 93 -44.03 -3.72 -55.36
CA LYS P 93 -45.35 -4.34 -55.22
C LYS P 93 -45.61 -5.33 -56.34
N TYR P 94 -45.24 -4.98 -57.57
CA TYR P 94 -45.47 -5.87 -58.70
C TYR P 94 -44.62 -7.13 -58.60
N PHE P 95 -43.36 -6.99 -58.18
CA PHE P 95 -42.45 -8.13 -58.11
C PHE P 95 -42.57 -8.87 -56.78
N GLY P 96 -42.45 -8.15 -55.67
CA GLY P 96 -42.50 -8.76 -54.37
C GLY P 96 -41.11 -8.96 -53.79
N ASN P 97 -40.70 -8.03 -52.91
CA ASN P 97 -39.35 -8.04 -52.34
C ASN P 97 -38.29 -7.94 -53.44
N VAL P 98 -38.35 -6.83 -54.17
CA VAL P 98 -37.45 -6.63 -55.30
C VAL P 98 -36.03 -6.45 -54.80
N CYS P 99 -35.10 -7.22 -55.36
CA CYS P 99 -33.68 -7.14 -55.03
C CYS P 99 -32.89 -6.96 -56.32
N GLU P 100 -31.56 -6.93 -56.18
CA GLU P 100 -30.70 -6.74 -57.34
C GLU P 100 -30.72 -7.96 -58.26
N LEU P 101 -30.85 -9.16 -57.70
CA LEU P 101 -30.84 -10.37 -58.51
C LEU P 101 -32.01 -10.40 -59.48
N ASP P 102 -33.21 -10.03 -59.02
CA ASP P 102 -34.38 -10.04 -59.88
C ASP P 102 -34.35 -8.94 -60.94
N ILE P 103 -33.57 -7.88 -60.71
CA ILE P 103 -33.52 -6.79 -61.68
C ILE P 103 -32.82 -7.24 -62.97
N ILE P 104 -31.70 -7.94 -62.84
CA ILE P 104 -30.96 -8.39 -64.01
C ILE P 104 -31.77 -9.43 -64.78
N PHE P 105 -32.35 -10.39 -64.08
CA PHE P 105 -33.10 -11.45 -64.77
C PHE P 105 -34.45 -10.97 -65.28
N ASN P 106 -35.09 -10.05 -64.55
CA ASN P 106 -36.42 -9.54 -64.89
C ASN P 106 -36.35 -8.14 -65.50
N PHE P 107 -35.34 -7.90 -66.33
CA PHE P 107 -35.19 -6.58 -66.94
C PHE P 107 -36.35 -6.27 -67.87
N GLU P 108 -36.91 -7.28 -68.54
CA GLU P 108 -38.04 -7.04 -69.43
C GLU P 108 -39.25 -6.54 -68.65
N LYS P 109 -39.52 -7.14 -67.48
CA LYS P 109 -40.64 -6.71 -66.67
C LYS P 109 -40.45 -5.28 -66.20
N ALA P 110 -39.23 -4.93 -65.78
CA ALA P 110 -38.95 -3.57 -65.34
C ALA P 110 -39.12 -2.57 -66.48
N TYR P 111 -38.66 -2.94 -67.68
CA TYR P 111 -38.83 -2.06 -68.84
C TYR P 111 -40.30 -1.87 -69.16
N PHE P 112 -41.09 -2.95 -69.09
CA PHE P 112 -42.52 -2.85 -69.36
C PHE P 112 -43.20 -1.96 -68.33
N ILE P 113 -42.82 -2.11 -67.05
CA ILE P 113 -43.41 -1.28 -66.01
C ILE P 113 -43.06 0.18 -66.22
N LEU P 114 -41.80 0.46 -66.57
CA LEU P 114 -41.40 1.84 -66.83
C LEU P 114 -42.15 2.43 -68.01
N ASP P 115 -42.32 1.64 -69.07
CA ASP P 115 -43.06 2.12 -70.23
C ASP P 115 -44.52 2.40 -69.88
N GLU P 116 -45.14 1.53 -69.09
CA GLU P 116 -46.53 1.72 -68.70
C GLU P 116 -46.70 2.81 -67.65
N PHE P 117 -45.62 3.22 -66.99
CA PHE P 117 -45.69 4.27 -65.98
C PHE P 117 -45.30 5.64 -66.51
N ILE P 118 -44.12 5.75 -67.13
CA ILE P 118 -43.62 7.01 -67.66
C ILE P 118 -43.37 6.83 -69.15
N ILE P 119 -43.98 7.69 -69.95
CA ILE P 119 -43.84 7.67 -71.40
C ILE P 119 -43.36 9.04 -71.86
N GLY P 120 -42.27 9.07 -72.61
CA GLY P 120 -41.74 10.32 -73.12
C GLY P 120 -41.12 11.23 -72.10
N GLY P 121 -40.74 10.70 -70.94
CA GLY P 121 -40.18 11.50 -69.88
C GLY P 121 -41.18 12.09 -68.93
N GLU P 122 -42.47 11.99 -69.23
CA GLU P 122 -43.53 12.52 -68.38
C GLU P 122 -44.28 11.37 -67.72
N ILE P 123 -45.07 11.73 -66.71
CA ILE P 123 -45.83 10.74 -65.94
C ILE P 123 -47.07 10.34 -66.73
N GLN P 124 -47.46 9.08 -66.59
CA GLN P 124 -48.63 8.54 -67.28
C GLN P 124 -49.76 8.13 -66.35
N GLU P 125 -49.45 7.74 -65.11
CA GLU P 125 -50.47 7.33 -64.15
C GLU P 125 -50.04 7.82 -62.77
N THR P 126 -50.83 8.71 -62.17
CA THR P 126 -50.49 9.24 -60.86
C THR P 126 -50.74 8.22 -59.75
N SER P 127 -51.72 7.34 -59.92
CA SER P 127 -52.03 6.33 -58.92
C SER P 127 -50.98 5.22 -58.93
N SER Q 6 6.26 -38.05 18.87
CA SER Q 6 7.50 -38.72 19.22
C SER Q 6 7.41 -39.36 20.60
N LYS Q 7 7.16 -40.67 20.61
CA LYS Q 7 7.06 -41.39 21.88
C LYS Q 7 8.39 -41.38 22.62
N SER Q 8 9.50 -41.57 21.90
CA SER Q 8 10.81 -41.57 22.54
C SER Q 8 11.13 -40.21 23.16
N SER Q 9 10.82 -39.13 22.45
CA SER Q 9 11.05 -37.80 22.99
C SER Q 9 10.20 -37.54 24.23
N VAL Q 10 8.94 -37.98 24.20
CA VAL Q 10 8.06 -37.80 25.36
C VAL Q 10 8.60 -38.59 26.55
N ILE Q 11 9.06 -39.81 26.32
CA ILE Q 11 9.61 -40.63 27.40
C ILE Q 11 10.87 -39.99 27.98
N GLY Q 12 11.75 -39.49 27.10
CA GLY Q 12 12.99 -38.88 27.57
C GLY Q 12 12.81 -37.53 28.22
N TRP Q 13 11.71 -36.83 27.92
CA TRP Q 13 11.48 -35.52 28.54
C TRP Q 13 11.38 -35.59 30.05
N PRO Q 14 10.62 -36.52 30.65
CA PRO Q 14 10.57 -36.56 32.12
C PRO Q 14 11.89 -36.89 32.76
N ALA Q 15 12.61 -37.88 32.22
CA ALA Q 15 13.91 -38.24 32.78
C ALA Q 15 14.90 -37.09 32.62
N VAL Q 16 14.88 -36.41 31.48
CA VAL Q 16 15.78 -35.29 31.26
C VAL Q 16 15.46 -34.17 32.23
N ARG Q 17 14.17 -33.88 32.44
CA ARG Q 17 13.79 -32.83 33.38
C ARG Q 17 14.21 -33.19 34.80
N GLU Q 18 14.03 -34.45 35.18
CA GLU Q 18 14.45 -34.88 36.51
C GLU Q 18 15.96 -34.76 36.69
N ARG Q 19 16.72 -35.15 35.66
CA ARG Q 19 18.16 -35.02 35.75
C ARG Q 19 18.59 -33.56 35.85
N MET Q 20 17.94 -32.69 35.07
CA MET Q 20 18.27 -31.27 35.14
C MET Q 20 17.94 -30.68 36.50
N ARG Q 21 16.80 -31.07 37.06
CA ARG Q 21 16.43 -30.59 38.39
C ARG Q 21 17.40 -31.10 39.46
N ARG Q 22 17.84 -32.35 39.34
CA ARG Q 22 18.76 -32.90 40.31
C ARG Q 22 20.10 -32.16 40.29
N ALA Q 23 20.59 -31.84 39.10
CA ALA Q 23 21.85 -31.11 38.98
C ALA Q 23 21.69 -29.70 39.54
N GLU Q 24 22.70 -29.26 40.30
CA GLU Q 24 22.65 -27.94 40.90
C GLU Q 24 22.78 -26.86 39.82
N PRO Q 25 22.13 -25.71 40.01
CA PRO Q 25 22.25 -24.64 39.02
C PRO Q 25 23.67 -24.13 38.83
N ALA Q 26 24.48 -24.14 39.88
CA ALA Q 26 25.86 -23.66 39.78
C ALA Q 26 26.85 -24.77 40.16
N GLU Q 64 35.01 -39.55 32.76
CA GLU Q 64 35.62 -40.80 33.23
C GLU Q 64 35.90 -41.74 32.06
N GLU Q 65 35.10 -41.62 31.00
CA GLU Q 65 35.23 -42.44 29.81
C GLU Q 65 35.75 -41.59 28.67
N VAL Q 66 36.77 -42.07 27.98
CA VAL Q 66 37.37 -41.37 26.85
C VAL Q 66 36.83 -41.94 25.55
N GLY Q 67 36.96 -41.18 24.48
CA GLY Q 67 36.50 -41.58 23.18
C GLY Q 67 35.22 -40.87 22.77
N PHE Q 68 34.94 -40.91 21.47
CA PHE Q 68 33.75 -40.27 20.89
C PHE Q 68 33.02 -41.31 20.06
N PRO Q 69 32.33 -42.25 20.71
CA PRO Q 69 31.58 -43.27 19.95
C PRO Q 69 30.46 -42.64 19.14
N VAL Q 70 30.19 -43.23 17.98
CA VAL Q 70 29.15 -42.77 17.07
C VAL Q 70 28.23 -43.95 16.76
N THR Q 71 26.93 -43.70 16.85
CA THR Q 71 25.96 -44.75 16.55
C THR Q 71 26.07 -45.13 15.08
N PRO Q 72 26.15 -46.42 14.76
CA PRO Q 72 26.27 -46.82 13.36
C PRO Q 72 24.97 -46.55 12.61
N GLN Q 73 25.07 -45.77 11.53
CA GLN Q 73 23.96 -45.37 10.67
C GLN Q 73 23.10 -44.26 11.26
N VAL Q 74 23.40 -43.80 12.47
CA VAL Q 74 22.62 -42.72 13.09
C VAL Q 74 22.94 -41.42 12.38
N PRO Q 75 21.93 -40.72 11.85
CA PRO Q 75 22.22 -39.46 11.14
C PRO Q 75 22.61 -38.36 12.12
N LEU Q 76 23.64 -37.60 11.74
CA LEU Q 76 24.12 -36.49 12.53
C LEU Q 76 24.10 -35.24 11.66
N ARG Q 77 23.38 -34.22 12.11
CA ARG Q 77 23.28 -32.96 11.38
C ARG Q 77 22.84 -31.88 12.35
N PRO Q 78 23.09 -30.61 12.02
CA PRO Q 78 22.65 -29.53 12.90
C PRO Q 78 21.13 -29.44 12.96
N MET Q 79 20.64 -28.96 14.10
CA MET Q 79 19.21 -28.81 14.29
C MET Q 79 18.65 -27.73 13.36
N THR Q 80 17.49 -28.00 12.78
CA THR Q 80 16.84 -27.08 11.86
C THR Q 80 15.92 -26.12 12.62
N TYR Q 81 15.53 -25.05 11.93
CA TYR Q 81 14.65 -24.07 12.54
C TYR Q 81 13.29 -24.67 12.87
N LYS Q 82 12.73 -25.47 11.96
CA LYS Q 82 11.46 -26.13 12.24
C LYS Q 82 11.61 -27.14 13.38
N ALA Q 83 12.69 -27.92 13.36
CA ALA Q 83 12.93 -28.87 14.44
C ALA Q 83 13.11 -28.16 15.77
N ALA Q 84 13.86 -27.05 15.77
CA ALA Q 84 14.05 -26.28 17.00
C ALA Q 84 12.74 -25.72 17.50
N VAL Q 85 11.89 -25.21 16.60
CA VAL Q 85 10.60 -24.68 17.00
C VAL Q 85 9.72 -25.79 17.59
N ASP Q 86 9.72 -26.96 16.95
CA ASP Q 86 8.94 -28.08 17.47
C ASP Q 86 9.42 -28.52 18.84
N LEU Q 87 10.74 -28.57 19.02
CA LEU Q 87 11.29 -28.95 20.32
C LEU Q 87 10.93 -27.92 21.39
N SER Q 88 11.01 -26.64 21.05
CA SER Q 88 10.63 -25.60 22.00
C SER Q 88 9.16 -25.68 22.38
N HIS Q 89 8.29 -25.93 21.39
CA HIS Q 89 6.87 -26.07 21.68
C HIS Q 89 6.61 -27.28 22.56
N PHE Q 90 7.28 -28.41 22.28
CA PHE Q 90 7.11 -29.60 23.10
C PHE Q 90 7.57 -29.36 24.52
N LEU Q 91 8.71 -28.67 24.68
CA LEU Q 91 9.21 -28.37 26.02
C LEU Q 91 8.27 -27.45 26.78
N LYS Q 92 7.71 -26.44 26.09
CA LYS Q 92 6.77 -25.53 26.73
C LYS Q 92 5.51 -26.27 27.15
N GLU Q 93 5.00 -27.16 26.29
CA GLU Q 93 3.81 -27.91 26.62
C GLU Q 93 4.05 -28.86 27.79
N LYS Q 94 5.17 -29.59 27.76
CA LYS Q 94 5.49 -30.52 28.83
C LYS Q 94 5.97 -29.81 30.09
N GLY Q 95 6.60 -28.65 29.94
CA GLY Q 95 7.11 -27.93 31.09
C GLY Q 95 8.45 -28.47 31.55
N GLY Q 96 8.99 -27.81 32.58
CA GLY Q 96 10.26 -28.15 33.16
C GLY Q 96 11.43 -27.33 32.63
N LEU Q 97 11.25 -26.68 31.48
CA LEU Q 97 12.28 -25.85 30.89
C LEU Q 97 12.04 -24.36 31.06
N GLU Q 98 10.78 -23.93 31.07
CA GLU Q 98 10.47 -22.52 31.26
C GLU Q 98 10.61 -22.16 32.73
N GLY Q 99 11.47 -21.19 33.02
CA GLY Q 99 11.71 -20.76 34.38
C GLY Q 99 12.77 -21.53 35.12
N LEU Q 100 13.29 -22.62 34.54
CA LEU Q 100 14.35 -23.38 35.18
C LEU Q 100 15.64 -22.55 35.17
N ILE Q 101 16.37 -22.62 36.30
CA ILE Q 101 17.60 -21.85 36.41
C ILE Q 101 18.60 -22.37 35.40
N HIS Q 102 19.18 -21.46 34.62
CA HIS Q 102 20.14 -21.86 33.60
C HIS Q 102 21.44 -22.28 34.24
N SER Q 103 21.94 -23.45 33.86
CA SER Q 103 23.21 -23.96 34.36
C SER Q 103 23.95 -24.65 33.22
N GLN Q 104 25.28 -24.63 33.30
CA GLN Q 104 26.09 -25.26 32.26
C GLN Q 104 25.87 -26.77 32.24
N ARG Q 105 25.82 -27.40 33.41
CA ARG Q 105 25.62 -28.84 33.47
C ARG Q 105 24.25 -29.24 32.94
N ARG Q 106 23.21 -28.49 33.33
CA ARG Q 106 21.87 -28.80 32.85
C ARG Q 106 21.77 -28.62 31.34
N GLN Q 107 22.35 -27.53 30.82
CA GLN Q 107 22.31 -27.31 29.38
C GLN Q 107 23.06 -28.40 28.63
N ASP Q 108 24.22 -28.81 29.16
CA ASP Q 108 24.98 -29.88 28.51
C ASP Q 108 24.21 -31.19 28.53
N ILE Q 109 23.55 -31.50 29.65
CA ILE Q 109 22.77 -32.73 29.73
C ILE Q 109 21.61 -32.70 28.75
N LEU Q 110 20.93 -31.55 28.66
CA LEU Q 110 19.82 -31.42 27.71
C LEU Q 110 20.30 -31.57 26.28
N ASP Q 111 21.43 -30.95 25.94
CA ASP Q 111 21.97 -31.06 24.59
C ASP Q 111 22.35 -32.51 24.27
N LEU Q 112 22.97 -33.20 25.23
CA LEU Q 112 23.34 -34.60 25.02
C LEU Q 112 22.11 -35.47 24.82
N TRP Q 113 21.06 -35.24 25.63
CA TRP Q 113 19.84 -36.02 25.47
C TRP Q 113 19.19 -35.75 24.12
N ILE Q 114 19.17 -34.48 23.69
CA ILE Q 114 18.59 -34.15 22.39
C ILE Q 114 19.38 -34.80 21.27
N TYR Q 115 20.72 -34.78 21.36
CA TYR Q 115 21.53 -35.41 20.34
C TYR Q 115 21.30 -36.92 20.30
N HIS Q 116 21.19 -37.54 21.47
CA HIS Q 116 20.96 -38.98 21.52
C HIS Q 116 19.60 -39.33 20.94
N THR Q 117 18.57 -38.55 21.25
CA THR Q 117 17.22 -38.87 20.82
C THR Q 117 16.89 -38.40 19.41
N GLN Q 118 17.71 -37.52 18.82
CA GLN Q 118 17.41 -36.98 17.51
C GLN Q 118 18.58 -36.92 16.55
N GLY Q 119 19.81 -37.08 17.01
CA GLY Q 119 20.96 -36.98 16.13
C GLY Q 119 21.38 -35.56 15.79
N TYR Q 120 20.91 -34.59 16.55
CA TYR Q 120 21.24 -33.19 16.31
C TYR Q 120 22.50 -32.83 17.09
N PHE Q 121 23.42 -32.12 16.43
CA PHE Q 121 24.65 -31.72 17.08
C PHE Q 121 24.35 -30.76 18.23
N PRO Q 122 25.06 -30.87 19.35
CA PRO Q 122 24.83 -29.98 20.50
C PRO Q 122 25.49 -28.62 20.39
N ASP Q 123 25.26 -27.95 19.25
CA ASP Q 123 25.81 -26.62 19.00
C ASP Q 123 24.76 -25.56 18.75
N TRP Q 124 23.52 -25.94 18.45
CA TRP Q 124 22.46 -24.98 18.18
C TRP Q 124 21.85 -24.38 19.44
N GLN Q 125 22.13 -24.98 20.60
CA GLN Q 125 21.62 -24.47 21.87
C GLN Q 125 22.57 -23.45 22.48
N ASN Q 126 22.90 -22.41 21.72
CA ASN Q 126 23.79 -21.35 22.15
C ASN Q 126 22.99 -20.11 22.51
N TYR Q 127 23.51 -19.34 23.48
CA TYR Q 127 22.87 -18.13 23.95
C TYR Q 127 23.75 -16.93 23.65
N THR Q 128 23.11 -15.79 23.42
CA THR Q 128 23.84 -14.58 23.11
C THR Q 128 24.64 -14.12 24.31
N PRO Q 129 25.79 -13.49 24.10
CA PRO Q 129 26.61 -13.04 25.22
C PRO Q 129 25.91 -11.96 26.03
N GLY Q 130 26.20 -11.95 27.32
CA GLY Q 130 25.62 -10.98 28.23
C GLY Q 130 26.38 -9.68 28.26
N PRO Q 131 26.07 -8.83 29.25
CA PRO Q 131 25.07 -9.00 30.30
C PRO Q 131 23.66 -8.73 29.82
N GLY Q 132 22.66 -9.31 30.47
CA GLY Q 132 21.27 -9.13 30.09
C GLY Q 132 20.63 -10.39 29.54
N VAL Q 133 19.60 -10.20 28.72
CA VAL Q 133 18.90 -11.33 28.12
C VAL Q 133 19.73 -11.89 26.98
N ARG Q 134 19.94 -13.20 27.00
CA ARG Q 134 20.72 -13.88 25.97
C ARG Q 134 19.75 -14.55 25.01
N TYR Q 135 19.86 -14.19 23.74
CA TYR Q 135 18.96 -14.76 22.74
C TYR Q 135 19.56 -16.05 22.18
N PRO Q 136 18.72 -16.97 21.72
CA PRO Q 136 19.23 -18.21 21.14
C PRO Q 136 20.06 -17.94 19.89
N LEU Q 137 21.13 -18.71 19.73
CA LEU Q 137 21.98 -18.55 18.56
C LEU Q 137 21.32 -19.12 17.31
N THR Q 138 20.64 -20.25 17.44
CA THR Q 138 19.98 -20.89 16.30
C THR Q 138 18.60 -20.27 16.10
N PHE Q 139 18.32 -19.85 14.88
CA PHE Q 139 17.02 -19.30 14.56
C PHE Q 139 15.96 -20.39 14.66
N GLY Q 140 14.79 -20.01 15.17
CA GLY Q 140 13.68 -20.93 15.38
C GLY Q 140 13.55 -21.41 16.81
N TRP Q 141 14.59 -21.26 17.62
CA TRP Q 141 14.53 -21.67 19.01
C TRP Q 141 13.68 -20.70 19.82
N CYS Q 142 12.75 -21.23 20.60
CA CYS Q 142 11.87 -20.42 21.43
C CYS Q 142 12.37 -20.26 22.86
N TYR Q 143 13.54 -20.80 23.18
CA TYR Q 143 14.11 -20.73 24.52
C TYR Q 143 15.14 -19.62 24.59
N LYS Q 144 15.15 -18.88 25.69
CA LYS Q 144 16.09 -17.79 25.90
C LYS Q 144 16.37 -17.65 27.38
N LEU Q 145 17.51 -17.03 27.69
CA LEU Q 145 17.95 -16.84 29.06
C LEU Q 145 17.75 -15.38 29.44
N VAL Q 146 17.12 -15.16 30.59
CA VAL Q 146 16.84 -13.81 31.09
C VAL Q 146 17.33 -13.72 32.54
N PRO Q 147 17.70 -12.53 33.01
CA PRO Q 147 18.18 -12.40 34.39
C PRO Q 147 17.08 -12.72 35.38
N VAL Q 148 17.48 -13.27 36.53
CA VAL Q 148 16.56 -13.63 37.59
C VAL Q 148 16.73 -12.79 38.85
N GLU Q 149 17.76 -11.95 38.93
CA GLU Q 149 17.98 -11.13 40.11
C GLU Q 149 17.06 -9.91 40.12
N ASP Q 175 29.52 -8.61 35.90
CA ASP Q 175 29.93 -9.70 35.03
C ASP Q 175 28.76 -10.58 34.64
N PRO Q 176 28.53 -10.76 33.35
CA PRO Q 176 27.44 -11.62 32.91
C PRO Q 176 27.57 -13.07 33.34
N GLU Q 177 28.79 -13.53 33.62
CA GLU Q 177 29.00 -14.91 34.04
C GLU Q 177 28.36 -15.19 35.40
N ARG Q 178 28.44 -14.24 36.32
CA ARG Q 178 27.88 -14.41 37.65
C ARG Q 178 26.40 -14.07 37.72
N GLU Q 179 25.82 -13.52 36.66
CA GLU Q 179 24.40 -13.19 36.66
C GLU Q 179 23.56 -14.46 36.58
N VAL Q 180 22.53 -14.52 37.40
CA VAL Q 180 21.64 -15.69 37.42
C VAL Q 180 20.69 -15.60 36.24
N LEU Q 181 20.62 -16.68 35.47
CA LEU Q 181 19.78 -16.73 34.28
C LEU Q 181 18.83 -17.92 34.36
N GLU Q 182 17.66 -17.76 33.78
CA GLU Q 182 16.65 -18.81 33.75
C GLU Q 182 16.09 -18.92 32.34
N TRP Q 183 15.74 -20.14 31.95
CA TRP Q 183 15.18 -20.38 30.63
C TRP Q 183 13.76 -19.84 30.56
N ARG Q 184 13.49 -19.04 29.53
CA ARG Q 184 12.18 -18.44 29.34
C ARG Q 184 11.73 -18.66 27.90
N PHE Q 185 10.46 -19.02 27.72
CA PHE Q 185 9.92 -19.21 26.38
C PHE Q 185 9.75 -17.86 25.68
N ASP Q 186 10.01 -17.85 24.38
CA ASP Q 186 9.90 -16.62 23.59
C ASP Q 186 9.42 -17.02 22.20
N SER Q 187 8.15 -16.76 21.92
CA SER Q 187 7.58 -17.10 20.61
C SER Q 187 8.14 -16.22 19.51
N ARG Q 188 8.53 -14.99 19.82
CA ARG Q 188 9.08 -14.10 18.81
C ARG Q 188 10.45 -14.52 18.33
N LEU Q 189 11.14 -15.41 19.07
CA LEU Q 189 12.46 -15.86 18.65
C LEU Q 189 12.39 -16.66 17.36
N ALA Q 190 11.36 -17.49 17.19
CA ALA Q 190 11.22 -18.30 15.99
C ALA Q 190 10.91 -17.46 14.76
N PHE Q 191 10.47 -16.22 14.93
CA PHE Q 191 10.15 -15.34 13.82
C PHE Q 191 11.13 -14.19 13.63
N HIS Q 192 11.74 -13.71 14.70
CA HIS Q 192 12.71 -12.62 14.63
C HIS Q 192 14.08 -13.16 15.01
N HIS Q 193 15.07 -12.92 14.16
CA HIS Q 193 16.44 -13.36 14.39
C HIS Q 193 17.13 -12.34 15.29
N VAL Q 194 16.78 -12.40 16.58
CA VAL Q 194 17.37 -11.46 17.54
C VAL Q 194 18.86 -11.69 17.67
N ALA Q 195 19.28 -12.95 17.76
CA ALA Q 195 20.70 -13.26 17.87
C ALA Q 195 21.45 -12.83 16.62
N ARG Q 196 20.87 -13.08 15.45
CA ARG Q 196 21.52 -12.67 14.21
C ARG Q 196 21.63 -11.16 14.11
N GLU Q 197 20.55 -10.45 14.49
CA GLU Q 197 20.59 -8.98 14.43
C GLU Q 197 21.61 -8.42 15.40
N LEU Q 198 21.67 -8.97 16.61
CA LEU Q 198 22.62 -8.48 17.59
C LEU Q 198 24.06 -8.75 17.16
N HIS Q 199 24.31 -9.92 16.57
CA HIS Q 199 25.66 -10.33 16.18
C HIS Q 199 25.63 -10.75 14.71
N PRO Q 200 25.57 -9.79 13.79
CA PRO Q 200 25.62 -10.14 12.37
C PRO Q 200 26.90 -10.85 11.97
N GLU Q 201 28.02 -10.51 12.60
CA GLU Q 201 29.27 -11.19 12.30
C GLU Q 201 29.22 -12.66 12.68
N TYR Q 202 28.61 -12.97 13.82
CA TYR Q 202 28.48 -14.36 14.23
C TYR Q 202 27.58 -15.15 13.28
N PHE Q 203 26.63 -14.50 12.63
CA PHE Q 203 25.73 -15.16 11.70
C PHE Q 203 26.27 -15.22 10.28
N LYS Q 204 27.40 -14.56 10.02
CA LYS Q 204 27.99 -14.58 8.68
C LYS Q 204 27.17 -13.72 7.73
N ASP R 11 26.88 -54.21 5.16
CA ASP R 11 27.92 -53.85 6.11
C ASP R 11 29.25 -53.61 5.40
N ARG R 12 30.21 -53.04 6.14
CA ARG R 12 31.52 -52.75 5.59
C ARG R 12 32.51 -52.56 6.73
N LYS R 13 33.69 -53.13 6.58
CA LYS R 13 34.73 -53.00 7.60
C LYS R 13 35.23 -51.57 7.66
N GLY R 14 35.58 -51.12 8.87
CA GLY R 14 36.07 -49.77 9.08
C GLY R 14 35.02 -48.76 9.45
N GLY R 15 33.80 -49.19 9.75
CA GLY R 15 32.74 -48.28 10.12
C GLY R 15 31.71 -48.17 9.02
N SER R 16 30.44 -48.31 9.39
CA SER R 16 29.36 -48.21 8.41
C SER R 16 29.23 -46.78 7.92
N TYR R 17 28.96 -46.63 6.63
CA TYR R 17 28.79 -45.31 6.04
C TYR R 17 27.53 -44.66 6.59
N SER R 18 27.63 -43.36 6.89
CA SER R 18 26.52 -42.59 7.44
C SER R 18 26.19 -41.42 6.51
N GLN R 19 24.91 -41.09 6.44
CA GLN R 19 24.48 -39.99 5.59
C GLN R 19 25.00 -38.67 6.13
N ALA R 20 25.29 -37.75 5.21
CA ALA R 20 25.82 -36.44 5.55
C ALA R 20 24.75 -35.37 5.38
N ALA R 21 24.86 -34.31 6.16
CA ALA R 21 23.91 -33.21 6.12
C ALA R 21 24.21 -32.30 4.92
N GLY R 22 23.41 -31.24 4.80
CA GLY R 22 23.59 -30.30 3.70
C GLY R 22 24.34 -29.05 4.09
N SER R 23 24.11 -28.57 5.32
CA SER R 23 24.76 -27.36 5.81
C SER R 23 24.40 -27.20 7.28
N ASP R 24 24.95 -26.14 7.89
CA ASP R 24 24.70 -25.85 9.29
C ASP R 24 23.31 -25.22 9.38
N SER R 25 22.31 -26.06 9.62
CA SER R 25 20.94 -25.57 9.72
C SER R 25 20.75 -24.66 10.93
N ALA R 26 21.54 -24.86 11.98
CA ALA R 26 21.45 -24.04 13.18
C ALA R 26 22.17 -22.71 13.05
N GLN R 27 22.94 -22.51 11.97
CA GLN R 27 23.66 -21.27 11.74
C GLN R 27 23.05 -20.41 10.64
N SER R 28 21.87 -20.78 10.14
CA SER R 28 21.20 -20.02 9.09
C SER R 28 21.89 -20.16 7.74
N MET S 58 54.07 -41.60 -44.13
CA MET S 58 53.96 -40.53 -43.15
C MET S 58 52.58 -39.87 -43.14
N GLN S 59 52.09 -39.48 -44.32
CA GLN S 59 50.79 -38.83 -44.43
C GLN S 59 49.72 -39.91 -44.40
N THR S 60 49.31 -40.28 -43.19
CA THR S 60 48.33 -41.34 -42.99
C THR S 60 47.13 -40.77 -42.24
N ASP S 61 45.94 -41.25 -42.61
CA ASP S 61 44.71 -40.79 -41.97
C ASP S 61 44.60 -41.30 -40.53
N ASN S 62 45.06 -42.52 -40.27
CA ASN S 62 44.96 -43.09 -38.93
C ASN S 62 45.89 -42.35 -37.98
N LEU S 63 45.32 -41.92 -36.85
CA LEU S 63 46.10 -41.19 -35.86
C LEU S 63 47.06 -42.08 -35.08
N GLU S 64 46.76 -43.38 -35.00
CA GLU S 64 47.62 -44.29 -34.26
C GLU S 64 49.01 -44.40 -34.89
N LEU S 65 49.07 -44.50 -36.22
CA LEU S 65 50.36 -44.60 -36.89
C LEU S 65 51.07 -43.25 -36.98
N LYS S 66 50.31 -42.15 -37.03
CA LYS S 66 50.92 -40.84 -37.14
C LYS S 66 51.76 -40.50 -35.91
N LYS S 67 51.26 -40.83 -34.72
CA LYS S 67 52.01 -40.56 -33.51
C LYS S 67 53.32 -41.35 -33.47
N LEU S 68 53.26 -42.64 -33.84
CA LEU S 68 54.46 -43.46 -33.86
C LEU S 68 55.46 -42.93 -34.88
N VAL S 69 54.97 -42.51 -36.05
CA VAL S 69 55.85 -41.96 -37.06
C VAL S 69 56.52 -40.69 -36.57
N TYR S 70 55.75 -39.81 -35.92
CA TYR S 70 56.32 -38.59 -35.39
C TYR S 70 57.36 -38.88 -34.32
N LEU S 71 57.08 -39.85 -33.44
CA LEU S 71 58.04 -40.21 -32.41
C LEU S 71 59.31 -40.78 -33.02
N TYR S 72 59.18 -41.63 -34.03
CA TYR S 72 60.36 -42.18 -34.68
C TYR S 72 61.17 -41.07 -35.36
N LEU S 73 60.49 -40.14 -36.02
CA LEU S 73 61.20 -39.04 -36.66
C LEU S 73 61.93 -38.16 -35.65
N MET S 74 61.28 -37.88 -34.51
CA MET S 74 61.92 -37.10 -33.47
C MET S 74 63.14 -37.84 -32.92
N ASN S 75 63.01 -39.15 -32.70
CA ASN S 75 64.13 -39.94 -32.20
C ASN S 75 65.17 -40.24 -33.27
N TYR S 76 64.82 -40.08 -34.55
CA TYR S 76 65.74 -40.33 -35.65
C TYR S 76 65.97 -39.06 -36.47
N ALA S 77 65.91 -37.91 -35.81
CA ALA S 77 66.10 -36.62 -36.48
C ALA S 77 67.54 -36.17 -36.47
N LYS S 78 68.19 -36.20 -35.30
CA LYS S 78 69.60 -35.83 -35.23
C LYS S 78 70.49 -36.86 -35.90
N SER S 79 70.07 -38.12 -35.90
CA SER S 79 70.88 -39.17 -36.53
C SER S 79 70.98 -38.97 -38.03
N GLN S 80 69.88 -38.59 -38.67
CA GLN S 80 69.83 -38.38 -40.12
C GLN S 80 69.19 -37.03 -40.41
N ALA S 87 60.14 -33.84 -44.65
CA ALA S 87 59.02 -33.77 -43.72
C ALA S 87 58.43 -32.38 -43.52
N VAL S 88 59.04 -31.36 -44.14
CA VAL S 88 58.54 -30.00 -43.97
C VAL S 88 57.14 -29.86 -44.58
N ASN S 89 56.93 -30.45 -45.75
CA ASN S 89 55.63 -30.39 -46.39
C ASN S 89 54.57 -31.11 -45.56
N THR S 90 54.92 -32.27 -45.00
CA THR S 90 53.97 -33.01 -44.17
C THR S 90 53.61 -32.21 -42.93
N PHE S 91 54.60 -31.59 -42.30
CA PHE S 91 54.33 -30.77 -41.11
C PHE S 91 53.44 -29.57 -41.47
N VAL S 92 53.71 -28.94 -42.61
CA VAL S 92 52.90 -27.80 -43.03
C VAL S 92 51.46 -28.23 -43.28
N LYS S 93 51.28 -29.38 -43.93
CA LYS S 93 49.93 -29.89 -44.18
C LYS S 93 49.21 -30.21 -42.88
N ASP S 94 49.92 -30.82 -41.93
CA ASP S 94 49.31 -31.18 -40.66
C ASP S 94 49.05 -29.98 -39.76
N CYS S 95 49.72 -28.86 -40.01
CA CYS S 95 49.51 -27.67 -39.20
C CYS S 95 48.18 -27.00 -39.45
N GLU S 96 47.42 -27.44 -40.46
CA GLU S 96 46.13 -26.86 -40.78
C GLU S 96 44.99 -27.85 -40.62
N ASP S 97 45.22 -28.98 -39.97
CA ASP S 97 44.16 -29.96 -39.78
C ASP S 97 43.09 -29.40 -38.86
N PRO S 98 41.81 -29.64 -39.15
CA PRO S 98 40.75 -29.16 -38.26
C PRO S 98 40.82 -29.73 -36.86
N ASN S 99 41.29 -30.96 -36.69
CA ASN S 99 41.32 -31.58 -35.37
C ASN S 99 42.38 -30.90 -34.51
N PRO S 100 42.02 -30.37 -33.35
CA PRO S 100 43.03 -29.74 -32.49
C PRO S 100 44.13 -30.68 -32.04
N LEU S 101 43.80 -31.96 -31.82
CA LEU S 101 44.81 -32.91 -31.38
C LEU S 101 45.88 -33.10 -32.44
N ILE S 102 45.48 -33.21 -33.70
CA ILE S 102 46.45 -33.39 -34.78
C ILE S 102 47.35 -32.17 -34.90
N ARG S 103 46.76 -30.98 -34.83
CA ARG S 103 47.56 -29.75 -34.91
C ARG S 103 48.54 -29.66 -33.76
N ALA S 104 48.10 -30.00 -32.54
CA ALA S 104 48.98 -29.96 -31.39
C ALA S 104 50.12 -30.98 -31.54
N LEU S 105 49.80 -32.17 -32.03
CA LEU S 105 50.84 -33.18 -32.25
C LEU S 105 51.85 -32.71 -33.29
N ALA S 106 51.36 -32.11 -34.38
CA ALA S 106 52.27 -31.61 -35.40
C ALA S 106 53.16 -30.50 -34.86
N VAL S 107 52.58 -29.60 -34.06
CA VAL S 107 53.37 -28.52 -33.47
C VAL S 107 54.44 -29.07 -32.53
N ARG S 108 54.07 -30.05 -31.71
CA ARG S 108 55.04 -30.65 -30.80
C ARG S 108 56.16 -31.36 -31.57
N THR S 109 55.80 -32.09 -32.63
CA THR S 109 56.81 -32.80 -33.40
C THR S 109 57.74 -31.85 -34.13
N MET S 110 57.21 -30.74 -34.64
CA MET S 110 58.04 -29.77 -35.35
C MET S 110 59.10 -29.18 -34.43
N GLY S 111 58.71 -28.81 -33.22
CA GLY S 111 59.68 -28.30 -32.26
C GLY S 111 60.61 -29.36 -31.71
N CYS S 112 60.19 -30.62 -31.72
CA CYS S 112 61.03 -31.70 -31.22
C CYS S 112 62.16 -32.06 -32.16
N ILE S 113 62.06 -31.68 -33.43
CA ILE S 113 63.10 -32.00 -34.40
C ILE S 113 64.26 -31.03 -34.19
N ARG S 114 65.43 -31.58 -33.87
CA ARG S 114 66.64 -30.77 -33.66
C ARG S 114 67.41 -30.66 -34.97
N VAL S 115 66.82 -29.94 -35.91
CA VAL S 115 67.39 -29.72 -37.24
C VAL S 115 67.51 -28.21 -37.45
N ASP S 116 68.71 -27.77 -37.84
CA ASP S 116 68.93 -26.34 -38.08
C ASP S 116 68.30 -25.87 -39.38
N LYS S 117 68.26 -26.74 -40.39
CA LYS S 117 67.72 -26.38 -41.69
C LYS S 117 66.21 -26.56 -41.80
N ILE S 118 65.56 -27.06 -40.75
CA ILE S 118 64.12 -27.27 -40.77
C ILE S 118 63.36 -26.19 -40.01
N THR S 119 63.96 -25.64 -38.94
CA THR S 119 63.28 -24.61 -38.16
C THR S 119 63.06 -23.32 -38.95
N GLU S 120 63.87 -23.09 -39.99
CA GLU S 120 63.70 -21.87 -40.79
C GLU S 120 62.35 -21.85 -41.49
N TYR S 121 61.92 -22.99 -42.03
CA TYR S 121 60.64 -23.07 -42.71
C TYR S 121 59.46 -23.30 -41.78
N LEU S 122 59.71 -23.55 -40.50
CA LEU S 122 58.64 -23.78 -39.54
C LEU S 122 58.12 -22.50 -38.91
N CYS S 123 58.70 -21.35 -39.24
CA CYS S 123 58.26 -20.09 -38.64
C CYS S 123 56.82 -19.75 -39.06
N GLU S 124 56.49 -19.98 -40.33
CA GLU S 124 55.13 -19.68 -40.79
C GLU S 124 54.08 -20.51 -40.08
N PRO S 125 54.22 -21.84 -39.97
CA PRO S 125 53.24 -22.60 -39.17
C PRO S 125 53.22 -22.17 -37.72
N LEU S 126 54.36 -21.84 -37.15
CA LEU S 126 54.40 -21.36 -35.77
C LEU S 126 53.65 -20.04 -35.64
N ARG S 127 53.85 -19.13 -36.60
CA ARG S 127 53.13 -17.87 -36.56
C ARG S 127 51.64 -18.08 -36.73
N LYS S 128 51.25 -19.02 -37.59
CA LYS S 128 49.84 -19.31 -37.78
C LYS S 128 49.21 -19.89 -36.52
N CYS S 129 49.92 -20.80 -35.85
CA CYS S 129 49.39 -21.45 -34.66
C CYS S 129 49.55 -20.63 -33.38
N LEU S 130 50.31 -19.53 -33.43
CA LEU S 130 50.48 -18.70 -32.23
C LEU S 130 49.15 -18.10 -31.78
N LYS S 131 48.35 -17.63 -32.73
CA LYS S 131 47.04 -17.05 -32.42
C LYS S 131 45.91 -18.05 -32.60
N ASP S 132 46.19 -19.33 -32.42
CA ASP S 132 45.16 -20.35 -32.59
C ASP S 132 44.11 -20.21 -31.51
N GLU S 133 42.84 -20.30 -31.92
CA GLU S 133 41.75 -20.18 -30.97
C GLU S 133 41.68 -21.37 -30.03
N ASP S 134 42.21 -22.51 -30.43
CA ASP S 134 42.18 -23.69 -29.59
C ASP S 134 43.15 -23.49 -28.43
N PRO S 135 42.68 -23.59 -27.18
CA PRO S 135 43.61 -23.46 -26.05
C PRO S 135 44.71 -24.50 -26.05
N TYR S 136 44.40 -25.74 -26.45
CA TYR S 136 45.46 -26.72 -26.64
C TYR S 136 46.39 -26.31 -27.77
N VAL S 137 45.82 -25.76 -28.85
CA VAL S 137 46.65 -25.26 -29.94
C VAL S 137 47.49 -24.09 -29.48
N ARG S 138 46.91 -23.21 -28.66
CA ARG S 138 47.68 -22.09 -28.15
C ARG S 138 48.83 -22.56 -27.28
N LYS S 139 48.58 -23.55 -26.41
CA LYS S 139 49.63 -24.08 -25.57
C LYS S 139 50.72 -24.76 -26.41
N THR S 140 50.32 -25.50 -27.43
CA THR S 140 51.29 -26.15 -28.28
C THR S 140 52.15 -25.14 -29.01
N ALA S 141 51.52 -24.06 -29.50
CA ALA S 141 52.27 -23.00 -30.16
C ALA S 141 53.22 -22.30 -29.20
N ALA S 142 52.78 -22.08 -27.95
CA ALA S 142 53.66 -21.47 -26.97
C ALA S 142 54.86 -22.36 -26.68
N VAL S 143 54.64 -23.67 -26.58
CA VAL S 143 55.73 -24.61 -26.35
C VAL S 143 56.67 -24.62 -27.54
N CYS S 144 56.13 -24.61 -28.75
CA CYS S 144 56.96 -24.63 -29.94
C CYS S 144 57.79 -23.36 -30.09
N VAL S 145 57.21 -22.21 -29.73
CA VAL S 145 57.96 -20.96 -29.80
C VAL S 145 59.13 -20.98 -28.85
N ALA S 146 58.91 -21.48 -27.63
CA ALA S 146 60.00 -21.57 -26.67
C ALA S 146 61.06 -22.55 -27.14
N LYS S 147 60.63 -23.68 -27.72
CA LYS S 147 61.60 -24.65 -28.23
C LYS S 147 62.43 -24.05 -29.36
N LEU S 148 61.80 -23.30 -30.26
CA LEU S 148 62.53 -22.66 -31.34
C LEU S 148 63.50 -21.61 -30.81
N HIS S 149 63.07 -20.83 -29.81
CA HIS S 149 63.95 -19.83 -29.22
C HIS S 149 65.15 -20.49 -28.55
N ASP S 150 64.94 -21.61 -27.84
CA ASP S 150 66.05 -22.34 -27.26
C ASP S 150 66.98 -22.88 -28.33
N ILE S 151 66.40 -23.43 -29.40
CA ILE S 151 67.22 -23.95 -30.50
C ILE S 151 67.89 -22.81 -31.25
N ASN S 152 67.14 -21.76 -31.56
CA ASN S 152 67.67 -20.60 -32.28
C ASN S 152 67.02 -19.34 -31.70
N ALA S 153 67.76 -18.65 -30.82
CA ALA S 153 67.27 -17.39 -30.27
C ALA S 153 67.15 -16.31 -31.34
N GLN S 154 68.13 -16.25 -32.25
CA GLN S 154 68.09 -15.25 -33.32
C GLN S 154 66.89 -15.46 -34.24
N LEU S 155 66.59 -16.71 -34.59
CA LEU S 155 65.42 -16.97 -35.43
C LEU S 155 64.14 -16.56 -34.74
N VAL S 156 64.03 -16.85 -33.44
CA VAL S 156 62.83 -16.47 -32.69
C VAL S 156 62.69 -14.95 -32.64
N GLU S 157 63.80 -14.26 -32.39
CA GLU S 157 63.76 -12.79 -32.36
C GLU S 157 63.37 -12.22 -33.71
N ASP S 158 63.90 -12.79 -34.79
CA ASP S 158 63.55 -12.33 -36.12
C ASP S 158 62.08 -12.57 -36.41
N GLN S 159 61.55 -13.72 -36.00
CA GLN S 159 60.15 -14.02 -36.20
C GLN S 159 59.24 -13.12 -35.36
N GLY S 160 59.79 -12.43 -34.37
CA GLY S 160 58.99 -11.55 -33.54
C GLY S 160 57.97 -12.27 -32.68
N PHE S 161 58.36 -13.41 -32.10
CA PHE S 161 57.45 -14.18 -31.24
C PHE S 161 57.37 -13.63 -29.83
N LEU S 162 58.26 -12.71 -29.45
CA LEU S 162 58.21 -12.13 -28.12
C LEU S 162 56.93 -11.34 -27.90
N ASP S 163 56.53 -10.56 -28.92
CA ASP S 163 55.30 -9.80 -28.80
C ASP S 163 54.09 -10.71 -28.66
N THR S 164 54.05 -11.78 -29.45
CA THR S 164 52.95 -12.73 -29.35
C THR S 164 52.94 -13.43 -28.00
N LEU S 165 54.13 -13.78 -27.49
CA LEU S 165 54.20 -14.43 -26.18
C LEU S 165 53.74 -13.49 -25.08
N LYS S 166 54.09 -12.20 -25.17
CA LYS S 166 53.68 -11.24 -24.15
C LYS S 166 52.16 -11.09 -24.12
N ASP S 167 51.54 -11.04 -25.29
CA ASP S 167 50.08 -10.94 -25.33
C ASP S 167 49.40 -12.22 -24.88
N LEU S 168 50.13 -13.34 -24.88
CA LEU S 168 49.55 -14.60 -24.45
C LEU S 168 49.13 -14.56 -22.98
N ILE S 169 49.95 -13.91 -22.16
CA ILE S 169 49.59 -13.77 -20.75
C ILE S 169 48.36 -12.90 -20.60
N SER S 170 48.14 -11.96 -21.51
CA SER S 170 46.99 -11.06 -21.48
C SER S 170 45.79 -11.60 -22.24
N ASP S 171 45.70 -12.90 -22.44
CA ASP S 171 44.60 -13.50 -23.18
C ASP S 171 43.86 -14.51 -22.30
N SER S 172 42.76 -15.04 -22.81
CA SER S 172 41.92 -15.98 -22.06
C SER S 172 42.58 -17.36 -22.07
N ASN S 173 41.84 -18.38 -21.65
CA ASN S 173 42.44 -19.70 -21.54
C ASN S 173 43.56 -19.69 -20.52
N PRO S 174 43.21 -19.69 -19.22
CA PRO S 174 44.25 -19.57 -18.20
C PRO S 174 45.36 -20.59 -18.31
N MET S 175 45.07 -21.80 -18.78
CA MET S 175 46.14 -22.76 -19.04
C MET S 175 47.08 -22.23 -20.11
N VAL S 176 46.53 -21.66 -21.17
CA VAL S 176 47.37 -21.09 -22.23
C VAL S 176 48.15 -19.90 -21.71
N VAL S 177 47.53 -19.10 -20.85
CA VAL S 177 48.24 -17.95 -20.27
C VAL S 177 49.41 -18.42 -19.43
N ALA S 178 49.19 -19.47 -18.62
CA ALA S 178 50.26 -20.00 -17.79
C ALA S 178 51.38 -20.57 -18.64
N ASN S 179 51.02 -21.26 -19.72
CA ASN S 179 52.02 -21.80 -20.62
C ASN S 179 52.84 -20.68 -21.25
N ALA S 180 52.17 -19.60 -21.66
CA ALA S 180 52.87 -18.47 -22.24
C ALA S 180 53.80 -17.82 -21.22
N VAL S 181 53.34 -17.71 -19.98
CA VAL S 181 54.18 -17.14 -18.93
C VAL S 181 55.41 -18.01 -18.70
N ALA S 182 55.23 -19.32 -18.65
CA ALA S 182 56.36 -20.22 -18.46
C ALA S 182 57.34 -20.13 -19.61
N ALA S 183 56.84 -20.05 -20.83
CA ALA S 183 57.72 -19.90 -21.99
C ALA S 183 58.48 -18.59 -21.95
N LEU S 184 57.82 -17.50 -21.55
CA LEU S 184 58.49 -16.21 -21.44
C LEU S 184 59.56 -16.26 -20.38
N SER S 185 59.27 -16.92 -19.25
CA SER S 185 60.27 -17.05 -18.20
C SER S 185 61.47 -17.87 -18.67
N GLU S 186 61.20 -18.94 -19.40
CA GLU S 186 62.31 -19.75 -19.92
C GLU S 186 63.14 -18.96 -20.92
N ILE S 187 62.49 -18.17 -21.79
CA ILE S 187 63.23 -17.38 -22.77
C ILE S 187 64.05 -16.31 -22.08
N ALA S 188 63.46 -15.63 -21.09
CA ALA S 188 64.20 -14.61 -20.35
C ALA S 188 65.30 -15.21 -19.49
N GLU S 189 65.14 -16.47 -19.06
CA GLU S 189 66.18 -17.12 -18.27
C GLU S 189 67.46 -17.28 -19.08
N SER S 190 67.34 -17.68 -20.35
CA SER S 190 68.50 -17.77 -21.23
C SER S 190 68.88 -16.42 -21.83
N HIS S 191 68.01 -15.42 -21.76
CA HIS S 191 68.31 -14.11 -22.30
C HIS S 191 69.33 -13.40 -21.41
N PRO S 192 70.05 -12.43 -21.97
CA PRO S 192 71.07 -11.71 -21.19
C PRO S 192 70.54 -10.61 -20.30
N SER S 193 69.25 -10.64 -19.97
CA SER S 193 68.55 -9.65 -19.17
C SER S 193 68.20 -8.41 -19.99
N SER S 194 68.61 -8.35 -21.25
CA SER S 194 68.31 -7.22 -22.10
C SER S 194 66.90 -7.36 -22.64
N ASN S 195 66.12 -6.28 -22.59
CA ASN S 195 64.72 -6.28 -23.02
C ASN S 195 63.91 -7.29 -22.21
N LEU S 196 63.94 -7.12 -20.89
CA LEU S 196 63.25 -8.04 -20.00
C LEU S 196 61.75 -7.96 -20.19
N LEU S 197 61.09 -9.08 -19.95
CA LEU S 197 59.64 -9.18 -20.09
C LEU S 197 58.89 -8.82 -18.81
N ASP S 198 59.50 -8.00 -17.95
CA ASP S 198 58.85 -7.61 -16.70
C ASP S 198 57.62 -6.76 -16.98
N LEU S 199 56.65 -6.85 -16.08
CA LEU S 199 55.39 -6.14 -16.21
C LEU S 199 55.10 -5.37 -14.93
N ASN S 200 54.20 -4.40 -15.04
CA ASN S 200 53.82 -3.54 -13.92
C ASN S 200 52.91 -4.29 -12.97
N PRO S 201 52.44 -3.65 -11.90
CA PRO S 201 51.55 -4.35 -10.97
C PRO S 201 50.28 -4.86 -11.60
N GLN S 202 49.84 -4.25 -12.71
CA GLN S 202 48.64 -4.74 -13.38
C GLN S 202 48.86 -6.14 -13.91
N SER S 203 50.03 -6.41 -14.47
CA SER S 203 50.31 -7.75 -14.96
C SER S 203 50.34 -8.75 -13.83
N ILE S 204 50.93 -8.38 -12.70
CA ILE S 204 50.96 -9.28 -11.56
C ILE S 204 49.55 -9.56 -11.07
N ASN S 205 48.71 -8.53 -11.00
CA ASN S 205 47.34 -8.73 -10.57
C ASN S 205 46.58 -9.64 -11.54
N LYS S 206 46.80 -9.46 -12.83
CA LYS S 206 46.14 -10.31 -13.81
C LYS S 206 46.61 -11.75 -13.65
N LEU S 207 47.89 -11.97 -13.43
CA LEU S 207 48.40 -13.31 -13.23
C LEU S 207 47.80 -13.93 -11.98
N LEU S 208 47.67 -13.14 -10.92
CA LEU S 208 47.05 -13.64 -9.71
C LEU S 208 45.60 -14.01 -9.96
N THR S 209 44.91 -13.23 -10.79
CA THR S 209 43.53 -13.54 -11.13
C THR S 209 43.42 -14.88 -11.84
N ALA S 210 44.34 -15.17 -12.74
CA ALA S 210 44.40 -16.48 -13.37
C ALA S 210 45.15 -17.49 -12.52
N LEU S 211 45.83 -17.05 -11.47
CA LEU S 211 46.49 -17.97 -10.57
C LEU S 211 45.47 -18.87 -9.86
N ASN S 212 44.35 -18.30 -9.44
CA ASN S 212 43.32 -19.09 -8.77
C ASN S 212 42.63 -20.05 -9.71
N GLU S 213 42.75 -19.85 -11.02
CA GLU S 213 42.17 -20.75 -12.01
C GLU S 213 43.18 -21.70 -12.62
N CYS S 214 44.47 -21.52 -12.32
CA CYS S 214 45.49 -22.39 -12.87
C CYS S 214 45.45 -23.77 -12.20
N THR S 215 45.95 -24.76 -12.92
CA THR S 215 45.99 -26.12 -12.41
C THR S 215 47.20 -26.29 -11.49
N GLU S 216 47.43 -27.53 -11.04
CA GLU S 216 48.56 -27.80 -10.16
C GLU S 216 49.89 -27.50 -10.86
N TRP S 217 50.03 -27.95 -12.11
CA TRP S 217 51.24 -27.65 -12.85
C TRP S 217 51.32 -26.17 -13.21
N GLY S 218 50.18 -25.56 -13.53
CA GLY S 218 50.19 -24.14 -13.86
C GLY S 218 50.43 -23.25 -12.67
N GLN S 219 50.16 -23.74 -11.47
CA GLN S 219 50.41 -22.94 -10.29
C GLN S 219 51.88 -22.64 -10.13
N ILE S 220 52.74 -23.63 -10.37
CA ILE S 220 54.17 -23.40 -10.26
C ILE S 220 54.61 -22.37 -11.29
N PHE S 221 54.10 -22.48 -12.51
CA PHE S 221 54.48 -21.54 -13.56
C PHE S 221 54.03 -20.13 -13.20
N ILE S 222 52.83 -20.00 -12.65
CA ILE S 222 52.31 -18.69 -12.28
C ILE S 222 53.09 -18.09 -11.11
N LEU S 223 53.51 -18.92 -10.16
CA LEU S 223 54.26 -18.42 -9.02
C LEU S 223 55.72 -18.11 -9.35
N ASP S 224 56.27 -18.78 -10.36
CA ASP S 224 57.66 -18.50 -10.74
C ASP S 224 57.83 -17.10 -11.29
N CYS S 225 56.81 -16.57 -11.99
CA CYS S 225 56.92 -15.24 -12.55
C CYS S 225 57.08 -14.19 -11.46
N LEU S 226 56.34 -14.33 -10.37
CA LEU S 226 56.47 -13.40 -9.26
C LEU S 226 57.82 -13.49 -8.58
N ALA S 227 58.53 -14.60 -8.77
CA ALA S 227 59.85 -14.73 -8.16
C ALA S 227 60.84 -13.73 -8.71
N ASN S 228 60.62 -13.25 -9.94
CA ASN S 228 61.50 -12.26 -10.53
C ASN S 228 61.10 -10.83 -10.22
N TYR S 229 59.82 -10.57 -10.04
CA TYR S 229 59.36 -9.23 -9.69
C TYR S 229 59.80 -8.87 -8.28
N MET S 230 60.20 -7.63 -8.10
CA MET S 230 60.64 -7.12 -6.80
C MET S 230 59.65 -6.06 -6.32
N PRO S 231 58.92 -6.29 -5.23
CA PRO S 231 57.99 -5.28 -4.74
C PRO S 231 58.72 -4.05 -4.25
N LYS S 232 58.08 -2.89 -4.41
CA LYS S 232 58.65 -1.62 -4.03
C LYS S 232 57.88 -0.91 -2.93
N ASP S 233 56.66 -1.32 -2.63
CA ASP S 233 55.85 -0.70 -1.59
C ASP S 233 55.24 -1.77 -0.72
N ASP S 234 54.95 -1.40 0.52
CA ASP S 234 54.35 -2.34 1.46
C ASP S 234 52.95 -2.74 1.03
N ARG S 235 52.19 -1.82 0.43
CA ARG S 235 50.84 -2.15 -0.03
C ARG S 235 50.89 -3.21 -1.12
N GLU S 236 51.80 -3.05 -2.08
CA GLU S 236 51.96 -4.06 -3.11
C GLU S 236 52.46 -5.37 -2.52
N ALA S 237 53.43 -5.30 -1.62
CA ALA S 237 53.91 -6.51 -0.97
C ALA S 237 52.82 -7.15 -0.12
N GLN S 238 52.03 -6.33 0.56
CA GLN S 238 50.94 -6.87 1.36
C GLN S 238 49.91 -7.57 0.49
N SER S 239 49.57 -6.98 -0.66
CA SER S 239 48.62 -7.62 -1.56
C SER S 239 49.18 -8.91 -2.11
N ILE S 240 50.47 -8.93 -2.45
CA ILE S 240 51.09 -10.14 -2.97
C ILE S 240 51.06 -11.23 -1.91
N CYS S 241 51.38 -10.88 -0.67
CA CYS S 241 51.33 -11.85 0.40
C CYS S 241 49.92 -12.37 0.62
N GLU S 242 48.93 -11.47 0.59
CA GLU S 242 47.55 -11.88 0.77
C GLU S 242 47.10 -12.83 -0.33
N ARG S 243 47.50 -12.56 -1.57
CA ARG S 243 47.15 -13.44 -2.68
C ARG S 243 47.90 -14.78 -2.62
N VAL S 244 49.14 -14.77 -2.14
CA VAL S 244 49.90 -16.02 -2.06
C VAL S 244 49.52 -16.84 -0.84
N THR S 245 48.83 -16.23 0.13
CA THR S 245 48.38 -16.98 1.29
C THR S 245 47.51 -18.17 0.94
N PRO S 246 46.55 -18.08 0.01
CA PRO S 246 45.75 -19.26 -0.33
C PRO S 246 46.56 -20.39 -0.94
N ARG S 247 47.74 -20.11 -1.49
CA ARG S 247 48.55 -21.15 -2.11
C ARG S 247 49.14 -22.12 -1.09
N LEU S 248 49.14 -21.75 0.20
CA LEU S 248 49.68 -22.64 1.22
C LEU S 248 48.74 -23.80 1.52
N SER S 249 47.51 -23.76 1.05
CA SER S 249 46.54 -24.84 1.25
C SER S 249 46.38 -25.71 0.02
N HIS S 250 47.47 -25.90 -0.70
CA HIS S 250 47.47 -26.73 -1.90
C HIS S 250 47.98 -28.11 -1.56
N ALA S 251 47.27 -29.14 -2.03
CA ALA S 251 47.68 -30.51 -1.75
C ALA S 251 49.02 -30.84 -2.39
N ASN S 252 49.40 -30.14 -3.46
CA ASN S 252 50.68 -30.39 -4.09
C ASN S 252 51.81 -29.82 -3.23
N SER S 253 52.85 -30.63 -3.02
CA SER S 253 53.99 -30.19 -2.23
C SER S 253 54.73 -29.04 -2.90
N ALA S 254 54.91 -29.10 -4.22
CA ALA S 254 55.64 -28.05 -4.93
C ALA S 254 54.89 -26.72 -4.90
N VAL S 255 53.57 -26.75 -4.98
CA VAL S 255 52.78 -25.53 -4.92
C VAL S 255 52.95 -24.84 -3.57
N VAL S 256 52.90 -25.63 -2.49
CA VAL S 256 53.12 -25.06 -1.16
C VAL S 256 54.54 -24.51 -1.06
N LEU S 257 55.53 -25.27 -1.55
CA LEU S 257 56.91 -24.80 -1.51
C LEU S 257 57.09 -23.54 -2.35
N SER S 258 56.46 -23.50 -3.53
CA SER S 258 56.55 -22.31 -4.37
C SER S 258 55.93 -21.10 -3.67
N ALA S 259 54.78 -21.30 -3.02
CA ALA S 259 54.14 -20.20 -2.29
C ALA S 259 55.03 -19.73 -1.16
N VAL S 260 55.66 -20.66 -0.45
CA VAL S 260 56.55 -20.29 0.65
C VAL S 260 57.74 -19.50 0.13
N LYS S 261 58.32 -19.93 -0.99
CA LYS S 261 59.45 -19.20 -1.57
C LYS S 261 59.03 -17.81 -2.02
N VAL S 262 57.85 -17.69 -2.62
CA VAL S 262 57.36 -16.38 -3.05
C VAL S 262 57.15 -15.47 -1.86
N LEU S 263 56.57 -16.01 -0.78
CA LEU S 263 56.38 -15.22 0.42
C LEU S 263 57.71 -14.77 1.01
N MET S 264 58.69 -15.67 1.04
CA MET S 264 60.00 -15.32 1.56
C MET S 264 60.65 -14.23 0.72
N LYS S 265 60.51 -14.32 -0.60
CA LYS S 265 61.06 -13.29 -1.47
C LYS S 265 60.36 -11.95 -1.25
N PHE S 266 59.03 -11.98 -1.11
CA PHE S 266 58.29 -10.74 -0.89
C PHE S 266 58.54 -10.15 0.48
N MET S 267 58.94 -10.96 1.45
CA MET S 267 59.21 -10.47 2.79
C MET S 267 60.40 -9.53 2.85
N GLU S 268 61.23 -9.50 1.81
CA GLU S 268 62.37 -8.58 1.79
C GLU S 268 61.93 -7.13 1.73
N MET S 269 60.72 -6.85 1.28
CA MET S 269 60.19 -5.50 1.24
C MET S 269 59.10 -5.24 2.26
N LEU S 270 58.59 -6.27 2.93
CA LEU S 270 57.57 -6.09 3.95
C LEU S 270 58.16 -5.48 5.21
N SER S 271 57.30 -4.85 6.00
CA SER S 271 57.70 -4.18 7.23
C SER S 271 57.31 -5.06 8.42
N LYS S 272 58.28 -5.35 9.27
CA LYS S 272 58.02 -6.15 10.46
C LYS S 272 57.16 -5.41 11.48
N ASP S 273 57.10 -4.08 11.38
CA ASP S 273 56.27 -3.31 12.31
C ASP S 273 54.80 -3.64 12.16
N LEU S 274 54.32 -3.80 10.93
CA LEU S 274 52.92 -4.14 10.69
C LEU S 274 52.67 -5.60 11.05
N ASP S 275 51.39 -5.94 11.20
CA ASP S 275 50.99 -7.29 11.57
C ASP S 275 51.05 -8.27 10.42
N TYR S 276 51.32 -7.79 9.19
CA TYR S 276 51.39 -8.69 8.06
C TYR S 276 52.55 -9.66 8.19
N TYR S 277 53.71 -9.18 8.66
CA TYR S 277 54.86 -10.07 8.82
C TYR S 277 54.58 -11.15 9.85
N GLY S 278 53.95 -10.77 10.97
CA GLY S 278 53.63 -11.77 11.98
C GLY S 278 52.63 -12.78 11.50
N THR S 279 51.61 -12.32 10.77
CA THR S 279 50.62 -13.25 10.22
C THR S 279 51.27 -14.19 9.22
N LEU S 280 52.16 -13.67 8.38
CA LEU S 280 52.84 -14.52 7.43
C LEU S 280 53.72 -15.55 8.14
N LEU S 281 54.42 -15.14 9.19
CA LEU S 281 55.25 -16.08 9.94
C LEU S 281 54.41 -17.15 10.60
N LYS S 282 53.26 -16.77 11.14
CA LYS S 282 52.38 -17.74 11.81
C LYS S 282 51.77 -18.71 10.80
N LYS S 283 51.42 -18.22 9.62
CA LYS S 283 50.78 -19.05 8.61
C LYS S 283 51.78 -19.88 7.81
N LEU S 284 53.08 -19.70 8.03
CA LEU S 284 54.09 -20.45 7.31
C LEU S 284 54.53 -21.71 8.04
N ALA S 285 54.52 -21.69 9.37
CA ALA S 285 54.90 -22.88 10.13
C ALA S 285 54.00 -24.07 9.85
N PRO S 286 52.68 -23.93 9.82
CA PRO S 286 51.82 -25.08 9.53
C PRO S 286 52.12 -25.64 8.15
N PRO S 287 52.43 -24.77 7.18
CA PRO S 287 52.84 -25.28 5.86
C PRO S 287 54.10 -26.10 5.91
N LEU S 288 55.09 -25.68 6.69
CA LEU S 288 56.32 -26.46 6.84
C LEU S 288 56.04 -27.80 7.52
N VAL S 289 55.18 -27.78 8.54
CA VAL S 289 54.84 -29.02 9.23
C VAL S 289 54.14 -29.99 8.28
N THR S 290 53.23 -29.48 7.47
CA THR S 290 52.55 -30.33 6.49
C THR S 290 53.53 -30.87 5.46
N LEU S 291 54.44 -30.03 4.97
CA LEU S 291 55.41 -30.48 3.98
C LEU S 291 56.38 -31.50 4.56
N LEU S 292 56.62 -31.44 5.87
CA LEU S 292 57.52 -32.40 6.50
C LEU S 292 56.97 -33.82 6.48
N SER S 293 55.67 -33.99 6.26
CA SER S 293 55.05 -35.31 6.18
C SER S 293 54.88 -35.79 4.74
N ALA S 294 55.71 -35.31 3.83
CA ALA S 294 55.62 -35.68 2.42
C ALA S 294 56.30 -37.02 2.17
N GLU S 295 56.57 -37.32 0.91
CA GLU S 295 57.23 -38.57 0.58
C GLU S 295 58.69 -38.53 1.03
N PRO S 296 59.30 -39.69 1.23
CA PRO S 296 60.73 -39.70 1.63
C PRO S 296 61.64 -39.04 0.62
N GLU S 297 61.33 -39.17 -0.67
CA GLU S 297 62.12 -38.46 -1.68
C GLU S 297 62.00 -36.95 -1.51
N LEU S 298 60.78 -36.47 -1.27
CA LEU S 298 60.58 -35.05 -1.01
C LEU S 298 61.02 -34.64 0.38
N GLN S 299 61.31 -35.60 1.26
CA GLN S 299 61.78 -35.26 2.60
C GLN S 299 63.11 -34.53 2.54
N TYR S 300 64.03 -35.00 1.70
CA TYR S 300 65.31 -34.33 1.56
C TYR S 300 65.14 -32.92 1.01
N VAL S 301 64.25 -32.75 0.03
CA VAL S 301 64.01 -31.43 -0.53
C VAL S 301 63.42 -30.50 0.52
N ALA S 302 62.47 -31.00 1.31
CA ALA S 302 61.88 -30.19 2.37
C ALA S 302 62.92 -29.81 3.42
N LEU S 303 63.80 -30.75 3.78
CA LEU S 303 64.85 -30.45 4.73
C LEU S 303 65.80 -29.38 4.18
N ARG S 304 66.17 -29.49 2.91
CA ARG S 304 67.06 -28.49 2.31
C ARG S 304 66.39 -27.12 2.29
N ASN S 305 65.10 -27.08 1.95
CA ASN S 305 64.39 -25.81 1.94
C ASN S 305 64.32 -25.20 3.34
N ILE S 306 64.06 -26.04 4.34
CA ILE S 306 64.01 -25.54 5.71
C ILE S 306 65.36 -25.01 6.14
N ASN S 307 66.43 -25.71 5.79
CA ASN S 307 67.77 -25.25 6.14
C ASN S 307 68.08 -23.94 5.46
N LEU S 308 67.69 -23.80 4.19
CA LEU S 308 67.91 -22.54 3.48
C LEU S 308 67.12 -21.40 4.11
N ILE S 309 65.87 -21.67 4.50
CA ILE S 309 65.05 -20.62 5.12
C ILE S 309 65.30 -20.50 6.61
N VAL S 310 65.92 -21.51 7.22
CA VAL S 310 66.20 -21.44 8.66
C VAL S 310 67.19 -20.34 8.97
N GLN S 311 68.23 -20.20 8.15
CA GLN S 311 69.25 -19.18 8.38
C GLN S 311 68.75 -17.76 8.12
N LYS S 312 67.58 -17.61 7.51
CA LYS S 312 67.02 -16.30 7.22
C LYS S 312 65.99 -15.85 8.25
N ARG S 313 65.01 -16.68 8.54
CA ARG S 313 63.94 -16.36 9.50
C ARG S 313 63.84 -17.50 10.49
N PRO S 314 64.75 -17.57 11.47
CA PRO S 314 64.71 -18.67 12.45
C PRO S 314 63.60 -18.55 13.48
N GLU S 315 62.87 -17.44 13.51
CA GLU S 315 61.81 -17.25 14.48
C GLU S 315 60.48 -17.85 14.04
N ILE S 316 60.41 -18.41 12.84
CA ILE S 316 59.16 -19.00 12.36
C ILE S 316 59.00 -20.42 12.89
N LEU S 317 60.07 -21.22 12.78
CA LEU S 317 60.05 -22.62 13.23
C LEU S 317 60.79 -22.81 14.54
N LYS S 318 60.73 -21.82 15.43
CA LYS S 318 61.42 -21.93 16.72
C LYS S 318 60.83 -23.06 17.57
N HIS S 319 59.52 -23.19 17.58
CA HIS S 319 58.84 -24.20 18.41
C HIS S 319 58.65 -25.53 17.69
N GLU S 320 59.11 -25.65 16.46
CA GLU S 320 58.98 -26.88 15.69
C GLU S 320 60.22 -27.73 15.94
N MET S 321 60.13 -28.59 16.95
CA MET S 321 61.22 -29.47 17.33
C MET S 321 60.84 -30.94 17.34
N LYS S 322 59.61 -31.26 17.73
CA LYS S 322 59.17 -32.65 17.73
C LYS S 322 59.11 -33.22 16.32
N VAL S 323 58.67 -32.41 15.35
CA VAL S 323 58.56 -32.87 13.98
C VAL S 323 59.89 -33.12 13.30
N PHE S 324 60.99 -32.65 13.91
CA PHE S 324 62.31 -32.85 13.35
C PHE S 324 62.93 -34.19 13.75
N PHE S 325 62.24 -34.98 14.56
CA PHE S 325 62.76 -36.28 14.97
C PHE S 325 62.76 -37.25 13.78
N VAL S 326 63.85 -37.99 13.63
CA VAL S 326 63.98 -38.96 12.55
C VAL S 326 63.20 -40.22 12.89
N LYS S 327 62.46 -40.73 11.92
CA LYS S 327 61.68 -41.93 12.11
C LYS S 327 62.56 -43.18 11.96
N TYR S 328 62.04 -44.30 12.44
CA TYR S 328 62.77 -45.55 12.37
C TYR S 328 62.96 -46.01 10.94
N ASN S 329 61.95 -45.82 10.09
CA ASN S 329 62.00 -46.23 8.70
C ASN S 329 62.42 -45.10 7.76
N ASP S 330 62.86 -43.97 8.31
CA ASP S 330 63.25 -42.85 7.49
C ASP S 330 64.49 -43.20 6.67
N PRO S 331 64.61 -42.64 5.46
CA PRO S 331 65.76 -42.94 4.61
C PRO S 331 67.02 -42.26 5.13
N ILE S 332 68.16 -42.72 4.61
CA ILE S 332 69.44 -42.15 5.01
C ILE S 332 69.53 -40.67 4.65
N TYR S 333 69.08 -40.32 3.45
CA TYR S 333 69.09 -38.93 3.02
C TYR S 333 68.18 -38.06 3.88
N VAL S 334 67.16 -38.66 4.49
CA VAL S 334 66.28 -37.91 5.40
C VAL S 334 66.78 -37.99 6.84
N LYS S 335 67.31 -39.15 7.25
CA LYS S 335 67.83 -39.29 8.61
C LYS S 335 69.01 -38.36 8.85
N LEU S 336 69.90 -38.24 7.86
CA LEU S 336 71.04 -37.32 8.00
C LEU S 336 70.56 -35.87 8.07
N GLU S 337 69.58 -35.52 7.25
CA GLU S 337 69.07 -34.16 7.25
C GLU S 337 68.32 -33.84 8.53
N LYS S 338 67.73 -34.85 9.18
CA LYS S 338 67.03 -34.61 10.44
C LYS S 338 67.99 -34.13 11.51
N LEU S 339 69.18 -34.72 11.58
CA LEU S 339 70.16 -34.28 12.56
C LEU S 339 70.59 -32.85 12.30
N ASP S 340 70.81 -32.49 11.05
CA ASP S 340 71.19 -31.11 10.72
C ASP S 340 70.07 -30.14 11.07
N ILE S 341 68.82 -30.52 10.80
CA ILE S 341 67.69 -29.66 11.13
C ILE S 341 67.60 -29.47 12.64
N MET S 342 67.78 -30.55 13.40
CA MET S 342 67.75 -30.44 14.85
C MET S 342 68.88 -29.55 15.37
N ILE S 343 70.07 -29.68 14.77
CA ILE S 343 71.20 -28.86 15.19
C ILE S 343 70.94 -27.38 14.89
N ARG S 344 70.38 -27.10 13.72
CA ARG S 344 70.07 -25.71 13.35
C ARG S 344 69.02 -25.12 14.28
N LEU S 345 68.04 -25.94 14.70
CA LEU S 345 66.97 -25.47 15.57
C LEU S 345 67.21 -25.82 17.03
N SER T 2 62.79 -28.51 -14.86
CA SER T 2 63.37 -28.41 -16.19
C SER T 2 64.06 -29.70 -16.59
N ALA T 3 63.30 -30.81 -16.55
CA ALA T 3 63.85 -32.10 -16.92
C ALA T 3 64.14 -32.14 -18.41
N SER T 4 65.26 -32.79 -18.76
CA SER T 4 65.69 -32.90 -20.14
C SER T 4 65.13 -34.14 -20.83
N ALA T 5 65.05 -35.27 -20.13
CA ALA T 5 64.53 -36.50 -20.73
C ALA T 5 64.05 -37.40 -19.60
N VAL T 6 62.78 -37.78 -19.65
CA VAL T 6 62.20 -38.69 -18.66
C VAL T 6 62.32 -40.11 -19.19
N TYR T 7 63.00 -40.97 -18.44
CA TYR T 7 63.19 -42.36 -18.81
C TYR T 7 62.78 -43.28 -17.67
N VAL T 8 62.35 -44.48 -18.04
CA VAL T 8 61.94 -45.49 -17.07
C VAL T 8 62.93 -46.65 -17.13
N ILE T 17 61.62 -47.58 -20.96
CA ILE T 17 61.11 -46.61 -21.93
C ILE T 17 61.67 -45.24 -21.59
N CYS T 18 61.94 -44.45 -22.61
CA CYS T 18 62.46 -43.10 -22.44
C CYS T 18 61.69 -42.15 -23.34
N ARG T 19 61.61 -40.88 -22.93
CA ARG T 19 60.91 -39.86 -23.70
C ARG T 19 61.62 -38.53 -23.45
N ASN T 20 62.48 -38.14 -24.37
CA ASN T 20 63.21 -36.88 -24.24
C ASN T 20 62.26 -35.70 -24.38
N TYR T 21 62.48 -34.67 -23.55
CA TYR T 21 61.64 -33.48 -23.56
C TYR T 21 62.34 -32.23 -24.06
N ARG T 22 63.65 -32.13 -23.88
CA ARG T 22 64.40 -30.98 -24.36
C ARG T 22 65.52 -31.39 -25.30
N GLY T 23 66.06 -32.60 -25.12
CA GLY T 23 67.13 -33.08 -25.96
C GLY T 23 68.50 -32.52 -25.64
N ASP T 24 68.63 -31.77 -24.55
CA ASP T 24 69.91 -31.20 -24.17
C ASP T 24 70.84 -32.18 -23.49
N VAL T 25 70.35 -33.38 -23.17
CA VAL T 25 71.16 -34.41 -22.52
C VAL T 25 71.21 -35.62 -23.45
N ILE T 49 68.47 -38.01 -6.16
CA ILE T 49 68.95 -37.08 -7.16
C ILE T 49 70.42 -37.35 -7.39
N LEU T 50 70.73 -37.95 -8.54
CA LEU T 50 72.11 -38.25 -8.90
C LEU T 50 72.70 -37.07 -9.68
N ALA T 51 73.96 -37.20 -10.09
CA ALA T 51 74.62 -36.14 -10.85
C ALA T 51 75.73 -36.77 -11.67
N HIS T 52 75.54 -36.85 -12.98
CA HIS T 52 76.54 -37.38 -13.90
C HIS T 52 77.29 -36.18 -14.48
N GLY T 53 78.29 -35.73 -13.74
CA GLY T 53 79.03 -34.54 -14.11
C GLY T 53 78.18 -33.29 -14.08
N GLY T 54 77.93 -32.70 -15.25
CA GLY T 54 77.09 -31.54 -15.37
C GLY T 54 75.61 -31.82 -15.55
N VAL T 55 75.20 -33.09 -15.51
CA VAL T 55 73.82 -33.48 -15.70
C VAL T 55 73.35 -34.18 -14.43
N ARG T 56 72.20 -33.76 -13.89
CA ARG T 56 71.65 -34.31 -12.68
C ARG T 56 70.61 -35.37 -13.03
N PHE T 57 70.71 -36.53 -12.40
CA PHE T 57 69.78 -37.64 -12.62
C PHE T 57 68.92 -37.75 -11.35
N MET T 58 67.83 -37.01 -11.32
CA MET T 58 66.90 -37.02 -10.21
C MET T 58 65.75 -37.96 -10.53
N TRP T 59 65.56 -38.98 -9.69
CA TRP T 59 64.50 -39.95 -9.91
C TRP T 59 64.18 -40.63 -8.59
N ILE T 60 63.02 -41.26 -8.55
CA ILE T 60 62.57 -42.02 -7.40
C ILE T 60 62.50 -43.49 -7.77
N LYS T 61 62.46 -44.34 -6.74
CA LYS T 61 62.39 -45.78 -6.92
C LYS T 61 60.94 -46.22 -6.90
N HIS T 62 60.50 -46.88 -7.97
CA HIS T 62 59.14 -47.36 -8.07
C HIS T 62 59.06 -48.78 -7.53
N ASN T 63 57.94 -49.46 -7.79
CA ASN T 63 57.78 -50.82 -7.32
C ASN T 63 58.83 -51.74 -7.91
N ASN T 64 59.12 -51.59 -9.20
CA ASN T 64 60.10 -52.42 -9.87
C ASN T 64 61.16 -51.66 -10.66
N LEU T 65 60.93 -50.38 -10.98
CA LEU T 65 61.88 -49.61 -11.77
C LEU T 65 62.01 -48.22 -11.19
N TYR T 66 63.16 -47.60 -11.45
CA TYR T 66 63.46 -46.25 -10.98
C TYR T 66 63.23 -45.29 -12.13
N LEU T 67 62.31 -44.34 -11.95
CA LEU T 67 61.97 -43.36 -12.99
C LEU T 67 62.98 -42.22 -12.93
N VAL T 68 64.12 -42.43 -13.58
CA VAL T 68 65.19 -41.45 -13.61
C VAL T 68 64.91 -40.44 -14.72
N ALA T 69 64.93 -39.16 -14.36
CA ALA T 69 64.68 -38.07 -15.30
C ALA T 69 65.93 -37.21 -15.34
N THR T 70 66.64 -37.26 -16.46
CA THR T 70 67.86 -36.49 -16.59
C THR T 70 67.57 -35.00 -16.70
N SER T 71 68.43 -34.20 -16.09
CA SER T 71 68.30 -32.75 -16.14
C SER T 71 69.69 -32.14 -16.16
N LYS T 72 69.80 -30.99 -16.80
CA LYS T 72 71.08 -30.32 -16.95
C LYS T 72 71.06 -28.90 -16.40
N LYS T 73 69.97 -28.17 -16.59
CA LYS T 73 69.87 -26.79 -16.10
C LYS T 73 69.48 -26.80 -14.62
N ASN T 74 69.26 -25.61 -14.07
CA ASN T 74 68.83 -25.46 -12.67
C ASN T 74 67.32 -25.62 -12.57
N ALA T 75 66.85 -26.80 -12.95
CA ALA T 75 65.44 -27.09 -12.95
C ALA T 75 64.93 -27.26 -11.52
N CYS T 76 63.63 -27.06 -11.36
CA CYS T 76 62.99 -27.22 -10.05
C CYS T 76 62.96 -28.68 -9.67
N VAL T 77 63.75 -29.05 -8.66
CA VAL T 77 63.76 -30.43 -8.19
C VAL T 77 62.40 -30.84 -7.65
N SER T 78 61.74 -29.92 -6.94
CA SER T 78 60.38 -30.20 -6.46
C SER T 78 59.43 -30.41 -7.63
N LEU T 79 59.58 -29.61 -8.69
CA LEU T 79 58.75 -29.80 -9.87
C LEU T 79 58.98 -31.17 -10.49
N VAL T 80 60.24 -31.60 -10.56
CA VAL T 80 60.54 -32.92 -11.13
C VAL T 80 59.93 -34.02 -10.28
N PHE T 81 60.04 -33.90 -8.96
CA PHE T 81 59.45 -34.90 -8.09
C PHE T 81 57.94 -34.94 -8.24
N SER T 82 57.30 -33.77 -8.34
CA SER T 82 55.86 -33.73 -8.53
C SER T 82 55.46 -34.36 -9.85
N PHE T 83 56.23 -34.08 -10.91
CA PHE T 83 55.93 -34.69 -12.20
C PHE T 83 56.08 -36.20 -12.13
N LEU T 84 57.12 -36.68 -11.45
CA LEU T 84 57.29 -38.12 -11.30
C LEU T 84 56.14 -38.74 -10.53
N TYR T 85 55.70 -38.08 -9.47
CA TYR T 85 54.57 -38.59 -8.71
C TYR T 85 53.30 -38.62 -9.54
N LYS T 86 53.07 -37.56 -10.32
CA LYS T 86 51.89 -37.52 -11.18
C LYS T 86 51.95 -38.63 -12.22
N VAL T 87 53.12 -38.88 -12.78
CA VAL T 87 53.27 -39.96 -13.76
C VAL T 87 53.00 -41.31 -13.12
N VAL T 88 53.51 -41.51 -11.90
CA VAL T 88 53.28 -42.78 -11.21
C VAL T 88 51.79 -42.97 -10.94
N GLN T 89 51.13 -41.91 -10.51
CA GLN T 89 49.69 -42.00 -10.27
C GLN T 89 48.93 -42.29 -11.55
N VAL T 90 49.33 -41.65 -12.65
CA VAL T 90 48.66 -41.90 -13.93
C VAL T 90 48.85 -43.35 -14.36
N PHE T 91 50.07 -43.87 -14.19
CA PHE T 91 50.34 -45.25 -14.54
C PHE T 91 49.52 -46.20 -13.68
N SER T 92 49.42 -45.91 -12.39
CA SER T 92 48.61 -46.75 -11.52
C SER T 92 47.15 -46.71 -11.91
N GLU T 93 46.65 -45.54 -12.29
CA GLU T 93 45.25 -45.43 -12.70
C GLU T 93 45.00 -46.19 -14.00
N TYR T 94 45.89 -46.01 -14.97
CA TYR T 94 45.72 -46.69 -16.25
C TYR T 94 46.03 -48.17 -16.16
N PHE T 95 47.13 -48.52 -15.49
CA PHE T 95 47.54 -49.91 -15.33
C PHE T 95 47.44 -50.28 -13.87
N LYS T 96 46.69 -51.35 -13.59
CA LYS T 96 46.46 -51.77 -12.21
C LYS T 96 47.74 -52.20 -11.51
N GLU T 97 48.78 -52.57 -12.25
CA GLU T 97 50.04 -53.01 -11.66
C GLU T 97 51.18 -52.18 -12.23
N LEU T 98 52.18 -51.94 -11.39
CA LEU T 98 53.39 -51.21 -11.76
C LEU T 98 54.53 -52.22 -11.76
N GLU T 99 54.74 -52.88 -12.89
CA GLU T 99 55.78 -53.88 -13.03
C GLU T 99 56.29 -53.88 -14.46
N GLU T 100 57.30 -54.71 -14.72
CA GLU T 100 57.89 -54.77 -16.05
C GLU T 100 56.99 -55.46 -17.07
N GLU T 101 55.98 -56.20 -16.60
CA GLU T 101 55.08 -56.89 -17.52
C GLU T 101 54.25 -55.92 -18.35
N SER T 102 53.89 -54.78 -17.79
CA SER T 102 53.09 -53.79 -18.51
C SER T 102 53.94 -52.80 -19.30
N ILE T 103 55.21 -52.62 -18.92
CA ILE T 103 56.08 -51.70 -19.65
C ILE T 103 56.28 -52.19 -21.08
N ARG T 104 56.50 -53.49 -21.25
CA ARG T 104 56.69 -54.07 -22.57
C ARG T 104 55.38 -54.48 -23.24
N ASP T 105 54.24 -54.29 -22.57
CA ASP T 105 52.96 -54.70 -23.13
C ASP T 105 52.02 -53.54 -23.47
N ASN T 106 52.21 -52.37 -22.87
CA ASN T 106 51.35 -51.22 -23.10
C ASN T 106 52.13 -50.00 -23.61
N PHE T 107 53.07 -50.23 -24.52
CA PHE T 107 53.90 -49.14 -25.03
C PHE T 107 53.11 -48.19 -25.92
N VAL T 108 52.10 -48.71 -26.62
CA VAL T 108 51.36 -47.88 -27.58
C VAL T 108 50.66 -46.73 -26.85
N ILE T 109 50.02 -47.04 -25.73
CA ILE T 109 49.36 -45.98 -24.96
C ILE T 109 50.35 -45.27 -24.05
N ILE T 110 51.38 -45.97 -23.60
CA ILE T 110 52.35 -45.36 -22.69
C ILE T 110 53.11 -44.24 -23.37
N TYR T 111 53.52 -44.47 -24.62
CA TYR T 111 54.23 -43.42 -25.35
C TYR T 111 53.35 -42.21 -25.56
N GLU T 112 52.08 -42.44 -25.92
CA GLU T 112 51.16 -41.33 -26.14
C GLU T 112 50.95 -40.55 -24.85
N LEU T 113 50.79 -41.26 -23.73
CA LEU T 113 50.61 -40.58 -22.46
C LEU T 113 51.84 -39.76 -22.09
N LEU T 114 53.03 -40.33 -22.30
CA LEU T 114 54.26 -39.61 -21.98
C LEU T 114 54.42 -38.37 -22.84
N ASP T 115 54.09 -38.48 -24.12
CA ASP T 115 54.21 -37.33 -25.01
C ASP T 115 53.21 -36.25 -24.64
N GLU T 116 51.98 -36.64 -24.30
CA GLU T 116 50.95 -35.65 -23.99
C GLU T 116 51.16 -35.03 -22.61
N LEU T 117 51.79 -35.74 -21.69
CA LEU T 117 51.90 -35.25 -20.32
C LEU T 117 52.77 -34.01 -20.23
N MET T 118 53.96 -34.06 -20.81
CA MET T 118 54.93 -32.99 -20.71
C MET T 118 55.45 -32.63 -22.09
N ASP T 119 55.55 -31.33 -22.36
CA ASP T 119 56.09 -30.82 -23.60
C ASP T 119 57.17 -29.79 -23.27
N PHE T 120 58.37 -30.01 -23.81
CA PHE T 120 59.52 -29.13 -23.56
C PHE T 120 59.92 -29.08 -22.09
N GLY T 121 59.65 -30.16 -21.36
CA GLY T 121 59.93 -30.20 -19.95
C GLY T 121 58.89 -29.56 -19.07
N TYR T 122 57.81 -29.03 -19.64
CA TYR T 122 56.76 -28.37 -18.88
C TYR T 122 55.48 -29.20 -18.97
N PRO T 123 55.09 -29.90 -17.90
CA PRO T 123 53.84 -30.66 -17.95
C PRO T 123 52.63 -29.74 -18.08
N GLN T 124 51.61 -30.24 -18.76
CA GLN T 124 50.39 -29.48 -19.00
C GLN T 124 49.13 -30.16 -18.48
N THR T 125 49.07 -31.48 -18.49
CA THR T 125 47.89 -32.21 -18.05
C THR T 125 48.32 -33.31 -17.09
N THR T 126 47.56 -33.47 -15.99
CA THR T 126 47.88 -34.49 -15.00
C THR T 126 46.67 -35.27 -14.51
N ASP T 127 45.47 -35.00 -15.02
CA ASP T 127 44.26 -35.70 -14.57
C ASP T 127 44.13 -37.01 -15.32
N SER T 128 44.23 -38.13 -14.60
CA SER T 128 44.08 -39.43 -15.23
C SER T 128 42.69 -39.62 -15.81
N LYS T 129 41.66 -39.21 -15.06
CA LYS T 129 40.29 -39.32 -15.56
C LYS T 129 40.08 -38.43 -16.77
N ILE T 130 40.62 -37.21 -16.73
CA ILE T 130 40.51 -36.32 -17.88
C ILE T 130 41.34 -36.83 -19.04
N LEU T 131 42.53 -37.37 -18.75
CA LEU T 131 43.39 -37.90 -19.80
C LEU T 131 42.81 -39.15 -20.44
N GLN T 132 41.92 -39.87 -19.74
CA GLN T 132 41.33 -41.07 -20.30
C GLN T 132 40.37 -40.79 -21.45
N GLU T 133 39.95 -39.55 -21.64
CA GLU T 133 39.03 -39.18 -22.71
C GLU T 133 39.73 -38.74 -23.98
N TYR T 134 41.07 -38.68 -23.98
CA TYR T 134 41.81 -38.28 -25.16
C TYR T 134 42.86 -39.29 -25.60
N ILE T 135 43.37 -40.12 -24.70
CA ILE T 135 44.37 -41.13 -25.01
C ILE T 135 43.88 -42.46 -24.46
N THR T 136 43.72 -43.45 -25.33
CA THR T 136 43.22 -44.76 -24.95
C THR T 136 44.09 -45.84 -25.55
N GLN T 137 44.20 -46.96 -24.84
CA GLN T 137 44.97 -48.11 -25.30
C GLN T 137 44.12 -49.12 -26.06
N GLU T 138 42.83 -48.83 -26.27
CA GLU T 138 41.96 -49.74 -26.99
C GLU T 138 40.85 -48.97 -27.71
N ALA T 146 41.55 -40.77 -32.75
CA ALA T 146 41.35 -40.00 -31.53
C ALA T 146 40.58 -38.71 -31.81
N PRO T 147 39.52 -38.48 -31.04
CA PRO T 147 38.71 -37.28 -31.24
C PRO T 147 39.41 -36.07 -30.64
N ARG T 148 38.72 -34.94 -30.69
CA ARG T 148 39.26 -33.71 -30.15
C ARG T 148 39.38 -33.82 -28.63
N PRO T 149 40.34 -33.10 -28.04
CA PRO T 149 40.48 -33.15 -26.58
C PRO T 149 39.26 -32.55 -25.90
N PRO T 150 38.90 -33.03 -24.71
CA PRO T 150 37.75 -32.46 -24.01
C PRO T 150 38.00 -31.03 -23.58
N ALA T 151 36.91 -30.25 -23.52
CA ALA T 151 37.01 -28.85 -23.13
C ALA T 151 37.32 -28.65 -21.66
N THR T 152 37.29 -29.71 -20.85
CA THR T 152 37.59 -29.57 -19.43
C THR T 152 39.02 -29.11 -19.22
N VAL T 153 39.96 -29.67 -20.00
CA VAL T 153 41.35 -29.26 -19.89
C VAL T 153 41.52 -27.80 -20.28
N THR T 154 40.88 -27.40 -21.37
CA THR T 154 40.92 -26.00 -21.77
C THR T 154 40.20 -25.11 -20.77
N ASN T 155 39.07 -25.59 -20.23
CA ASN T 155 38.31 -24.81 -19.26
C ASN T 155 39.02 -24.80 -17.91
N ALA T 156 38.57 -23.91 -17.04
CA ALA T 156 39.18 -23.79 -15.71
C ALA T 156 38.97 -25.05 -14.90
N VAL T 157 37.77 -25.63 -14.97
CA VAL T 157 37.45 -26.84 -14.22
C VAL T 157 38.03 -28.02 -15.00
N SER T 158 39.22 -28.44 -14.61
CA SER T 158 39.88 -29.59 -15.23
C SER T 158 39.80 -30.84 -14.36
N TRP T 159 39.04 -30.79 -13.26
CA TRP T 159 38.93 -31.93 -12.36
C TRP T 159 37.50 -32.46 -12.27
N ARG T 160 36.60 -32.00 -13.13
CA ARG T 160 35.23 -32.48 -13.13
C ARG T 160 34.77 -32.50 -14.58
N SER T 161 34.69 -33.68 -15.18
CA SER T 161 34.27 -33.81 -16.56
C SER T 161 32.79 -33.48 -16.67
N GLU T 162 32.46 -32.60 -17.60
CA GLU T 162 31.08 -32.19 -17.79
C GLU T 162 30.29 -33.29 -18.51
N GLY T 163 28.98 -33.26 -18.33
CA GLY T 163 28.10 -34.21 -18.98
C GLY T 163 27.99 -35.56 -18.30
N ILE T 164 28.57 -35.73 -17.12
CA ILE T 164 28.48 -37.00 -16.42
C ILE T 164 27.07 -37.17 -15.87
N LYS T 165 26.44 -38.30 -16.21
CA LYS T 165 25.07 -38.58 -15.80
C LYS T 165 25.03 -39.98 -15.19
N TYR T 166 24.30 -40.10 -14.09
CA TYR T 166 24.14 -41.38 -13.40
C TYR T 166 22.68 -41.56 -13.01
N ARG T 167 22.28 -42.82 -12.83
CA ARG T 167 20.91 -43.10 -12.40
C ARG T 167 20.63 -42.51 -11.03
N LYS T 168 21.58 -42.62 -10.11
CA LYS T 168 21.47 -42.03 -8.79
C LYS T 168 22.66 -41.11 -8.54
N ASN T 169 22.52 -40.26 -7.52
CA ASN T 169 23.57 -39.31 -7.12
C ASN T 169 24.00 -39.69 -5.70
N GLU T 170 24.96 -40.59 -5.61
CA GLU T 170 25.48 -41.06 -4.33
C GLU T 170 26.98 -40.78 -4.27
N VAL T 171 27.41 -40.12 -3.21
CA VAL T 171 28.82 -39.81 -2.97
C VAL T 171 29.18 -40.44 -1.63
N PHE T 172 30.16 -41.34 -1.65
CA PHE T 172 30.60 -42.04 -0.45
C PHE T 172 31.89 -41.40 0.05
N LEU T 173 31.89 -40.95 1.30
CA LEU T 173 33.05 -40.34 1.92
C LEU T 173 33.75 -41.34 2.82
N ASP T 174 35.00 -41.03 3.15
CA ASP T 174 35.82 -41.90 3.99
C ASP T 174 36.72 -41.02 4.86
N VAL T 175 36.35 -40.90 6.13
CA VAL T 175 37.15 -40.14 7.09
C VAL T 175 38.12 -41.13 7.71
N ILE T 176 39.25 -41.31 7.04
CA ILE T 176 40.26 -42.27 7.49
C ILE T 176 41.13 -41.61 8.55
N GLU T 177 41.25 -42.27 9.70
CA GLU T 177 42.08 -41.78 10.80
C GLU T 177 43.45 -42.43 10.76
N ALA T 178 44.47 -41.64 11.06
CA ALA T 178 45.86 -42.10 11.06
C ALA T 178 46.46 -41.74 12.40
N VAL T 179 46.55 -42.73 13.29
CA VAL T 179 47.10 -42.53 14.62
C VAL T 179 48.59 -42.86 14.58
N ASN T 180 49.43 -41.83 14.65
CA ASN T 180 50.88 -42.01 14.65
C ASN T 180 51.41 -41.62 16.02
N LEU T 181 52.10 -42.55 16.68
CA LEU T 181 52.65 -42.33 18.00
C LEU T 181 54.11 -42.72 18.00
N LEU T 182 54.96 -41.82 18.51
CA LEU T 182 56.40 -42.05 18.61
C LEU T 182 56.73 -42.12 20.09
N VAL T 183 56.71 -43.34 20.63
CA VAL T 183 56.98 -43.59 22.04
C VAL T 183 58.43 -44.01 22.18
N SER T 184 59.18 -43.31 23.03
CA SER T 184 60.58 -43.62 23.25
C SER T 184 60.72 -44.83 24.18
N ALA T 185 61.95 -45.31 24.31
CA ALA T 185 62.23 -46.46 25.17
C ALA T 185 62.01 -46.14 26.65
N ASN T 186 62.04 -44.85 27.03
CA ASN T 186 61.81 -44.48 28.41
C ASN T 186 60.34 -44.60 28.82
N GLY T 187 59.43 -44.77 27.87
CA GLY T 187 58.02 -44.90 28.16
C GLY T 187 57.18 -43.69 27.81
N ASN T 188 57.80 -42.59 27.38
CA ASN T 188 57.08 -41.38 27.00
C ASN T 188 56.93 -41.31 25.49
N VAL T 189 55.87 -40.63 25.05
CA VAL T 189 55.57 -40.47 23.64
C VAL T 189 56.11 -39.12 23.19
N LEU T 190 56.95 -39.14 22.15
CA LEU T 190 57.57 -37.93 21.64
C LEU T 190 56.77 -37.33 20.48
N ARG T 191 56.58 -38.10 19.42
CA ARG T 191 55.86 -37.67 18.23
C ARG T 191 54.50 -38.35 18.23
N SER T 192 53.46 -37.59 18.55
CA SER T 192 52.09 -38.09 18.59
C SER T 192 51.22 -37.13 17.77
N GLU T 193 51.13 -37.38 16.47
CA GLU T 193 50.37 -36.54 15.56
C GLU T 193 49.34 -37.40 14.82
N ILE T 194 48.15 -36.84 14.65
CA ILE T 194 47.05 -37.50 13.94
C ILE T 194 46.77 -36.69 12.69
N VAL T 195 46.82 -37.34 11.55
CA VAL T 195 46.62 -36.69 10.26
C VAL T 195 45.30 -37.18 9.69
N GLY T 196 44.36 -36.27 9.51
CA GLY T 196 43.09 -36.64 8.90
C GLY T 196 43.20 -36.82 7.40
N SER T 197 42.24 -37.55 6.84
CA SER T 197 42.23 -37.82 5.40
C SER T 197 40.78 -38.02 4.97
N ILE T 198 40.22 -37.03 4.30
CA ILE T 198 38.84 -37.10 3.81
C ILE T 198 38.91 -37.53 2.36
N LYS T 199 38.65 -38.80 2.11
CA LYS T 199 38.63 -39.37 0.77
C LYS T 199 37.18 -39.69 0.42
N MET T 200 36.69 -39.10 -0.67
CA MET T 200 35.30 -39.25 -1.08
C MET T 200 35.21 -39.86 -2.48
N ARG T 201 34.25 -40.76 -2.66
CA ARG T 201 33.98 -41.39 -3.95
C ARG T 201 32.69 -40.77 -4.47
N VAL T 202 32.82 -39.66 -5.18
CA VAL T 202 31.67 -38.91 -5.67
C VAL T 202 31.15 -39.58 -6.93
N PHE T 203 29.85 -39.87 -6.94
CA PHE T 203 29.18 -40.45 -8.11
C PHE T 203 27.82 -39.75 -8.22
N LEU T 204 27.78 -38.64 -8.94
CA LEU T 204 26.57 -37.84 -9.11
C LEU T 204 26.37 -37.54 -10.59
N SER T 205 25.31 -36.79 -10.88
CA SER T 205 24.96 -36.39 -12.24
C SER T 205 25.19 -34.90 -12.41
N GLY T 206 25.95 -34.53 -13.44
CA GLY T 206 26.24 -33.12 -13.70
C GLY T 206 27.57 -32.68 -13.14
N MET T 207 27.65 -31.41 -12.71
CA MET T 207 28.86 -30.84 -12.13
C MET T 207 28.49 -30.17 -10.82
N PRO T 208 28.18 -30.95 -9.78
CA PRO T 208 27.81 -30.35 -8.50
C PRO T 208 28.99 -29.63 -7.86
N GLU T 209 28.66 -28.56 -7.13
CA GLU T 209 29.64 -27.74 -6.42
C GLU T 209 29.46 -28.04 -4.94
N LEU T 210 30.20 -29.00 -4.45
CA LEU T 210 30.07 -29.42 -3.06
C LEU T 210 30.54 -28.31 -2.13
N ARG T 211 29.80 -28.12 -1.05
CA ARG T 211 30.11 -27.13 -0.02
C ARG T 211 30.33 -27.90 1.28
N LEU T 212 31.58 -28.32 1.51
CA LEU T 212 31.91 -29.12 2.68
C LEU T 212 31.85 -28.26 3.94
N GLY T 213 31.18 -28.79 4.97
CA GLY T 213 31.08 -28.11 6.24
C GLY T 213 31.22 -29.05 7.41
N LEU T 214 32.16 -28.76 8.31
CA LEU T 214 32.41 -29.59 9.49
C LEU T 214 32.45 -28.70 10.73
N ASN T 215 32.67 -29.34 11.88
CA ASN T 215 32.72 -28.63 13.16
C ASN T 215 34.16 -28.19 13.46
N ASP T 216 34.65 -27.28 12.63
CA ASP T 216 36.00 -26.76 12.80
C ASP T 216 36.05 -25.81 13.99
N LYS T 217 37.16 -25.83 14.71
CA LYS T 217 37.33 -24.92 15.84
C LYS T 217 37.36 -23.47 15.37
N VAL T 218 38.08 -23.20 14.28
CA VAL T 218 38.13 -21.83 13.75
C VAL T 218 36.76 -21.38 13.29
N LEU T 219 36.03 -22.26 12.59
CA LEU T 219 34.70 -21.92 12.14
C LEU T 219 33.75 -21.68 13.30
N PHE T 220 33.84 -22.51 14.34
CA PHE T 220 33.01 -22.33 15.51
C PHE T 220 33.31 -21.02 16.21
N ASP T 221 34.60 -20.68 16.31
CA ASP T 221 34.98 -19.41 16.92
C ASP T 221 34.48 -18.23 16.11
N ASN T 222 34.59 -18.30 14.79
CA ASN T 222 34.11 -17.21 13.95
C ASN T 222 32.61 -17.05 14.04
N THR T 223 31.87 -18.15 14.03
CA THR T 223 30.42 -18.08 14.12
C THR T 223 29.96 -17.78 15.54
N GLY T 224 30.83 -17.93 16.52
CA GLY T 224 30.47 -17.71 17.90
C GLY T 224 30.15 -18.95 18.70
N ARG T 225 30.31 -20.14 18.12
CA ARG T 225 30.02 -21.41 18.80
C ARG T 225 31.28 -22.12 19.24
N GLY T 226 32.30 -21.38 19.65
CA GLY T 226 33.55 -21.97 20.08
C GLY T 226 33.50 -22.51 21.50
N LYS T 227 32.46 -23.28 21.81
CA LYS T 227 32.33 -23.89 23.12
C LYS T 227 32.03 -25.38 23.08
N SER T 228 31.65 -25.93 21.94
CA SER T 228 31.37 -27.36 21.81
C SER T 228 32.62 -28.07 21.28
N LYS T 229 32.48 -29.35 20.95
CA LYS T 229 33.59 -30.15 20.44
C LYS T 229 33.92 -29.68 19.02
N SER T 230 35.08 -29.05 18.86
CA SER T 230 35.53 -28.54 17.58
C SER T 230 36.92 -29.09 17.27
N VAL T 231 37.13 -29.51 16.03
CA VAL T 231 38.40 -30.08 15.63
C VAL T 231 39.41 -28.96 15.40
N GLU T 232 40.53 -29.01 16.10
CA GLU T 232 41.59 -28.02 15.95
C GLU T 232 42.67 -28.62 15.05
N LEU T 233 42.42 -28.55 13.75
CA LEU T 233 43.36 -29.07 12.76
C LEU T 233 44.48 -28.06 12.56
N GLU T 234 45.71 -28.45 12.92
CA GLU T 234 46.84 -27.55 12.76
C GLU T 234 47.10 -27.23 11.30
N ASP T 235 47.03 -28.25 10.43
CA ASP T 235 47.26 -28.08 9.00
C ASP T 235 46.14 -28.77 8.24
N VAL T 236 45.55 -28.07 7.27
CA VAL T 236 44.49 -28.60 6.42
C VAL T 236 44.95 -28.42 4.97
N LYS T 237 45.01 -29.53 4.24
CA LYS T 237 45.49 -29.52 2.86
C LYS T 237 44.31 -29.88 1.96
N PHE T 238 43.76 -28.88 1.28
CA PHE T 238 42.65 -29.08 0.38
C PHE T 238 43.14 -29.55 -0.98
N HIS T 239 42.25 -30.20 -1.72
CA HIS T 239 42.57 -30.70 -3.05
C HIS T 239 42.47 -29.58 -4.08
N GLN T 240 42.71 -29.93 -5.35
CA GLN T 240 42.62 -28.95 -6.41
C GLN T 240 41.20 -28.46 -6.62
N CYS T 241 40.19 -29.28 -6.29
CA CYS T 241 38.81 -28.87 -6.44
C CYS T 241 38.43 -27.79 -5.44
N VAL T 242 38.98 -27.84 -4.23
CA VAL T 242 38.65 -26.86 -3.21
C VAL T 242 39.32 -25.53 -3.56
N ARG T 243 38.54 -24.44 -3.50
CA ARG T 243 39.05 -23.12 -3.83
C ARG T 243 39.79 -22.53 -2.64
N LEU T 244 41.04 -22.12 -2.87
CA LEU T 244 41.85 -21.55 -1.79
C LEU T 244 41.28 -20.22 -1.31
N SER T 245 40.76 -19.41 -2.22
CA SER T 245 40.23 -18.11 -1.84
C SER T 245 39.03 -18.24 -0.91
N ARG T 246 38.13 -19.18 -1.20
CA ARG T 246 36.95 -19.34 -0.35
C ARG T 246 37.33 -19.78 1.06
N PHE T 247 38.28 -20.71 1.18
CA PHE T 247 38.71 -21.15 2.49
C PHE T 247 39.45 -20.04 3.22
N GLU T 248 40.22 -19.22 2.50
CA GLU T 248 40.95 -18.14 3.13
C GLU T 248 40.02 -17.03 3.59
N ASN T 249 38.91 -16.82 2.89
CA ASN T 249 38.02 -15.73 3.24
C ASN T 249 37.27 -15.98 4.54
N ASP T 250 36.41 -16.99 4.55
CA ASP T 250 35.60 -17.26 5.73
C ASP T 250 35.56 -18.75 6.04
N ARG T 251 36.65 -19.46 5.77
CA ARG T 251 36.73 -20.90 6.02
C ARG T 251 35.66 -21.67 5.26
N THR T 252 35.33 -21.20 4.06
CA THR T 252 34.31 -21.83 3.24
C THR T 252 34.98 -22.87 2.36
N ILE T 253 34.63 -24.14 2.57
CA ILE T 253 35.17 -25.25 1.78
C ILE T 253 34.13 -25.56 0.69
N SER T 254 34.29 -24.91 -0.46
CA SER T 254 33.39 -25.08 -1.60
C SER T 254 34.23 -25.48 -2.80
N PHE T 255 33.89 -26.62 -3.41
CA PHE T 255 34.63 -27.11 -4.55
C PHE T 255 33.75 -28.08 -5.32
N ILE T 256 34.10 -28.29 -6.58
CA ILE T 256 33.37 -29.23 -7.44
C ILE T 256 34.02 -30.60 -7.27
N PRO T 257 33.32 -31.59 -6.73
CA PRO T 257 33.94 -32.91 -6.58
C PRO T 257 34.15 -33.56 -7.94
N PRO T 258 35.16 -34.40 -8.07
CA PRO T 258 35.39 -35.11 -9.33
C PRO T 258 34.52 -36.36 -9.40
N ASP T 259 34.68 -37.11 -10.49
CA ASP T 259 33.93 -38.35 -10.71
C ASP T 259 34.83 -39.52 -10.31
N GLY T 260 34.55 -40.11 -9.15
CA GLY T 260 35.29 -41.24 -8.62
C GLY T 260 35.79 -40.95 -7.23
N GLU T 261 36.77 -41.74 -6.80
CA GLU T 261 37.36 -41.59 -5.49
C GLU T 261 38.57 -40.66 -5.55
N PHE T 262 38.61 -39.69 -4.65
CA PHE T 262 39.71 -38.74 -4.61
C PHE T 262 39.83 -38.18 -3.20
N GLU T 263 40.97 -37.58 -2.92
CA GLU T 263 41.25 -36.98 -1.62
C GLU T 263 40.93 -35.50 -1.70
N LEU T 264 39.89 -35.07 -0.97
CA LEU T 264 39.49 -33.67 -0.98
C LEU T 264 40.31 -32.85 0.01
N MET T 265 40.29 -33.25 1.28
CA MET T 265 40.99 -32.53 2.33
C MET T 265 41.81 -33.51 3.15
N SER T 266 42.95 -33.02 3.66
CA SER T 266 43.87 -33.83 4.46
C SER T 266 44.25 -33.00 5.67
N TYR T 267 43.49 -33.17 6.76
CA TYR T 267 43.80 -32.47 7.99
C TYR T 267 45.01 -33.10 8.68
N ARG T 268 45.70 -32.29 9.49
CA ARG T 268 46.87 -32.77 10.22
C ARG T 268 47.03 -31.89 11.44
N LEU T 269 46.76 -32.46 12.62
CA LEU T 269 46.87 -31.72 13.87
C LEU T 269 47.50 -32.63 14.92
N ASN T 270 48.17 -32.01 15.89
CA ASN T 270 48.80 -32.76 16.96
C ASN T 270 47.75 -33.30 17.92
N THR T 271 48.12 -34.35 18.65
CA THR T 271 47.24 -34.99 19.61
C THR T 271 47.93 -35.02 20.97
N HIS T 272 47.21 -34.60 22.00
CA HIS T 272 47.73 -34.56 23.37
C HIS T 272 47.01 -35.53 24.29
N VAL T 273 46.28 -36.50 23.75
CA VAL T 273 45.54 -37.44 24.54
C VAL T 273 46.35 -38.73 24.72
N LYS T 274 45.90 -39.57 25.65
CA LYS T 274 46.58 -40.83 25.89
C LYS T 274 46.43 -41.75 24.68
N PRO T 275 47.39 -42.63 24.45
CA PRO T 275 47.29 -43.55 23.31
C PRO T 275 46.12 -44.50 23.45
N LEU T 276 45.55 -44.86 22.30
CA LEU T 276 44.44 -45.80 22.32
C LEU T 276 44.87 -47.17 22.81
N ILE T 277 46.08 -47.60 22.45
CA ILE T 277 46.63 -48.88 22.87
C ILE T 277 47.92 -48.61 23.63
N TRP T 278 48.02 -49.15 24.84
CA TRP T 278 49.21 -49.02 25.66
C TRP T 278 49.90 -50.39 25.72
N ILE T 279 51.18 -50.43 25.33
CA ILE T 279 51.94 -51.67 25.26
C ILE T 279 53.04 -51.61 26.31
N GLU T 280 53.03 -52.58 27.22
CA GLU T 280 54.06 -52.71 28.22
C GLU T 280 54.81 -54.02 27.95
N GLN T 300 43.48 -48.32 25.75
CA GLN T 300 43.02 -47.10 26.38
C GLN T 300 41.85 -46.43 25.66
N PHE T 301 41.42 -47.01 24.55
CA PHE T 301 40.31 -46.44 23.79
C PHE T 301 38.97 -46.75 24.48
N LYS T 302 37.91 -46.18 23.94
CA LYS T 302 36.58 -46.38 24.49
C LYS T 302 36.15 -47.84 24.32
N ARG T 303 35.42 -48.36 25.31
CA ARG T 303 34.98 -49.74 25.27
C ARG T 303 33.96 -49.98 24.17
N ARG T 304 33.30 -48.94 23.67
CA ARG T 304 32.30 -49.09 22.63
C ARG T 304 32.91 -49.32 21.26
N SER T 305 34.21 -49.08 21.10
CA SER T 305 34.89 -49.25 19.82
C SER T 305 35.67 -50.55 19.83
N THR T 306 35.68 -51.24 18.68
CA THR T 306 36.39 -52.49 18.49
C THR T 306 37.48 -52.30 17.46
N ALA T 307 38.71 -52.68 17.82
CA ALA T 307 39.87 -52.52 16.93
C ALA T 307 40.00 -53.80 16.12
N ASN T 308 39.38 -53.81 14.94
CA ASN T 308 39.43 -54.98 14.08
C ASN T 308 40.81 -55.13 13.47
N ASN T 309 41.31 -56.37 13.42
CA ASN T 309 42.60 -56.69 12.82
C ASN T 309 43.74 -55.97 13.52
N VAL T 310 43.88 -56.25 14.81
CA VAL T 310 44.96 -55.67 15.60
C VAL T 310 46.22 -56.48 15.35
N GLU T 311 47.28 -55.82 14.90
CA GLU T 311 48.55 -56.47 14.58
C GLU T 311 49.67 -55.69 15.25
N ILE T 312 50.03 -56.12 16.46
CA ILE T 312 51.13 -55.51 17.20
C ILE T 312 52.39 -56.30 16.89
N HIS T 313 53.28 -55.69 16.11
CA HIS T 313 54.50 -56.35 15.70
C HIS T 313 55.56 -56.22 16.79
N ILE T 314 56.02 -57.35 17.30
CA ILE T 314 57.05 -57.37 18.33
C ILE T 314 58.35 -57.87 17.70
N THR T 328 47.34 -64.61 25.88
CA THR T 328 45.98 -64.72 26.42
C THR T 328 44.91 -64.69 25.35
N VAL T 329 44.93 -63.67 24.49
CA VAL T 329 43.95 -63.53 23.42
C VAL T 329 44.68 -63.15 22.13
N GLY T 330 44.28 -63.75 21.02
CA GLY T 330 44.88 -63.45 19.73
C GLY T 330 45.94 -64.46 19.34
N SER T 331 46.07 -64.69 18.05
CA SER T 331 47.06 -65.63 17.53
C SER T 331 48.42 -64.95 17.43
N VAL T 332 49.46 -65.63 17.89
CA VAL T 332 50.82 -65.12 17.86
C VAL T 332 51.62 -66.02 16.93
N LYS T 333 52.17 -65.43 15.88
CA LYS T 333 52.97 -66.16 14.90
C LYS T 333 54.26 -65.39 14.64
N TRP T 334 55.37 -66.12 14.52
CA TRP T 334 56.67 -65.54 14.23
C TRP T 334 56.98 -65.75 12.75
N VAL T 335 57.27 -64.66 12.06
CA VAL T 335 57.58 -64.71 10.63
C VAL T 335 59.08 -64.55 10.45
N GLU T 340 60.32 -60.98 13.45
CA GLU T 340 59.56 -60.34 14.53
C GLU T 340 58.36 -61.20 14.88
N ILE T 341 57.79 -60.94 16.05
CA ILE T 341 56.60 -61.65 16.52
C ILE T 341 55.39 -60.78 16.20
N VAL T 342 54.50 -61.30 15.35
CA VAL T 342 53.33 -60.56 14.91
C VAL T 342 52.19 -60.92 15.87
N TRP T 343 51.84 -59.99 16.74
CA TRP T 343 50.71 -60.19 17.65
C TRP T 343 49.43 -59.83 16.91
N SER T 344 48.92 -60.81 16.16
CA SER T 344 47.73 -60.61 15.34
C SER T 344 46.48 -60.89 16.16
N VAL T 345 45.60 -59.91 16.24
CA VAL T 345 44.34 -60.04 16.97
C VAL T 345 43.21 -59.68 16.02
N LYS T 346 42.19 -60.54 15.95
CA LYS T 346 41.07 -60.30 15.06
C LYS T 346 40.22 -59.13 15.54
N SER T 347 39.65 -59.27 16.74
CA SER T 347 38.81 -58.22 17.32
C SER T 347 39.34 -57.90 18.71
N PHE T 348 39.55 -56.61 18.98
CA PHE T 348 40.05 -56.15 20.27
C PHE T 348 39.03 -55.21 20.89
N PRO T 349 38.23 -55.67 21.85
CA PRO T 349 37.27 -54.77 22.50
C PRO T 349 37.99 -53.67 23.27
N GLY T 350 37.37 -52.48 23.30
CA GLY T 350 37.97 -51.37 24.01
C GLY T 350 38.08 -51.66 25.49
N GLY T 351 39.21 -51.27 26.06
CA GLY T 351 39.49 -51.53 27.46
C GLY T 351 40.02 -52.90 27.76
N LYS T 352 40.23 -53.75 26.75
CA LYS T 352 40.75 -55.09 26.96
C LYS T 352 42.24 -55.05 27.28
N ILE T 376 58.69 -51.46 17.86
CA ILE T 376 57.47 -52.24 17.78
C ILE T 376 56.33 -51.39 17.23
N SER T 377 55.72 -51.85 16.15
CA SER T 377 54.65 -51.11 15.48
C SER T 377 53.35 -51.88 15.59
N VAL T 378 52.29 -51.20 15.99
CA VAL T 378 50.97 -51.79 16.11
C VAL T 378 50.18 -51.47 14.85
N LYS T 379 49.34 -52.41 14.43
CA LYS T 379 48.53 -52.27 13.23
C LYS T 379 47.04 -52.25 13.57
N PHE T 380 46.70 -51.54 14.65
CA PHE T 380 45.30 -51.46 15.05
C PHE T 380 44.50 -50.64 14.04
N GLU T 381 43.27 -51.08 13.77
CA GLU T 381 42.37 -50.37 12.87
C GLU T 381 40.96 -50.52 13.43
N ILE T 382 40.51 -49.51 14.17
CA ILE T 382 39.22 -49.54 14.84
C ILE T 382 38.26 -48.66 14.02
N PRO T 383 37.27 -49.24 13.36
CA PRO T 383 36.33 -48.43 12.59
C PRO T 383 35.27 -47.81 13.46
N TYR T 384 34.60 -46.79 12.90
CA TYR T 384 33.55 -46.07 13.60
C TYR T 384 34.05 -45.42 14.89
N PHE T 385 35.28 -44.91 14.84
CA PHE T 385 35.87 -44.26 16.01
C PHE T 385 36.62 -43.03 15.51
N THR T 386 36.17 -41.85 15.94
CA THR T 386 36.79 -40.58 15.58
C THR T 386 37.57 -40.08 16.78
N THR T 387 38.88 -40.32 16.77
CA THR T 387 39.72 -39.88 17.88
C THR T 387 39.76 -38.37 18.00
N SER T 388 39.85 -37.67 16.86
CA SER T 388 39.89 -36.21 16.88
C SER T 388 38.56 -35.58 17.26
N GLY T 389 37.46 -36.33 17.19
CA GLY T 389 36.16 -35.80 17.53
C GLY T 389 35.54 -34.89 16.51
N ILE T 390 36.13 -34.78 15.32
CA ILE T 390 35.58 -33.92 14.28
C ILE T 390 34.39 -34.62 13.66
N GLN T 391 33.27 -33.91 13.60
CA GLN T 391 32.02 -34.43 13.04
C GLN T 391 31.63 -33.56 11.85
N VAL T 392 31.29 -34.21 10.73
CA VAL T 392 30.87 -33.48 9.54
C VAL T 392 29.53 -32.82 9.80
N ARG T 393 29.44 -31.53 9.48
CA ARG T 393 28.23 -30.76 9.72
C ARG T 393 27.26 -30.81 8.54
N TYR T 394 27.73 -30.45 7.34
CA TYR T 394 26.87 -30.43 6.17
C TYR T 394 27.72 -30.53 4.91
N LEU T 395 27.05 -30.87 3.80
CA LEU T 395 27.69 -30.95 2.49
C LEU T 395 26.73 -30.32 1.49
N LYS T 396 27.00 -29.08 1.10
CA LYS T 396 26.10 -28.32 0.23
C LYS T 396 26.26 -28.82 -1.20
N ILE T 397 25.39 -29.73 -1.60
CA ILE T 397 25.38 -30.27 -2.95
C ILE T 397 24.43 -29.42 -3.78
N ILE T 398 24.98 -28.59 -4.65
CA ILE T 398 24.19 -27.69 -5.50
C ILE T 398 24.50 -28.03 -6.95
N GLU T 399 23.46 -28.22 -7.75
CA GLU T 399 23.59 -28.52 -9.17
C GLU T 399 22.68 -27.60 -9.97
N LYS T 400 23.14 -27.20 -11.15
CA LYS T 400 22.33 -26.32 -12.00
C LYS T 400 21.04 -26.99 -12.43
N SER T 401 21.11 -28.29 -12.77
CA SER T 401 19.90 -29.01 -13.16
C SER T 401 18.94 -29.16 -11.99
N GLY T 402 19.47 -29.45 -10.80
CA GLY T 402 18.63 -29.59 -9.63
C GLY T 402 18.25 -31.02 -9.34
N TYR T 403 18.81 -31.61 -8.29
CA TYR T 403 18.53 -32.98 -7.93
C TYR T 403 18.73 -33.15 -6.43
N GLN T 404 18.14 -34.22 -5.89
CA GLN T 404 18.24 -34.55 -4.48
C GLN T 404 19.38 -35.55 -4.29
N ALA T 405 20.50 -35.07 -3.75
CA ALA T 405 21.66 -35.93 -3.52
C ALA T 405 21.47 -36.76 -2.25
N LEU T 406 22.24 -37.84 -2.15
CA LEU T 406 22.23 -38.73 -1.00
C LEU T 406 23.66 -38.94 -0.54
N PRO T 407 24.26 -37.93 0.09
CA PRO T 407 25.64 -38.05 0.52
C PRO T 407 25.80 -39.09 1.61
N TRP T 408 26.97 -39.73 1.62
CA TRP T 408 27.30 -40.73 2.61
C TRP T 408 28.78 -40.61 2.95
N VAL T 409 29.14 -41.05 4.16
CA VAL T 409 30.52 -40.99 4.62
C VAL T 409 30.66 -41.94 5.79
N ARG T 410 31.87 -42.50 5.94
CA ARG T 410 32.18 -43.40 7.05
C ARG T 410 33.52 -42.98 7.66
N TYR T 411 33.63 -43.18 8.98
CA TYR T 411 34.82 -42.82 9.72
C TYR T 411 35.57 -44.10 10.10
N ILE T 412 36.83 -44.19 9.69
CA ILE T 412 37.67 -45.34 9.97
C ILE T 412 38.91 -44.85 10.72
N THR T 413 39.19 -45.47 11.86
CA THR T 413 40.36 -45.14 12.66
C THR T 413 41.36 -46.27 12.52
N GLN T 414 42.55 -45.94 12.07
CA GLN T 414 43.62 -46.91 11.88
C GLN T 414 44.89 -46.37 12.52
N ASN T 415 45.89 -47.23 12.62
CA ASN T 415 47.17 -46.89 13.21
C ASN T 415 48.14 -46.48 12.11
N GLY T 416 48.73 -45.30 12.25
CA GLY T 416 49.66 -44.80 11.26
C GLY T 416 51.10 -45.08 11.65
N ASP T 417 51.83 -44.05 12.07
CA ASP T 417 53.20 -44.21 12.53
C ASP T 417 53.23 -44.51 14.02
N TYR T 418 52.46 -45.54 14.39
CA TYR T 418 52.32 -45.94 15.80
C TYR T 418 53.40 -46.97 16.14
N GLN T 419 54.62 -46.48 16.24
CA GLN T 419 55.78 -47.30 16.58
C GLN T 419 56.18 -47.06 18.04
N LEU T 420 56.66 -48.12 18.67
CA LEU T 420 57.10 -48.08 20.06
C LEU T 420 58.59 -48.37 20.12
MG MG U . -21.07 11.83 19.36
PG GTP V . -19.52 14.36 17.90
O1G GTP V . -20.12 14.09 19.25
O2G GTP V . -19.02 15.78 17.84
O3G GTP V . -18.38 13.41 17.64
O3B GTP V . -20.66 14.14 16.79
PB GTP V . -21.51 12.78 16.77
O1B GTP V . -20.60 11.62 17.11
O2B GTP V . -22.15 12.56 15.43
O3A GTP V . -22.61 12.94 17.92
PA GTP V . -24.04 13.66 17.69
O1A GTP V . -24.93 12.70 16.94
O2A GTP V . -24.66 14.06 19.01
O5' GTP V . -23.79 14.95 16.76
C5' GTP V . -24.26 14.93 15.44
C4' GTP V . -24.27 16.33 14.84
O4' GTP V . -24.38 16.23 13.44
C3' GTP V . -25.50 17.11 15.30
O3' GTP V . -25.13 18.08 16.25
C2' GTP V . -26.05 17.77 14.05
O2' GTP V . -25.77 19.15 14.07
C1' GTP V . -25.34 17.11 12.89
N9 GTP V . -26.26 16.33 12.05
C8 GTP V . -25.95 15.14 11.47
N7 GTP V . -27.00 14.69 10.77
C5 GTP V . -28.00 15.58 10.90
C6 GTP V . -29.28 15.59 10.37
O6 GTP V . -29.68 14.67 9.67
N1 GTP V . -30.11 16.65 10.66
C2 GTP V . -29.66 17.68 11.46
N2 GTP V . -30.46 18.72 11.74
N3 GTP V . -28.38 17.67 11.96
C4 GTP V . -27.55 16.62 11.69
PG GTP W . 21.67 -5.27 -16.66
O1G GTP W . 21.83 -6.02 -17.94
O2G GTP W . 22.34 -3.93 -16.75
O3G GTP W . 20.20 -5.07 -16.34
O3B GTP W . 22.33 -6.13 -15.48
PB GTP W . 21.94 -7.67 -15.29
O1B GTP W . 20.47 -7.85 -15.56
O2B GTP W . 22.28 -8.16 -13.91
O3A GTP W . 22.78 -8.46 -16.40
PA GTP W . 24.28 -8.98 -16.19
O1A GTP W . 24.24 -10.21 -15.31
O2A GTP W . 24.96 -9.28 -17.51
O5' GTP W . 25.07 -7.83 -15.40
C5' GTP W . 25.44 -8.05 -14.06
C4' GTP W . 26.49 -7.04 -13.60
O4' GTP W . 26.54 -7.05 -12.19
C3' GTP W . 27.88 -7.43 -14.08
O3' GTP W . 28.29 -6.59 -15.13
C2' GTP W . 28.79 -7.25 -12.88
O2' GTP W . 29.59 -6.11 -13.04
C1' GTP W . 27.87 -7.06 -11.69
N9 GTP W . 27.99 -8.19 -10.74
C8 GTP W . 26.92 -8.73 -10.06
N7 GTP W . 27.36 -9.74 -9.27
C5 GTP W . 28.70 -9.85 -9.44
C6 GTP W . 29.61 -10.72 -8.88
O6 GTP W . 29.25 -11.57 -8.06
N1 GTP W . 30.93 -10.62 -9.23
C2 GTP W . 31.34 -9.66 -10.13
N2 GTP W . 32.61 -9.56 -10.48
N3 GTP W . 30.41 -8.80 -10.69
C4 GTP W . 29.10 -8.89 -10.36
MG MG X . 20.84 -8.26 -17.79
#